data_8SF6
#
_entry.id   8SF6
#
_cell.length_a   279.090
_cell.length_b   133.120
_cell.length_c   115.790
_cell.angle_alpha   90.000
_cell.angle_beta   94.866
_cell.angle_gamma   90.000
#
_symmetry.space_group_name_H-M   'C 1 2 1'
#
loop_
_entity.id
_entity.type
_entity.pdbx_description
1 polymer 'O-acetylhomoserine/O-acetylserine sulfhydrylase'
2 non-polymer '2-(N-MORPHOLINO)-ETHANESULFONIC ACID'
3 non-polymer 'SODIUM ION'
4 non-polymer 2-(2-ETHOXYETHOXY)ETHANOL
5 non-polymer 2-{2-[2-2-(METHOXY-ETHOXY)-ETHOXY]-ETHOXY}-ETHANOL
6 non-polymer 'PENTAETHYLENE GLYCOL'
7 water water
#
_entity_poly.entity_id   1
_entity_poly.type   'polypeptide(L)'
_entity_poly.pdbx_seq_one_letter_code
;MEERKYGFDTLQLHAGQFVDRETKSRAVPIYQTTSYIFETPEEAADLFALKKAGNIYTRIGNPTTDVLEKRIAALDGGVG
AVATSSGQAAITYAILNIARSGDEVVAASTLYGGTYTLFAHTLRKLGITVKFVNPDYLEEFEKAITDKTKAIFVETLGNP
NINIPDFEAIAEIAHKHGIPFIVDNTFATPYLFRPIEHGADIVVYSMT(LLP)FLGGHGTSIAGIVVDSGKFEWNEKFPD
LIQPDPSYHGLIYTKEFGNAAYIAKLRLTLLRDIGACLSPFNSFLVLLGVETLSLRMQKHVDNAMKLAKFLNDHPKVEWV
NYPALEGNKYYELYKKYLPKGPGAIFTFGPKGGYDAAKKIINNVKLFSHLANVGDAKSLIIHPASTTHQQLTEEEQRAAG
VLPEMIRLSVGIEDIEDLIYDIESALNKVLEHHHHHH
;
_entity_poly.pdbx_strand_id   A,B,C,D,E,F,G,H
#
loop_
_chem_comp.id
_chem_comp.type
_chem_comp.name
_chem_comp.formula
1PE non-polymer 'PENTAETHYLENE GLYCOL' 'C10 H22 O6'
AE3 non-polymer 2-(2-ETHOXYETHOXY)ETHANOL 'C6 H14 O3'
ETE non-polymer 2-{2-[2-2-(METHOXY-ETHOXY)-ETHOXY]-ETHOXY}-ETHANOL 'C9 H20 O5'
MES non-polymer '2-(N-MORPHOLINO)-ETHANESULFONIC ACID' 'C6 H13 N O4 S'
NA non-polymer 'SODIUM ION' 'Na 1'
#
# COMPACT_ATOMS: atom_id res chain seq x y z
N ARG A 4 16.84 82.30 15.06
CA ARG A 4 18.32 82.42 15.24
C ARG A 4 18.85 81.23 16.09
N LYS A 5 19.40 80.24 15.41
CA LYS A 5 19.98 79.05 16.03
C LYS A 5 21.49 79.27 16.15
N TYR A 6 22.06 78.78 17.23
CA TYR A 6 23.53 78.61 17.35
C TYR A 6 24.01 77.57 16.35
N GLY A 7 25.23 77.80 15.92
CA GLY A 7 25.95 76.89 15.06
C GLY A 7 26.34 75.67 15.82
N PHE A 8 26.64 74.67 15.04
CA PHE A 8 26.99 73.36 15.57
C PHE A 8 28.07 73.50 16.65
N ASP A 9 29.12 74.23 16.34
CA ASP A 9 30.29 74.34 17.25
C ASP A 9 29.85 74.97 18.55
N THR A 10 28.89 75.86 18.48
CA THR A 10 28.38 76.44 19.72
C THR A 10 27.57 75.37 20.45
N LEU A 11 26.73 74.68 19.73
CA LEU A 11 25.81 73.72 20.37
C LEU A 11 26.63 72.63 21.01
N GLN A 12 27.75 72.27 20.41
CA GLN A 12 28.43 71.09 20.90
C GLN A 12 29.03 71.48 22.26
N LEU A 13 29.20 72.77 22.48
CA LEU A 13 29.79 73.26 23.72
C LEU A 13 28.72 73.61 24.72
N HIS A 14 27.57 74.05 24.24
CA HIS A 14 26.63 74.80 25.08
C HIS A 14 25.30 74.08 25.19
N ALA A 15 24.89 73.39 24.15
CA ALA A 15 23.49 72.96 24.10
C ALA A 15 23.25 72.11 25.33
N GLY A 16 22.11 72.29 25.93
CA GLY A 16 21.61 71.45 27.00
C GLY A 16 22.26 71.83 28.30
N GLN A 17 23.19 72.76 28.25
CA GLN A 17 24.01 73.05 29.42
C GLN A 17 23.55 74.38 29.95
N PHE A 18 23.07 74.32 31.17
CA PHE A 18 22.54 75.48 31.86
C PHE A 18 23.43 75.67 33.06
N VAL A 19 23.51 76.89 33.44
CA VAL A 19 24.27 77.22 34.67
C VAL A 19 23.41 76.86 35.84
N ASP A 20 23.88 75.95 36.67
CA ASP A 20 23.04 75.51 37.79
C ASP A 20 22.90 76.72 38.72
N ARG A 21 21.68 76.88 39.21
CA ARG A 21 21.23 78.04 40.02
C ARG A 21 21.96 77.96 41.36
N GLU A 22 22.46 76.81 41.76
CA GLU A 22 23.06 76.71 43.10
C GLU A 22 24.47 77.30 43.07
N THR A 23 25.31 76.74 42.23
CA THR A 23 26.75 76.98 42.30
C THR A 23 27.19 77.89 41.17
N LYS A 24 26.40 77.96 40.10
CA LYS A 24 26.73 78.73 38.88
C LYS A 24 27.93 78.12 38.21
N SER A 25 28.22 76.86 38.53
N SER A 25 28.20 76.85 38.47
CA SER A 25 29.30 76.10 37.85
CA SER A 25 29.37 76.13 37.91
C SER A 25 29.20 76.37 36.36
C SER A 25 29.28 76.17 36.39
N ARG A 26 30.32 76.70 35.75
CA ARG A 26 30.36 76.78 34.29
C ARG A 26 30.44 75.38 33.75
N ALA A 27 31.21 74.53 34.39
CA ALA A 27 31.31 73.15 33.91
C ALA A 27 30.02 72.46 34.30
N VAL A 28 29.69 71.42 33.56
CA VAL A 28 28.53 70.61 33.91
C VAL A 28 28.95 69.81 35.12
N PRO A 29 28.29 70.00 36.25
CA PRO A 29 28.65 69.23 37.43
C PRO A 29 28.46 67.77 37.09
N ILE A 30 29.22 66.96 37.79
CA ILE A 30 29.01 65.52 37.77
C ILE A 30 28.06 65.22 38.90
N TYR A 31 26.81 65.07 38.54
CA TYR A 31 25.78 64.81 39.55
C TYR A 31 25.77 63.32 39.81
N GLN A 32 26.84 62.89 40.43
CA GLN A 32 27.05 61.48 40.70
C GLN A 32 26.20 61.15 41.90
N THR A 33 24.92 61.16 41.64
CA THR A 33 23.89 60.96 42.63
C THR A 33 22.98 59.88 42.08
N THR A 34 22.35 59.16 42.97
CA THR A 34 21.31 58.21 42.60
C THR A 34 20.03 59.01 42.58
N SER A 35 19.92 59.88 43.56
N SER A 35 19.97 59.99 43.46
CA SER A 35 18.61 60.36 44.03
CA SER A 35 18.68 60.42 44.01
C SER A 35 18.61 61.87 44.18
C SER A 35 18.64 61.90 44.28
N TYR A 36 17.43 62.41 44.35
CA TYR A 36 17.17 63.84 44.34
C TYR A 36 16.07 64.05 45.33
N ILE A 37 16.22 65.11 46.06
CA ILE A 37 15.27 65.40 47.14
C ILE A 37 13.97 65.82 46.49
N PHE A 38 12.90 65.31 47.07
CA PHE A 38 11.54 65.79 46.78
C PHE A 38 11.19 66.75 47.90
N GLU A 39 10.76 67.94 47.52
CA GLU A 39 10.58 69.03 48.49
C GLU A 39 9.40 68.61 49.35
N THR A 40 8.44 67.95 48.73
CA THR A 40 7.17 67.60 49.40
C THR A 40 6.74 66.23 48.91
N PRO A 41 5.92 65.53 49.71
CA PRO A 41 5.25 64.33 49.22
C PRO A 41 4.45 64.60 47.93
N GLU A 42 3.84 65.78 47.83
CA GLU A 42 3.09 66.19 46.64
C GLU A 42 4.08 66.25 45.47
N GLU A 43 5.21 66.90 45.68
CA GLU A 43 6.22 67.00 44.61
C GLU A 43 6.67 65.59 44.21
N ALA A 44 6.97 64.71 45.15
CA ALA A 44 7.41 63.33 44.86
C ALA A 44 6.32 62.64 44.01
N ALA A 45 5.09 62.76 44.45
CA ALA A 45 3.91 62.17 43.78
C ALA A 45 3.83 62.75 42.37
N ASP A 46 3.97 64.07 42.27
CA ASP A 46 3.82 64.77 40.96
C ASP A 46 4.93 64.28 40.05
N LEU A 47 6.12 64.13 40.59
CA LEU A 47 7.26 63.74 39.74
C LEU A 47 6.97 62.34 39.23
N PHE A 48 6.60 61.45 40.13
CA PHE A 48 6.35 60.04 39.73
C PHE A 48 5.14 59.94 38.83
N ALA A 49 4.16 60.81 39.04
CA ALA A 49 2.93 60.83 38.26
C ALA A 49 3.19 61.57 36.95
N LEU A 50 4.41 62.06 36.75
CA LEU A 50 4.81 62.78 35.51
C LEU A 50 3.94 64.02 35.38
N LYS A 51 3.48 64.59 36.49
CA LYS A 51 2.71 65.85 36.51
C LYS A 51 3.70 67.02 36.48
N LYS A 52 4.97 66.73 36.72
CA LYS A 52 6.00 67.77 36.94
C LYS A 52 7.31 67.18 36.43
N ALA A 53 8.10 67.99 35.75
CA ALA A 53 9.46 67.61 35.38
C ALA A 53 10.33 67.77 36.63
N GLY A 54 11.26 66.87 36.78
CA GLY A 54 12.32 67.07 37.77
C GLY A 54 13.09 65.80 37.88
N ASN A 55 14.02 65.82 38.80
CA ASN A 55 14.94 64.69 38.93
C ASN A 55 14.33 63.74 39.91
N ILE A 56 14.33 62.48 39.55
CA ILE A 56 13.70 61.47 40.38
C ILE A 56 14.77 60.51 40.80
N TYR A 57 15.46 60.01 39.83
CA TYR A 57 16.41 58.93 40.10
C TYR A 57 17.28 58.74 38.88
N THR A 58 18.54 58.54 39.15
CA THR A 58 19.55 58.67 38.09
C THR A 58 19.29 57.59 37.06
N ARG A 59 18.72 56.45 37.46
CA ARG A 59 18.44 55.42 36.45
C ARG A 59 17.54 56.01 35.37
N ILE A 60 16.67 56.94 35.76
CA ILE A 60 15.59 57.52 34.91
C ILE A 60 16.14 58.77 34.25
N GLY A 61 16.97 59.50 34.96
CA GLY A 61 17.35 60.81 34.44
C GLY A 61 18.30 61.42 35.41
N ASN A 62 19.19 62.19 34.85
CA ASN A 62 20.27 62.73 35.68
C ASN A 62 20.67 64.03 35.03
N PRO A 63 20.89 65.08 35.81
CA PRO A 63 21.11 66.40 35.22
C PRO A 63 22.40 66.51 34.44
N THR A 64 23.40 65.69 34.76
CA THR A 64 24.61 65.71 33.96
C THR A 64 24.26 65.07 32.64
N THR A 65 23.65 63.93 32.72
CA THR A 65 23.31 63.15 31.53
C THR A 65 22.35 63.96 30.67
N ASP A 66 21.48 64.70 31.33
CA ASP A 66 20.45 65.51 30.66
C ASP A 66 21.19 66.45 29.72
N VAL A 67 22.29 67.01 30.18
CA VAL A 67 23.02 67.96 29.35
C VAL A 67 23.39 67.24 28.07
N LEU A 68 23.99 66.08 28.24
CA LEU A 68 24.52 65.36 27.10
C LEU A 68 23.37 64.97 26.20
N GLU A 69 22.29 64.50 26.81
CA GLU A 69 21.11 64.11 26.01
C GLU A 69 20.62 65.29 25.21
N LYS A 70 20.43 66.41 25.88
CA LYS A 70 19.93 67.59 25.19
C LYS A 70 20.95 67.98 24.14
N ARG A 71 22.21 67.87 24.47
CA ARG A 71 23.22 68.35 23.54
C ARG A 71 23.18 67.48 22.29
N ILE A 72 23.16 66.18 22.46
CA ILE A 72 23.14 65.33 21.27
C ILE A 72 21.84 65.56 20.49
N ALA A 73 20.75 65.71 21.22
CA ALA A 73 19.45 65.99 20.61
C ALA A 73 19.59 67.28 19.84
N ALA A 74 20.30 68.27 20.39
CA ALA A 74 20.45 69.57 19.73
C ALA A 74 21.32 69.41 18.51
N LEU A 75 22.39 68.63 18.59
CA LEU A 75 23.29 68.49 17.45
C LEU A 75 22.57 67.74 16.35
N ASP A 76 21.76 66.76 16.71
CA ASP A 76 21.06 65.95 15.72
C ASP A 76 19.80 66.67 15.28
N GLY A 77 19.30 67.65 16.03
CA GLY A 77 18.07 68.36 15.71
C GLY A 77 16.90 67.48 16.10
N GLY A 78 17.11 66.67 17.12
CA GLY A 78 16.09 65.80 17.70
C GLY A 78 15.33 66.53 18.77
N VAL A 79 14.22 65.96 19.18
N VAL A 79 14.21 65.97 19.21
CA VAL A 79 13.39 66.57 20.24
CA VAL A 79 13.38 66.61 20.27
C VAL A 79 14.05 66.25 21.58
C VAL A 79 13.89 66.14 21.63
N GLY A 80 14.72 65.11 21.65
CA GLY A 80 15.22 64.66 22.94
C GLY A 80 15.96 63.41 22.71
N ALA A 81 16.62 63.02 23.74
CA ALA A 81 17.51 61.90 23.62
C ALA A 81 17.54 61.28 24.99
N VAL A 82 17.95 60.05 24.98
CA VAL A 82 18.11 59.33 26.24
C VAL A 82 19.43 58.67 26.13
N ALA A 83 20.23 58.95 27.11
CA ALA A 83 21.55 58.34 27.14
C ALA A 83 21.39 56.97 27.76
N THR A 84 22.28 56.09 27.39
CA THR A 84 22.26 54.72 27.85
C THR A 84 23.67 54.37 28.21
N SER A 85 23.78 53.23 28.87
CA SER A 85 25.06 52.70 29.36
C SER A 85 25.99 52.46 28.19
N SER A 86 25.48 52.27 27.00
CA SER A 86 26.30 51.84 25.86
C SER A 86 25.52 52.12 24.60
N GLY A 87 26.27 52.11 23.51
CA GLY A 87 25.64 52.10 22.19
C GLY A 87 24.78 50.88 22.07
N GLN A 88 25.25 49.73 22.54
CA GLN A 88 24.44 48.50 22.44
C GLN A 88 23.11 48.77 23.12
N ALA A 89 23.13 49.38 24.30
CA ALA A 89 21.90 49.62 25.08
C ALA A 89 21.03 50.62 24.34
N ALA A 90 21.64 51.63 23.72
CA ALA A 90 20.91 52.64 22.93
C ALA A 90 20.19 51.89 21.80
N ILE A 91 20.88 50.98 21.16
CA ILE A 91 20.28 50.26 20.02
C ILE A 91 19.17 49.37 20.56
N THR A 92 19.48 48.66 21.62
CA THR A 92 18.52 47.80 22.26
C THR A 92 17.27 48.61 22.59
N TYR A 93 17.48 49.72 23.27
CA TYR A 93 16.37 50.57 23.71
C TYR A 93 15.66 51.14 22.52
N ALA A 94 16.38 51.52 21.48
CA ALA A 94 15.76 52.20 20.35
C ALA A 94 14.73 51.22 19.77
N ILE A 95 15.13 49.95 19.68
CA ILE A 95 14.30 48.89 19.08
C ILE A 95 13.25 48.51 20.11
N LEU A 96 13.67 48.20 21.35
CA LEU A 96 12.72 47.65 22.32
C LEU A 96 11.67 48.66 22.68
N ASN A 97 11.98 49.92 22.43
CA ASN A 97 10.98 50.95 22.70
C ASN A 97 9.78 50.75 21.80
N ILE A 98 9.97 50.13 20.65
CA ILE A 98 8.89 50.11 19.63
C ILE A 98 8.66 48.71 19.11
N ALA A 99 9.36 47.75 19.66
CA ALA A 99 9.23 46.36 19.19
C ALA A 99 9.11 45.53 20.43
N ARG A 100 8.16 44.65 20.38
CA ARG A 100 8.02 43.68 21.47
C ARG A 100 8.16 42.31 20.83
N SER A 101 8.10 41.32 21.67
CA SER A 101 8.13 39.94 21.19
C SER A 101 7.09 39.81 20.07
N GLY A 102 7.45 39.16 18.98
CA GLY A 102 6.52 38.95 17.85
C GLY A 102 6.82 39.94 16.75
N ASP A 103 7.66 40.94 17.01
CA ASP A 103 7.85 42.07 16.09
C ASP A 103 9.09 41.81 15.29
N GLU A 104 9.26 42.61 14.27
CA GLU A 104 10.41 42.46 13.41
C GLU A 104 11.03 43.82 13.26
N VAL A 105 12.24 43.79 12.85
CA VAL A 105 12.98 44.98 12.51
C VAL A 105 13.69 44.59 11.25
N VAL A 106 13.76 45.53 10.35
CA VAL A 106 14.61 45.33 9.17
C VAL A 106 15.88 46.11 9.45
N ALA A 107 16.98 45.42 9.32
CA ALA A 107 18.25 46.06 9.58
C ALA A 107 19.09 45.82 8.36
N ALA A 108 19.94 46.77 8.06
CA ALA A 108 21.03 46.48 7.14
C ALA A 108 21.85 45.35 7.75
N SER A 109 22.43 44.55 6.90
CA SER A 109 23.37 43.49 7.31
CA SER A 109 23.39 43.50 7.28
C SER A 109 24.69 44.14 7.71
N THR A 110 24.91 45.35 7.24
CA THR A 110 26.20 46.05 7.38
C THR A 110 26.21 46.72 8.73
N LEU A 111 26.39 45.89 9.75
CA LEU A 111 26.29 46.37 11.12
C LEU A 111 27.56 46.01 11.81
N TYR A 112 27.82 46.85 12.77
CA TYR A 112 28.68 46.49 13.88
C TYR A 112 28.30 45.11 14.37
N GLY A 113 29.30 44.25 14.49
CA GLY A 113 29.12 42.87 14.95
C GLY A 113 28.20 42.81 16.16
N GLY A 114 28.40 43.71 17.11
CA GLY A 114 27.64 43.68 18.37
C GLY A 114 26.20 43.97 18.10
N THR A 115 25.92 44.87 17.16
CA THR A 115 24.53 45.16 16.81
C THR A 115 23.96 43.95 16.13
N TYR A 116 24.73 43.41 15.20
CA TYR A 116 24.30 42.24 14.42
C TYR A 116 23.93 41.19 15.42
N THR A 117 24.83 40.97 16.37
CA THR A 117 24.63 39.89 17.34
C THR A 117 23.45 40.21 18.23
N LEU A 118 23.34 41.45 18.69
CA LEU A 118 22.15 41.84 19.47
C LEU A 118 20.92 41.48 18.66
N PHE A 119 20.92 41.88 17.40
CA PHE A 119 19.75 41.75 16.53
C PHE A 119 19.45 40.28 16.32
N ALA A 120 20.46 39.53 15.92
CA ALA A 120 20.33 38.16 15.40
C ALA A 120 20.08 37.21 16.55
N HIS A 121 20.58 37.51 17.73
CA HIS A 121 20.58 36.54 18.85
C HIS A 121 19.77 37.11 20.00
N THR A 122 20.27 38.17 20.60
CA THR A 122 19.66 38.63 21.86
C THR A 122 18.23 39.05 21.61
N LEU A 123 17.98 39.84 20.59
CA LEU A 123 16.60 40.31 20.34
C LEU A 123 15.76 39.15 19.89
N ARG A 124 16.36 38.22 19.15
N ARG A 124 16.33 38.22 19.12
CA ARG A 124 15.67 37.00 18.66
CA ARG A 124 15.54 37.05 18.69
C ARG A 124 15.09 36.24 19.85
C ARG A 124 15.00 36.36 19.93
N LYS A 125 15.86 36.18 20.94
CA LYS A 125 15.45 35.50 22.20
C LYS A 125 14.31 36.29 22.84
N LEU A 126 14.18 37.58 22.54
CA LEU A 126 13.10 38.42 23.10
C LEU A 126 11.94 38.47 22.11
N GLY A 127 11.99 37.63 21.10
CA GLY A 127 10.89 37.43 20.16
C GLY A 127 10.92 38.48 19.08
N ILE A 128 12.02 39.17 18.92
CA ILE A 128 12.13 40.23 17.90
C ILE A 128 13.00 39.64 16.81
N THR A 129 12.40 39.58 15.63
CA THR A 129 13.08 39.00 14.48
C THR A 129 13.63 40.17 13.72
N VAL A 130 14.94 40.25 13.70
CA VAL A 130 15.59 41.24 12.85
C VAL A 130 15.87 40.54 11.55
N LYS A 131 15.39 41.16 10.51
CA LYS A 131 15.60 40.72 9.13
C LYS A 131 16.71 41.59 8.58
N PHE A 132 17.79 40.95 8.23
CA PHE A 132 18.95 41.68 7.71
C PHE A 132 18.78 41.76 6.23
N VAL A 133 18.98 42.96 5.73
CA VAL A 133 18.89 43.17 4.29
C VAL A 133 20.19 43.76 3.81
N ASN A 134 20.36 43.60 2.54
CA ASN A 134 21.52 44.17 1.86
C ASN A 134 21.17 45.62 1.60
N PRO A 135 21.78 46.52 2.36
CA PRO A 135 21.40 47.92 2.30
C PRO A 135 21.75 48.57 0.95
N ASP A 136 22.49 47.86 0.11
CA ASP A 136 22.82 48.35 -1.24
C ASP A 136 21.53 48.45 -2.06
N TYR A 137 20.48 47.73 -1.67
CA TYR A 137 19.37 47.45 -2.60
C TYR A 137 18.11 47.87 -1.86
N LEU A 138 17.64 49.06 -2.18
CA LEU A 138 16.44 49.63 -1.51
C LEU A 138 15.34 48.59 -1.53
N GLU A 139 15.23 47.81 -2.60
CA GLU A 139 14.13 46.84 -2.73
C GLU A 139 14.24 45.84 -1.58
N GLU A 140 15.42 45.58 -1.06
CA GLU A 140 15.57 44.56 0.01
C GLU A 140 14.92 45.04 1.28
N PHE A 141 14.99 46.33 1.53
CA PHE A 141 14.33 46.93 2.69
C PHE A 141 12.87 46.67 2.52
N GLU A 142 12.40 47.01 1.33
CA GLU A 142 10.96 46.96 1.05
C GLU A 142 10.54 45.50 1.23
N LYS A 143 11.32 44.59 0.66
CA LYS A 143 10.95 43.18 0.58
C LYS A 143 10.89 42.64 2.00
N ALA A 144 11.79 43.06 2.88
CA ALA A 144 11.94 42.43 4.21
C ALA A 144 10.82 42.93 5.12
N ILE A 145 10.19 44.02 4.77
CA ILE A 145 9.16 44.63 5.65
C ILE A 145 7.95 43.74 5.65
N THR A 146 7.43 43.51 6.83
CA THR A 146 6.18 42.78 6.98
C THR A 146 5.30 43.64 7.87
N ASP A 147 4.08 43.21 8.14
CA ASP A 147 3.20 43.96 9.06
C ASP A 147 3.75 43.84 10.48
N LYS A 148 4.83 43.12 10.71
CA LYS A 148 5.40 43.07 12.07
C LYS A 148 6.60 43.98 12.17
N THR A 149 7.10 44.47 11.05
CA THR A 149 8.31 45.29 11.07
C THR A 149 7.98 46.54 11.85
N LYS A 150 8.89 46.93 12.72
CA LYS A 150 8.65 48.06 13.62
C LYS A 150 9.65 49.15 13.30
N ALA A 151 10.68 48.83 12.55
CA ALA A 151 11.70 49.83 12.25
C ALA A 151 12.56 49.32 11.13
N ILE A 152 13.19 50.26 10.50
CA ILE A 152 14.38 49.96 9.70
C ILE A 152 15.53 50.56 10.47
N PHE A 153 16.56 49.77 10.53
CA PHE A 153 17.76 50.13 11.27
C PHE A 153 18.92 50.04 10.31
N VAL A 154 19.69 51.11 10.22
CA VAL A 154 20.94 51.09 9.48
C VAL A 154 21.93 51.89 10.29
N GLU A 155 23.18 51.63 9.99
CA GLU A 155 24.27 52.50 10.42
C GLU A 155 24.53 53.48 9.32
N THR A 156 24.98 54.64 9.70
CA THR A 156 25.35 55.67 8.74
C THR A 156 26.44 55.16 7.85
N LEU A 157 27.43 54.56 8.47
CA LEU A 157 28.56 53.99 7.77
C LEU A 157 28.79 52.66 8.40
N GLY A 158 28.61 51.63 7.62
CA GLY A 158 28.51 50.30 8.19
C GLY A 158 29.81 50.03 8.88
N ASN A 159 29.71 49.51 10.07
CA ASN A 159 30.88 49.06 10.83
C ASN A 159 31.06 47.62 10.42
N PRO A 160 32.04 47.22 9.59
CA PRO A 160 33.10 48.07 9.07
C PRO A 160 33.01 48.14 7.55
N ASN A 161 31.82 47.90 7.01
CA ASN A 161 31.68 47.91 5.54
C ASN A 161 31.87 49.33 5.04
N ILE A 162 31.61 50.32 5.88
CA ILE A 162 31.70 51.75 5.51
C ILE A 162 30.80 52.00 4.31
N ASN A 163 29.70 51.29 4.25
CA ASN A 163 28.67 51.56 3.25
C ASN A 163 27.81 52.67 3.82
N ILE A 164 27.30 53.46 2.92
CA ILE A 164 26.39 54.57 3.25
C ILE A 164 25.06 54.18 2.66
N PRO A 165 24.11 53.84 3.52
CA PRO A 165 22.79 53.52 3.08
C PRO A 165 22.29 54.80 2.42
N ASP A 166 21.35 54.61 1.53
CA ASP A 166 20.64 55.74 0.93
C ASP A 166 19.54 56.13 1.89
N PHE A 167 19.91 56.96 2.83
CA PHE A 167 19.08 57.19 4.02
C PHE A 167 17.71 57.63 3.55
N GLU A 168 17.69 58.66 2.70
CA GLU A 168 16.37 59.24 2.41
C GLU A 168 15.51 58.17 1.76
N ALA A 169 16.06 57.41 0.83
CA ALA A 169 15.29 56.41 0.09
C ALA A 169 14.82 55.36 1.13
N ILE A 170 15.68 54.99 2.06
CA ILE A 170 15.28 53.97 3.04
C ILE A 170 14.21 54.57 3.96
N ALA A 171 14.38 55.82 4.30
CA ALA A 171 13.41 56.53 5.15
C ALA A 171 12.05 56.49 4.45
N GLU A 172 12.01 56.73 3.16
CA GLU A 172 10.73 56.72 2.44
C GLU A 172 10.07 55.35 2.55
N ILE A 173 10.89 54.31 2.48
CA ILE A 173 10.38 52.93 2.61
C ILE A 173 9.84 52.78 4.02
N ALA A 174 10.65 53.07 5.03
CA ALA A 174 10.17 52.92 6.41
C ALA A 174 8.86 53.68 6.51
N HIS A 175 8.86 54.90 6.03
CA HIS A 175 7.72 55.81 6.32
C HIS A 175 6.50 55.34 5.57
N LYS A 176 6.70 54.85 4.36
CA LYS A 176 5.61 54.27 3.53
C LYS A 176 4.90 53.24 4.40
N HIS A 177 5.68 52.47 5.15
CA HIS A 177 5.22 51.33 5.95
C HIS A 177 4.83 51.80 7.33
N GLY A 178 4.91 53.09 7.58
CA GLY A 178 4.50 53.67 8.86
C GLY A 178 5.44 53.22 9.95
N ILE A 179 6.69 53.00 9.63
CA ILE A 179 7.67 52.60 10.65
C ILE A 179 8.83 53.56 10.62
N PRO A 180 9.47 53.72 11.76
CA PRO A 180 10.52 54.70 11.88
C PRO A 180 11.76 54.09 11.27
N PHE A 181 12.61 54.99 10.88
CA PHE A 181 13.93 54.69 10.33
C PHE A 181 14.88 55.09 11.43
N ILE A 182 15.65 54.12 11.85
CA ILE A 182 16.61 54.29 12.92
C ILE A 182 17.96 54.23 12.29
N VAL A 183 18.71 55.25 12.57
CA VAL A 183 20.06 55.29 12.03
C VAL A 183 20.97 55.33 13.22
N ASP A 184 21.88 54.41 13.18
CA ASP A 184 23.04 54.37 14.09
C ASP A 184 24.11 55.23 13.44
N ASN A 185 24.29 56.37 14.05
CA ASN A 185 25.07 57.46 13.45
C ASN A 185 26.42 57.54 14.15
N THR A 186 26.77 56.48 14.85
CA THR A 186 27.97 56.34 15.63
C THR A 186 29.20 56.78 14.84
N PHE A 187 29.31 56.30 13.61
CA PHE A 187 30.52 56.53 12.82
C PHE A 187 30.59 57.93 12.26
N ALA A 188 29.52 58.69 12.30
CA ALA A 188 29.52 59.98 11.61
C ALA A 188 29.50 61.07 12.67
N THR A 189 28.64 60.88 13.64
CA THR A 189 28.26 61.92 14.63
C THR A 189 27.49 62.95 13.88
N PRO A 190 26.75 63.76 14.63
CA PRO A 190 25.98 64.79 13.98
C PRO A 190 26.84 65.77 13.22
N TYR A 191 28.13 65.79 13.51
CA TYR A 191 28.95 66.75 12.77
C TYR A 191 28.99 66.33 11.31
N LEU A 192 29.09 65.04 11.06
CA LEU A 192 29.28 64.60 9.66
C LEU A 192 27.96 64.21 9.06
N PHE A 193 27.03 63.89 9.89
CA PHE A 193 25.74 63.46 9.36
C PHE A 193 24.69 63.59 10.43
N ARG A 194 23.61 64.21 10.02
CA ARG A 194 22.47 64.37 10.93
C ARG A 194 21.33 63.60 10.29
N PRO A 195 21.22 62.34 10.68
CA PRO A 195 20.32 61.44 9.97
C PRO A 195 18.92 62.00 9.94
N ILE A 196 18.58 62.77 10.95
CA ILE A 196 17.21 63.31 11.07
C ILE A 196 16.93 64.23 9.90
N GLU A 197 17.97 64.81 9.33
CA GLU A 197 17.80 65.69 8.17
C GLU A 197 17.62 64.86 6.92
N HIS A 198 17.79 63.56 7.03
CA HIS A 198 17.80 62.67 5.85
C HIS A 198 16.90 61.48 6.13
N GLY A 199 15.88 61.68 6.92
CA GLY A 199 14.75 60.74 6.99
C GLY A 199 14.80 59.90 8.23
N ALA A 200 15.87 59.93 9.02
CA ALA A 200 15.88 59.15 10.27
C ALA A 200 14.85 59.74 11.21
N ASP A 201 14.17 58.87 11.92
CA ASP A 201 13.22 59.25 12.97
C ASP A 201 13.93 59.15 14.30
N ILE A 202 14.86 58.22 14.37
CA ILE A 202 15.56 57.90 15.61
C ILE A 202 16.99 57.75 15.19
N VAL A 203 17.82 58.33 15.99
CA VAL A 203 19.27 58.17 15.80
C VAL A 203 19.77 57.55 17.06
N VAL A 204 20.65 56.63 16.85
CA VAL A 204 21.36 56.05 17.99
C VAL A 204 22.81 56.25 17.74
N TYR A 205 23.48 56.41 18.84
CA TYR A 205 24.94 56.43 18.85
C TYR A 205 25.43 55.53 19.93
N SER A 206 26.54 54.94 19.61
CA SER A 206 27.57 54.62 20.57
C SER A 206 28.29 55.93 20.77
N MET A 207 28.04 56.55 21.89
CA MET A 207 28.81 57.75 22.26
C MET A 207 30.19 57.33 22.71
N THR A 208 30.37 56.05 22.94
CA THR A 208 31.66 55.46 23.24
C THR A 208 32.68 55.91 22.22
N1 LLP A 209 27.11 50.71 16.74
C2 LLP A 209 28.26 50.98 16.17
C2' LLP A 209 28.26 51.38 14.73
C3 LLP A 209 29.43 50.89 16.90
O3 LLP A 209 30.57 51.20 16.33
C4 LLP A 209 29.36 50.59 18.26
C4' LLP A 209 30.52 50.69 19.10
C5 LLP A 209 28.15 50.17 18.78
C6 LLP A 209 27.06 50.24 17.99
C5' LLP A 209 28.01 49.67 20.18
OP4 LLP A 209 28.24 50.76 21.09
P LLP A 209 28.87 50.39 22.51
OP1 LLP A 209 27.85 49.54 23.20
OP2 LLP A 209 28.93 51.76 23.10
OP3 LLP A 209 30.22 49.75 22.30
N LLP A 209 32.22 56.00 20.99
CA LLP A 209 33.05 56.21 19.84
CB LLP A 209 32.41 55.53 18.65
CG LLP A 209 31.90 54.13 18.92
CD LLP A 209 32.99 53.18 19.38
CE LLP A 209 32.46 51.81 19.78
NZ LLP A 209 31.56 51.32 18.75
C LLP A 209 33.24 57.70 19.67
O LLP A 209 33.76 58.35 20.56
N PHE A 210 33.00 58.21 18.48
CA PHE A 210 33.44 59.55 18.16
C PHE A 210 32.81 60.58 19.06
N LEU A 211 31.57 60.38 19.44
CA LEU A 211 30.96 61.43 20.26
C LEU A 211 31.77 61.66 21.51
N GLY A 212 32.08 60.60 22.23
CA GLY A 212 32.88 60.72 23.43
C GLY A 212 34.30 61.06 23.02
N GLY A 213 34.79 60.34 22.03
CA GLY A 213 35.96 60.73 21.25
C GLY A 213 37.27 60.40 21.92
N HIS A 214 37.27 60.01 23.19
CA HIS A 214 38.53 59.84 23.93
C HIS A 214 38.74 58.43 24.39
N GLY A 215 37.87 57.53 24.01
CA GLY A 215 38.06 56.12 24.38
C GLY A 215 37.95 55.91 25.87
N THR A 216 37.23 56.76 26.57
CA THR A 216 37.18 56.65 28.03
C THR A 216 35.91 55.99 28.47
N SER A 217 34.83 56.17 27.75
CA SER A 217 33.49 56.01 28.37
C SER A 217 32.59 55.30 27.40
N ILE A 218 32.11 54.18 27.87
CA ILE A 218 31.05 53.47 27.16
C ILE A 218 29.81 54.29 27.36
N ALA A 219 29.09 54.52 26.29
CA ALA A 219 27.87 55.30 26.43
C ALA A 219 27.12 55.14 25.13
N GLY A 220 25.83 55.24 25.24
CA GLY A 220 24.97 55.25 24.07
C GLY A 220 23.98 56.34 24.24
N ILE A 221 23.32 56.62 23.18
CA ILE A 221 22.21 57.57 23.27
C ILE A 221 21.27 57.21 22.16
N VAL A 222 20.08 57.53 22.42
CA VAL A 222 18.99 57.43 21.47
C VAL A 222 18.46 58.83 21.35
N VAL A 223 18.41 59.27 20.12
CA VAL A 223 17.84 60.58 19.80
C VAL A 223 16.56 60.34 19.04
N ASP A 224 15.55 61.01 19.51
CA ASP A 224 14.24 61.00 18.87
C ASP A 224 14.15 62.26 18.05
N SER A 225 13.93 62.10 16.76
CA SER A 225 13.72 63.24 15.85
C SER A 225 12.46 63.96 16.31
N GLY A 226 11.53 63.25 16.92
CA GLY A 226 10.22 63.85 17.20
C GLY A 226 9.35 63.90 15.97
N LYS A 227 9.81 63.39 14.85
CA LYS A 227 9.11 63.66 13.57
C LYS A 227 8.20 62.48 13.24
N PHE A 228 8.40 61.35 13.89
CA PHE A 228 7.68 60.15 13.45
C PHE A 228 6.29 60.14 14.07
N GLU A 229 5.27 60.00 13.25
CA GLU A 229 3.89 59.97 13.78
C GLU A 229 3.60 58.54 14.16
N TRP A 230 3.66 58.27 15.45
CA TRP A 230 3.45 56.93 15.99
C TRP A 230 2.04 56.54 15.66
N ASN A 231 1.94 55.34 15.14
CA ASN A 231 0.68 54.85 14.59
C ASN A 231 0.42 53.51 15.25
N GLU A 232 -0.59 52.83 14.74
CA GLU A 232 -1.10 51.57 15.35
C GLU A 232 0.01 50.53 15.37
N LYS A 233 1.08 50.69 14.60
CA LYS A 233 2.16 49.71 14.64
C LYS A 233 2.96 49.88 15.92
N PHE A 234 2.66 50.91 16.66
CA PHE A 234 3.36 51.26 17.92
C PHE A 234 2.31 51.52 18.98
N PRO A 235 1.48 50.52 19.31
CA PRO A 235 0.39 50.74 20.25
C PRO A 235 0.89 51.30 21.59
N ASP A 236 2.10 50.90 21.98
CA ASP A 236 2.66 51.30 23.29
C ASP A 236 2.95 52.80 23.31
N LEU A 237 3.03 53.43 22.16
CA LEU A 237 3.21 54.89 22.09
C LEU A 237 1.89 55.61 22.02
N ILE A 238 0.82 54.97 21.56
CA ILE A 238 -0.42 55.70 21.24
C ILE A 238 -1.56 55.11 22.05
N GLN A 239 -1.28 54.09 22.85
CA GLN A 239 -2.32 53.47 23.72
C GLN A 239 -1.92 53.64 25.16
N PRO A 240 -2.91 53.73 26.06
CA PRO A 240 -2.63 53.93 27.47
C PRO A 240 -1.57 52.91 27.93
N ASP A 241 -0.54 53.41 28.59
CA ASP A 241 0.48 52.55 29.22
C ASP A 241 0.00 52.16 30.61
N PRO A 242 -0.31 50.86 30.83
CA PRO A 242 -0.82 50.43 32.11
C PRO A 242 0.24 50.65 33.21
N SER A 243 1.50 50.85 32.84
CA SER A 243 2.58 51.04 33.84
C SER A 243 2.59 52.50 34.30
N TYR A 244 1.84 53.37 33.63
CA TYR A 244 1.78 54.80 33.96
C TYR A 244 0.33 55.24 34.03
N HIS A 245 -0.53 54.32 34.46
CA HIS A 245 -1.95 54.62 34.77
C HIS A 245 -2.59 55.15 33.50
N GLY A 246 -2.26 54.53 32.36
CA GLY A 246 -2.89 54.78 31.06
C GLY A 246 -2.41 56.06 30.41
N LEU A 247 -1.27 56.56 30.84
CA LEU A 247 -0.53 57.58 30.06
C LEU A 247 -0.40 57.13 28.61
N ILE A 248 -0.69 58.03 27.71
CA ILE A 248 -0.47 57.83 26.27
C ILE A 248 0.69 58.74 25.93
N TYR A 249 1.78 58.15 25.47
CA TYR A 249 3.03 58.88 25.25
C TYR A 249 2.78 59.99 24.26
N THR A 250 2.06 59.71 23.17
CA THR A 250 1.84 60.73 22.12
C THR A 250 0.98 61.84 22.69
N LYS A 251 0.10 61.53 23.63
CA LYS A 251 -0.82 62.53 24.19
C LYS A 251 -0.02 63.34 25.19
N GLU A 252 0.74 62.71 26.08
CA GLU A 252 1.44 63.45 27.14
C GLU A 252 2.66 64.18 26.57
N PHE A 253 3.39 63.55 25.65
CA PHE A 253 4.72 64.05 25.26
C PHE A 253 4.73 64.56 23.84
N GLY A 254 3.62 64.45 23.12
CA GLY A 254 3.52 64.90 21.72
C GLY A 254 4.61 64.25 20.91
N ASN A 255 5.48 65.08 20.35
CA ASN A 255 6.48 64.64 19.38
C ASN A 255 7.60 63.89 20.11
N ALA A 256 7.64 64.00 21.45
CA ALA A 256 8.69 63.35 22.25
C ALA A 256 8.19 62.02 22.78
N ALA A 257 7.08 61.51 22.25
CA ALA A 257 6.43 60.31 22.76
C ALA A 257 7.49 59.24 22.84
N TYR A 258 8.17 59.01 21.75
CA TYR A 258 9.08 57.86 21.68
C TYR A 258 10.13 57.99 22.77
N ILE A 259 10.76 59.14 22.80
CA ILE A 259 11.94 59.30 23.66
C ILE A 259 11.46 59.37 25.12
N ALA A 260 10.28 59.93 25.34
CA ALA A 260 9.71 59.93 26.69
C ALA A 260 9.48 58.47 27.08
N LYS A 261 8.81 57.72 26.23
CA LYS A 261 8.52 56.33 26.56
C LYS A 261 9.84 55.62 26.84
N LEU A 262 10.81 55.85 25.99
CA LEU A 262 12.07 55.09 26.07
C LEU A 262 12.67 55.32 27.47
N ARG A 263 12.58 56.54 27.95
CA ARG A 263 13.13 56.85 29.28
C ARG A 263 12.22 56.20 30.32
N LEU A 264 10.93 56.36 30.15
CA LEU A 264 9.98 56.05 31.22
C LEU A 264 9.75 54.55 31.30
N THR A 265 10.04 53.84 30.23
CA THR A 265 9.77 52.38 30.18
C THR A 265 11.13 51.69 30.21
N LEU A 266 11.86 51.78 29.13
CA LEU A 266 13.03 50.93 28.96
C LEU A 266 14.15 51.40 29.87
N LEU A 267 14.39 52.69 29.93
CA LEU A 267 15.51 53.14 30.76
C LEU A 267 15.11 52.84 32.19
N ARG A 268 13.90 53.19 32.53
CA ARG A 268 13.50 53.01 33.91
C ARG A 268 13.50 51.53 34.26
N ASP A 269 13.00 50.68 33.36
CA ASP A 269 12.72 49.27 33.71
C ASP A 269 13.98 48.44 33.55
N ILE A 270 14.66 48.63 32.44
CA ILE A 270 15.86 47.80 32.17
C ILE A 270 17.07 48.49 32.76
N GLY A 271 17.07 49.81 32.83
CA GLY A 271 18.08 50.54 33.59
C GLY A 271 19.45 50.47 32.94
N ALA A 272 19.52 50.52 31.62
CA ALA A 272 20.82 50.62 30.93
C ALA A 272 21.18 52.11 30.94
N CYS A 273 21.28 52.63 32.14
CA CYS A 273 21.50 54.06 32.31
C CYS A 273 23.01 54.33 32.25
N LEU A 274 23.28 55.53 31.83
CA LEU A 274 24.66 56.02 31.74
C LEU A 274 25.03 56.60 33.08
N SER A 275 26.27 56.41 33.43
CA SER A 275 26.85 57.04 34.60
C SER A 275 26.91 58.53 34.32
N PRO A 276 26.55 59.37 35.30
CA PRO A 276 26.70 60.80 35.16
C PRO A 276 28.15 61.12 34.85
N PHE A 277 29.06 60.38 35.43
CA PHE A 277 30.49 60.56 35.14
C PHE A 277 30.79 60.28 33.69
N ASN A 278 30.17 59.26 33.13
CA ASN A 278 30.39 58.93 31.72
C ASN A 278 29.80 60.08 30.91
N SER A 279 28.67 60.57 31.35
CA SER A 279 27.99 61.67 30.64
C SER A 279 28.93 62.86 30.62
N PHE A 280 29.50 63.13 31.75
CA PHE A 280 30.47 64.20 31.91
C PHE A 280 31.64 64.03 30.96
N LEU A 281 32.21 62.85 30.92
CA LEU A 281 33.33 62.62 30.03
C LEU A 281 32.88 62.72 28.60
N VAL A 282 31.73 62.17 28.30
CA VAL A 282 31.30 62.20 26.90
C VAL A 282 31.14 63.66 26.54
N LEU A 283 30.48 64.41 27.41
CA LEU A 283 30.32 65.86 27.16
C LEU A 283 31.65 66.47 26.84
N LEU A 284 32.69 66.13 27.59
CA LEU A 284 33.99 66.74 27.32
C LEU A 284 34.40 66.40 25.90
N GLY A 285 34.11 65.20 25.43
CA GLY A 285 34.33 64.83 24.04
C GLY A 285 33.50 65.69 23.16
N VAL A 286 32.23 65.76 23.44
CA VAL A 286 31.28 66.44 22.54
C VAL A 286 31.69 67.87 22.39
N GLU A 287 32.21 68.47 23.43
CA GLU A 287 32.62 69.86 23.37
C GLU A 287 33.53 70.09 22.19
N THR A 288 34.31 69.11 21.80
CA THR A 288 35.25 69.30 20.70
C THR A 288 34.83 68.47 19.51
N LEU A 289 33.59 68.05 19.47
CA LEU A 289 33.19 67.07 18.46
C LEU A 289 33.58 67.54 17.06
N SER A 290 33.16 68.72 16.67
CA SER A 290 33.36 69.18 15.28
C SER A 290 34.85 69.24 15.03
N LEU A 291 35.61 69.67 16.00
CA LEU A 291 37.05 69.86 15.83
C LEU A 291 37.65 68.50 15.60
N ARG A 292 37.28 67.58 16.45
CA ARG A 292 37.87 66.24 16.36
C ARG A 292 37.42 65.61 15.07
N MET A 293 36.13 65.70 14.77
CA MET A 293 35.61 64.95 13.62
C MET A 293 36.21 65.53 12.36
N GLN A 294 36.40 66.84 12.33
CA GLN A 294 36.97 67.47 11.14
C GLN A 294 38.38 66.89 10.99
N LYS A 295 39.10 66.84 12.09
CA LYS A 295 40.47 66.32 11.99
C LYS A 295 40.43 64.83 11.63
N HIS A 296 39.54 64.09 12.25
CA HIS A 296 39.39 62.67 11.96
C HIS A 296 39.19 62.49 10.47
N VAL A 297 38.23 63.20 9.90
CA VAL A 297 37.91 63.03 8.48
C VAL A 297 39.05 63.56 7.61
N ASP A 298 39.69 64.63 8.02
CA ASP A 298 40.84 65.16 7.23
C ASP A 298 41.89 64.09 7.22
N ASN A 299 42.15 63.54 8.40
CA ASN A 299 43.17 62.49 8.50
C ASN A 299 42.74 61.25 7.74
N ALA A 300 41.50 60.81 7.92
CA ALA A 300 40.99 59.59 7.28
C ALA A 300 41.17 59.74 5.78
N MET A 301 40.80 60.88 5.23
CA MET A 301 40.87 61.05 3.78
C MET A 301 42.33 60.87 3.39
N LYS A 302 43.21 61.51 4.11
CA LYS A 302 44.62 61.49 3.73
C LYS A 302 45.12 60.07 3.85
N LEU A 303 44.74 59.43 4.92
CA LEU A 303 45.26 58.08 5.13
C LEU A 303 44.67 57.17 4.06
N ALA A 304 43.37 57.27 3.84
CA ALA A 304 42.69 56.45 2.83
C ALA A 304 43.36 56.70 1.49
N LYS A 305 43.64 57.95 1.14
CA LYS A 305 44.26 58.28 -0.16
C LYS A 305 45.65 57.64 -0.19
N PHE A 306 46.38 57.79 0.90
CA PHE A 306 47.73 57.23 0.98
C PHE A 306 47.65 55.73 0.72
N LEU A 307 46.72 55.05 1.39
CA LEU A 307 46.66 53.58 1.31
C LEU A 307 46.08 53.15 -0.02
N ASN A 308 45.26 54.02 -0.56
CA ASN A 308 44.56 53.72 -1.80
C ASN A 308 45.56 53.72 -2.94
N ASP A 309 46.71 54.33 -2.75
CA ASP A 309 47.67 54.59 -3.84
C ASP A 309 48.83 53.64 -3.58
N HIS A 310 48.78 52.93 -2.47
CA HIS A 310 49.96 52.23 -1.91
C HIS A 310 50.14 50.90 -2.62
N PRO A 311 51.36 50.62 -3.13
CA PRO A 311 51.59 49.38 -3.86
C PRO A 311 51.39 48.12 -3.00
N LYS A 312 51.36 48.22 -1.67
CA LYS A 312 51.24 47.03 -0.81
C LYS A 312 49.80 46.88 -0.36
N VAL A 313 48.94 47.76 -0.82
CA VAL A 313 47.54 47.72 -0.39
C VAL A 313 46.72 47.28 -1.58
N GLU A 314 45.94 46.24 -1.36
CA GLU A 314 45.12 45.68 -2.44
C GLU A 314 43.98 46.67 -2.62
N TRP A 315 43.30 46.98 -1.54
CA TRP A 315 42.08 47.79 -1.65
C TRP A 315 41.99 48.63 -0.42
N VAL A 316 41.25 49.68 -0.60
CA VAL A 316 40.88 50.58 0.49
C VAL A 316 39.42 50.86 0.28
N ASN A 317 38.70 50.73 1.36
CA ASN A 317 37.26 50.95 1.34
C ASN A 317 36.99 52.18 2.17
N TYR A 318 36.76 53.25 1.48
CA TYR A 318 36.34 54.51 2.11
C TYR A 318 35.55 55.26 1.07
N PRO A 319 34.33 55.66 1.40
CA PRO A 319 33.41 56.20 0.41
C PRO A 319 33.98 57.39 -0.31
N ALA A 320 34.94 58.09 0.31
CA ALA A 320 35.42 59.36 -0.25
C ALA A 320 36.51 59.04 -1.28
N LEU A 321 36.90 57.79 -1.40
CA LEU A 321 37.88 57.41 -2.42
C LEU A 321 37.17 57.30 -3.76
N GLU A 322 37.75 57.98 -4.73
CA GLU A 322 37.28 57.92 -6.15
CA GLU A 322 37.25 57.93 -6.13
C GLU A 322 36.96 56.45 -6.44
N GLY A 323 35.80 56.20 -7.03
CA GLY A 323 35.44 54.84 -7.49
C GLY A 323 34.78 54.06 -6.38
N ASN A 324 34.78 54.57 -5.18
CA ASN A 324 34.14 53.81 -4.08
C ASN A 324 32.68 53.71 -4.46
N LYS A 325 32.07 52.55 -4.24
CA LYS A 325 30.63 52.33 -4.56
C LYS A 325 29.83 53.49 -3.94
N TYR A 326 30.23 53.94 -2.76
CA TYR A 326 29.36 54.80 -1.93
C TYR A 326 29.76 56.25 -2.10
N TYR A 327 30.59 56.49 -3.09
CA TYR A 327 31.18 57.83 -3.28
C TYR A 327 30.04 58.85 -3.38
N GLU A 328 29.08 58.60 -4.27
CA GLU A 328 28.00 59.57 -4.53
C GLU A 328 27.18 59.68 -3.25
N LEU A 329 27.00 58.61 -2.50
CA LEU A 329 26.23 58.70 -1.24
C LEU A 329 27.02 59.48 -0.20
N TYR A 330 28.33 59.34 -0.23
CA TYR A 330 29.22 60.14 0.61
C TYR A 330 29.03 61.61 0.24
N LYS A 331 29.07 61.93 -1.02
CA LYS A 331 28.89 63.30 -1.50
C LYS A 331 27.52 63.79 -1.07
N LYS A 332 26.53 62.92 -1.15
CA LYS A 332 25.18 63.40 -0.87
C LYS A 332 25.03 63.55 0.64
N TYR A 333 25.47 62.57 1.40
CA TYR A 333 25.04 62.51 2.80
C TYR A 333 26.15 62.90 3.75
N LEU A 334 27.39 62.60 3.42
CA LEU A 334 28.46 62.94 4.36
C LEU A 334 29.47 63.77 3.64
N PRO A 335 29.07 64.95 3.15
CA PRO A 335 29.94 65.74 2.28
C PRO A 335 31.19 66.18 3.05
N LYS A 336 31.14 66.20 4.37
CA LYS A 336 32.33 66.62 5.12
C LYS A 336 33.33 65.51 5.21
N GLY A 337 32.86 64.31 4.92
CA GLY A 337 33.74 63.14 4.87
C GLY A 337 33.01 61.99 5.50
N PRO A 338 33.12 60.82 4.90
CA PRO A 338 32.30 59.69 5.28
C PRO A 338 32.97 59.07 6.50
N GLY A 339 33.02 59.86 7.57
CA GLY A 339 33.57 59.41 8.84
C GLY A 339 35.05 59.21 8.68
N ALA A 340 35.63 58.54 9.63
CA ALA A 340 37.09 58.53 9.79
C ALA A 340 37.49 57.09 10.04
N ILE A 341 36.57 56.21 9.68
CA ILE A 341 36.85 54.76 9.79
C ILE A 341 36.79 54.16 8.40
N PHE A 342 37.81 53.44 8.09
CA PHE A 342 37.77 52.78 6.79
C PHE A 342 38.56 51.52 6.91
N THR A 343 38.54 50.77 5.84
CA THR A 343 39.18 49.46 5.85
C THR A 343 40.08 49.44 4.65
N PHE A 344 41.03 48.56 4.73
CA PHE A 344 41.87 48.32 3.58
C PHE A 344 42.29 46.89 3.74
N GLY A 345 42.63 46.30 2.61
CA GLY A 345 43.15 44.95 2.55
C GLY A 345 44.55 45.08 1.99
N PRO A 346 45.55 44.70 2.78
CA PRO A 346 46.91 44.69 2.28
C PRO A 346 46.97 43.58 1.24
N LYS A 347 47.81 43.79 0.25
CA LYS A 347 48.32 42.66 -0.55
C LYS A 347 48.97 41.72 0.44
N GLY A 348 48.70 40.45 0.23
CA GLY A 348 49.15 39.34 1.06
C GLY A 348 48.06 38.97 2.01
N GLY A 349 46.88 39.58 1.86
CA GLY A 349 45.65 39.13 2.54
C GLY A 349 45.80 39.13 4.05
N TYR A 350 45.09 38.22 4.70
CA TYR A 350 44.96 38.13 6.17
C TYR A 350 46.37 38.13 6.77
N ASP A 351 47.29 37.37 6.20
CA ASP A 351 48.63 37.24 6.82
C ASP A 351 49.28 38.62 6.84
N ALA A 352 49.17 39.36 5.73
CA ALA A 352 49.76 40.70 5.65
C ALA A 352 49.05 41.57 6.68
N ALA A 353 47.74 41.40 6.80
CA ALA A 353 46.90 42.21 7.70
C ALA A 353 47.45 42.03 9.10
N LYS A 354 47.71 40.79 9.48
CA LYS A 354 48.23 40.51 10.82
C LYS A 354 49.60 41.20 10.95
N LYS A 355 50.47 41.07 9.95
CA LYS A 355 51.83 41.67 10.00
C LYS A 355 51.65 43.17 10.23
N ILE A 356 50.73 43.81 9.53
CA ILE A 356 50.57 45.27 9.59
C ILE A 356 50.08 45.58 11.00
N ILE A 357 49.08 44.85 11.47
CA ILE A 357 48.44 45.18 12.76
C ILE A 357 49.51 45.01 13.81
N ASN A 358 50.39 44.06 13.60
CA ASN A 358 51.41 43.74 14.60
C ASN A 358 52.47 44.83 14.55
N ASN A 359 52.66 45.44 13.38
CA ASN A 359 53.85 46.27 13.08
C ASN A 359 53.56 47.74 13.36
N VAL A 360 52.31 48.14 13.32
CA VAL A 360 51.96 49.55 13.60
C VAL A 360 52.29 49.85 15.06
N LYS A 361 52.81 51.03 15.27
CA LYS A 361 53.34 51.39 16.60
C LYS A 361 52.49 52.52 17.11
N LEU A 362 51.90 53.28 16.22
CA LEU A 362 51.17 54.46 16.67
C LEU A 362 49.69 54.12 16.72
N PHE A 363 49.18 53.56 15.64
CA PHE A 363 47.85 52.94 15.68
C PHE A 363 47.76 51.97 16.86
N SER A 364 46.66 52.10 17.57
CA SER A 364 46.37 51.25 18.74
C SER A 364 45.53 50.10 18.24
N HIS A 365 46.03 48.94 18.53
CA HIS A 365 45.33 47.70 18.22
C HIS A 365 44.37 47.45 19.36
N LEU A 366 43.11 47.74 19.13
CA LEU A 366 42.15 47.61 20.23
C LEU A 366 40.79 47.67 19.57
N ALA A 367 39.80 47.36 20.36
CA ALA A 367 38.42 47.22 19.92
C ALA A 367 37.71 48.51 20.32
N ASN A 368 37.55 49.36 19.35
CA ASN A 368 36.93 50.67 19.52
C ASN A 368 37.10 51.32 18.17
N VAL A 369 36.32 52.34 17.97
CA VAL A 369 36.58 53.28 16.88
C VAL A 369 36.28 54.61 17.51
N GLY A 370 36.73 55.65 16.86
CA GLY A 370 36.22 56.96 17.20
C GLY A 370 36.87 57.41 18.47
N ASP A 371 38.03 56.88 18.74
CA ASP A 371 38.94 57.50 19.71
C ASP A 371 39.65 58.61 18.97
N ALA A 372 40.17 59.56 19.71
CA ALA A 372 41.08 60.55 19.16
C ALA A 372 42.26 59.78 18.62
N LYS A 373 42.60 58.72 19.30
CA LYS A 373 43.72 57.88 18.91
C LYS A 373 43.29 57.04 17.73
N SER A 374 44.26 56.84 16.86
CA SER A 374 44.13 55.99 15.67
C SER A 374 44.13 54.56 16.12
N LEU A 375 43.14 53.86 15.61
CA LEU A 375 42.92 52.50 16.03
C LEU A 375 42.95 51.61 14.82
N ILE A 376 43.30 50.40 15.10
CA ILE A 376 43.43 49.40 14.06
C ILE A 376 42.88 48.12 14.65
N ILE A 377 42.24 47.37 13.78
CA ILE A 377 41.86 46.00 14.18
C ILE A 377 41.51 45.26 12.93
N HIS A 378 41.48 43.96 13.09
CA HIS A 378 41.05 43.03 12.07
C HIS A 378 39.64 42.58 12.41
N PRO A 379 38.61 43.19 11.83
CA PRO A 379 37.26 42.93 12.25
C PRO A 379 36.90 41.45 12.20
N ALA A 380 37.39 40.71 11.21
CA ALA A 380 36.89 39.33 11.02
C ALA A 380 37.17 38.55 12.30
N SER A 381 38.27 38.83 12.99
CA SER A 381 38.74 38.04 14.15
C SER A 381 38.38 38.76 15.44
N THR A 382 37.74 39.91 15.38
CA THR A 382 37.52 40.70 16.60
C THR A 382 36.09 41.19 16.61
N THR A 383 35.90 42.36 16.07
CA THR A 383 34.65 43.10 16.19
C THR A 383 33.50 42.26 15.66
N HIS A 384 33.72 41.51 14.58
CA HIS A 384 32.65 40.76 13.90
C HIS A 384 32.89 39.27 14.04
N GLN A 385 33.80 38.90 14.94
CA GLN A 385 34.19 37.49 15.18
C GLN A 385 32.95 36.69 15.51
N GLN A 386 31.95 37.26 16.15
CA GLN A 386 30.76 36.47 16.53
C GLN A 386 29.91 36.09 15.32
N LEU A 387 30.10 36.81 14.23
CA LEU A 387 29.28 36.56 13.05
C LEU A 387 29.79 35.31 12.35
N THR A 388 28.89 34.63 11.67
CA THR A 388 29.29 33.54 10.76
C THR A 388 30.08 34.18 9.62
N GLU A 389 30.79 33.37 8.84
CA GLU A 389 31.42 33.82 7.57
C GLU A 389 30.36 34.60 6.78
N GLU A 390 29.15 34.03 6.67
CA GLU A 390 28.10 34.61 5.78
C GLU A 390 27.76 35.98 6.32
N GLU A 391 27.56 36.05 7.63
CA GLU A 391 27.14 37.30 8.29
C GLU A 391 28.27 38.30 8.13
N GLN A 392 29.48 37.86 8.35
CA GLN A 392 30.64 38.74 8.20
C GLN A 392 30.63 39.25 6.78
N ARG A 393 30.50 38.35 5.83
CA ARG A 393 30.49 38.81 4.42
C ARG A 393 29.37 39.83 4.25
N ALA A 394 28.16 39.54 4.73
CA ALA A 394 26.99 40.42 4.51
C ALA A 394 27.25 41.74 5.25
N ALA A 395 28.14 41.73 6.24
CA ALA A 395 28.51 42.93 7.03
C ALA A 395 29.68 43.63 6.34
N GLY A 396 30.20 43.04 5.27
CA GLY A 396 31.29 43.58 4.45
C GLY A 396 32.62 43.32 5.14
N VAL A 397 32.62 42.40 6.08
CA VAL A 397 33.86 42.00 6.77
C VAL A 397 34.59 41.07 5.83
N LEU A 398 35.88 41.29 5.63
CA LEU A 398 36.68 40.44 4.73
C LEU A 398 37.85 39.93 5.54
N PRO A 399 38.38 38.75 5.18
CA PRO A 399 39.46 38.15 5.97
C PRO A 399 40.69 39.06 6.03
N GLU A 400 40.97 39.79 4.96
CA GLU A 400 42.26 40.54 4.85
C GLU A 400 42.04 41.92 5.41
N MET A 401 40.80 42.19 5.78
CA MET A 401 40.37 43.55 6.07
C MET A 401 40.98 44.02 7.36
N ILE A 402 41.54 45.22 7.28
CA ILE A 402 42.04 45.97 8.43
C ILE A 402 41.12 47.13 8.53
N ARG A 403 40.56 47.33 9.69
CA ARG A 403 39.76 48.52 9.91
C ARG A 403 40.66 49.52 10.62
N LEU A 404 40.66 50.73 10.11
CA LEU A 404 41.36 51.86 10.72
C LEU A 404 40.29 52.79 11.22
N SER A 405 40.43 53.17 12.46
CA SER A 405 39.72 54.34 12.99
C SER A 405 40.78 55.40 13.07
N VAL A 406 40.66 56.34 12.15
CA VAL A 406 41.74 57.31 11.96
C VAL A 406 41.54 58.39 12.97
N GLY A 407 42.55 58.52 13.77
CA GLY A 407 42.53 59.44 14.88
C GLY A 407 43.00 60.79 14.44
N ILE A 408 43.25 61.61 15.43
CA ILE A 408 43.57 63.02 15.19
C ILE A 408 45.05 63.23 15.38
N GLU A 409 45.79 62.15 15.41
CA GLU A 409 47.24 62.31 15.39
C GLU A 409 47.63 63.06 14.12
N ASP A 410 48.88 63.49 14.12
CA ASP A 410 49.49 64.08 12.94
C ASP A 410 49.42 63.02 11.87
N ILE A 411 48.77 63.38 10.80
CA ILE A 411 48.61 62.47 9.66
C ILE A 411 49.98 61.94 9.24
N GLU A 412 51.02 62.75 9.31
CA GLU A 412 52.35 62.30 8.83
C GLU A 412 52.77 61.13 9.69
N ASP A 413 52.39 61.13 10.96
CA ASP A 413 52.78 60.02 11.87
C ASP A 413 51.95 58.80 11.52
N LEU A 414 50.69 59.00 11.23
CA LEU A 414 49.79 57.89 10.92
C LEU A 414 50.22 57.28 9.60
N ILE A 415 50.54 58.13 8.63
CA ILE A 415 50.96 57.60 7.32
C ILE A 415 52.25 56.87 7.53
N TYR A 416 53.15 57.48 8.27
CA TYR A 416 54.47 56.85 8.49
C TYR A 416 54.23 55.51 9.14
N ASP A 417 53.37 55.49 10.15
CA ASP A 417 53.14 54.28 10.96
C ASP A 417 52.63 53.18 10.02
N ILE A 418 51.62 53.50 9.25
CA ILE A 418 51.04 52.47 8.36
C ILE A 418 52.04 52.15 7.25
N GLU A 419 52.74 53.15 6.70
CA GLU A 419 53.73 52.98 5.62
C GLU A 419 54.81 52.06 6.12
N SER A 420 55.33 52.37 7.29
CA SER A 420 56.43 51.59 7.91
C SER A 420 55.93 50.16 8.10
N ALA A 421 54.71 49.99 8.58
CA ALA A 421 54.15 48.63 8.77
C ALA A 421 54.01 47.97 7.39
N LEU A 422 53.45 48.68 6.42
CA LEU A 422 53.26 48.07 5.10
C LEU A 422 54.62 47.67 4.56
N ASN A 423 55.62 48.52 4.76
CA ASN A 423 56.84 48.45 3.94
C ASN A 423 57.67 47.31 4.54
N LYS A 424 57.18 46.77 5.68
CA LYS A 424 57.66 45.52 6.30
C LYS A 424 57.00 44.24 5.73
N VAL A 425 55.88 44.35 5.03
CA VAL A 425 55.23 43.18 4.38
C VAL A 425 55.90 43.03 3.02
N LEU A 426 56.54 41.87 2.76
CA LEU A 426 57.22 41.54 1.48
C LEU A 426 56.17 41.57 0.35
N GLU A 427 56.56 42.02 -0.87
CA GLU A 427 55.72 42.07 -2.10
C GLU A 427 55.08 40.70 -2.35
N ARG B 4 29.25 -28.18 -25.92
CA ARG B 4 29.38 -28.57 -24.46
C ARG B 4 27.99 -28.82 -23.86
N LYS B 5 27.74 -30.03 -23.31
CA LYS B 5 26.56 -30.36 -22.48
C LYS B 5 26.73 -29.73 -21.09
N TYR B 6 26.25 -28.51 -20.89
CA TYR B 6 26.38 -27.83 -19.59
C TYR B 6 25.51 -28.52 -18.55
N GLY B 7 25.89 -28.36 -17.30
CA GLY B 7 25.10 -28.87 -16.17
C GLY B 7 23.92 -27.96 -15.89
N PHE B 8 23.01 -28.53 -15.16
CA PHE B 8 21.73 -27.88 -14.86
C PHE B 8 21.99 -26.48 -14.29
N ASP B 9 22.89 -26.40 -13.33
CA ASP B 9 23.17 -25.13 -12.62
C ASP B 9 23.73 -24.12 -13.61
N THR B 10 24.48 -24.58 -14.58
CA THR B 10 25.01 -23.67 -15.59
C THR B 10 23.86 -23.24 -16.46
N LEU B 11 23.02 -24.19 -16.83
CA LEU B 11 21.93 -23.94 -17.79
C LEU B 11 20.99 -22.95 -17.14
N GLN B 12 20.77 -23.08 -15.84
CA GLN B 12 19.71 -22.27 -15.24
C GLN B 12 20.18 -20.82 -15.21
N LEU B 13 21.47 -20.62 -15.31
CA LEU B 13 22.05 -19.28 -15.30
C LEU B 13 22.21 -18.75 -16.70
N HIS B 14 22.60 -19.60 -17.64
CA HIS B 14 23.13 -19.17 -18.95
C HIS B 14 22.20 -19.52 -20.08
N ALA B 15 21.50 -20.63 -19.98
CA ALA B 15 20.86 -21.20 -21.15
C ALA B 15 19.95 -20.13 -21.72
N GLY B 16 20.03 -19.98 -23.03
CA GLY B 16 19.12 -19.12 -23.77
C GLY B 16 19.60 -17.71 -23.75
N GLN B 17 20.64 -17.45 -22.98
CA GLN B 17 21.06 -16.07 -22.75
C GLN B 17 22.32 -15.85 -23.57
N PHE B 18 22.23 -14.86 -24.43
CA PHE B 18 23.32 -14.49 -25.33
C PHE B 18 23.60 -13.04 -25.01
N VAL B 19 24.84 -12.70 -25.19
CA VAL B 19 25.28 -11.32 -24.97
C VAL B 19 24.84 -10.51 -26.17
N ASP B 20 23.96 -9.55 -25.97
CA ASP B 20 23.47 -8.77 -27.10
C ASP B 20 24.64 -8.04 -27.73
N ARG B 21 24.65 -8.03 -29.04
CA ARG B 21 25.74 -7.47 -29.83
C ARG B 21 25.77 -5.96 -29.64
N GLU B 22 24.66 -5.36 -29.22
CA GLU B 22 24.62 -3.90 -29.17
C GLU B 22 25.37 -3.43 -27.95
N THR B 23 24.97 -3.92 -26.81
CA THR B 23 25.46 -3.35 -25.54
C THR B 23 26.44 -4.28 -24.85
N LYS B 24 26.40 -5.57 -25.18
CA LYS B 24 27.19 -6.61 -24.50
C LYS B 24 26.74 -6.74 -23.05
N SER B 25 25.56 -6.25 -22.77
N SER B 25 25.54 -6.29 -22.76
CA SER B 25 24.96 -6.40 -21.42
CA SER B 25 24.99 -6.32 -21.38
C SER B 25 25.20 -7.84 -20.97
C SER B 25 25.00 -7.77 -20.88
N ARG B 26 25.64 -8.01 -19.74
CA ARG B 26 25.71 -9.36 -19.18
C ARG B 26 24.31 -9.79 -18.74
N ALA B 27 23.57 -8.90 -18.13
CA ALA B 27 22.22 -9.22 -17.65
C ALA B 27 21.37 -9.29 -18.91
N VAL B 28 20.33 -10.06 -18.82
CA VAL B 28 19.34 -10.10 -19.90
C VAL B 28 18.65 -8.78 -19.85
N PRO B 29 18.71 -8.02 -20.94
CA PRO B 29 18.06 -6.73 -20.93
C PRO B 29 16.59 -7.06 -20.77
N ILE B 30 15.92 -6.09 -20.22
CA ILE B 30 14.45 -6.10 -20.23
C ILE B 30 14.07 -5.40 -21.50
N TYR B 31 13.63 -6.18 -22.44
CA TYR B 31 13.21 -5.65 -23.73
C TYR B 31 11.76 -5.34 -23.63
N GLN B 32 11.52 -4.30 -22.87
CA GLN B 32 10.17 -3.84 -22.61
C GLN B 32 9.75 -3.01 -23.80
N THR B 33 9.50 -3.73 -24.85
CA THR B 33 9.17 -3.14 -26.13
C THR B 33 8.01 -3.93 -26.64
N THR B 34 7.20 -3.26 -27.44
CA THR B 34 6.13 -3.96 -28.15
C THR B 34 6.72 -4.52 -29.42
N SER B 35 7.67 -3.79 -29.97
CA SER B 35 7.88 -3.83 -31.41
C SER B 35 9.36 -3.70 -31.67
N TYR B 36 9.68 -4.00 -32.90
CA TYR B 36 11.04 -4.21 -33.33
C TYR B 36 11.13 -3.72 -34.74
N ILE B 37 12.19 -3.00 -34.98
CA ILE B 37 12.38 -2.39 -36.30
C ILE B 37 12.59 -3.51 -37.29
N PHE B 38 11.94 -3.34 -38.41
CA PHE B 38 12.18 -4.10 -39.63
C PHE B 38 13.08 -3.27 -40.52
N GLU B 39 14.19 -3.87 -40.89
CA GLU B 39 15.24 -3.21 -41.68
C GLU B 39 14.61 -2.72 -42.98
N THR B 40 13.78 -3.54 -43.57
CA THR B 40 13.28 -3.31 -44.93
C THR B 40 11.88 -3.89 -44.97
N PRO B 41 11.07 -3.42 -45.92
CA PRO B 41 9.78 -4.06 -46.20
C PRO B 41 9.95 -5.56 -46.39
N GLU B 42 11.02 -5.95 -47.07
CA GLU B 42 11.27 -7.36 -47.39
C GLU B 42 11.51 -8.10 -46.07
N GLU B 43 12.27 -7.51 -45.17
CA GLU B 43 12.53 -8.20 -43.91
C GLU B 43 11.22 -8.28 -43.14
N ALA B 44 10.43 -7.23 -43.15
CA ALA B 44 9.16 -7.24 -42.41
C ALA B 44 8.32 -8.36 -43.02
N ALA B 45 8.26 -8.40 -44.33
CA ALA B 45 7.47 -9.40 -45.09
C ALA B 45 8.02 -10.78 -44.71
N ASP B 46 9.34 -10.93 -44.68
CA ASP B 46 9.95 -12.26 -44.47
C ASP B 46 9.68 -12.70 -43.04
N LEU B 47 9.72 -11.76 -42.10
CA LEU B 47 9.46 -12.13 -40.69
C LEU B 47 8.03 -12.65 -40.58
N PHE B 48 7.09 -11.87 -41.09
CA PHE B 48 5.67 -12.22 -41.03
C PHE B 48 5.41 -13.48 -41.85
N ALA B 49 6.14 -13.70 -42.93
CA ALA B 49 5.92 -14.90 -43.78
C ALA B 49 6.70 -16.07 -43.16
N LEU B 50 7.39 -15.84 -42.04
CA LEU B 50 8.12 -16.91 -41.29
C LEU B 50 9.29 -17.40 -42.13
N LYS B 51 9.80 -16.56 -43.01
CA LYS B 51 10.92 -16.88 -43.91
C LYS B 51 12.22 -16.60 -43.16
N LYS B 52 12.12 -15.87 -42.07
CA LYS B 52 13.29 -15.27 -41.39
C LYS B 52 12.91 -15.27 -39.91
N ALA B 53 13.83 -15.66 -39.06
CA ALA B 53 13.70 -15.55 -37.58
C ALA B 53 13.92 -14.08 -37.25
N GLY B 54 13.24 -13.60 -36.24
CA GLY B 54 13.57 -12.27 -35.73
C GLY B 54 12.40 -11.76 -34.95
N ASN B 55 12.57 -10.60 -34.40
CA ASN B 55 11.57 -10.05 -33.49
C ASN B 55 10.55 -9.36 -34.36
N ILE B 56 9.30 -9.59 -34.04
CA ILE B 56 8.22 -8.94 -34.75
C ILE B 56 7.45 -8.11 -33.79
N TYR B 57 7.08 -8.73 -32.71
CA TYR B 57 6.09 -8.12 -31.83
C TYR B 57 6.10 -8.94 -30.58
N THR B 58 6.03 -8.24 -29.48
CA THR B 58 6.27 -8.87 -28.19
C THR B 58 5.17 -9.88 -27.87
N ARG B 59 3.98 -9.64 -28.39
CA ARG B 59 2.90 -10.60 -28.13
C ARG B 59 3.33 -11.96 -28.65
N ILE B 60 4.12 -11.97 -29.72
CA ILE B 60 4.53 -13.18 -30.47
C ILE B 60 5.84 -13.65 -29.88
N GLY B 61 6.72 -12.73 -29.52
CA GLY B 61 8.07 -13.12 -29.11
C GLY B 61 8.77 -11.92 -28.66
N ASN B 62 9.63 -12.13 -27.72
CA ASN B 62 10.36 -11.02 -27.13
C ASN B 62 11.69 -11.60 -26.77
N PRO B 63 12.76 -10.83 -26.93
CA PRO B 63 14.09 -11.37 -26.71
C PRO B 63 14.41 -11.57 -25.23
N THR B 64 13.70 -10.92 -24.33
CA THR B 64 13.90 -11.23 -22.91
C THR B 64 13.26 -12.55 -22.64
N THR B 65 12.03 -12.65 -23.08
CA THR B 65 11.22 -13.83 -22.84
C THR B 65 11.88 -15.00 -23.50
N ASP B 66 12.43 -14.75 -24.66
CA ASP B 66 13.10 -15.80 -25.42
C ASP B 66 14.17 -16.45 -24.57
N VAL B 67 14.87 -15.68 -23.78
CA VAL B 67 15.94 -16.26 -22.94
C VAL B 67 15.29 -17.26 -22.01
N LEU B 68 14.19 -16.83 -21.45
CA LEU B 68 13.50 -17.62 -20.45
C LEU B 68 12.94 -18.86 -21.11
N GLU B 69 12.39 -18.71 -22.31
CA GLU B 69 11.82 -19.85 -23.04
C GLU B 69 12.92 -20.85 -23.30
N LYS B 70 14.00 -20.36 -23.87
CA LYS B 70 15.12 -21.24 -24.19
C LYS B 70 15.65 -21.84 -22.91
N ARG B 71 15.71 -21.06 -21.86
CA ARG B 71 16.30 -21.57 -20.62
C ARG B 71 15.44 -22.72 -20.09
N ILE B 72 14.15 -22.51 -20.00
CA ILE B 72 13.30 -23.56 -19.41
C ILE B 72 13.33 -24.73 -20.37
N ALA B 73 13.33 -24.46 -21.67
CA ALA B 73 13.37 -25.53 -22.67
C ALA B 73 14.65 -26.30 -22.41
N ALA B 74 15.74 -25.60 -22.18
CA ALA B 74 17.05 -26.25 -21.97
C ALA B 74 16.98 -27.05 -20.66
N LEU B 75 16.38 -26.52 -19.61
CA LEU B 75 16.39 -27.23 -18.32
C LEU B 75 15.53 -28.47 -18.42
N ASP B 76 14.46 -28.39 -19.19
CA ASP B 76 13.56 -29.54 -19.35
C ASP B 76 14.08 -30.50 -20.41
N GLY B 77 15.00 -30.07 -21.27
CA GLY B 77 15.45 -30.85 -22.43
C GLY B 77 14.37 -30.79 -23.49
N GLY B 78 13.64 -29.71 -23.57
CA GLY B 78 12.68 -29.55 -24.68
C GLY B 78 13.33 -28.85 -25.84
N VAL B 79 12.64 -28.85 -26.97
N VAL B 79 12.61 -28.77 -26.94
CA VAL B 79 13.12 -28.18 -28.19
CA VAL B 79 13.10 -28.18 -28.20
C VAL B 79 12.89 -26.68 -28.02
C VAL B 79 12.69 -26.72 -28.25
N GLY B 80 11.80 -26.32 -27.35
CA GLY B 80 11.46 -24.92 -27.31
C GLY B 80 10.35 -24.74 -26.32
N ALA B 81 10.11 -23.48 -26.00
CA ALA B 81 9.11 -23.15 -25.03
C ALA B 81 8.48 -21.87 -25.47
N VAL B 82 7.28 -21.70 -25.04
CA VAL B 82 6.60 -20.43 -25.21
C VAL B 82 6.17 -20.01 -23.84
N ALA B 83 6.59 -18.83 -23.45
CA ALA B 83 6.18 -18.25 -22.20
C ALA B 83 4.79 -17.67 -22.42
N THR B 84 4.06 -17.65 -21.36
CA THR B 84 2.72 -17.10 -21.41
C THR B 84 2.56 -16.25 -20.17
N SER B 85 1.47 -15.53 -20.16
CA SER B 85 1.15 -14.57 -19.11
C SER B 85 0.97 -15.32 -17.80
N SER B 86 0.70 -16.60 -17.82
CA SER B 86 0.41 -17.34 -16.58
C SER B 86 0.54 -18.79 -16.87
N GLY B 87 0.66 -19.51 -15.79
CA GLY B 87 0.53 -20.96 -15.82
C GLY B 87 -0.76 -21.32 -16.45
N GLN B 88 -1.83 -20.67 -16.04
CA GLN B 88 -3.15 -21.00 -16.60
C GLN B 88 -3.12 -20.85 -18.12
N ALA B 89 -2.48 -19.80 -18.60
CA ALA B 89 -2.45 -19.51 -20.04
C ALA B 89 -1.60 -20.60 -20.66
N ALA B 90 -0.52 -20.98 -20.00
CA ALA B 90 0.35 -22.02 -20.51
C ALA B 90 -0.47 -23.28 -20.72
N ILE B 91 -1.22 -23.64 -19.71
CA ILE B 91 -1.99 -24.88 -19.78
C ILE B 91 -3.03 -24.70 -20.86
N THR B 92 -3.68 -23.55 -20.88
CA THR B 92 -4.71 -23.28 -21.87
C THR B 92 -4.11 -23.50 -23.25
N TYR B 93 -2.97 -22.90 -23.46
CA TYR B 93 -2.31 -22.92 -24.75
C TYR B 93 -1.85 -24.32 -25.04
N ALA B 94 -1.34 -25.00 -24.04
CA ALA B 94 -0.78 -26.33 -24.26
C ALA B 94 -1.90 -27.19 -24.81
N ILE B 95 -3.08 -26.99 -24.30
CA ILE B 95 -4.25 -27.78 -24.70
C ILE B 95 -4.79 -27.22 -25.99
N LEU B 96 -5.04 -25.93 -26.05
CA LEU B 96 -5.74 -25.36 -27.21
C LEU B 96 -4.86 -25.55 -28.43
N ASN B 97 -3.59 -25.73 -28.21
CA ASN B 97 -2.71 -25.91 -29.36
C ASN B 97 -3.01 -27.19 -30.11
N ILE B 98 -3.62 -28.15 -29.43
CA ILE B 98 -3.82 -29.50 -30.00
C ILE B 98 -5.25 -29.98 -29.79
N ALA B 99 -6.10 -29.14 -29.22
CA ALA B 99 -7.52 -29.47 -29.03
C ALA B 99 -8.32 -28.28 -29.48
N ARG B 100 -9.35 -28.58 -30.22
CA ARG B 100 -10.32 -27.57 -30.60
C ARG B 100 -11.65 -28.06 -30.09
N SER B 101 -12.65 -27.25 -30.31
CA SER B 101 -14.03 -27.58 -29.95
C SER B 101 -14.31 -28.95 -30.53
N GLY B 102 -14.87 -29.84 -29.70
CA GLY B 102 -15.26 -31.20 -30.07
C GLY B 102 -14.19 -32.18 -29.62
N ASP B 103 -13.05 -31.69 -29.19
CA ASP B 103 -11.97 -32.60 -28.78
C ASP B 103 -12.04 -32.83 -27.28
N GLU B 104 -11.22 -33.74 -26.85
CA GLU B 104 -11.22 -34.13 -25.46
C GLU B 104 -9.79 -34.13 -24.99
N VAL B 105 -9.69 -34.05 -23.72
CA VAL B 105 -8.41 -34.19 -23.03
C VAL B 105 -8.69 -35.01 -21.81
N VAL B 106 -7.75 -35.85 -21.49
CA VAL B 106 -7.88 -36.61 -20.24
C VAL B 106 -6.94 -35.91 -19.29
N ALA B 107 -7.45 -35.59 -18.13
CA ALA B 107 -6.63 -34.92 -17.12
C ALA B 107 -6.80 -35.75 -15.87
N ALA B 108 -5.76 -35.74 -15.05
CA ALA B 108 -5.85 -36.18 -13.66
C ALA B 108 -6.87 -35.29 -13.00
N SER B 109 -7.58 -35.84 -12.05
N SER B 109 -7.58 -35.83 -12.03
CA SER B 109 -8.52 -35.11 -11.18
CA SER B 109 -8.50 -35.07 -11.17
C SER B 109 -7.69 -34.30 -10.19
C SER B 109 -7.67 -34.22 -10.23
N THR B 110 -6.41 -34.63 -10.09
CA THR B 110 -5.55 -34.12 -9.02
C THR B 110 -4.84 -32.91 -9.58
N LEU B 111 -5.60 -31.87 -9.70
CA LEU B 111 -5.15 -30.65 -10.38
C LEU B 111 -5.31 -29.51 -9.43
N TYR B 112 -4.43 -28.57 -9.67
CA TYR B 112 -4.67 -27.21 -9.22
C TYR B 112 -6.11 -26.87 -9.57
N GLY B 113 -6.81 -26.31 -8.61
CA GLY B 113 -8.19 -25.87 -8.79
C GLY B 113 -8.32 -25.10 -10.07
N GLY B 114 -7.42 -24.16 -10.32
CA GLY B 114 -7.54 -23.29 -11.50
C GLY B 114 -7.47 -24.09 -12.77
N THR B 115 -6.64 -25.12 -12.80
CA THR B 115 -6.53 -25.98 -13.98
C THR B 115 -7.82 -26.76 -14.08
N TYR B 116 -8.28 -27.21 -12.93
CA TYR B 116 -9.49 -28.02 -12.92
C TYR B 116 -10.59 -27.18 -13.58
N THR B 117 -10.75 -25.95 -13.12
CA THR B 117 -11.82 -25.05 -13.53
C THR B 117 -11.63 -24.69 -14.99
N LEU B 118 -10.38 -24.44 -15.35
CA LEU B 118 -10.09 -24.16 -16.76
C LEU B 118 -10.60 -25.32 -17.58
N PHE B 119 -10.24 -26.52 -17.17
CA PHE B 119 -10.57 -27.76 -17.88
C PHE B 119 -12.05 -27.99 -17.85
N ALA B 120 -12.66 -27.83 -16.70
CA ALA B 120 -14.01 -28.32 -16.45
C ALA B 120 -14.98 -27.31 -17.02
N HIS B 121 -14.59 -26.07 -17.10
CA HIS B 121 -15.52 -24.94 -17.33
C HIS B 121 -15.07 -24.21 -18.55
N THR B 122 -13.97 -23.51 -18.44
CA THR B 122 -13.59 -22.62 -19.54
C THR B 122 -13.36 -23.40 -20.82
N LEU B 123 -12.66 -24.53 -20.75
CA LEU B 123 -12.40 -25.30 -21.98
C LEU B 123 -13.69 -25.96 -22.42
N ARG B 124 -14.47 -26.36 -21.46
CA ARG B 124 -15.75 -26.98 -21.76
C ARG B 124 -16.50 -26.03 -22.67
N LYS B 125 -16.55 -24.77 -22.29
CA LYS B 125 -17.33 -23.80 -23.04
C LYS B 125 -16.71 -23.64 -24.42
N LEU B 126 -15.47 -24.05 -24.60
CA LEU B 126 -14.85 -23.92 -25.93
C LEU B 126 -14.93 -25.25 -26.66
N GLY B 127 -15.76 -26.13 -26.12
CA GLY B 127 -16.13 -27.39 -26.75
C GLY B 127 -15.09 -28.43 -26.52
N ILE B 128 -14.18 -28.19 -25.59
CA ILE B 128 -13.17 -29.21 -25.25
C ILE B 128 -13.61 -29.89 -23.99
N THR B 129 -13.80 -31.18 -24.09
CA THR B 129 -14.24 -31.97 -22.96
C THR B 129 -13.01 -32.49 -22.31
N VAL B 130 -12.75 -32.01 -21.12
CA VAL B 130 -11.67 -32.60 -20.33
C VAL B 130 -12.30 -33.61 -19.42
N LYS B 131 -11.86 -34.83 -19.58
CA LYS B 131 -12.29 -35.97 -18.77
C LYS B 131 -11.27 -36.20 -17.68
N PHE B 132 -11.73 -36.15 -16.46
CA PHE B 132 -10.86 -36.22 -15.29
C PHE B 132 -10.86 -37.64 -14.88
N VAL B 133 -9.68 -38.07 -14.53
CA VAL B 133 -9.48 -39.44 -14.11
C VAL B 133 -8.74 -39.41 -12.80
N ASN B 134 -9.02 -40.42 -12.03
CA ASN B 134 -8.21 -40.72 -10.85
C ASN B 134 -6.86 -41.13 -11.38
N PRO B 135 -5.79 -40.32 -11.18
CA PRO B 135 -4.52 -40.63 -11.79
C PRO B 135 -3.86 -41.82 -11.15
N ASP B 136 -4.36 -42.28 -10.02
CA ASP B 136 -3.86 -43.51 -9.39
C ASP B 136 -4.20 -44.67 -10.31
N TYR B 137 -5.19 -44.53 -11.17
CA TYR B 137 -5.75 -45.71 -11.85
C TYR B 137 -5.49 -45.60 -13.33
N LEU B 138 -4.52 -46.34 -13.81
CA LEU B 138 -4.14 -46.24 -15.22
C LEU B 138 -5.36 -46.60 -16.09
N GLU B 139 -6.20 -47.53 -15.62
CA GLU B 139 -7.37 -47.94 -16.40
C GLU B 139 -8.31 -46.75 -16.51
N GLU B 140 -8.25 -45.78 -15.61
CA GLU B 140 -9.18 -44.64 -15.69
C GLU B 140 -8.69 -43.77 -16.85
N PHE B 141 -7.39 -43.73 -17.07
CA PHE B 141 -6.86 -42.96 -18.20
C PHE B 141 -7.44 -43.58 -19.46
N GLU B 142 -7.30 -44.88 -19.54
CA GLU B 142 -7.74 -45.69 -20.68
C GLU B 142 -9.24 -45.45 -20.88
N LYS B 143 -10.02 -45.52 -19.82
CA LYS B 143 -11.49 -45.42 -19.95
C LYS B 143 -11.85 -44.04 -20.49
N ALA B 144 -11.06 -43.02 -20.15
CA ALA B 144 -11.42 -41.62 -20.47
C ALA B 144 -10.96 -41.32 -21.90
N ILE B 145 -10.06 -42.11 -22.42
CA ILE B 145 -9.50 -41.81 -23.75
C ILE B 145 -10.49 -42.28 -24.78
N THR B 146 -10.76 -41.39 -25.69
CA THR B 146 -11.61 -41.72 -26.84
C THR B 146 -10.85 -41.30 -28.08
N ASP B 147 -11.47 -41.46 -29.22
CA ASP B 147 -10.86 -41.05 -30.49
C ASP B 147 -10.75 -39.52 -30.49
N LYS B 148 -11.36 -38.80 -29.54
CA LYS B 148 -11.34 -37.33 -29.56
C LYS B 148 -10.28 -36.81 -28.61
N THR B 149 -9.72 -37.70 -27.82
CA THR B 149 -8.75 -37.29 -26.83
C THR B 149 -7.53 -36.77 -27.55
N LYS B 150 -7.04 -35.63 -27.09
CA LYS B 150 -5.88 -35.01 -27.75
C LYS B 150 -4.69 -35.05 -26.84
N ALA B 151 -4.88 -35.31 -25.57
CA ALA B 151 -3.77 -35.20 -24.63
C ALA B 151 -4.19 -35.84 -23.34
N ILE B 152 -3.18 -36.30 -22.65
CA ILE B 152 -3.30 -36.61 -21.22
C ILE B 152 -2.51 -35.56 -20.50
N PHE B 153 -3.15 -35.02 -19.48
CA PHE B 153 -2.61 -33.89 -18.74
C PHE B 153 -2.55 -34.29 -17.30
N VAL B 154 -1.37 -34.21 -16.74
CA VAL B 154 -1.25 -34.43 -15.28
C VAL B 154 -0.30 -33.38 -14.76
N GLU B 155 -0.37 -33.22 -13.47
CA GLU B 155 0.62 -32.46 -12.72
C GLU B 155 1.62 -33.44 -12.17
N THR B 156 2.84 -32.97 -12.07
CA THR B 156 3.92 -33.81 -11.53
C THR B 156 3.56 -34.23 -10.12
N LEU B 157 3.13 -33.24 -9.36
CA LEU B 157 2.75 -33.37 -7.96
C LEU B 157 1.46 -32.62 -7.83
N GLY B 158 0.41 -33.35 -7.62
CA GLY B 158 -0.94 -32.79 -7.65
C GLY B 158 -0.97 -31.60 -6.73
N ASN B 159 -1.52 -30.53 -7.22
CA ASN B 159 -1.85 -29.40 -6.36
C ASN B 159 -3.25 -29.65 -5.85
N PRO B 160 -3.50 -30.06 -4.59
CA PRO B 160 -2.51 -30.14 -3.54
C PRO B 160 -2.39 -31.58 -3.04
N ASN B 161 -2.85 -32.51 -3.84
CA ASN B 161 -2.87 -33.93 -3.46
C ASN B 161 -1.42 -34.40 -3.26
N ILE B 162 -0.48 -33.78 -3.94
CA ILE B 162 0.94 -34.17 -3.95
C ILE B 162 1.02 -35.64 -4.31
N ASN B 163 0.13 -36.06 -5.17
CA ASN B 163 0.24 -37.38 -5.81
C ASN B 163 1.23 -37.23 -6.94
N ILE B 164 1.95 -38.31 -7.17
CA ILE B 164 2.91 -38.38 -8.27
C ILE B 164 2.31 -39.37 -9.24
N PRO B 165 1.84 -38.89 -10.39
CA PRO B 165 1.33 -39.79 -11.40
C PRO B 165 2.46 -40.72 -11.77
N ASP B 166 2.10 -41.89 -12.25
CA ASP B 166 3.11 -42.79 -12.82
C ASP B 166 3.35 -42.28 -14.25
N PHE B 167 4.25 -41.33 -14.38
CA PHE B 167 4.45 -40.62 -15.66
C PHE B 167 4.62 -41.63 -16.78
N GLU B 168 5.53 -42.55 -16.60
CA GLU B 168 5.96 -43.36 -17.75
C GLU B 168 4.77 -44.17 -18.14
N ALA B 169 3.99 -44.60 -17.15
CA ALA B 169 2.88 -45.52 -17.41
C ALA B 169 1.85 -44.69 -18.14
N ILE B 170 1.67 -43.46 -17.72
CA ILE B 170 0.58 -42.63 -18.29
C ILE B 170 1.07 -42.23 -19.68
N ALA B 171 2.34 -41.91 -19.80
CA ALA B 171 2.92 -41.52 -21.10
C ALA B 171 2.67 -42.65 -22.08
N GLU B 172 2.92 -43.87 -21.63
CA GLU B 172 2.71 -45.11 -22.43
C GLU B 172 1.27 -45.12 -22.92
N ILE B 173 0.34 -44.84 -22.04
CA ILE B 173 -1.09 -44.85 -22.42
C ILE B 173 -1.31 -43.74 -23.45
N ALA B 174 -0.85 -42.54 -23.18
CA ALA B 174 -0.99 -41.42 -24.12
C ALA B 174 -0.43 -41.90 -25.47
N HIS B 175 0.77 -42.41 -25.45
CA HIS B 175 1.56 -42.66 -26.67
C HIS B 175 0.91 -43.80 -27.44
N LYS B 176 0.44 -44.83 -26.75
CA LYS B 176 -0.28 -45.97 -27.35
C LYS B 176 -1.48 -45.37 -28.10
N HIS B 177 -2.05 -44.30 -27.62
CA HIS B 177 -3.28 -43.73 -28.24
C HIS B 177 -2.89 -42.65 -29.23
N GLY B 178 -1.59 -42.46 -29.42
CA GLY B 178 -1.06 -41.43 -30.32
C GLY B 178 -1.40 -40.04 -29.84
N ILE B 179 -1.41 -39.82 -28.53
CA ILE B 179 -1.63 -38.47 -28.03
C ILE B 179 -0.49 -38.12 -27.11
N PRO B 180 -0.26 -36.82 -26.96
CA PRO B 180 0.83 -36.37 -26.15
C PRO B 180 0.39 -36.37 -24.70
N PHE B 181 1.43 -36.54 -23.93
CA PHE B 181 1.38 -36.49 -22.49
C PHE B 181 1.92 -35.15 -22.08
N ILE B 182 1.07 -34.42 -21.39
CA ILE B 182 1.34 -33.04 -20.95
C ILE B 182 1.46 -33.09 -19.47
N VAL B 183 2.62 -32.72 -19.01
CA VAL B 183 2.83 -32.68 -17.55
C VAL B 183 2.96 -31.24 -17.18
N ASP B 184 2.16 -30.89 -16.21
CA ASP B 184 2.35 -29.63 -15.48
C ASP B 184 3.34 -29.89 -14.38
N ASN B 185 4.52 -29.32 -14.59
CA ASN B 185 5.67 -29.63 -13.76
C ASN B 185 5.90 -28.48 -12.77
N THR B 186 4.90 -27.64 -12.61
CA THR B 186 4.99 -26.46 -11.76
C THR B 186 5.60 -26.79 -10.41
N PHE B 187 5.15 -27.84 -9.75
CA PHE B 187 5.52 -28.13 -8.36
C PHE B 187 6.95 -28.62 -8.27
N ALA B 188 7.50 -29.13 -9.36
CA ALA B 188 8.77 -29.86 -9.27
C ALA B 188 9.84 -28.93 -9.83
N THR B 189 9.54 -28.37 -10.97
CA THR B 189 10.47 -27.65 -11.83
C THR B 189 11.43 -28.67 -12.37
N PRO B 190 12.16 -28.29 -13.42
CA PRO B 190 13.06 -29.22 -14.07
C PRO B 190 14.16 -29.68 -13.14
N TYR B 191 14.38 -28.97 -12.06
CA TYR B 191 15.42 -29.39 -11.14
C TYR B 191 15.01 -30.69 -10.47
N LEU B 192 13.75 -30.84 -10.13
CA LEU B 192 13.29 -32.03 -9.36
C LEU B 192 12.79 -33.08 -10.32
N PHE B 193 12.38 -32.64 -11.48
CA PHE B 193 11.70 -33.56 -12.39
C PHE B 193 11.69 -32.93 -13.74
N ARG B 194 12.12 -33.76 -14.66
CA ARG B 194 12.11 -33.42 -16.08
C ARG B 194 11.18 -34.35 -16.77
N PRO B 195 9.93 -33.93 -16.88
CA PRO B 195 8.90 -34.86 -17.30
C PRO B 195 9.25 -35.42 -18.68
N ILE B 196 10.00 -34.66 -19.45
CA ILE B 196 10.31 -35.13 -20.82
C ILE B 196 11.16 -36.39 -20.75
N GLU B 197 11.86 -36.58 -19.65
CA GLU B 197 12.71 -37.76 -19.49
C GLU B 197 11.84 -38.93 -19.06
N HIS B 198 10.55 -38.70 -18.84
CA HIS B 198 9.66 -39.71 -18.23
C HIS B 198 8.36 -39.74 -19.02
N GLY B 199 8.43 -39.35 -20.29
CA GLY B 199 7.44 -39.65 -21.32
C GLY B 199 6.58 -38.45 -21.61
N ALA B 200 6.80 -37.33 -20.94
CA ALA B 200 6.00 -36.12 -21.21
C ALA B 200 6.43 -35.65 -22.58
N ASP B 201 5.48 -35.20 -23.36
CA ASP B 201 5.73 -34.59 -24.67
C ASP B 201 5.77 -33.10 -24.52
N ILE B 202 5.01 -32.64 -23.54
CA ILE B 202 4.79 -31.21 -23.33
C ILE B 202 4.82 -31.02 -21.85
N VAL B 203 5.58 -30.03 -21.44
CA VAL B 203 5.63 -29.67 -20.03
C VAL B 203 5.10 -28.28 -19.97
N VAL B 204 4.30 -28.06 -18.99
CA VAL B 204 3.86 -26.69 -18.76
C VAL B 204 4.30 -26.38 -17.37
N TYR B 205 4.44 -25.12 -17.16
CA TYR B 205 4.67 -24.62 -15.81
C TYR B 205 3.87 -23.39 -15.61
N SER B 206 3.46 -23.26 -14.37
CA SER B 206 3.30 -21.94 -13.78
C SER B 206 4.69 -21.54 -13.34
N MET B 207 5.32 -20.68 -14.10
CA MET B 207 6.63 -20.13 -13.68
C MET B 207 6.38 -19.19 -12.52
N THR B 208 5.13 -18.81 -12.31
CA THR B 208 4.73 -18.03 -11.16
C THR B 208 5.32 -18.62 -9.90
N1 LLP B 209 -0.68 -25.38 -12.33
C2 LLP B 209 -0.27 -25.50 -11.08
C2' LLP B 209 0.16 -26.85 -10.62
C3 LLP B 209 -0.22 -24.39 -10.24
O3 LLP B 209 0.28 -24.53 -9.01
C4 LLP B 209 -0.52 -23.14 -10.76
C4' LLP B 209 -0.19 -21.95 -10.02
C5 LLP B 209 -1.08 -23.07 -12.03
C6 LLP B 209 -1.17 -24.22 -12.76
C5' LLP B 209 -1.58 -21.81 -12.62
OP4 LLP B 209 -0.46 -20.92 -12.88
P LLP B 209 -0.70 -19.38 -12.78
OP1 LLP B 209 -1.72 -19.07 -13.81
OP2 LLP B 209 0.68 -18.92 -13.14
OP3 LLP B 209 -1.12 -19.05 -11.40
N LLP B 209 5.38 -19.94 -9.87
CA LLP B 209 5.63 -20.67 -8.66
CB LLP B 209 4.84 -21.99 -8.70
CG LLP B 209 3.39 -21.85 -9.12
CD LLP B 209 2.64 -20.92 -8.25
CE LLP B 209 1.20 -20.73 -8.63
NZ LLP B 209 0.53 -21.97 -8.98
C LLP B 209 7.12 -20.84 -8.53
O LLP B 209 7.86 -19.88 -8.56
N PHE B 210 7.57 -22.07 -8.41
CA PHE B 210 8.95 -22.26 -8.07
C PHE B 210 9.87 -21.69 -9.11
N LEU B 211 9.53 -21.80 -10.38
CA LEU B 211 10.54 -21.37 -11.38
C LEU B 211 10.90 -19.92 -11.12
N GLY B 212 9.90 -19.07 -11.06
CA GLY B 212 10.11 -17.67 -10.73
C GLY B 212 10.63 -17.57 -9.34
N GLY B 213 9.97 -18.26 -8.42
CA GLY B 213 10.56 -18.57 -7.13
C GLY B 213 10.50 -17.44 -6.14
N HIS B 214 10.01 -16.25 -6.53
CA HIS B 214 10.00 -15.12 -5.61
C HIS B 214 8.65 -14.48 -5.47
N GLY B 215 7.62 -15.09 -5.99
CA GLY B 215 6.28 -14.58 -5.76
C GLY B 215 6.07 -13.24 -6.42
N THR B 216 6.83 -12.94 -7.46
CA THR B 216 6.76 -11.58 -8.04
C THR B 216 5.93 -11.59 -9.29
N SER B 217 5.91 -12.66 -10.03
CA SER B 217 5.56 -12.58 -11.45
C SER B 217 4.73 -13.79 -11.77
N ILE B 218 3.58 -13.47 -12.26
CA ILE B 218 2.77 -14.52 -12.87
C ILE B 218 3.40 -14.79 -14.21
N ALA B 219 3.47 -16.03 -14.57
CA ALA B 219 4.09 -16.44 -15.82
C ALA B 219 3.83 -17.90 -15.99
N GLY B 220 3.67 -18.25 -17.23
CA GLY B 220 3.55 -19.65 -17.56
C GLY B 220 4.53 -19.95 -18.64
N ILE B 221 4.64 -21.23 -18.89
CA ILE B 221 5.45 -21.61 -20.01
C ILE B 221 4.98 -22.96 -20.45
N VAL B 222 5.10 -23.16 -21.72
CA VAL B 222 4.82 -24.43 -22.36
C VAL B 222 6.13 -24.84 -22.95
N VAL B 223 6.54 -26.03 -22.63
CA VAL B 223 7.77 -26.62 -23.16
C VAL B 223 7.39 -27.79 -24.02
N ASP B 224 7.89 -27.75 -25.23
CA ASP B 224 7.66 -28.83 -26.19
C ASP B 224 8.93 -29.68 -26.12
N SER B 225 8.75 -30.96 -25.84
CA SER B 225 9.83 -31.97 -25.95
C SER B 225 10.35 -32.01 -27.38
N GLY B 226 9.48 -31.75 -28.35
CA GLY B 226 9.77 -32.00 -29.76
C GLY B 226 9.75 -33.48 -30.03
N LYS B 227 9.34 -34.32 -29.07
CA LYS B 227 9.46 -35.78 -29.21
C LYS B 227 8.22 -36.33 -29.89
N PHE B 228 7.12 -35.62 -29.77
CA PHE B 228 5.84 -36.22 -30.12
C PHE B 228 5.66 -36.15 -31.62
N GLU B 229 5.36 -37.28 -32.20
CA GLU B 229 5.13 -37.32 -33.65
C GLU B 229 3.68 -36.95 -33.90
N TRP B 230 3.45 -35.71 -34.32
CA TRP B 230 2.09 -35.20 -34.55
C TRP B 230 1.48 -36.02 -35.66
N ASN B 231 0.25 -36.46 -35.46
CA ASN B 231 -0.35 -37.51 -36.29
C ASN B 231 -1.73 -36.96 -36.62
N GLU B 232 -2.59 -37.82 -37.11
CA GLU B 232 -3.87 -37.43 -37.75
C GLU B 232 -4.79 -36.89 -36.64
N LYS B 233 -4.48 -37.18 -35.39
CA LYS B 233 -5.24 -36.61 -34.25
C LYS B 233 -4.90 -35.15 -34.05
N PHE B 234 -3.88 -34.65 -34.74
CA PHE B 234 -3.46 -33.26 -34.62
C PHE B 234 -3.32 -32.68 -36.00
N PRO B 235 -4.43 -32.60 -36.73
CA PRO B 235 -4.41 -32.17 -38.12
C PRO B 235 -3.78 -30.79 -38.22
N ASP B 236 -3.97 -29.95 -37.22
CA ASP B 236 -3.53 -28.55 -37.30
C ASP B 236 -2.02 -28.48 -37.22
N LEU B 237 -1.36 -29.56 -36.80
CA LEU B 237 0.11 -29.57 -36.76
C LEU B 237 0.66 -30.11 -38.05
N ILE B 238 -0.17 -30.80 -38.83
CA ILE B 238 0.42 -31.58 -39.93
C ILE B 238 -0.31 -31.24 -41.20
N GLN B 239 -1.29 -30.36 -41.12
CA GLN B 239 -2.05 -29.92 -42.30
C GLN B 239 -1.82 -28.43 -42.47
N PRO B 240 -1.99 -27.92 -43.70
CA PRO B 240 -1.82 -26.51 -43.99
C PRO B 240 -2.69 -25.70 -43.05
N ASP B 241 -2.01 -24.75 -42.43
CA ASP B 241 -2.64 -23.75 -41.57
C ASP B 241 -3.07 -22.61 -42.45
N PRO B 242 -4.38 -22.48 -42.70
CA PRO B 242 -4.88 -21.40 -43.55
C PRO B 242 -4.57 -20.00 -42.96
N SER B 243 -4.21 -19.90 -41.67
CA SER B 243 -3.86 -18.59 -41.05
C SER B 243 -2.43 -18.25 -41.43
N TYR B 244 -1.68 -19.22 -41.95
CA TYR B 244 -0.29 -19.00 -42.39
C TYR B 244 -0.11 -19.52 -43.80
N HIS B 245 -1.13 -19.31 -44.62
CA HIS B 245 -1.04 -19.54 -46.07
C HIS B 245 -0.54 -20.96 -46.26
N GLY B 246 -1.12 -21.88 -45.52
CA GLY B 246 -0.90 -23.31 -45.76
C GLY B 246 0.38 -23.81 -45.13
N LEU B 247 0.98 -23.01 -44.25
CA LEU B 247 2.13 -23.48 -43.45
C LEU B 247 1.74 -24.81 -42.81
N ILE B 248 2.65 -25.75 -42.81
CA ILE B 248 2.48 -27.00 -42.06
C ILE B 248 3.54 -26.98 -40.99
N TYR B 249 3.11 -27.01 -39.75
CA TYR B 249 4.02 -26.87 -38.61
C TYR B 249 5.07 -27.94 -38.63
N THR B 250 4.71 -29.20 -38.79
CA THR B 250 5.72 -30.27 -38.71
C THR B 250 6.68 -30.13 -39.87
N LYS B 251 6.21 -29.62 -40.99
CA LYS B 251 7.06 -29.49 -42.18
C LYS B 251 8.00 -28.32 -41.91
N GLU B 252 7.48 -27.18 -41.48
CA GLU B 252 8.28 -25.95 -41.33
C GLU B 252 9.16 -26.05 -40.09
N PHE B 253 8.67 -26.65 -39.02
CA PHE B 253 9.35 -26.50 -37.71
C PHE B 253 9.85 -27.84 -37.23
N GLY B 254 9.52 -28.89 -37.96
CA GLY B 254 9.96 -30.25 -37.65
C GLY B 254 9.51 -30.59 -36.25
N ASN B 255 10.47 -30.86 -35.37
CA ASN B 255 10.17 -31.39 -34.04
C ASN B 255 9.59 -30.28 -33.18
N ALA B 256 9.70 -29.02 -33.59
CA ALA B 256 9.23 -27.86 -32.83
C ALA B 256 7.84 -27.46 -33.31
N ALA B 257 7.19 -28.31 -34.08
CA ALA B 257 5.91 -28.01 -34.73
C ALA B 257 4.94 -27.49 -33.69
N TYR B 258 4.85 -28.22 -32.61
CA TYR B 258 3.83 -27.93 -31.58
C TYR B 258 4.12 -26.55 -30.99
N ILE B 259 5.34 -26.36 -30.57
CA ILE B 259 5.70 -25.09 -29.88
C ILE B 259 5.72 -23.94 -30.88
N ALA B 260 6.07 -24.22 -32.11
CA ALA B 260 6.02 -23.19 -33.14
C ALA B 260 4.56 -22.81 -33.32
N LYS B 261 3.70 -23.81 -33.45
CA LYS B 261 2.30 -23.50 -33.71
C LYS B 261 1.78 -22.72 -32.52
N LEU B 262 2.14 -23.15 -31.34
CA LEU B 262 1.57 -22.56 -30.12
C LEU B 262 1.89 -21.08 -30.14
N ARG B 263 3.11 -20.72 -30.49
CA ARG B 263 3.48 -19.31 -30.58
C ARG B 263 2.70 -18.64 -31.70
N LEU B 264 2.66 -19.27 -32.86
CA LEU B 264 2.20 -18.60 -34.07
C LEU B 264 0.69 -18.51 -34.11
N THR B 265 0.01 -19.36 -33.37
CA THR B 265 -1.46 -19.38 -33.42
C THR B 265 -1.92 -18.83 -32.09
N LEU B 266 -1.70 -19.55 -31.01
CA LEU B 266 -2.39 -19.26 -29.76
C LEU B 266 -1.75 -18.05 -29.11
N LEU B 267 -0.44 -18.00 -29.07
CA LEU B 267 0.16 -16.84 -28.42
C LEU B 267 -0.15 -15.62 -29.27
N ARG B 268 -0.03 -15.75 -30.56
CA ARG B 268 -0.27 -14.59 -31.40
C ARG B 268 -1.73 -14.18 -31.35
N ASP B 269 -2.64 -15.14 -31.43
CA ASP B 269 -4.07 -14.82 -31.60
C ASP B 269 -4.71 -14.48 -30.25
N ILE B 270 -4.49 -15.29 -29.25
CA ILE B 270 -5.09 -15.02 -27.95
C ILE B 270 -4.21 -14.07 -27.16
N GLY B 271 -2.90 -14.17 -27.31
CA GLY B 271 -2.04 -13.11 -26.77
C GLY B 271 -1.94 -13.16 -25.27
N ALA B 272 -1.83 -14.35 -24.73
CA ALA B 272 -1.57 -14.54 -23.31
C ALA B 272 -0.06 -14.49 -23.18
N CYS B 273 0.50 -13.35 -23.55
CA CYS B 273 1.95 -13.22 -23.60
C CYS B 273 2.46 -12.69 -22.26
N LEU B 274 3.67 -13.07 -22.02
CA LEU B 274 4.37 -12.73 -20.79
C LEU B 274 5.03 -11.38 -21.01
N SER B 275 4.98 -10.57 -20.00
CA SER B 275 5.69 -9.29 -19.99
C SER B 275 7.16 -9.67 -20.02
N PRO B 276 7.97 -8.97 -20.81
CA PRO B 276 9.41 -9.08 -20.75
C PRO B 276 9.90 -8.88 -19.33
N PHE B 277 9.30 -7.94 -18.65
CA PHE B 277 9.70 -7.66 -17.28
C PHE B 277 9.51 -8.92 -16.45
N ASN B 278 8.37 -9.57 -16.60
CA ASN B 278 8.08 -10.80 -15.85
C ASN B 278 9.10 -11.84 -16.24
N SER B 279 9.44 -11.91 -17.51
CA SER B 279 10.39 -12.89 -18.00
C SER B 279 11.68 -12.64 -17.26
N PHE B 280 12.04 -11.39 -17.23
CA PHE B 280 13.27 -10.95 -16.57
C PHE B 280 13.25 -11.42 -15.12
N LEU B 281 12.19 -11.14 -14.41
CA LEU B 281 12.11 -11.52 -12.99
C LEU B 281 12.11 -13.02 -12.88
N VAL B 282 11.41 -13.72 -13.75
CA VAL B 282 11.38 -15.17 -13.64
C VAL B 282 12.78 -15.68 -13.89
N LEU B 283 13.45 -15.10 -14.86
CA LEU B 283 14.86 -15.49 -15.14
C LEU B 283 15.71 -15.33 -13.90
N LEU B 284 15.53 -14.27 -13.18
CA LEU B 284 16.32 -14.08 -11.96
C LEU B 284 16.00 -15.19 -10.98
N GLY B 285 14.78 -15.69 -10.97
CA GLY B 285 14.44 -16.85 -10.14
C GLY B 285 15.13 -18.06 -10.68
N VAL B 286 15.01 -18.27 -11.98
CA VAL B 286 15.56 -19.48 -12.61
C VAL B 286 17.05 -19.55 -12.34
N GLU B 287 17.71 -18.40 -12.36
CA GLU B 287 19.14 -18.39 -12.12
C GLU B 287 19.47 -19.14 -10.85
N THR B 288 18.60 -19.17 -9.87
CA THR B 288 18.95 -19.86 -8.62
C THR B 288 18.09 -21.10 -8.48
N LEU B 289 17.48 -21.55 -9.55
CA LEU B 289 16.41 -22.55 -9.44
C LEU B 289 16.90 -23.73 -8.59
N SER B 290 18.01 -24.32 -8.96
CA SER B 290 18.45 -25.59 -8.34
C SER B 290 18.71 -25.31 -6.86
N LEU B 291 19.33 -24.16 -6.59
CA LEU B 291 19.71 -23.79 -5.24
C LEU B 291 18.40 -23.67 -4.47
N ARG B 292 17.46 -22.92 -5.01
CA ARG B 292 16.21 -22.73 -4.26
C ARG B 292 15.55 -24.08 -4.07
N MET B 293 15.41 -24.81 -5.15
CA MET B 293 14.61 -26.02 -5.10
C MET B 293 15.27 -26.99 -4.14
N GLN B 294 16.59 -27.07 -4.16
CA GLN B 294 17.28 -27.97 -3.22
C GLN B 294 16.93 -27.57 -1.80
N LYS B 295 16.94 -26.28 -1.52
CA LYS B 295 16.66 -25.85 -0.16
C LYS B 295 15.17 -26.08 0.11
N HIS B 296 14.33 -25.78 -0.88
CA HIS B 296 12.88 -26.00 -0.70
C HIS B 296 12.69 -27.45 -0.27
N VAL B 297 13.27 -28.38 -1.02
CA VAL B 297 13.03 -29.82 -0.78
C VAL B 297 13.63 -30.18 0.55
N ASP B 298 14.83 -29.70 0.85
CA ASP B 298 15.48 -30.01 2.13
C ASP B 298 14.56 -29.56 3.23
N ASN B 299 14.08 -28.34 3.10
CA ASN B 299 13.19 -27.78 4.12
C ASN B 299 11.93 -28.61 4.17
N ALA B 300 11.36 -28.87 3.02
CA ALA B 300 10.04 -29.49 2.99
C ALA B 300 10.17 -30.84 3.71
N MET B 301 11.22 -31.58 3.45
CA MET B 301 11.40 -32.91 4.04
C MET B 301 11.44 -32.70 5.54
N LYS B 302 12.22 -31.74 6.00
CA LYS B 302 12.34 -31.57 7.45
C LYS B 302 11.00 -31.18 8.01
N LEU B 303 10.32 -30.27 7.35
CA LEU B 303 9.08 -29.78 7.94
C LEU B 303 8.05 -30.92 7.93
N ALA B 304 8.00 -31.67 6.84
CA ALA B 304 7.07 -32.80 6.73
C ALA B 304 7.38 -33.78 7.84
N LYS B 305 8.65 -34.13 8.02
CA LYS B 305 9.07 -35.06 9.06
C LYS B 305 8.63 -34.45 10.39
N PHE B 306 8.87 -33.19 10.60
CA PHE B 306 8.47 -32.57 11.86
C PHE B 306 6.96 -32.79 12.07
N LEU B 307 6.18 -32.43 11.06
CA LEU B 307 4.72 -32.43 11.23
C LEU B 307 4.27 -33.87 11.34
N ASN B 308 5.01 -34.73 10.66
CA ASN B 308 4.65 -36.14 10.57
C ASN B 308 4.78 -36.80 11.93
N ASP B 309 5.55 -36.20 12.84
CA ASP B 309 5.84 -36.75 14.19
C ASP B 309 5.05 -35.95 15.23
N HIS B 310 4.30 -34.96 14.80
CA HIS B 310 3.76 -33.95 15.73
C HIS B 310 2.45 -34.44 16.30
N PRO B 311 2.25 -34.35 17.62
CA PRO B 311 1.03 -34.83 18.25
C PRO B 311 -0.22 -34.03 17.87
N LYS B 312 -0.06 -32.84 17.33
CA LYS B 312 -1.20 -32.01 16.91
C LYS B 312 -1.51 -32.30 15.45
N VAL B 313 -0.74 -33.15 14.82
CA VAL B 313 -0.95 -33.36 13.37
C VAL B 313 -1.55 -34.74 13.15
N GLU B 314 -2.67 -34.76 12.44
CA GLU B 314 -3.32 -36.04 12.20
C GLU B 314 -2.53 -36.73 11.11
N TRP B 315 -2.31 -36.01 10.04
CA TRP B 315 -1.64 -36.63 8.89
C TRP B 315 -0.80 -35.60 8.19
N VAL B 316 0.15 -36.13 7.49
CA VAL B 316 1.02 -35.34 6.62
C VAL B 316 1.05 -36.11 5.32
N ASN B 317 0.84 -35.35 4.29
CA ASN B 317 0.85 -35.93 2.96
C ASN B 317 2.03 -35.33 2.24
N TYR B 318 3.08 -36.13 2.11
CA TYR B 318 4.25 -35.73 1.32
C TYR B 318 4.87 -37.01 0.84
N PRO B 319 5.14 -37.14 -0.45
CA PRO B 319 5.54 -38.43 -0.97
C PRO B 319 6.79 -38.98 -0.32
N ALA B 320 7.66 -38.10 0.17
CA ALA B 320 8.94 -38.54 0.75
C ALA B 320 8.77 -39.04 2.17
N LEU B 321 7.59 -38.94 2.78
CA LEU B 321 7.38 -39.51 4.10
C LEU B 321 7.17 -41.00 3.92
N GLU B 322 7.89 -41.76 4.72
CA GLU B 322 7.67 -43.21 4.84
C GLU B 322 6.17 -43.45 4.86
N GLY B 323 5.73 -44.39 4.07
CA GLY B 323 4.36 -44.88 4.12
C GLY B 323 3.53 -44.08 3.17
N ASN B 324 4.10 -42.99 2.63
CA ASN B 324 3.26 -42.16 1.76
C ASN B 324 2.92 -43.01 0.54
N LYS B 325 1.69 -42.95 0.12
CA LYS B 325 1.19 -43.71 -1.03
C LYS B 325 2.13 -43.54 -2.24
N TYR B 326 2.74 -42.36 -2.36
CA TYR B 326 3.50 -41.98 -3.58
C TYR B 326 4.99 -42.07 -3.29
N TYR B 327 5.33 -42.78 -2.24
CA TYR B 327 6.73 -42.86 -1.81
C TYR B 327 7.55 -43.47 -2.92
N GLU B 328 7.11 -44.59 -3.43
CA GLU B 328 7.93 -45.32 -4.44
C GLU B 328 7.96 -44.44 -5.68
N LEU B 329 6.88 -43.74 -6.00
CA LEU B 329 6.87 -42.89 -7.21
C LEU B 329 7.77 -41.70 -7.01
N TYR B 330 7.85 -41.23 -5.79
CA TYR B 330 8.77 -40.15 -5.43
C TYR B 330 10.19 -40.65 -5.62
N LYS B 331 10.48 -41.84 -5.12
CA LYS B 331 11.83 -42.40 -5.26
C LYS B 331 12.13 -42.55 -6.75
N LYS B 332 11.15 -42.96 -7.51
CA LYS B 332 11.38 -43.31 -8.91
C LYS B 332 11.53 -42.00 -9.66
N TYR B 333 10.59 -41.08 -9.47
CA TYR B 333 10.45 -39.94 -10.37
C TYR B 333 11.09 -38.68 -9.81
N LEU B 334 10.99 -38.50 -8.52
CA LEU B 334 11.49 -37.24 -7.94
C LEU B 334 12.44 -37.58 -6.84
N PRO B 335 13.53 -38.26 -7.17
CA PRO B 335 14.45 -38.72 -6.15
C PRO B 335 15.06 -37.55 -5.36
N LYS B 336 15.13 -36.36 -5.94
CA LYS B 336 15.74 -35.20 -5.25
C LYS B 336 14.74 -34.64 -4.25
N GLY B 337 13.50 -35.11 -4.32
CA GLY B 337 12.51 -34.65 -3.37
C GLY B 337 11.25 -34.32 -4.15
N PRO B 338 10.11 -34.73 -3.63
CA PRO B 338 8.86 -34.61 -4.36
C PRO B 338 8.33 -33.21 -4.13
N GLY B 339 9.10 -32.24 -4.56
CA GLY B 339 8.73 -30.84 -4.42
C GLY B 339 8.81 -30.42 -2.98
N ALA B 340 8.27 -29.27 -2.69
CA ALA B 340 8.42 -28.62 -1.40
C ALA B 340 7.06 -28.17 -0.96
N ILE B 341 6.06 -28.78 -1.54
CA ILE B 341 4.66 -28.49 -1.20
C ILE B 341 4.07 -29.76 -0.65
N PHE B 342 3.49 -29.64 0.50
CA PHE B 342 2.83 -30.82 1.02
C PHE B 342 1.70 -30.32 1.87
N THR B 343 0.97 -31.27 2.32
CA THR B 343 -0.23 -30.94 3.07
C THR B 343 -0.14 -31.68 4.37
N PHE B 344 -0.92 -31.19 5.28
CA PHE B 344 -1.07 -31.92 6.52
C PHE B 344 -2.43 -31.54 7.02
N GLY B 345 -2.95 -32.41 7.85
CA GLY B 345 -4.24 -32.23 8.47
C GLY B 345 -3.99 -32.23 9.95
N PRO B 346 -4.26 -31.11 10.61
CA PRO B 346 -4.11 -31.06 12.04
C PRO B 346 -5.20 -31.93 12.62
N LYS B 347 -4.88 -32.47 13.76
CA LYS B 347 -5.98 -32.98 14.63
C LYS B 347 -6.83 -31.77 14.96
N GLY B 348 -8.13 -31.98 15.01
CA GLY B 348 -9.11 -30.94 15.28
C GLY B 348 -9.62 -30.41 13.96
N GLY B 349 -9.18 -31.00 12.85
CA GLY B 349 -9.91 -30.85 11.59
C GLY B 349 -9.78 -29.43 11.05
N TYR B 350 -10.80 -29.03 10.32
CA TYR B 350 -10.90 -27.71 9.64
C TYR B 350 -10.69 -26.61 10.67
N ASP B 351 -11.29 -26.72 11.84
CA ASP B 351 -11.22 -25.63 12.84
C ASP B 351 -9.76 -25.44 13.26
N ALA B 352 -9.07 -26.54 13.48
CA ALA B 352 -7.65 -26.57 13.83
C ALA B 352 -6.87 -25.97 12.65
N ALA B 353 -7.23 -26.33 11.43
CA ALA B 353 -6.50 -25.88 10.25
C ALA B 353 -6.60 -24.38 10.22
N LYS B 354 -7.80 -23.87 10.48
CA LYS B 354 -8.01 -22.43 10.44
C LYS B 354 -7.19 -21.78 11.53
N LYS B 355 -7.13 -22.41 12.69
CA LYS B 355 -6.41 -21.84 13.83
C LYS B 355 -4.95 -21.80 13.45
N ILE B 356 -4.50 -22.86 12.83
CA ILE B 356 -3.07 -22.95 12.48
C ILE B 356 -2.76 -21.86 11.47
N ILE B 357 -3.53 -21.80 10.41
CA ILE B 357 -3.24 -20.81 9.34
C ILE B 357 -3.30 -19.44 9.98
N ASN B 358 -4.21 -19.24 10.90
CA ASN B 358 -4.44 -17.91 11.48
C ASN B 358 -3.29 -17.56 12.41
N ASN B 359 -2.49 -18.53 12.82
CA ASN B 359 -1.54 -18.28 13.91
C ASN B 359 -0.12 -18.43 13.45
N VAL B 360 0.11 -18.86 12.24
CA VAL B 360 1.49 -18.83 11.74
C VAL B 360 1.87 -17.38 11.56
N LYS B 361 3.12 -17.09 11.82
CA LYS B 361 3.63 -15.72 11.69
C LYS B 361 4.63 -15.65 10.54
N LEU B 362 5.30 -16.73 10.24
CA LEU B 362 6.38 -16.69 9.28
C LEU B 362 5.84 -17.20 7.96
N PHE B 363 5.20 -18.36 8.00
CA PHE B 363 4.42 -18.84 6.86
C PHE B 363 3.48 -17.73 6.46
N SER B 364 3.44 -17.52 5.17
CA SER B 364 2.59 -16.48 4.58
C SER B 364 1.31 -17.16 4.19
N HIS B 365 0.22 -16.58 4.63
CA HIS B 365 -1.10 -17.05 4.28
C HIS B 365 -1.49 -16.32 3.00
N LEU B 366 -1.34 -17.04 1.91
CA LEU B 366 -1.58 -16.45 0.60
C LEU B 366 -1.69 -17.58 -0.39
N ALA B 367 -2.17 -17.19 -1.54
CA ALA B 367 -2.48 -18.13 -2.62
C ALA B 367 -1.28 -18.06 -3.54
N ASN B 368 -0.44 -19.01 -3.34
CA ASN B 368 0.71 -19.18 -4.22
C ASN B 368 1.31 -20.45 -3.69
N VAL B 369 2.21 -21.03 -4.46
CA VAL B 369 3.21 -21.96 -3.94
C VAL B 369 4.48 -21.58 -4.64
N GLY B 370 5.57 -22.10 -4.14
CA GLY B 370 6.84 -22.05 -4.85
C GLY B 370 7.42 -20.67 -4.74
N ASP B 371 6.98 -19.90 -3.76
CA ASP B 371 7.73 -18.70 -3.37
C ASP B 371 8.93 -19.23 -2.62
N ALA B 372 9.97 -18.43 -2.54
CA ALA B 372 11.07 -18.67 -1.60
C ALA B 372 10.49 -18.59 -0.20
N LYS B 373 9.50 -17.75 -0.01
CA LYS B 373 8.83 -17.68 1.30
C LYS B 373 7.89 -18.85 1.50
N SER B 374 7.82 -19.29 2.71
CA SER B 374 6.94 -20.40 3.09
C SER B 374 5.52 -19.88 3.11
N LEU B 375 4.66 -20.70 2.54
CA LEU B 375 3.29 -20.31 2.31
C LEU B 375 2.38 -21.36 2.91
N ILE B 376 1.20 -20.88 3.19
CA ILE B 376 0.25 -21.74 3.84
C ILE B 376 -1.08 -21.32 3.30
N ILE B 377 -1.91 -22.29 3.14
CA ILE B 377 -3.31 -21.99 2.81
C ILE B 377 -4.12 -23.22 3.12
N HIS B 378 -5.41 -23.03 3.08
CA HIS B 378 -6.40 -24.09 3.22
C HIS B 378 -7.03 -24.28 1.87
N PRO B 379 -6.58 -25.26 1.10
CA PRO B 379 -7.00 -25.39 -0.29
C PRO B 379 -8.52 -25.40 -0.43
N ALA B 380 -9.23 -26.10 0.45
CA ALA B 380 -10.67 -26.38 0.24
C ALA B 380 -11.39 -25.05 0.15
N SER B 381 -10.92 -24.01 0.84
CA SER B 381 -11.68 -22.76 0.92
C SER B 381 -11.02 -21.74 -0.01
N THR B 382 -9.95 -22.11 -0.65
CA THR B 382 -9.16 -21.12 -1.42
C THR B 382 -8.84 -21.66 -2.78
N THR B 383 -7.77 -22.41 -2.89
CA THR B 383 -7.18 -22.75 -4.18
C THR B 383 -8.14 -23.62 -4.94
N HIS B 384 -8.93 -24.39 -4.22
CA HIS B 384 -9.76 -25.43 -4.80
C HIS B 384 -11.19 -25.12 -4.47
N GLN B 385 -11.44 -23.89 -4.05
CA GLN B 385 -12.78 -23.49 -3.58
C GLN B 385 -13.79 -23.61 -4.73
N GLN B 386 -13.37 -23.39 -5.96
CA GLN B 386 -14.34 -23.38 -7.06
C GLN B 386 -14.82 -24.80 -7.32
N LEU B 387 -14.06 -25.78 -6.88
CA LEU B 387 -14.40 -27.16 -7.16
C LEU B 387 -15.58 -27.56 -6.29
N THR B 388 -16.36 -28.48 -6.78
CA THR B 388 -17.41 -29.15 -5.99
C THR B 388 -16.70 -29.96 -4.95
N GLU B 389 -17.44 -30.36 -3.94
CA GLU B 389 -16.88 -31.23 -2.89
C GLU B 389 -16.25 -32.41 -3.60
N GLU B 390 -16.93 -32.98 -4.57
CA GLU B 390 -16.48 -34.22 -5.22
C GLU B 390 -15.17 -33.91 -5.92
N GLU B 391 -15.13 -32.80 -6.61
CA GLU B 391 -13.93 -32.46 -7.40
C GLU B 391 -12.80 -32.19 -6.42
N GLN B 392 -13.11 -31.54 -5.32
CA GLN B 392 -12.10 -31.26 -4.31
C GLN B 392 -11.58 -32.60 -3.80
N ARG B 393 -12.51 -33.48 -3.47
CA ARG B 393 -12.11 -34.76 -2.88
CA ARG B 393 -12.21 -34.82 -2.92
C ARG B 393 -11.27 -35.52 -3.92
N ALA B 394 -11.67 -35.52 -5.19
CA ALA B 394 -10.92 -36.21 -6.25
C ALA B 394 -9.58 -35.52 -6.43
N ALA B 395 -9.46 -34.24 -6.08
CA ALA B 395 -8.23 -33.47 -6.28
C ALA B 395 -7.34 -33.72 -5.06
N GLY B 396 -7.87 -34.42 -4.06
CA GLY B 396 -7.10 -34.75 -2.86
C GLY B 396 -7.25 -33.69 -1.82
N VAL B 397 -8.17 -32.77 -2.04
CA VAL B 397 -8.44 -31.66 -1.11
C VAL B 397 -9.27 -32.24 0.03
N LEU B 398 -8.91 -31.91 1.25
CA LEU B 398 -9.61 -32.37 2.46
C LEU B 398 -9.95 -31.14 3.26
N PRO B 399 -11.06 -31.21 4.01
CA PRO B 399 -11.53 -30.06 4.75
C PRO B 399 -10.45 -29.60 5.71
N GLU B 400 -9.69 -30.53 6.27
CA GLU B 400 -8.74 -30.15 7.36
C GLU B 400 -7.38 -29.83 6.75
N MET B 401 -7.28 -29.95 5.45
CA MET B 401 -5.99 -29.94 4.78
C MET B 401 -5.46 -28.53 4.80
N ILE B 402 -4.24 -28.47 5.26
CA ILE B 402 -3.38 -27.29 5.12
C ILE B 402 -2.35 -27.64 4.11
N ARG B 403 -2.18 -26.72 3.20
CA ARG B 403 -1.12 -26.90 2.22
C ARG B 403 -0.02 -25.95 2.65
N LEU B 404 1.15 -26.51 2.65
CA LEU B 404 2.38 -25.78 2.91
C LEU B 404 3.20 -25.81 1.65
N SER B 405 3.64 -24.63 1.29
CA SER B 405 4.66 -24.46 0.27
C SER B 405 5.88 -24.03 1.04
N VAL B 406 6.78 -24.97 1.19
CA VAL B 406 7.87 -24.78 2.13
C VAL B 406 8.93 -23.99 1.42
N GLY B 407 9.21 -22.86 2.02
CA GLY B 407 10.13 -21.91 1.46
C GLY B 407 11.53 -22.28 1.91
N ILE B 408 12.40 -21.35 1.69
CA ILE B 408 13.84 -21.60 1.88
C ILE B 408 14.29 -20.85 3.12
N GLU B 409 13.37 -20.45 3.94
CA GLU B 409 13.69 -19.88 5.25
C GLU B 409 14.46 -20.93 6.06
N ASP B 410 15.00 -20.51 7.18
CA ASP B 410 15.63 -21.46 8.11
C ASP B 410 14.54 -22.41 8.53
N ILE B 411 14.81 -23.68 8.39
CA ILE B 411 13.85 -24.72 8.74
C ILE B 411 13.51 -24.54 10.22
N GLU B 412 14.44 -24.14 11.06
CA GLU B 412 14.14 -24.03 12.50
C GLU B 412 12.99 -23.04 12.62
N ASP B 413 13.02 -21.99 11.82
CA ASP B 413 12.03 -20.91 11.98
C ASP B 413 10.70 -21.41 11.47
N LEU B 414 10.73 -22.18 10.40
CA LEU B 414 9.50 -22.71 9.82
C LEU B 414 8.90 -23.68 10.82
N ILE B 415 9.75 -24.49 11.40
CA ILE B 415 9.28 -25.50 12.37
C ILE B 415 8.71 -24.74 13.56
N TYR B 416 9.44 -23.74 14.00
CA TYR B 416 8.99 -22.99 15.16
C TYR B 416 7.63 -22.42 14.85
N ASP B 417 7.53 -21.86 13.66
CA ASP B 417 6.35 -21.08 13.31
C ASP B 417 5.18 -22.06 13.33
N ILE B 418 5.36 -23.17 12.65
CA ILE B 418 4.22 -24.10 12.51
C ILE B 418 3.95 -24.71 13.89
N GLU B 419 5.00 -25.00 14.64
CA GLU B 419 4.84 -25.64 15.95
C GLU B 419 4.08 -24.66 16.85
N SER B 420 4.40 -23.38 16.76
CA SER B 420 3.76 -22.34 17.57
C SER B 420 2.29 -22.36 17.21
N ALA B 421 1.98 -22.45 15.91
CA ALA B 421 0.59 -22.38 15.47
C ALA B 421 -0.10 -23.66 15.92
N LEU B 422 0.57 -24.78 15.79
CA LEU B 422 -0.05 -26.08 16.14
C LEU B 422 -0.38 -26.04 17.62
N ASN B 423 0.50 -25.45 18.42
CA ASN B 423 0.32 -25.52 19.87
C ASN B 423 -0.73 -24.50 20.31
N LYS B 424 -1.30 -23.72 19.40
CA LYS B 424 -2.49 -22.88 19.68
C LYS B 424 -3.76 -23.70 19.46
N VAL B 425 -3.65 -24.84 18.79
CA VAL B 425 -4.83 -25.69 18.52
C VAL B 425 -5.21 -26.43 19.81
N LEU B 426 -6.45 -26.30 20.27
CA LEU B 426 -7.01 -27.05 21.42
C LEU B 426 -7.08 -28.55 21.07
N GLU B 427 -6.61 -29.42 21.95
CA GLU B 427 -7.15 -30.81 22.07
C GLU B 427 -8.56 -30.69 22.67
N GLU C 3 -34.07 -76.17 13.17
CA GLU C 3 -35.42 -76.21 12.55
C GLU C 3 -35.26 -76.37 11.03
N ARG C 4 -36.02 -77.28 10.42
CA ARG C 4 -36.04 -77.51 8.95
C ARG C 4 -36.54 -76.24 8.22
N LYS C 5 -35.74 -75.77 7.27
CA LYS C 5 -36.11 -74.62 6.41
C LYS C 5 -36.65 -75.19 5.11
N TYR C 6 -37.65 -74.54 4.57
CA TYR C 6 -38.04 -74.72 3.16
C TYR C 6 -36.90 -74.23 2.26
N GLY C 7 -36.75 -74.93 1.15
CA GLY C 7 -35.90 -74.47 0.07
C GLY C 7 -36.43 -73.20 -0.56
N PHE C 8 -35.53 -72.57 -1.26
CA PHE C 8 -35.77 -71.30 -1.93
C PHE C 8 -37.04 -71.41 -2.77
N ASP C 9 -37.16 -72.49 -3.53
CA ASP C 9 -38.28 -72.59 -4.49
C ASP C 9 -39.56 -72.65 -3.69
N THR C 10 -39.51 -73.28 -2.54
CA THR C 10 -40.72 -73.38 -1.73
C THR C 10 -41.02 -71.99 -1.21
N LEU C 11 -39.98 -71.32 -0.74
CA LEU C 11 -40.15 -70.03 -0.10
C LEU C 11 -40.69 -69.03 -1.10
N GLN C 12 -40.24 -69.11 -2.35
CA GLN C 12 -40.63 -68.04 -3.29
C GLN C 12 -42.11 -68.21 -3.60
N LEU C 13 -42.64 -69.39 -3.33
CA LEU C 13 -44.04 -69.72 -3.63
C LEU C 13 -44.88 -69.52 -2.37
N HIS C 14 -44.32 -69.73 -1.19
CA HIS C 14 -45.12 -69.88 0.03
C HIS C 14 -44.79 -68.86 1.08
N ALA C 15 -43.53 -68.41 1.11
CA ALA C 15 -43.10 -67.66 2.28
C ALA C 15 -44.02 -66.46 2.39
N GLY C 16 -44.46 -66.19 3.62
CA GLY C 16 -45.15 -64.95 3.95
C GLY C 16 -46.61 -65.11 3.67
N GLN C 17 -46.95 -66.21 3.05
CA GLN C 17 -48.33 -66.42 2.54
C GLN C 17 -49.02 -67.40 3.48
N PHE C 18 -50.11 -66.94 4.04
CA PHE C 18 -50.89 -67.70 5.00
C PHE C 18 -52.26 -67.71 4.44
N VAL C 19 -52.94 -68.75 4.80
CA VAL C 19 -54.28 -68.89 4.23
C VAL C 19 -55.15 -68.00 5.08
N ASP C 20 -55.83 -67.05 4.48
CA ASP C 20 -56.65 -66.15 5.29
C ASP C 20 -57.78 -66.96 5.91
N ARG C 21 -58.04 -66.69 7.16
CA ARG C 21 -59.05 -67.43 7.96
C ARG C 21 -60.43 -67.18 7.41
N GLU C 22 -60.64 -66.10 6.68
CA GLU C 22 -62.00 -65.77 6.26
C GLU C 22 -62.35 -66.68 5.11
N THR C 23 -61.58 -66.66 4.05
CA THR C 23 -62.00 -67.25 2.79
C THR C 23 -61.26 -68.53 2.52
N LYS C 24 -60.11 -68.71 3.13
CA LYS C 24 -59.22 -69.86 2.88
C LYS C 24 -58.71 -69.77 1.43
N SER C 25 -58.82 -68.57 0.83
N SER C 25 -58.84 -68.59 0.79
CA SER C 25 -58.19 -68.35 -0.51
CA SER C 25 -58.26 -68.40 -0.58
C SER C 25 -56.77 -68.91 -0.53
C SER C 25 -56.80 -68.85 -0.59
N ARG C 26 -56.49 -69.71 -1.55
CA ARG C 26 -55.14 -70.21 -1.73
C ARG C 26 -54.31 -69.05 -2.26
N ALA C 27 -54.85 -68.32 -3.22
CA ALA C 27 -54.08 -67.20 -3.77
C ALA C 27 -54.03 -66.13 -2.70
N VAL C 28 -53.02 -65.33 -2.78
CA VAL C 28 -52.92 -64.14 -1.95
C VAL C 28 -54.00 -63.22 -2.45
N PRO C 29 -54.95 -62.86 -1.60
CA PRO C 29 -55.98 -61.95 -1.99
C PRO C 29 -55.27 -60.64 -2.29
N ILE C 30 -55.89 -59.91 -3.18
CA ILE C 30 -55.53 -58.52 -3.43
C ILE C 30 -56.33 -57.71 -2.47
N TYR C 31 -55.67 -57.28 -1.42
CA TYR C 31 -56.36 -56.51 -0.38
C TYR C 31 -56.25 -55.08 -0.80
N GLN C 32 -57.00 -54.79 -1.86
CA GLN C 32 -57.00 -53.48 -2.45
C GLN C 32 -57.88 -52.62 -1.59
N THR C 33 -57.33 -52.30 -0.44
CA THR C 33 -58.05 -51.60 0.59
C THR C 33 -57.10 -50.53 1.06
N THR C 34 -57.68 -49.44 1.49
CA THR C 34 -56.90 -48.40 2.17
C THR C 34 -56.83 -48.81 3.62
N SER C 35 -57.90 -49.37 4.13
CA SER C 35 -58.17 -49.30 5.55
C SER C 35 -58.65 -50.63 6.01
N TYR C 36 -58.71 -50.70 7.32
CA TYR C 36 -58.97 -51.96 8.02
C TYR C 36 -59.73 -51.60 9.24
N ILE C 37 -60.71 -52.40 9.48
CA ILE C 37 -61.58 -52.19 10.65
C ILE C 37 -60.81 -52.38 11.92
N PHE C 38 -61.02 -51.45 12.84
CA PHE C 38 -60.60 -51.61 14.23
C PHE C 38 -61.79 -52.11 14.98
N GLU C 39 -61.60 -53.22 15.69
CA GLU C 39 -62.68 -53.86 16.45
C GLU C 39 -63.18 -52.87 17.49
N THR C 40 -62.31 -52.14 18.14
CA THR C 40 -62.71 -51.29 19.27
C THR C 40 -61.81 -50.07 19.22
N PRO C 41 -62.23 -48.98 19.86
CA PRO C 41 -61.35 -47.84 20.05
C PRO C 41 -60.02 -48.30 20.65
N GLU C 42 -60.08 -49.24 21.59
CA GLU C 42 -58.89 -49.76 22.32
C GLU C 42 -57.98 -50.41 21.28
N GLU C 43 -58.52 -51.24 20.40
CA GLU C 43 -57.67 -51.90 19.39
C GLU C 43 -57.06 -50.83 18.48
N ALA C 44 -57.86 -49.85 18.04
CA ALA C 44 -57.38 -48.79 17.16
C ALA C 44 -56.24 -48.08 17.90
N ALA C 45 -56.45 -47.70 19.15
CA ALA C 45 -55.42 -47.02 19.96
C ALA C 45 -54.19 -47.91 20.00
N ASP C 46 -54.38 -49.18 20.29
CA ASP C 46 -53.27 -50.14 20.47
C ASP C 46 -52.50 -50.25 19.16
N LEU C 47 -53.20 -50.30 18.05
CA LEU C 47 -52.54 -50.50 16.77
C LEU C 47 -51.66 -49.27 16.53
N PHE C 48 -52.27 -48.10 16.68
CA PHE C 48 -51.54 -46.85 16.37
C PHE C 48 -50.44 -46.64 17.38
N ALA C 49 -50.62 -47.19 18.58
CA ALA C 49 -49.59 -47.03 19.61
C ALA C 49 -48.60 -48.19 19.52
N LEU C 50 -48.71 -49.02 18.49
CA LEU C 50 -47.80 -50.16 18.20
C LEU C 50 -47.81 -51.13 19.36
N LYS C 51 -48.91 -51.22 20.10
CA LYS C 51 -49.03 -52.21 21.19
C LYS C 51 -49.43 -53.55 20.58
N LYS C 52 -50.06 -53.51 19.41
CA LYS C 52 -50.70 -54.68 18.78
C LYS C 52 -50.26 -54.65 17.33
N ALA C 53 -49.93 -55.80 16.77
CA ALA C 53 -49.75 -55.92 15.31
C ALA C 53 -51.15 -55.92 14.68
N GLY C 54 -51.24 -55.45 13.45
CA GLY C 54 -52.51 -55.51 12.73
C GLY C 54 -52.48 -54.49 11.65
N ASN C 55 -53.47 -54.56 10.82
CA ASN C 55 -53.58 -53.65 9.69
C ASN C 55 -54.15 -52.37 10.21
N ILE C 56 -53.57 -51.30 9.71
CA ILE C 56 -54.00 -49.96 10.07
C ILE C 56 -54.39 -49.25 8.81
N TYR C 57 -53.51 -49.29 7.85
CA TYR C 57 -53.67 -48.41 6.72
C TYR C 57 -52.64 -48.82 5.69
N THR C 58 -53.10 -48.90 4.47
CA THR C 58 -52.32 -49.59 3.43
C THR C 58 -51.03 -48.85 3.20
N ARG C 59 -51.04 -47.54 3.40
CA ARG C 59 -49.80 -46.75 3.23
C ARG C 59 -48.76 -47.35 4.16
N ILE C 60 -49.19 -47.85 5.31
CA ILE C 60 -48.27 -48.32 6.38
C ILE C 60 -48.04 -49.79 6.16
N GLY C 61 -49.06 -50.51 5.72
CA GLY C 61 -48.93 -51.95 5.73
C GLY C 61 -50.15 -52.54 5.15
N ASN C 62 -49.96 -53.58 4.38
CA ASN C 62 -51.09 -54.16 3.67
C ASN C 62 -50.84 -55.65 3.64
N PRO C 63 -51.90 -56.43 3.81
CA PRO C 63 -51.73 -57.86 3.93
C PRO C 63 -51.23 -58.51 2.65
N THR C 64 -51.56 -57.97 1.50
CA THR C 64 -51.03 -58.56 0.27
C THR C 64 -49.52 -58.26 0.24
N THR C 65 -49.24 -57.01 0.47
CA THR C 65 -47.85 -56.51 0.40
C THR C 65 -47.08 -57.25 1.46
N ASP C 66 -47.71 -57.45 2.59
CA ASP C 66 -47.03 -58.14 3.70
C ASP C 66 -46.51 -59.47 3.22
N VAL C 67 -47.26 -60.17 2.40
CA VAL C 67 -46.83 -61.50 1.96
C VAL C 67 -45.53 -61.29 1.21
N LEU C 68 -45.55 -60.31 0.35
CA LEU C 68 -44.40 -60.09 -0.52
C LEU C 68 -43.22 -59.64 0.30
N GLU C 69 -43.46 -58.78 1.26
CA GLU C 69 -42.38 -58.33 2.17
C GLU C 69 -41.81 -59.54 2.85
N LYS C 70 -42.67 -60.36 3.43
CA LYS C 70 -42.21 -61.53 4.18
C LYS C 70 -41.51 -62.48 3.25
N ARG C 71 -42.02 -62.55 2.03
CA ARG C 71 -41.43 -63.49 1.08
C ARG C 71 -40.03 -63.03 0.71
N ILE C 72 -39.90 -61.78 0.33
CA ILE C 72 -38.56 -61.30 -0.08
C ILE C 72 -37.62 -61.40 1.11
N ALA C 73 -38.12 -61.06 2.28
CA ALA C 73 -37.31 -61.14 3.50
C ALA C 73 -36.88 -62.60 3.68
N ALA C 74 -37.78 -63.54 3.47
CA ALA C 74 -37.45 -64.95 3.68
C ALA C 74 -36.43 -65.33 2.62
N LEU C 75 -36.58 -64.85 1.39
CA LEU C 75 -35.69 -65.29 0.30
C LEU C 75 -34.31 -64.71 0.52
N ASP C 76 -34.26 -63.53 1.07
CA ASP C 76 -32.98 -62.87 1.36
C ASP C 76 -32.44 -63.31 2.71
N GLY C 77 -33.25 -63.83 3.60
CA GLY C 77 -32.83 -64.23 4.94
C GLY C 77 -32.78 -63.02 5.83
N GLY C 78 -33.58 -62.02 5.49
CA GLY C 78 -33.73 -60.84 6.31
C GLY C 78 -34.79 -61.02 7.37
N VAL C 79 -34.86 -60.04 8.26
N VAL C 79 -34.84 -60.09 8.30
CA VAL C 79 -35.79 -60.07 9.42
CA VAL C 79 -35.84 -60.14 9.38
C VAL C 79 -37.11 -59.43 9.01
C VAL C 79 -37.16 -59.64 8.84
N GLY C 80 -37.11 -58.71 7.91
CA GLY C 80 -38.35 -58.10 7.48
C GLY C 80 -38.04 -57.25 6.29
N ALA C 81 -39.08 -56.82 5.67
CA ALA C 81 -38.94 -56.01 4.49
C ALA C 81 -40.07 -55.03 4.50
N VAL C 82 -39.85 -53.96 3.79
CA VAL C 82 -40.90 -52.98 3.52
C VAL C 82 -40.90 -52.77 2.04
N ALA C 83 -42.05 -53.00 1.46
CA ALA C 83 -42.22 -52.79 0.04
C ALA C 83 -42.50 -51.33 -0.14
N THR C 84 -42.11 -50.84 -1.29
CA THR C 84 -42.27 -49.45 -1.65
C THR C 84 -42.77 -49.39 -3.07
N SER C 85 -43.17 -48.21 -3.42
CA SER C 85 -43.81 -47.89 -4.69
C SER C 85 -42.83 -48.19 -5.80
N SER C 86 -41.54 -48.23 -5.51
CA SER C 86 -40.53 -48.37 -6.57
C SER C 86 -39.22 -48.72 -5.91
N GLY C 87 -38.35 -49.29 -6.70
CA GLY C 87 -36.97 -49.45 -6.31
C GLY C 87 -36.40 -48.13 -5.84
N GLN C 88 -36.64 -47.06 -6.58
CA GLN C 88 -36.11 -45.75 -6.20
C GLN C 88 -36.57 -45.43 -4.79
N ALA C 89 -37.83 -45.68 -4.48
CA ALA C 89 -38.39 -45.39 -3.17
C ALA C 89 -37.71 -46.28 -2.17
N ALA C 90 -37.50 -47.54 -2.50
CA ALA C 90 -36.83 -48.49 -1.61
C ALA C 90 -35.48 -47.90 -1.30
N ILE C 91 -34.80 -47.45 -2.34
CA ILE C 91 -33.44 -46.95 -2.10
C ILE C 91 -33.51 -45.69 -1.27
N THR C 92 -34.45 -44.83 -1.60
CA THR C 92 -34.62 -43.57 -0.90
C THR C 92 -34.86 -43.88 0.57
N TYR C 93 -35.74 -44.80 0.78
CA TYR C 93 -36.13 -45.13 2.15
C TYR C 93 -34.98 -45.81 2.85
N ALA C 94 -34.27 -46.67 2.16
CA ALA C 94 -33.19 -47.42 2.79
C ALA C 94 -32.21 -46.41 3.36
N ILE C 95 -31.95 -45.36 2.61
CA ILE C 95 -30.99 -44.30 2.97
C ILE C 95 -31.66 -43.37 3.97
N LEU C 96 -32.83 -42.84 3.64
CA LEU C 96 -33.45 -41.87 4.53
C LEU C 96 -33.76 -42.52 5.86
N ASN C 97 -33.84 -43.83 5.91
CA ASN C 97 -34.15 -44.47 7.17
C ASN C 97 -33.01 -44.21 8.17
N ILE C 98 -31.83 -43.93 7.69
CA ILE C 98 -30.64 -43.92 8.57
C ILE C 98 -29.78 -42.72 8.25
N ALA C 99 -30.26 -41.86 7.39
CA ALA C 99 -29.47 -40.69 6.97
C ALA C 99 -30.41 -39.50 6.93
N ARG C 100 -30.02 -38.45 7.59
CA ARG C 100 -30.78 -37.21 7.55
C ARG C 100 -29.89 -36.15 6.92
N SER C 101 -30.44 -34.97 6.77
CA SER C 101 -29.70 -33.80 6.27
C SER C 101 -28.44 -33.75 7.09
N GLY C 102 -27.34 -33.57 6.39
CA GLY C 102 -26.02 -33.41 6.98
C GLY C 102 -25.34 -34.76 7.06
N ASP C 103 -26.02 -35.81 6.63
CA ASP C 103 -25.37 -37.12 6.68
C ASP C 103 -24.77 -37.43 5.33
N GLU C 104 -23.98 -38.48 5.31
CA GLU C 104 -23.32 -38.91 4.09
C GLU C 104 -23.64 -40.36 3.85
N VAL C 105 -23.52 -40.70 2.60
CA VAL C 105 -23.57 -42.10 2.19
C VAL C 105 -22.43 -42.28 1.24
N VAL C 106 -21.83 -43.45 1.30
CA VAL C 106 -20.82 -43.83 0.32
C VAL C 106 -21.49 -44.80 -0.62
N ALA C 107 -21.40 -44.50 -1.90
CA ALA C 107 -22.09 -45.30 -2.90
C ALA C 107 -21.06 -45.60 -3.95
N ALA C 108 -21.09 -46.82 -4.44
CA ALA C 108 -20.40 -47.15 -5.68
C ALA C 108 -20.91 -46.15 -6.70
N SER C 109 -20.03 -45.76 -7.61
CA SER C 109 -20.36 -44.93 -8.79
CA SER C 109 -20.35 -44.93 -8.79
C SER C 109 -21.17 -45.74 -9.78
N THR C 110 -21.07 -47.07 -9.68
CA THR C 110 -21.61 -48.05 -10.64
C THR C 110 -23.02 -48.34 -10.22
N LEU C 111 -23.85 -47.37 -10.52
CA LEU C 111 -25.25 -47.34 -10.09
C LEU C 111 -26.10 -47.15 -11.31
N TYR C 112 -27.26 -47.72 -11.19
CA TYR C 112 -28.40 -47.29 -11.98
C TYR C 112 -28.42 -45.76 -11.97
N GLY C 113 -28.62 -45.21 -13.15
CA GLY C 113 -28.73 -43.77 -13.32
C GLY C 113 -29.68 -43.16 -12.33
N GLY C 114 -30.86 -43.76 -12.17
CA GLY C 114 -31.86 -43.18 -11.30
C GLY C 114 -31.36 -43.17 -9.88
N THR C 115 -30.59 -44.16 -9.48
CA THR C 115 -30.08 -44.21 -8.11
C THR C 115 -29.05 -43.08 -8.02
N TYR C 116 -28.24 -43.00 -9.03
CA TYR C 116 -27.16 -42.02 -9.05
C TYR C 116 -27.76 -40.64 -8.89
N THR C 117 -28.78 -40.38 -9.66
CA THR C 117 -29.47 -39.08 -9.66
C THR C 117 -30.08 -38.86 -8.31
N LEU C 118 -30.78 -39.87 -7.84
CA LEU C 118 -31.40 -39.74 -6.53
C LEU C 118 -30.30 -39.31 -5.57
N PHE C 119 -29.21 -40.05 -5.61
CA PHE C 119 -28.11 -39.87 -4.64
C PHE C 119 -27.52 -38.50 -4.85
N ALA C 120 -27.25 -38.15 -6.09
CA ALA C 120 -26.40 -37.00 -6.42
C ALA C 120 -27.24 -35.73 -6.34
N HIS C 121 -28.54 -35.82 -6.59
CA HIS C 121 -29.35 -34.61 -6.73
C HIS C 121 -30.40 -34.61 -5.64
N THR C 122 -31.30 -35.56 -5.69
CA THR C 122 -32.46 -35.50 -4.79
C THR C 122 -31.99 -35.57 -3.36
N LEU C 123 -31.13 -36.52 -3.03
CA LEU C 123 -30.75 -36.70 -1.62
C LEU C 123 -29.86 -35.54 -1.23
N ARG C 124 -29.10 -35.03 -2.18
CA ARG C 124 -28.24 -33.84 -1.98
CA ARG C 124 -28.24 -33.87 -1.88
C ARG C 124 -29.13 -32.71 -1.49
N LYS C 125 -30.29 -32.60 -2.13
CA LYS C 125 -31.20 -31.49 -1.80
C LYS C 125 -31.77 -31.74 -0.42
N LEU C 126 -31.74 -32.97 0.07
CA LEU C 126 -32.21 -33.26 1.44
C LEU C 126 -31.04 -33.22 2.42
N GLY C 127 -29.90 -32.76 1.95
CA GLY C 127 -28.72 -32.51 2.79
C GLY C 127 -27.96 -33.78 2.98
N ILE C 128 -28.28 -34.79 2.18
CA ILE C 128 -27.55 -36.06 2.28
C ILE C 128 -26.54 -36.08 1.17
N THR C 129 -25.29 -36.23 1.56
CA THR C 129 -24.23 -36.14 0.57
C THR C 129 -23.82 -37.54 0.29
N VAL C 130 -24.02 -37.93 -0.94
CA VAL C 130 -23.58 -39.28 -1.34
C VAL C 130 -22.24 -39.12 -1.99
N LYS C 131 -21.29 -39.87 -1.49
CA LYS C 131 -19.94 -39.85 -2.02
C LYS C 131 -19.78 -41.11 -2.84
N PHE C 132 -19.56 -40.91 -4.11
CA PHE C 132 -19.43 -42.00 -5.07
C PHE C 132 -18.01 -42.43 -5.11
N VAL C 133 -17.85 -43.73 -5.11
CA VAL C 133 -16.49 -44.27 -5.13
C VAL C 133 -16.44 -45.21 -6.29
N ASN C 134 -15.23 -45.39 -6.74
CA ASN C 134 -14.93 -46.43 -7.70
C ASN C 134 -14.91 -47.73 -6.91
N PRO C 135 -15.90 -48.60 -7.16
CA PRO C 135 -16.11 -49.78 -6.33
C PRO C 135 -15.04 -50.80 -6.61
N ASP C 136 -14.27 -50.60 -7.66
CA ASP C 136 -13.19 -51.55 -7.96
C ASP C 136 -12.14 -51.44 -6.88
N TYR C 137 -12.20 -50.35 -6.13
CA TYR C 137 -11.10 -50.03 -5.22
C TYR C 137 -11.62 -49.92 -3.82
N LEU C 138 -11.48 -51.00 -3.09
CA LEU C 138 -11.96 -51.05 -1.70
C LEU C 138 -11.51 -49.81 -0.97
N GLU C 139 -10.24 -49.47 -1.09
CA GLU C 139 -9.62 -48.32 -0.39
C GLU C 139 -10.48 -47.08 -0.63
N GLU C 140 -11.13 -46.96 -1.77
CA GLU C 140 -11.99 -45.78 -1.99
C GLU C 140 -13.19 -45.78 -1.06
N PHE C 141 -13.77 -46.93 -0.78
CA PHE C 141 -14.89 -46.94 0.19
C PHE C 141 -14.39 -46.36 1.50
N GLU C 142 -13.29 -46.92 1.98
CA GLU C 142 -12.73 -46.59 3.30
C GLU C 142 -12.44 -45.10 3.28
N LYS C 143 -11.89 -44.63 2.17
CA LYS C 143 -11.38 -43.25 2.05
C LYS C 143 -12.54 -42.26 2.09
N ALA C 144 -13.67 -42.59 1.49
CA ALA C 144 -14.83 -41.70 1.35
C ALA C 144 -15.62 -41.68 2.67
N ILE C 145 -15.37 -42.62 3.56
CA ILE C 145 -16.17 -42.68 4.82
C ILE C 145 -15.72 -41.54 5.71
N THR C 146 -16.70 -40.87 6.24
CA THR C 146 -16.43 -39.85 7.25
C THR C 146 -17.23 -40.23 8.48
N ASP C 147 -17.15 -39.40 9.49
CA ASP C 147 -18.00 -39.45 10.69
C ASP C 147 -19.46 -39.40 10.25
N LYS C 148 -19.73 -38.79 9.10
CA LYS C 148 -21.11 -38.46 8.70
C LYS C 148 -21.69 -39.60 7.88
N THR C 149 -20.87 -40.56 7.51
CA THR C 149 -21.30 -41.64 6.62
C THR C 149 -22.25 -42.53 7.39
N LYS C 150 -23.38 -42.87 6.75
CA LYS C 150 -24.45 -43.66 7.38
C LYS C 150 -24.57 -45.00 6.74
N ALA C 151 -23.99 -45.19 5.58
CA ALA C 151 -24.09 -46.46 4.87
C ALA C 151 -23.13 -46.47 3.72
N ILE C 152 -22.83 -47.67 3.29
CA ILE C 152 -22.22 -47.89 1.97
C ILE C 152 -23.32 -48.53 1.19
N PHE C 153 -23.50 -48.01 -0.01
CA PHE C 153 -24.54 -48.50 -0.90
C PHE C 153 -23.84 -48.98 -2.16
N VAL C 154 -24.12 -50.21 -2.54
CA VAL C 154 -23.68 -50.71 -3.86
C VAL C 154 -24.83 -51.48 -4.43
N GLU C 155 -24.72 -51.72 -5.72
CA GLU C 155 -25.54 -52.66 -6.47
C GLU C 155 -24.78 -53.95 -6.54
N THR C 156 -25.49 -55.05 -6.50
CA THR C 156 -24.84 -56.35 -6.62
C THR C 156 -24.12 -56.42 -7.95
N LEU C 157 -24.80 -55.98 -8.97
CA LEU C 157 -24.28 -55.93 -10.32
C LEU C 157 -24.60 -54.56 -10.84
N GLY C 158 -23.55 -53.81 -11.15
CA GLY C 158 -23.79 -52.41 -11.45
C GLY C 158 -24.68 -52.32 -12.65
N ASN C 159 -25.61 -51.43 -12.54
CA ASN C 159 -26.46 -51.07 -13.68
C ASN C 159 -25.81 -49.88 -14.32
N PRO C 160 -25.12 -49.96 -15.47
CA PRO C 160 -24.98 -51.16 -16.28
C PRO C 160 -23.54 -51.64 -16.38
N ASN C 161 -22.74 -51.27 -15.39
CA ASN C 161 -21.32 -51.68 -15.46
C ASN C 161 -21.21 -53.18 -15.28
N ILE C 162 -22.20 -53.81 -14.68
CA ILE C 162 -22.21 -55.26 -14.36
C ILE C 162 -20.94 -55.58 -13.62
N ASN C 163 -20.52 -54.66 -12.76
CA ASN C 163 -19.38 -54.91 -11.87
C ASN C 163 -19.97 -55.56 -10.62
N ILE C 164 -19.22 -56.43 -10.03
CA ILE C 164 -19.63 -57.09 -8.78
C ILE C 164 -18.72 -56.53 -7.74
N PRO C 165 -19.27 -55.72 -6.86
CA PRO C 165 -18.51 -55.20 -5.72
C PRO C 165 -18.06 -56.38 -4.87
N ASP C 166 -16.97 -56.18 -4.16
CA ASP C 166 -16.51 -57.22 -3.26
C ASP C 166 -17.33 -57.08 -1.98
N PHE C 167 -18.50 -57.65 -1.95
CA PHE C 167 -19.46 -57.35 -0.89
C PHE C 167 -18.80 -57.50 0.45
N GLU C 168 -18.15 -58.62 0.68
CA GLU C 168 -17.69 -58.94 2.03
C GLU C 168 -16.63 -57.92 2.44
N ALA C 169 -15.81 -57.51 1.48
CA ALA C 169 -14.71 -56.58 1.75
C ALA C 169 -15.33 -55.22 2.02
N ILE C 170 -16.37 -54.87 1.29
CA ILE C 170 -17.02 -53.56 1.48
C ILE C 170 -17.81 -53.60 2.78
N ALA C 171 -18.50 -54.70 3.05
CA ALA C 171 -19.26 -54.85 4.29
C ALA C 171 -18.28 -54.65 5.45
N GLU C 172 -17.09 -55.19 5.33
CA GLU C 172 -16.11 -55.09 6.42
C GLU C 172 -15.74 -53.63 6.60
N ILE C 173 -15.63 -52.89 5.52
CA ILE C 173 -15.34 -51.45 5.62
C ILE C 173 -16.51 -50.79 6.31
N ALA C 174 -17.73 -51.05 5.87
CA ALA C 174 -18.91 -50.39 6.44
C ALA C 174 -18.90 -50.73 7.92
N HIS C 175 -18.72 -52.01 8.24
CA HIS C 175 -18.91 -52.48 9.63
C HIS C 175 -17.82 -51.89 10.50
N LYS C 176 -16.62 -51.82 9.98
CA LYS C 176 -15.47 -51.25 10.68
C LYS C 176 -15.88 -49.86 11.17
N HIS C 177 -16.64 -49.15 10.34
CA HIS C 177 -17.09 -47.76 10.61
C HIS C 177 -18.45 -47.72 11.26
N GLY C 178 -18.96 -48.87 11.68
CA GLY C 178 -20.21 -49.00 12.43
C GLY C 178 -21.33 -48.51 11.55
N ILE C 179 -21.20 -48.67 10.25
CA ILE C 179 -22.32 -48.28 9.35
C ILE C 179 -22.72 -49.48 8.55
N PRO C 180 -23.99 -49.48 8.13
CA PRO C 180 -24.49 -50.61 7.43
C PRO C 180 -24.10 -50.55 5.96
N PHE C 181 -24.14 -51.73 5.40
CA PHE C 181 -23.84 -51.96 4.01
C PHE C 181 -25.16 -52.29 3.35
N ILE C 182 -25.54 -51.43 2.43
CA ILE C 182 -26.79 -51.58 1.68
C ILE C 182 -26.40 -52.12 0.34
N VAL C 183 -27.11 -53.17 -0.05
CA VAL C 183 -26.86 -53.72 -1.38
C VAL C 183 -28.15 -53.70 -2.14
N ASP C 184 -28.08 -53.06 -3.27
CA ASP C 184 -29.18 -53.06 -4.23
C ASP C 184 -29.02 -54.33 -5.05
N ASN C 185 -29.84 -55.31 -4.76
CA ASN C 185 -29.67 -56.65 -5.32
C ASN C 185 -30.64 -56.84 -6.48
N THR C 186 -31.17 -55.76 -7.00
CA THR C 186 -32.15 -55.77 -8.09
C THR C 186 -31.72 -56.74 -9.19
N PHE C 187 -30.47 -56.70 -9.60
CA PHE C 187 -30.03 -57.41 -10.81
C PHE C 187 -29.84 -58.87 -10.53
N ALA C 188 -29.80 -59.24 -9.27
CA ALA C 188 -29.45 -60.63 -8.94
C ALA C 188 -30.70 -61.34 -8.45
N THR C 189 -31.41 -60.66 -7.58
CA THR C 189 -32.47 -61.24 -6.74
C THR C 189 -31.83 -62.22 -5.79
N PRO C 190 -32.60 -62.63 -4.78
CA PRO C 190 -32.11 -63.54 -3.77
C PRO C 190 -31.74 -64.88 -4.37
N TYR C 191 -32.31 -65.16 -5.54
CA TYR C 191 -31.97 -66.43 -6.17
C TYR C 191 -30.49 -66.46 -6.53
N LEU C 192 -29.94 -65.38 -7.02
CA LEU C 192 -28.56 -65.41 -7.53
C LEU C 192 -27.63 -64.90 -6.45
N PHE C 193 -28.17 -64.09 -5.58
CA PHE C 193 -27.31 -63.46 -4.56
C PHE C 193 -28.16 -63.04 -3.40
N ARG C 194 -27.73 -63.46 -2.23
CA ARG C 194 -28.35 -63.05 -0.96
C ARG C 194 -27.34 -62.19 -0.26
N PRO C 195 -27.40 -60.87 -0.48
CA PRO C 195 -26.34 -59.97 -0.02
C PRO C 195 -26.15 -60.14 1.48
N ILE C 196 -27.22 -60.51 2.16
CA ILE C 196 -27.12 -60.62 3.64
C ILE C 196 -26.12 -61.71 4.00
N GLU C 197 -25.89 -62.67 3.13
CA GLU C 197 -24.99 -63.77 3.45
C GLU C 197 -23.56 -63.29 3.20
N HIS C 198 -23.44 -62.09 2.65
CA HIS C 198 -22.15 -61.59 2.18
C HIS C 198 -21.93 -60.19 2.70
N GLY C 199 -22.54 -59.91 3.85
CA GLY C 199 -22.20 -58.75 4.68
C GLY C 199 -23.17 -57.62 4.48
N ALA C 200 -24.16 -57.76 3.62
CA ALA C 200 -25.12 -56.67 3.51
C ALA C 200 -25.99 -56.68 4.75
N ASP C 201 -26.26 -55.51 5.25
CA ASP C 201 -27.17 -55.32 6.38
C ASP C 201 -28.58 -55.10 5.88
N ILE C 202 -28.64 -54.46 4.73
CA ILE C 202 -29.88 -53.96 4.13
C ILE C 202 -29.75 -54.34 2.68
N VAL C 203 -30.83 -54.86 2.15
CA VAL C 203 -30.89 -55.15 0.72
C VAL C 203 -32.06 -54.38 0.21
N VAL C 204 -31.85 -53.77 -0.93
CA VAL C 204 -32.96 -53.11 -1.59
C VAL C 204 -33.10 -53.76 -2.92
N TYR C 205 -34.31 -53.66 -3.41
CA TYR C 205 -34.56 -54.14 -4.76
C TYR C 205 -35.48 -53.15 -5.39
N SER C 206 -35.27 -53.01 -6.65
CA SER C 206 -36.38 -52.73 -7.54
C SER C 206 -37.02 -54.08 -7.82
N MET C 207 -38.17 -54.30 -7.24
CA MET C 207 -38.96 -55.51 -7.53
C MET C 207 -39.54 -55.37 -8.91
N THR C 208 -39.50 -54.16 -9.42
CA THR C 208 -39.92 -53.84 -10.78
C THR C 208 -39.27 -54.81 -11.72
N1 LLP C 209 -31.75 -49.98 -8.83
C2 LLP C 209 -31.50 -50.69 -9.91
C2' LLP C 209 -30.24 -51.48 -9.93
C3 LLP C 209 -32.44 -50.74 -10.95
O3 LLP C 209 -32.20 -51.47 -12.03
C4 LLP C 209 -33.64 -50.05 -10.82
C4' LLP C 209 -34.65 -50.23 -11.82
C5 LLP C 209 -33.80 -49.19 -9.74
C6 LLP C 209 -32.83 -49.18 -8.78
C5' LLP C 209 -35.01 -48.33 -9.59
OP4 LLP C 209 -36.15 -49.16 -9.31
P LLP C 209 -37.58 -48.62 -9.82
OP1 LLP C 209 -38.44 -49.77 -9.38
OP2 LLP C 209 -37.83 -47.33 -9.13
OP3 LLP C 209 -37.44 -48.46 -11.31
N LLP C 209 -38.04 -55.11 -11.42
CA LLP C 209 -37.18 -55.81 -12.34
CB LLP C 209 -35.75 -55.34 -12.10
CG LLP C 209 -35.58 -53.84 -12.02
CD LLP C 209 -35.96 -53.11 -13.27
CE LLP C 209 -35.96 -51.62 -13.15
NZ LLP C 209 -34.68 -51.20 -12.62
C LLP C 209 -37.41 -57.28 -12.14
O LLP C 209 -38.53 -57.76 -12.24
N PHE C 210 -36.34 -58.02 -11.98
CA PHE C 210 -36.39 -59.45 -12.00
C PHE C 210 -37.33 -59.99 -10.96
N LEU C 211 -37.39 -59.39 -9.78
CA LEU C 211 -38.27 -60.01 -8.75
C LEU C 211 -39.68 -60.10 -9.27
N GLY C 212 -40.19 -59.01 -9.78
CA GLY C 212 -41.55 -58.97 -10.35
C GLY C 212 -41.54 -59.74 -11.62
N GLY C 213 -40.54 -59.49 -12.46
CA GLY C 213 -40.15 -60.41 -13.51
C GLY C 213 -40.94 -60.25 -14.77
N HIS C 214 -42.04 -59.50 -14.78
CA HIS C 214 -42.94 -59.52 -15.93
C HIS C 214 -43.16 -58.13 -16.46
N GLY C 215 -42.38 -57.19 -15.96
CA GLY C 215 -42.47 -55.84 -16.51
C GLY C 215 -43.84 -55.26 -16.28
N THR C 216 -44.53 -55.63 -15.21
CA THR C 216 -45.90 -55.12 -15.04
C THR C 216 -45.97 -54.05 -13.99
N SER C 217 -45.03 -54.05 -13.05
CA SER C 217 -45.32 -53.41 -11.77
C SER C 217 -44.05 -52.79 -11.26
N ILE C 218 -44.14 -51.50 -11.07
CA ILE C 218 -43.07 -50.80 -10.37
C ILE C 218 -43.23 -51.21 -8.93
N ALA C 219 -42.13 -51.42 -8.28
CA ALA C 219 -42.18 -51.79 -6.86
C ALA C 219 -40.77 -51.83 -6.38
N GLY C 220 -40.64 -51.51 -5.13
CA GLY C 220 -39.34 -51.64 -4.52
C GLY C 220 -39.49 -52.39 -3.24
N ILE C 221 -38.38 -52.74 -2.68
CA ILE C 221 -38.49 -53.29 -1.35
C ILE C 221 -37.16 -53.06 -0.69
N VAL C 222 -37.27 -52.91 0.58
CA VAL C 222 -36.11 -52.82 1.47
C VAL C 222 -36.19 -53.98 2.42
N VAL C 223 -35.13 -54.73 2.44
CA VAL C 223 -34.99 -55.91 3.29
C VAL C 223 -33.93 -55.56 4.32
N ASP C 224 -34.32 -55.71 5.56
CA ASP C 224 -33.44 -55.54 6.71
C ASP C 224 -32.94 -56.94 7.03
N SER C 225 -31.63 -57.10 7.13
CA SER C 225 -31.00 -58.35 7.57
C SER C 225 -31.31 -58.57 9.05
N GLY C 226 -31.57 -57.49 9.78
CA GLY C 226 -31.69 -57.50 11.23
C GLY C 226 -30.33 -57.69 11.88
N LYS C 227 -29.29 -57.77 11.10
CA LYS C 227 -27.97 -58.19 11.59
C LYS C 227 -27.27 -56.96 12.16
N PHE C 228 -27.66 -55.78 11.73
CA PHE C 228 -26.80 -54.61 11.99
C PHE C 228 -27.08 -54.07 13.39
N GLU C 229 -26.03 -53.95 14.17
CA GLU C 229 -26.20 -53.49 15.55
C GLU C 229 -26.19 -51.98 15.53
N TRP C 230 -27.36 -51.35 15.46
CA TRP C 230 -27.48 -49.90 15.27
C TRP C 230 -26.78 -49.20 16.43
N ASN C 231 -26.13 -48.10 16.15
CA ASN C 231 -25.20 -47.50 17.12
C ASN C 231 -25.44 -46.00 17.08
N GLU C 232 -24.55 -45.25 17.70
CA GLU C 232 -24.71 -43.81 17.93
C GLU C 232 -24.61 -43.03 16.58
N LYS C 233 -24.29 -43.76 15.49
CA LYS C 233 -24.35 -43.14 14.13
C LYS C 233 -25.78 -43.15 13.64
N PHE C 234 -26.63 -43.86 14.35
CA PHE C 234 -28.05 -44.03 13.97
C PHE C 234 -28.94 -43.72 15.16
N PRO C 235 -28.90 -42.46 15.61
CA PRO C 235 -29.55 -42.07 16.86
C PRO C 235 -31.04 -42.41 16.73
N ASP C 236 -31.55 -42.32 15.50
CA ASP C 236 -33.02 -42.38 15.31
C ASP C 236 -33.47 -43.82 15.45
N LEU C 237 -32.54 -44.77 15.47
CA LEU C 237 -32.88 -46.17 15.72
C LEU C 237 -32.71 -46.53 17.17
N ILE C 238 -31.97 -45.75 17.93
CA ILE C 238 -31.58 -46.21 19.28
C ILE C 238 -32.02 -45.19 20.31
N GLN C 239 -32.59 -44.09 19.86
CA GLN C 239 -33.05 -42.98 20.72
C GLN C 239 -34.54 -42.80 20.53
N PRO C 240 -35.20 -42.24 21.56
CA PRO C 240 -36.65 -42.12 21.55
C PRO C 240 -37.04 -41.38 20.29
N ASP C 241 -37.98 -41.95 19.58
CA ASP C 241 -38.59 -41.28 18.42
C ASP C 241 -39.74 -40.44 18.91
N PRO C 242 -39.61 -39.10 18.86
CA PRO C 242 -40.64 -38.21 19.38
C PRO C 242 -41.94 -38.34 18.55
N SER C 243 -41.89 -38.91 17.34
CA SER C 243 -43.12 -39.08 16.52
C SER C 243 -43.89 -40.30 17.04
N TYR C 244 -43.25 -41.17 17.81
CA TYR C 244 -43.90 -42.34 18.44
C TYR C 244 -43.72 -42.31 19.95
N HIS C 245 -43.76 -41.12 20.53
CA HIS C 245 -43.80 -40.93 22.00
C HIS C 245 -42.65 -41.72 22.62
N GLY C 246 -41.46 -41.57 22.01
CA GLY C 246 -40.22 -42.01 22.65
C GLY C 246 -39.98 -43.48 22.40
N LEU C 247 -40.70 -44.06 21.44
CA LEU C 247 -40.38 -45.38 20.86
C LEU C 247 -38.90 -45.40 20.54
N ILE C 248 -38.25 -46.45 20.98
CA ILE C 248 -36.87 -46.74 20.56
C ILE C 248 -36.94 -47.98 19.71
N TYR C 249 -36.57 -47.85 18.45
CA TYR C 249 -36.81 -48.95 17.49
C TYR C 249 -36.01 -50.15 17.91
N THR C 250 -34.78 -49.97 18.38
CA THR C 250 -33.97 -51.15 18.73
C THR C 250 -34.60 -51.82 19.93
N LYS C 251 -35.19 -51.06 20.84
CA LYS C 251 -35.78 -51.61 22.08
C LYS C 251 -37.08 -52.32 21.72
N GLU C 252 -37.94 -51.66 20.95
CA GLU C 252 -39.27 -52.20 20.62
C GLU C 252 -39.11 -53.35 19.61
N PHE C 253 -38.26 -53.21 18.62
CA PHE C 253 -38.29 -54.09 17.43
C PHE C 253 -37.06 -54.95 17.36
N GLY C 254 -36.11 -54.70 18.24
CA GLY C 254 -34.90 -55.53 18.34
C GLY C 254 -34.20 -55.46 17.01
N ASN C 255 -33.99 -56.62 16.40
CA ASN C 255 -33.17 -56.74 15.19
C ASN C 255 -33.92 -56.17 13.99
N ALA C 256 -35.20 -55.87 14.14
CA ALA C 256 -36.04 -55.38 13.04
C ALA C 256 -36.18 -53.88 13.20
N ALA C 257 -35.35 -53.27 14.04
CA ALA C 257 -35.47 -51.84 14.36
C ALA C 257 -35.48 -51.06 13.04
N TYR C 258 -34.56 -51.36 12.18
CA TYR C 258 -34.41 -50.51 10.98
C TYR C 258 -35.68 -50.63 10.15
N ILE C 259 -36.07 -51.86 9.89
CA ILE C 259 -37.15 -52.08 8.94
C ILE C 259 -38.44 -51.64 9.60
N ALA C 260 -38.54 -51.78 10.92
CA ALA C 260 -39.72 -51.28 11.64
C ALA C 260 -39.75 -49.76 11.49
N LYS C 261 -38.63 -49.14 11.73
CA LYS C 261 -38.60 -47.69 11.64
C LYS C 261 -38.95 -47.26 10.23
N LEU C 262 -38.41 -47.97 9.27
CA LEU C 262 -38.60 -47.56 7.88
C LEU C 262 -40.09 -47.49 7.61
N ARG C 263 -40.80 -48.48 8.05
CA ARG C 263 -42.24 -48.54 7.83
C ARG C 263 -42.87 -47.40 8.58
N LEU C 264 -42.50 -47.27 9.84
CA LEU C 264 -43.23 -46.44 10.78
C LEU C 264 -42.91 -44.98 10.53
N THR C 265 -41.78 -44.70 9.90
CA THR C 265 -41.39 -43.30 9.72
C THR C 265 -41.53 -42.99 8.24
N LEU C 266 -40.69 -43.57 7.41
CA LEU C 266 -40.60 -43.10 6.04
C LEU C 266 -41.78 -43.60 5.23
N LEU C 267 -42.10 -44.87 5.39
CA LEU C 267 -43.22 -45.38 4.62
C LEU C 267 -44.46 -44.66 5.08
N ARG C 268 -44.64 -44.51 6.37
CA ARG C 268 -45.80 -43.83 6.88
C ARG C 268 -45.81 -42.38 6.44
N ASP C 269 -44.67 -41.71 6.55
CA ASP C 269 -44.64 -40.24 6.42
C ASP C 269 -44.56 -39.86 4.95
N ILE C 270 -43.73 -40.52 4.19
CA ILE C 270 -43.55 -40.12 2.79
C ILE C 270 -44.49 -40.94 1.96
N GLY C 271 -44.76 -42.16 2.36
CA GLY C 271 -45.89 -42.85 1.73
C GLY C 271 -45.58 -43.33 0.35
N ALA C 272 -44.36 -43.77 0.11
CA ALA C 272 -44.01 -44.39 -1.16
C ALA C 272 -44.41 -45.85 -1.03
N CYS C 273 -45.69 -46.06 -0.86
CA CYS C 273 -46.21 -47.40 -0.59
C CYS C 273 -46.51 -48.06 -1.90
N LEU C 274 -46.48 -49.36 -1.84
CA LEU C 274 -46.74 -50.20 -2.97
C LEU C 274 -48.24 -50.48 -2.98
N SER C 275 -48.77 -50.49 -4.15
CA SER C 275 -50.16 -50.93 -4.36
C SER C 275 -50.22 -52.41 -4.00
N PRO C 276 -51.27 -52.84 -3.30
CA PRO C 276 -51.48 -54.26 -3.05
C PRO C 276 -51.55 -55.03 -4.37
N PHE C 277 -52.08 -54.37 -5.36
CA PHE C 277 -52.20 -54.99 -6.68
C PHE C 277 -50.82 -55.22 -7.26
N ASN C 278 -49.93 -54.24 -7.10
CA ASN C 278 -48.56 -54.42 -7.57
C ASN C 278 -47.94 -55.52 -6.76
N SER C 279 -48.24 -55.56 -5.47
CA SER C 279 -47.62 -56.57 -4.60
C SER C 279 -48.05 -57.92 -5.13
N PHE C 280 -49.31 -58.00 -5.43
CA PHE C 280 -49.91 -59.22 -5.95
C PHE C 280 -49.17 -59.60 -7.21
N LEU C 281 -49.02 -58.68 -8.11
CA LEU C 281 -48.36 -59.04 -9.37
C LEU C 281 -46.93 -59.41 -9.14
N VAL C 282 -46.28 -58.68 -8.25
CA VAL C 282 -44.88 -59.00 -8.01
C VAL C 282 -44.82 -60.39 -7.43
N LEU C 283 -45.75 -60.70 -6.54
CA LEU C 283 -45.78 -62.03 -5.91
C LEU C 283 -45.85 -63.06 -7.03
N LEU C 284 -46.70 -62.84 -8.01
CA LEU C 284 -46.82 -63.83 -9.07
C LEU C 284 -45.48 -64.02 -9.73
N GLY C 285 -44.72 -62.96 -9.83
CA GLY C 285 -43.38 -63.06 -10.41
C GLY C 285 -42.47 -63.78 -9.46
N VAL C 286 -42.57 -63.46 -8.19
CA VAL C 286 -41.68 -64.09 -7.18
C VAL C 286 -41.94 -65.58 -7.14
N GLU C 287 -43.18 -66.00 -7.38
CA GLU C 287 -43.51 -67.42 -7.31
C GLU C 287 -42.66 -68.22 -8.29
N THR C 288 -42.16 -67.59 -9.34
CA THR C 288 -41.36 -68.33 -10.31
C THR C 288 -39.95 -67.78 -10.31
N LEU C 289 -39.62 -67.01 -9.30
CA LEU C 289 -38.35 -66.28 -9.33
C LEU C 289 -37.22 -67.21 -9.76
N SER C 290 -37.02 -68.30 -9.04
CA SER C 290 -35.84 -69.16 -9.27
C SER C 290 -35.89 -69.69 -10.67
N LEU C 291 -37.10 -70.00 -11.14
CA LEU C 291 -37.19 -70.63 -12.46
C LEU C 291 -36.85 -69.59 -13.49
N ARG C 292 -37.36 -68.40 -13.30
CA ARG C 292 -37.08 -67.35 -14.28
C ARG C 292 -35.61 -67.03 -14.22
N MET C 293 -35.10 -66.84 -13.02
CA MET C 293 -33.74 -66.32 -12.88
C MET C 293 -32.80 -67.37 -13.43
N GLN C 294 -33.09 -68.64 -13.18
CA GLN C 294 -32.23 -69.70 -13.69
C GLN C 294 -32.26 -69.60 -15.22
N LYS C 295 -33.42 -69.40 -15.81
CA LYS C 295 -33.43 -69.31 -17.28
C LYS C 295 -32.74 -68.04 -17.72
N HIS C 296 -33.05 -66.93 -17.09
CA HIS C 296 -32.40 -65.64 -17.35
C HIS C 296 -30.89 -65.85 -17.40
N VAL C 297 -30.35 -66.50 -16.40
CA VAL C 297 -28.88 -66.58 -16.28
C VAL C 297 -28.41 -67.58 -17.32
N ASP C 298 -29.13 -68.67 -17.52
CA ASP C 298 -28.73 -69.64 -18.54
C ASP C 298 -28.70 -68.91 -19.86
N ASN C 299 -29.75 -68.14 -20.14
CA ASN C 299 -29.82 -67.41 -21.41
C ASN C 299 -28.70 -66.39 -21.48
N ALA C 300 -28.51 -65.65 -20.41
CA ALA C 300 -27.57 -64.51 -20.41
C ALA C 300 -26.20 -65.06 -20.71
N MET C 301 -25.85 -66.15 -20.06
CA MET C 301 -24.53 -66.77 -20.32
C MET C 301 -24.42 -67.11 -21.79
N LYS C 302 -25.42 -67.78 -22.34
CA LYS C 302 -25.32 -68.23 -23.73
C LYS C 302 -25.25 -67.01 -24.61
N LEU C 303 -26.03 -66.00 -24.30
CA LEU C 303 -26.07 -64.85 -25.21
C LEU C 303 -24.76 -64.11 -25.03
N ALA C 304 -24.26 -64.02 -23.82
CA ALA C 304 -23.00 -63.31 -23.54
C ALA C 304 -21.89 -64.02 -24.28
N LYS C 305 -21.87 -65.34 -24.14
CA LYS C 305 -20.87 -66.20 -24.79
C LYS C 305 -20.97 -65.94 -26.28
N PHE C 306 -22.18 -65.98 -26.81
CA PHE C 306 -22.40 -65.80 -28.24
C PHE C 306 -21.81 -64.44 -28.65
N LEU C 307 -22.17 -63.39 -27.94
CA LEU C 307 -21.72 -62.05 -28.34
C LEU C 307 -20.22 -61.92 -28.11
N ASN C 308 -19.71 -62.66 -27.15
CA ASN C 308 -18.29 -62.56 -26.76
C ASN C 308 -17.44 -63.10 -27.91
N ASP C 309 -18.02 -64.01 -28.69
CA ASP C 309 -17.32 -64.79 -29.74
C ASP C 309 -17.66 -64.15 -31.06
N HIS C 310 -18.49 -63.13 -31.05
CA HIS C 310 -19.06 -62.53 -32.27
C HIS C 310 -18.09 -61.52 -32.86
N PRO C 311 -17.78 -61.65 -34.16
CA PRO C 311 -16.81 -60.76 -34.80
C PRO C 311 -17.33 -59.33 -34.99
N LYS C 312 -18.64 -59.12 -34.87
CA LYS C 312 -19.21 -57.75 -34.99
C LYS C 312 -19.40 -57.14 -33.61
N VAL C 313 -18.89 -57.81 -32.60
CA VAL C 313 -18.98 -57.30 -31.22
C VAL C 313 -17.56 -56.99 -30.78
N GLU C 314 -17.38 -55.80 -30.24
CA GLU C 314 -16.06 -55.37 -29.80
C GLU C 314 -15.83 -55.99 -28.43
N TRP C 315 -16.81 -55.83 -27.56
CA TRP C 315 -16.60 -56.31 -26.19
C TRP C 315 -17.93 -56.74 -25.64
N VAL C 316 -17.83 -57.59 -24.66
CA VAL C 316 -19.00 -58.03 -23.91
C VAL C 316 -18.57 -57.98 -22.47
N ASN C 317 -19.44 -57.35 -21.71
CA ASN C 317 -19.21 -57.17 -20.29
C ASN C 317 -20.22 -58.01 -19.56
N TYR C 318 -19.76 -59.14 -19.10
CA TYR C 318 -20.58 -60.04 -18.29
C TYR C 318 -19.62 -60.81 -17.45
N PRO C 319 -19.76 -60.72 -16.13
CA PRO C 319 -18.79 -61.26 -15.21
C PRO C 319 -18.49 -62.74 -15.43
N ALA C 320 -19.40 -63.50 -16.02
CA ALA C 320 -19.19 -64.94 -16.18
C ALA C 320 -18.36 -65.18 -17.43
N LEU C 321 -18.07 -64.16 -18.20
CA LEU C 321 -17.22 -64.40 -19.38
C LEU C 321 -15.79 -64.48 -18.90
N GLU C 322 -15.09 -65.47 -19.38
CA GLU C 322 -13.65 -65.60 -19.07
C GLU C 322 -13.01 -64.27 -19.33
N GLY C 323 -12.07 -63.88 -18.47
CA GLY C 323 -11.30 -62.65 -18.68
C GLY C 323 -12.06 -61.46 -18.15
N ASN C 324 -13.33 -61.62 -17.81
CA ASN C 324 -14.07 -60.49 -17.21
C ASN C 324 -13.43 -60.16 -15.86
N LYS C 325 -13.24 -58.87 -15.61
CA LYS C 325 -12.57 -58.34 -14.42
C LYS C 325 -13.26 -58.93 -13.18
N TYR C 326 -14.54 -59.21 -13.29
CA TYR C 326 -15.36 -59.55 -12.12
C TYR C 326 -15.64 -61.04 -12.07
N TYR C 327 -14.97 -61.78 -12.94
CA TYR C 327 -15.16 -63.23 -13.07
C TYR C 327 -15.02 -63.84 -11.69
N GLU C 328 -13.92 -63.61 -10.99
CA GLU C 328 -13.69 -64.29 -9.70
C GLU C 328 -14.74 -63.83 -8.70
N LEU C 329 -15.18 -62.60 -8.81
CA LEU C 329 -16.22 -62.11 -7.89
C LEU C 329 -17.55 -62.72 -8.24
N TYR C 330 -17.73 -63.01 -9.50
CA TYR C 330 -18.93 -63.72 -9.96
C TYR C 330 -18.87 -65.13 -9.36
N LYS C 331 -17.74 -65.79 -9.49
CA LYS C 331 -17.60 -67.17 -8.96
C LYS C 331 -17.83 -67.14 -7.47
N LYS C 332 -17.41 -66.06 -6.83
CA LYS C 332 -17.42 -66.03 -5.38
C LYS C 332 -18.83 -65.73 -4.95
N TYR C 333 -19.43 -64.75 -5.57
CA TYR C 333 -20.68 -64.21 -5.03
C TYR C 333 -21.90 -64.63 -5.79
N LEU C 334 -21.78 -64.78 -7.10
CA LEU C 334 -22.97 -65.07 -7.91
C LEU C 334 -22.68 -66.32 -8.69
N PRO C 335 -22.34 -67.42 -8.01
CA PRO C 335 -21.89 -68.62 -8.74
C PRO C 335 -22.99 -69.16 -9.66
N LYS C 336 -24.25 -68.81 -9.40
CA LYS C 336 -25.37 -69.29 -10.23
C LYS C 336 -25.41 -68.45 -11.49
N GLY C 337 -24.66 -67.38 -11.51
CA GLY C 337 -24.61 -66.55 -12.70
C GLY C 337 -24.81 -65.13 -12.29
N PRO C 338 -24.02 -64.23 -12.89
CA PRO C 338 -23.94 -62.86 -12.43
C PRO C 338 -25.07 -62.07 -13.06
N GLY C 339 -26.27 -62.54 -12.74
CA GLY C 339 -27.53 -62.04 -13.30
C GLY C 339 -27.56 -62.21 -14.79
N ALA C 340 -28.49 -61.52 -15.39
CA ALA C 340 -28.89 -61.81 -16.77
C ALA C 340 -28.93 -60.50 -17.52
N ILE C 341 -28.16 -59.57 -16.99
CA ILE C 341 -28.00 -58.27 -17.64
C ILE C 341 -26.53 -58.14 -17.95
N PHE C 342 -26.28 -57.77 -19.16
CA PHE C 342 -24.88 -57.54 -19.52
C PHE C 342 -24.89 -56.54 -20.64
N THR C 343 -23.71 -56.09 -20.94
CA THR C 343 -23.54 -55.06 -21.94
C THR C 343 -22.59 -55.58 -22.98
N PHE C 344 -22.72 -54.99 -24.10
CA PHE C 344 -21.74 -55.29 -25.14
C PHE C 344 -21.63 -54.04 -25.97
N GLY C 345 -20.49 -53.94 -26.60
CA GLY C 345 -20.18 -52.81 -27.45
C GLY C 345 -19.96 -53.41 -28.81
N PRO C 346 -20.81 -53.05 -29.76
CA PRO C 346 -20.69 -53.59 -31.09
C PRO C 346 -19.48 -52.92 -31.73
N LYS C 347 -18.85 -53.63 -32.62
CA LYS C 347 -17.93 -52.98 -33.58
C LYS C 347 -18.76 -51.92 -34.30
N GLY C 348 -18.20 -50.75 -34.46
CA GLY C 348 -18.82 -49.61 -35.15
C GLY C 348 -19.42 -48.68 -34.13
N GLY C 349 -19.22 -49.01 -32.86
CA GLY C 349 -19.40 -48.05 -31.77
C GLY C 349 -20.86 -47.65 -31.66
N TYR C 350 -21.08 -46.44 -31.22
CA TYR C 350 -22.39 -45.87 -30.89
C TYR C 350 -23.29 -46.13 -32.10
N ASP C 351 -22.81 -45.80 -33.28
CA ASP C 351 -23.66 -45.83 -34.49
C ASP C 351 -24.10 -47.26 -34.72
N ALA C 352 -23.20 -48.22 -34.57
CA ALA C 352 -23.56 -49.63 -34.70
C ALA C 352 -24.58 -49.97 -33.60
N ALA C 353 -24.35 -49.51 -32.36
CA ALA C 353 -25.23 -49.86 -31.23
C ALA C 353 -26.63 -49.41 -31.60
N LYS C 354 -26.75 -48.18 -32.07
CA LYS C 354 -28.07 -47.65 -32.43
C LYS C 354 -28.68 -48.54 -33.49
N LYS C 355 -27.91 -48.98 -34.47
CA LYS C 355 -28.48 -49.78 -35.56
C LYS C 355 -28.92 -51.10 -34.95
N ILE C 356 -28.13 -51.67 -34.05
CA ILE C 356 -28.48 -52.98 -33.43
C ILE C 356 -29.79 -52.81 -32.70
N ILE C 357 -29.89 -51.77 -31.90
CA ILE C 357 -31.05 -51.56 -31.03
C ILE C 357 -32.22 -51.34 -31.94
N ASN C 358 -32.01 -50.69 -33.06
CA ASN C 358 -33.11 -50.41 -34.02
C ASN C 358 -33.52 -51.69 -34.74
N ASN C 359 -32.63 -52.69 -34.80
CA ASN C 359 -32.79 -53.82 -35.72
C ASN C 359 -33.21 -55.06 -34.98
N VAL C 360 -33.15 -55.07 -33.66
CA VAL C 360 -33.62 -56.28 -32.95
C VAL C 360 -35.13 -56.30 -33.07
N LYS C 361 -35.70 -57.47 -33.17
CA LYS C 361 -37.15 -57.59 -33.37
C LYS C 361 -37.75 -58.29 -32.16
N LEU C 362 -36.92 -58.99 -31.44
CA LEU C 362 -37.42 -59.79 -30.31
C LEU C 362 -37.07 -59.12 -29.01
N PHE C 363 -35.82 -58.78 -28.83
CA PHE C 363 -35.45 -57.81 -27.79
C PHE C 363 -36.32 -56.58 -27.88
N SER C 364 -36.82 -56.20 -26.73
CA SER C 364 -37.71 -55.05 -26.60
C SER C 364 -36.81 -53.89 -26.25
N HIS C 365 -36.95 -52.84 -27.01
CA HIS C 365 -36.24 -51.59 -26.75
C HIS C 365 -37.08 -50.80 -25.76
N LEU C 366 -36.64 -50.79 -24.53
CA LEU C 366 -37.42 -50.15 -23.50
C LEU C 366 -36.54 -50.02 -22.29
N ALA C 367 -37.03 -49.23 -21.39
CA ALA C 367 -36.31 -48.85 -20.17
C ALA C 367 -36.81 -49.78 -19.09
N ASN C 368 -36.08 -50.85 -18.92
CA ASN C 368 -36.36 -51.79 -17.82
C ASN C 368 -35.21 -52.78 -17.92
N VAL C 369 -35.12 -53.59 -16.92
CA VAL C 369 -34.36 -54.85 -16.99
C VAL C 369 -35.21 -55.81 -16.22
N GLY C 370 -34.90 -57.07 -16.37
CA GLY C 370 -35.42 -58.10 -15.48
C GLY C 370 -36.86 -58.39 -15.81
N ASP C 371 -37.27 -58.02 -16.99
CA ASP C 371 -38.52 -58.60 -17.56
C ASP C 371 -38.22 -60.06 -17.96
N ALA C 372 -39.23 -60.89 -18.06
CA ALA C 372 -39.09 -62.20 -18.69
C ALA C 372 -38.70 -61.96 -20.13
N LYS C 373 -39.16 -60.85 -20.67
CA LYS C 373 -38.80 -60.49 -22.06
C LYS C 373 -37.43 -59.88 -22.07
N SER C 374 -36.74 -60.23 -23.12
CA SER C 374 -35.40 -59.72 -23.40
C SER C 374 -35.50 -58.26 -23.78
N LEU C 375 -34.66 -57.49 -23.15
CA LEU C 375 -34.69 -56.03 -23.28
C LEU C 375 -33.34 -55.55 -23.74
N ILE C 376 -33.41 -54.41 -24.33
CA ILE C 376 -32.24 -53.79 -24.93
C ILE C 376 -32.40 -52.31 -24.78
N ILE C 377 -31.28 -51.69 -24.49
CA ILE C 377 -31.28 -50.23 -24.49
C ILE C 377 -29.83 -49.79 -24.58
N HIS C 378 -29.68 -48.51 -24.88
CA HIS C 378 -28.39 -47.83 -24.93
C HIS C 378 -28.29 -46.99 -23.68
N PRO C 379 -27.65 -47.46 -22.61
CA PRO C 379 -27.76 -46.77 -21.31
C PRO C 379 -27.38 -45.29 -21.39
N ALA C 380 -26.38 -44.97 -22.17
CA ALA C 380 -25.78 -43.62 -22.15
C ALA C 380 -26.82 -42.58 -22.55
N SER C 381 -27.75 -42.95 -23.41
CA SER C 381 -28.76 -41.99 -23.93
C SER C 381 -30.07 -42.21 -23.20
N THR C 382 -30.13 -43.17 -22.28
CA THR C 382 -31.44 -43.53 -21.71
C THR C 382 -31.34 -43.61 -20.21
N THR C 383 -30.98 -44.76 -19.72
CA THR C 383 -31.06 -45.12 -18.31
C THR C 383 -30.11 -44.21 -17.53
N HIS C 384 -29.01 -43.84 -18.16
CA HIS C 384 -27.95 -43.06 -17.53
C HIS C 384 -27.78 -41.71 -18.18
N GLN C 385 -28.84 -41.28 -18.86
CA GLN C 385 -28.74 -40.06 -19.65
C GLN C 385 -28.63 -38.87 -18.72
N GLN C 386 -29.09 -38.96 -17.50
CA GLN C 386 -29.09 -37.78 -16.63
C GLN C 386 -27.67 -37.53 -16.17
N LEU C 387 -26.90 -38.58 -16.17
CA LEU C 387 -25.57 -38.48 -15.59
C LEU C 387 -24.75 -37.65 -16.56
N THR C 388 -23.79 -36.96 -15.99
CA THR C 388 -22.76 -36.27 -16.76
C THR C 388 -21.90 -37.34 -17.39
N GLU C 389 -21.14 -36.95 -18.39
CA GLU C 389 -20.20 -37.88 -19.02
C GLU C 389 -19.34 -38.48 -17.91
N GLU C 390 -18.88 -37.68 -16.98
CA GLU C 390 -17.97 -38.20 -15.96
C GLU C 390 -18.66 -39.24 -15.09
N GLU C 391 -19.92 -38.99 -14.75
CA GLU C 391 -20.69 -39.92 -13.91
C GLU C 391 -21.02 -41.17 -14.70
N GLN C 392 -21.31 -41.01 -15.96
CA GLN C 392 -21.57 -42.16 -16.85
C GLN C 392 -20.31 -42.97 -16.92
N ARG C 393 -19.19 -42.32 -17.15
CA ARG C 393 -17.92 -43.05 -17.24
C ARG C 393 -17.70 -43.79 -15.93
N ALA C 394 -17.93 -43.13 -14.79
CA ALA C 394 -17.71 -43.71 -13.45
C ALA C 394 -18.73 -44.82 -13.23
N ALA C 395 -19.88 -44.76 -13.89
CA ALA C 395 -20.93 -45.77 -13.76
C ALA C 395 -20.66 -46.89 -14.75
N GLY C 396 -19.63 -46.76 -15.57
CA GLY C 396 -19.24 -47.82 -16.51
C GLY C 396 -20.04 -47.72 -17.77
N VAL C 397 -20.73 -46.63 -17.94
CA VAL C 397 -21.56 -46.41 -19.14
C VAL C 397 -20.64 -46.02 -20.26
N LEU C 398 -20.81 -46.65 -21.41
CA LEU C 398 -19.96 -46.33 -22.56
C LEU C 398 -20.87 -45.91 -23.68
N PRO C 399 -20.35 -45.11 -24.62
CA PRO C 399 -21.16 -44.60 -25.70
C PRO C 399 -21.67 -45.71 -26.60
N GLU C 400 -20.91 -46.78 -26.74
CA GLU C 400 -21.24 -47.85 -27.71
C GLU C 400 -21.96 -48.96 -26.95
N MET C 401 -22.11 -48.78 -25.66
CA MET C 401 -22.68 -49.83 -24.81
C MET C 401 -24.13 -50.04 -25.17
N ILE C 402 -24.44 -51.29 -25.36
CA ILE C 402 -25.82 -51.77 -25.38
C ILE C 402 -25.94 -52.55 -24.10
N ARG C 403 -27.00 -52.32 -23.37
CA ARG C 403 -27.36 -53.17 -22.26
C ARG C 403 -28.43 -54.13 -22.75
N LEU C 404 -28.17 -55.39 -22.48
CA LEU C 404 -29.17 -56.43 -22.69
C LEU C 404 -29.64 -56.90 -21.33
N SER C 405 -30.94 -57.02 -21.22
CA SER C 405 -31.55 -57.71 -20.12
C SER C 405 -32.06 -58.97 -20.75
N VAL C 406 -31.38 -60.06 -20.49
CA VAL C 406 -31.67 -61.26 -21.24
C VAL C 406 -32.85 -61.90 -20.58
N GLY C 407 -33.87 -62.08 -21.38
CA GLY C 407 -35.12 -62.65 -20.96
C GLY C 407 -35.07 -64.15 -21.02
N ILE C 408 -36.24 -64.72 -20.91
CA ILE C 408 -36.35 -66.17 -20.78
C ILE C 408 -36.89 -66.72 -22.06
N GLU C 409 -36.79 -65.96 -23.12
CA GLU C 409 -37.13 -66.46 -24.46
C GLU C 409 -36.20 -67.61 -24.79
N ASP C 410 -36.59 -68.36 -25.80
CA ASP C 410 -35.68 -69.33 -26.40
C ASP C 410 -34.38 -68.61 -26.74
N ILE C 411 -33.31 -69.05 -26.14
CA ILE C 411 -31.98 -68.45 -26.38
C ILE C 411 -31.74 -68.41 -27.89
N GLU C 412 -32.16 -69.44 -28.61
CA GLU C 412 -31.91 -69.49 -30.07
C GLU C 412 -32.52 -68.26 -30.68
N ASP C 413 -33.70 -67.87 -30.22
CA ASP C 413 -34.41 -66.73 -30.82
C ASP C 413 -33.68 -65.46 -30.42
N LEU C 414 -33.16 -65.40 -29.22
CA LEU C 414 -32.45 -64.20 -28.76
C LEU C 414 -31.18 -64.07 -29.55
N ILE C 415 -30.47 -65.18 -29.69
CA ILE C 415 -29.22 -65.15 -30.46
C ILE C 415 -29.57 -64.75 -31.88
N TYR C 416 -30.60 -65.37 -32.45
CA TYR C 416 -30.98 -65.07 -33.82
C TYR C 416 -31.22 -63.58 -33.91
N ASP C 417 -31.99 -63.05 -32.97
CA ASP C 417 -32.43 -61.64 -33.04
C ASP C 417 -31.19 -60.75 -33.01
N ILE C 418 -30.28 -61.05 -32.12
CA ILE C 418 -29.11 -60.16 -31.93
C ILE C 418 -28.20 -60.37 -33.11
N GLU C 419 -28.02 -61.62 -33.53
CA GLU C 419 -27.18 -61.95 -34.69
C GLU C 419 -27.73 -61.22 -35.92
N SER C 420 -29.04 -61.23 -36.13
CA SER C 420 -29.60 -60.59 -37.33
C SER C 420 -29.35 -59.10 -37.19
N ALA C 421 -29.49 -58.55 -36.00
CA ALA C 421 -29.31 -57.12 -35.76
C ALA C 421 -27.84 -56.79 -36.05
N LEU C 422 -26.94 -57.63 -35.60
CA LEU C 422 -25.48 -57.43 -35.83
C LEU C 422 -25.16 -57.48 -37.31
N ASN C 423 -25.76 -58.42 -38.01
CA ASN C 423 -25.53 -58.66 -39.45
C ASN C 423 -26.21 -57.58 -40.27
N LYS C 424 -27.27 -56.95 -39.79
CA LYS C 424 -27.89 -55.88 -40.59
C LYS C 424 -26.87 -54.73 -40.71
N VAL C 425 -26.17 -54.40 -39.61
CA VAL C 425 -25.04 -53.40 -39.56
C VAL C 425 -23.96 -53.79 -40.59
N MET D 1 16.47 -11.76 28.57
CA MET D 1 15.92 -12.53 27.47
C MET D 1 16.16 -11.73 26.18
N GLU D 2 16.75 -12.35 25.14
CA GLU D 2 16.66 -11.86 23.74
C GLU D 2 15.36 -12.41 23.14
N GLU D 3 14.46 -11.55 22.63
CA GLU D 3 13.48 -11.95 21.58
C GLU D 3 14.15 -13.03 20.72
N ARG D 4 13.41 -14.11 20.42
CA ARG D 4 13.80 -15.13 19.40
C ARG D 4 14.27 -14.47 18.08
N LYS D 5 15.44 -14.85 17.56
CA LYS D 5 15.97 -14.32 16.27
C LYS D 5 15.58 -15.33 15.18
N TYR D 6 15.04 -14.84 14.07
CA TYR D 6 14.99 -15.60 12.81
C TYR D 6 16.40 -15.92 12.37
N GLY D 7 16.56 -17.09 11.78
CA GLY D 7 17.83 -17.49 11.15
C GLY D 7 18.12 -16.63 9.94
N PHE D 8 19.35 -16.68 9.53
CA PHE D 8 19.85 -15.89 8.40
C PHE D 8 18.98 -16.11 7.17
N ASP D 9 18.66 -17.35 6.90
CA ASP D 9 17.93 -17.68 5.66
C ASP D 9 16.51 -17.12 5.72
N THR D 10 15.95 -17.06 6.91
CA THR D 10 14.66 -16.45 7.11
C THR D 10 14.81 -14.97 6.90
N LEU D 11 15.79 -14.39 7.55
CA LEU D 11 16.00 -12.94 7.45
C LEU D 11 16.23 -12.53 6.00
N GLN D 12 16.98 -13.27 5.22
CA GLN D 12 17.32 -12.81 3.87
C GLN D 12 16.05 -12.79 3.05
N LEU D 13 15.03 -13.52 3.50
CA LEU D 13 13.76 -13.62 2.78
C LEU D 13 12.81 -12.58 3.31
N HIS D 14 12.84 -12.36 4.62
CA HIS D 14 11.71 -11.72 5.31
C HIS D 14 12.12 -10.41 5.96
N ALA D 15 13.36 -10.23 6.35
CA ALA D 15 13.71 -9.10 7.22
C ALA D 15 13.38 -7.85 6.44
N GLY D 16 12.76 -6.92 7.13
CA GLY D 16 12.51 -5.60 6.61
C GLY D 16 11.25 -5.58 5.82
N GLN D 17 10.66 -6.75 5.63
CA GLN D 17 9.58 -6.87 4.64
C GLN D 17 8.29 -7.09 5.42
N PHE D 18 7.43 -6.12 5.26
CA PHE D 18 6.13 -6.10 5.92
C PHE D 18 5.13 -6.15 4.81
N VAL D 19 4.01 -6.71 5.16
CA VAL D 19 2.88 -6.84 4.23
C VAL D 19 2.22 -5.48 4.25
N ASP D 20 2.18 -4.82 3.13
CA ASP D 20 1.62 -3.46 3.07
C ASP D 20 0.15 -3.60 3.38
N ARG D 21 -0.33 -2.68 4.17
CA ARG D 21 -1.71 -2.72 4.67
C ARG D 21 -2.65 -2.45 3.51
N GLU D 22 -2.19 -1.83 2.46
CA GLU D 22 -3.13 -1.45 1.39
C GLU D 22 -3.49 -2.72 0.61
N THR D 23 -2.49 -3.39 0.08
CA THR D 23 -2.74 -4.43 -0.91
C THR D 23 -2.48 -5.81 -0.35
N LYS D 24 -1.66 -5.88 0.69
CA LYS D 24 -1.26 -7.14 1.31
C LYS D 24 -0.36 -7.88 0.35
N SER D 25 0.27 -7.16 -0.58
N SER D 25 0.20 -7.17 -0.62
CA SER D 25 1.15 -7.80 -1.58
CA SER D 25 1.18 -7.78 -1.53
C SER D 25 2.28 -8.53 -0.84
C SER D 25 2.16 -8.59 -0.69
N ARG D 26 2.41 -9.81 -1.14
CA ARG D 26 3.45 -10.63 -0.52
C ARG D 26 4.80 -10.16 -1.03
N ALA D 27 4.93 -9.88 -2.31
CA ALA D 27 6.18 -9.34 -2.86
C ALA D 27 6.32 -7.92 -2.37
N VAL D 28 7.54 -7.54 -2.19
CA VAL D 28 7.87 -6.15 -1.93
C VAL D 28 7.46 -5.36 -3.15
N PRO D 29 6.52 -4.44 -3.00
CA PRO D 29 6.13 -3.61 -4.12
C PRO D 29 7.37 -2.84 -4.51
N ILE D 30 7.36 -2.53 -5.78
CA ILE D 30 8.29 -1.56 -6.34
C ILE D 30 7.61 -0.22 -6.20
N TYR D 31 8.04 0.49 -5.18
CA TYR D 31 7.48 1.81 -4.91
C TYR D 31 8.28 2.81 -5.72
N GLN D 32 8.07 2.70 -7.00
CA GLN D 32 8.71 3.54 -8.00
C GLN D 32 7.97 4.84 -7.99
N THR D 33 8.21 5.55 -6.93
CA THR D 33 7.61 6.83 -6.65
C THR D 33 8.73 7.75 -6.23
N THR D 34 8.52 8.99 -6.46
CA THR D 34 9.43 10.02 -5.94
C THR D 34 8.94 10.39 -4.57
N SER D 35 7.66 10.43 -4.43
CA SER D 35 6.99 11.20 -3.41
C SER D 35 5.86 10.42 -2.78
N TYR D 36 5.37 10.99 -1.73
CA TYR D 36 4.50 10.33 -0.79
C TYR D 36 3.61 11.39 -0.27
N ILE D 37 2.36 11.04 -0.25
CA ILE D 37 1.37 11.99 0.22
C ILE D 37 1.60 12.25 1.70
N PHE D 38 1.48 13.50 2.04
CA PHE D 38 1.39 13.98 3.42
C PHE D 38 -0.06 14.23 3.71
N GLU D 39 -0.53 13.64 4.79
CA GLU D 39 -1.96 13.62 5.10
C GLU D 39 -2.36 15.04 5.37
N THR D 40 -1.47 15.79 6.02
CA THR D 40 -1.81 17.15 6.47
C THR D 40 -0.55 17.95 6.35
N PRO D 41 -0.66 19.28 6.36
CA PRO D 41 0.50 20.13 6.53
C PRO D 41 1.28 19.75 7.78
N GLU D 42 0.57 19.47 8.85
CA GLU D 42 1.24 19.13 10.12
C GLU D 42 2.06 17.87 9.89
N GLU D 43 1.50 16.88 9.24
CA GLU D 43 2.24 15.64 9.05
C GLU D 43 3.46 15.95 8.21
N ALA D 44 3.27 16.72 7.16
CA ALA D 44 4.40 17.05 6.27
C ALA D 44 5.47 17.70 7.13
N ALA D 45 5.07 18.69 7.90
CA ALA D 45 6.00 19.46 8.74
C ALA D 45 6.65 18.46 9.70
N ASP D 46 5.86 17.58 10.29
CA ASP D 46 6.37 16.60 11.27
C ASP D 46 7.39 15.69 10.63
N LEU D 47 7.12 15.25 9.42
CA LEU D 47 8.03 14.37 8.69
C LEU D 47 9.33 15.10 8.44
N PHE D 48 9.25 16.29 7.92
CA PHE D 48 10.47 17.04 7.58
C PHE D 48 11.20 17.44 8.84
N ALA D 49 10.46 17.62 9.94
CA ALA D 49 11.08 17.99 11.20
C ALA D 49 11.59 16.73 11.88
N LEU D 50 11.34 15.56 11.31
CA LEU D 50 11.82 14.26 11.87
C LEU D 50 11.07 13.97 13.17
N LYS D 51 9.90 14.57 13.35
CA LYS D 51 9.01 14.32 14.52
C LYS D 51 8.30 12.98 14.35
N LYS D 52 8.16 12.52 13.12
CA LYS D 52 7.27 11.41 12.76
C LYS D 52 8.06 10.65 11.70
N ALA D 53 8.08 9.32 11.76
CA ALA D 53 8.59 8.44 10.70
C ALA D 53 7.56 8.49 9.57
N GLY D 54 8.06 8.36 8.37
CA GLY D 54 7.17 8.28 7.24
C GLY D 54 7.97 8.52 6.02
N ASN D 55 7.34 8.33 4.90
CA ASN D 55 7.97 8.48 3.60
C ASN D 55 7.86 9.96 3.26
N ILE D 56 8.95 10.47 2.77
CA ILE D 56 8.98 11.89 2.38
C ILE D 56 9.28 11.94 0.91
N TYR D 57 10.35 11.30 0.56
CA TYR D 57 10.87 11.47 -0.77
C TYR D 57 11.85 10.37 -0.98
N THR D 58 11.84 9.86 -2.20
CA THR D 58 12.56 8.62 -2.48
C THR D 58 14.05 8.86 -2.38
N ARG D 59 14.48 10.08 -2.64
CA ARG D 59 15.93 10.34 -2.48
C ARG D 59 16.36 10.04 -1.05
N ILE D 60 15.47 10.31 -0.10
CA ILE D 60 15.72 10.18 1.36
C ILE D 60 15.39 8.78 1.80
N GLY D 61 14.37 8.19 1.22
CA GLY D 61 13.90 6.95 1.77
C GLY D 61 12.76 6.47 0.94
N ASN D 62 12.75 5.20 0.77
CA ASN D 62 11.73 4.59 -0.09
C ASN D 62 11.37 3.27 0.56
N PRO D 63 10.10 2.91 0.50
CA PRO D 63 9.65 1.73 1.23
C PRO D 63 10.18 0.44 0.61
N THR D 64 10.51 0.45 -0.68
CA THR D 64 11.08 -0.76 -1.26
C THR D 64 12.50 -0.87 -0.77
N THR D 65 13.16 0.23 -0.89
CA THR D 65 14.56 0.33 -0.46
C THR D 65 14.67 0.05 1.02
N ASP D 66 13.73 0.52 1.78
CA ASP D 66 13.66 0.34 3.25
C ASP D 66 13.71 -1.14 3.58
N VAL D 67 13.04 -1.96 2.80
CA VAL D 67 13.07 -3.39 3.05
C VAL D 67 14.50 -3.84 2.94
N LEU D 68 15.13 -3.45 1.85
CA LEU D 68 16.47 -3.96 1.58
C LEU D 68 17.40 -3.43 2.66
N GLU D 69 17.26 -2.18 3.01
CA GLU D 69 18.12 -1.59 4.05
C GLU D 69 17.93 -2.36 5.34
N LYS D 70 16.71 -2.53 5.74
CA LYS D 70 16.44 -3.29 6.96
C LYS D 70 16.92 -4.71 6.81
N ARG D 71 16.79 -5.28 5.64
CA ARG D 71 17.17 -6.66 5.48
C ARG D 71 18.68 -6.75 5.62
N ILE D 72 19.40 -5.88 4.92
CA ILE D 72 20.86 -6.03 5.01
C ILE D 72 21.31 -5.74 6.43
N ALA D 73 20.70 -4.76 7.06
CA ALA D 73 21.03 -4.43 8.44
C ALA D 73 20.78 -5.66 9.26
N ALA D 74 19.67 -6.35 9.02
CA ALA D 74 19.28 -7.48 9.83
C ALA D 74 20.35 -8.54 9.61
N LEU D 75 20.70 -8.78 8.36
CA LEU D 75 21.65 -9.85 8.06
C LEU D 75 22.99 -9.54 8.67
N ASP D 76 23.39 -8.29 8.63
CA ASP D 76 24.68 -7.90 9.21
C ASP D 76 24.59 -7.74 10.72
N GLY D 77 23.39 -7.59 11.28
CA GLY D 77 23.16 -7.36 12.71
C GLY D 77 23.42 -5.90 13.04
N GLY D 78 23.17 -5.02 12.08
CA GLY D 78 23.33 -3.59 12.25
C GLY D 78 22.06 -3.01 12.71
N VAL D 79 22.11 -1.75 13.08
CA VAL D 79 20.94 -1.03 13.58
C VAL D 79 20.14 -0.54 12.39
N GLY D 80 20.80 -0.34 11.27
CA GLY D 80 20.12 0.28 10.15
C GLY D 80 21.08 0.31 9.00
N ALA D 81 20.52 0.67 7.90
CA ALA D 81 21.30 0.77 6.68
C ALA D 81 20.67 1.82 5.82
N VAL D 82 21.49 2.25 4.91
CA VAL D 82 21.04 3.20 3.89
C VAL D 82 21.59 2.63 2.62
N ALA D 83 20.70 2.43 1.71
CA ALA D 83 21.05 1.98 0.38
C ALA D 83 21.49 3.20 -0.38
N THR D 84 22.35 2.94 -1.32
CA THR D 84 22.88 4.01 -2.16
C THR D 84 22.86 3.48 -3.57
N SER D 85 23.08 4.39 -4.47
CA SER D 85 23.03 4.13 -5.90
C SER D 85 24.08 3.10 -6.27
N SER D 86 25.14 2.98 -5.47
CA SER D 86 26.25 2.10 -5.83
C SER D 86 27.04 1.81 -4.60
N GLY D 87 27.88 0.80 -4.69
CA GLY D 87 28.88 0.54 -3.65
C GLY D 87 29.78 1.74 -3.48
N GLN D 88 30.17 2.37 -4.57
CA GLN D 88 31.06 3.54 -4.48
C GLN D 88 30.36 4.60 -3.66
N ALA D 89 29.08 4.77 -3.86
CA ALA D 89 28.30 5.79 -3.17
C ALA D 89 28.21 5.41 -1.71
N ALA D 90 28.07 4.13 -1.44
CA ALA D 90 27.99 3.61 -0.07
C ALA D 90 29.29 3.98 0.63
N ILE D 91 30.38 3.68 -0.03
CA ILE D 91 31.71 3.94 0.55
C ILE D 91 31.87 5.43 0.76
N THR D 92 31.55 6.21 -0.28
CA THR D 92 31.64 7.66 -0.24
C THR D 92 30.88 8.11 0.97
N TYR D 93 29.65 7.68 1.05
CA TYR D 93 28.79 8.12 2.15
C TYR D 93 29.32 7.64 3.47
N ALA D 94 29.79 6.42 3.55
CA ALA D 94 30.24 5.83 4.81
C ALA D 94 31.31 6.76 5.35
N ILE D 95 32.17 7.22 4.44
CA ILE D 95 33.30 8.06 4.84
C ILE D 95 32.78 9.47 5.07
N LEU D 96 32.06 10.02 4.10
CA LEU D 96 31.75 11.44 4.18
C LEU D 96 30.82 11.66 5.36
N ASN D 97 30.18 10.63 5.82
CA ASN D 97 29.28 10.79 6.98
C ASN D 97 30.08 11.16 8.20
N ILE D 98 31.37 10.83 8.24
CA ILE D 98 32.19 11.02 9.45
C ILE D 98 33.50 11.73 9.14
N ALA D 99 33.72 12.10 7.90
CA ALA D 99 34.98 12.73 7.50
C ALA D 99 34.62 13.91 6.61
N ARG D 100 35.21 15.03 6.97
CA ARG D 100 35.06 16.24 6.18
C ARG D 100 36.43 16.66 5.73
N SER D 101 36.43 17.64 4.86
CA SER D 101 37.66 18.24 4.37
C SER D 101 38.54 18.46 5.59
N GLY D 102 39.75 17.94 5.53
CA GLY D 102 40.78 18.14 6.54
C GLY D 102 40.95 16.84 7.29
N ASP D 103 40.03 15.92 7.13
CA ASP D 103 40.07 14.66 7.89
C ASP D 103 40.85 13.62 7.10
N GLU D 104 41.14 12.56 7.78
CA GLU D 104 41.86 11.44 7.22
C GLU D 104 41.01 10.21 7.42
N VAL D 105 41.40 9.24 6.65
CA VAL D 105 40.87 7.88 6.76
C VAL D 105 42.05 6.99 6.53
N VAL D 106 42.12 5.95 7.31
CA VAL D 106 43.15 4.95 7.07
C VAL D 106 42.45 3.82 6.35
N ALA D 107 42.99 3.43 5.22
CA ALA D 107 42.40 2.36 4.41
C ALA D 107 43.50 1.36 4.13
N ALA D 108 43.13 0.09 4.09
CA ALA D 108 43.98 -0.92 3.43
C ALA D 108 44.24 -0.43 2.02
N SER D 109 45.43 -0.70 1.53
N SER D 109 45.44 -0.72 1.53
CA SER D 109 45.83 -0.43 0.12
CA SER D 109 45.87 -0.51 0.13
C SER D 109 45.18 -1.49 -0.81
C SER D 109 45.15 -1.48 -0.80
N THR D 110 44.62 -2.54 -0.17
CA THR D 110 44.05 -3.73 -0.83
C THR D 110 42.57 -3.43 -1.03
N LEU D 111 42.35 -2.54 -1.97
CA LEU D 111 41.02 -2.02 -2.25
C LEU D 111 40.71 -2.33 -3.69
N TYR D 112 39.43 -2.48 -3.89
CA TYR D 112 38.84 -2.29 -5.21
C TYR D 112 39.40 -1.02 -5.80
N GLY D 113 39.80 -1.07 -7.06
CA GLY D 113 40.40 0.09 -7.73
C GLY D 113 39.51 1.28 -7.56
N GLY D 114 38.20 1.11 -7.72
CA GLY D 114 37.27 2.24 -7.68
C GLY D 114 37.30 2.89 -6.31
N THR D 115 37.45 2.10 -5.26
CA THR D 115 37.49 2.64 -3.91
C THR D 115 38.82 3.33 -3.73
N TYR D 116 39.86 2.69 -4.21
CA TYR D 116 41.19 3.27 -4.14
C TYR D 116 41.15 4.65 -4.77
N THR D 117 40.57 4.73 -5.95
CA THR D 117 40.53 5.99 -6.70
C THR D 117 39.67 6.97 -5.94
N LEU D 118 38.56 6.52 -5.44
CA LEU D 118 37.68 7.41 -4.71
C LEU D 118 38.51 7.98 -3.57
N PHE D 119 39.20 7.10 -2.88
CA PHE D 119 39.95 7.49 -1.70
C PHE D 119 41.07 8.41 -2.11
N ALA D 120 41.84 8.00 -3.08
CA ALA D 120 43.14 8.64 -3.37
C ALA D 120 42.90 9.93 -4.14
N HIS D 121 41.78 10.05 -4.82
CA HIS D 121 41.58 11.14 -5.79
C HIS D 121 40.36 11.91 -5.38
N THR D 122 39.19 11.30 -5.52
CA THR D 122 37.98 12.09 -5.32
C THR D 122 37.91 12.59 -3.90
N LEU D 123 38.10 11.75 -2.90
CA LEU D 123 38.01 12.22 -1.52
C LEU D 123 39.17 13.17 -1.22
N ARG D 124 40.32 12.90 -1.81
CA ARG D 124 41.49 13.78 -1.66
C ARG D 124 41.08 15.19 -2.07
N LYS D 125 40.44 15.29 -3.21
CA LYS D 125 40.01 16.61 -3.73
C LYS D 125 38.99 17.23 -2.77
N LEU D 126 38.28 16.43 -2.01
CA LEU D 126 37.34 16.95 -1.00
C LEU D 126 38.03 17.10 0.34
N GLY D 127 39.36 17.02 0.39
CA GLY D 127 40.11 17.38 1.58
C GLY D 127 40.18 16.22 2.52
N ILE D 128 39.76 15.06 2.07
CA ILE D 128 39.85 13.84 2.90
C ILE D 128 41.04 13.09 2.42
N THR D 129 41.98 12.95 3.32
CA THR D 129 43.26 12.32 3.01
C THR D 129 43.10 10.89 3.47
N VAL D 130 43.13 9.99 2.52
CA VAL D 130 43.13 8.57 2.85
C VAL D 130 44.57 8.12 2.86
N LYS D 131 44.97 7.58 4.00
CA LYS D 131 46.30 7.00 4.21
C LYS D 131 46.12 5.52 3.94
N PHE D 132 46.81 5.02 2.96
CA PHE D 132 46.72 3.60 2.60
C PHE D 132 47.77 2.86 3.37
N VAL D 133 47.37 1.76 3.94
CA VAL D 133 48.33 0.95 4.72
C VAL D 133 48.31 -0.44 4.13
N ASN D 134 49.40 -1.12 4.32
CA ASN D 134 49.51 -2.55 4.03
C ASN D 134 48.73 -3.24 5.15
N PRO D 135 47.55 -3.79 4.86
CA PRO D 135 46.72 -4.36 5.90
C PRO D 135 47.32 -5.61 6.54
N ASP D 136 48.32 -6.22 5.91
CA ASP D 136 49.11 -7.34 6.49
C ASP D 136 49.84 -6.89 7.75
N TYR D 137 50.01 -5.58 7.91
CA TYR D 137 50.81 -5.02 9.01
C TYR D 137 49.88 -4.18 9.85
N LEU D 138 49.42 -4.75 10.94
CA LEU D 138 48.50 -4.05 11.89
C LEU D 138 49.13 -2.75 12.30
N GLU D 139 50.43 -2.79 12.55
CA GLU D 139 51.17 -1.62 13.05
C GLU D 139 51.00 -0.48 12.05
N GLU D 140 50.86 -0.78 10.77
CA GLU D 140 50.71 0.28 9.73
C GLU D 140 49.40 1.03 9.95
N PHE D 141 48.36 0.32 10.37
CA PHE D 141 47.10 1.00 10.69
C PHE D 141 47.38 1.98 11.81
N GLU D 142 47.90 1.45 12.90
CA GLU D 142 48.23 2.20 14.11
C GLU D 142 49.05 3.44 13.69
N LYS D 143 50.10 3.23 12.91
CA LYS D 143 51.07 4.29 12.55
C LYS D 143 50.40 5.32 11.64
N ALA D 144 49.40 4.92 10.85
CA ALA D 144 48.79 5.82 9.86
C ALA D 144 47.72 6.67 10.56
N ILE D 145 47.32 6.27 11.76
CA ILE D 145 46.26 7.01 12.49
C ILE D 145 46.83 8.33 13.00
N THR D 146 46.09 9.41 12.77
CA THR D 146 46.44 10.71 13.36
C THR D 146 45.21 11.22 14.09
N ASP D 147 45.30 12.41 14.64
CA ASP D 147 44.16 13.04 15.34
C ASP D 147 43.11 13.40 14.28
N LYS D 148 43.42 13.30 13.00
CA LYS D 148 42.43 13.62 11.94
C LYS D 148 41.76 12.37 11.43
N THR D 149 42.30 11.21 11.77
CA THR D 149 41.77 9.96 11.24
C THR D 149 40.35 9.77 11.72
N LYS D 150 39.47 9.46 10.81
CA LYS D 150 38.05 9.34 11.17
C LYS D 150 37.60 7.91 11.10
N ALA D 151 38.32 7.08 10.38
CA ALA D 151 37.91 5.69 10.21
C ALA D 151 39.09 4.87 9.78
N ILE D 152 38.94 3.59 9.97
CA ILE D 152 39.76 2.64 9.24
C ILE D 152 38.80 1.96 8.32
N PHE D 153 39.26 1.74 7.11
CA PHE D 153 38.41 1.18 6.08
C PHE D 153 39.18 0.01 5.54
N VAL D 154 38.56 -1.15 5.50
CA VAL D 154 39.14 -2.30 4.80
C VAL D 154 38.00 -3.01 4.10
N GLU D 155 38.40 -3.83 3.16
CA GLU D 155 37.52 -4.78 2.54
C GLU D 155 37.72 -6.08 3.28
N THR D 156 36.65 -6.82 3.36
CA THR D 156 36.71 -8.14 3.96
C THR D 156 37.75 -8.97 3.21
N LEU D 157 37.63 -8.97 1.90
CA LEU D 157 38.51 -9.74 1.00
C LEU D 157 38.96 -8.76 -0.05
N GLY D 158 40.21 -8.39 0.01
CA GLY D 158 40.73 -7.38 -0.91
C GLY D 158 40.28 -7.69 -2.30
N ASN D 159 39.72 -6.70 -2.96
CA ASN D 159 39.50 -6.71 -4.41
C ASN D 159 40.76 -6.16 -5.05
N PRO D 160 41.64 -6.99 -5.66
CA PRO D 160 41.46 -8.43 -5.82
C PRO D 160 42.55 -9.22 -5.10
N ASN D 161 43.12 -8.64 -4.08
CA ASN D 161 44.23 -9.27 -3.35
C ASN D 161 43.69 -10.47 -2.59
N ILE D 162 42.40 -10.45 -2.32
CA ILE D 162 41.70 -11.52 -1.57
C ILE D 162 42.40 -11.72 -0.25
N ASN D 163 42.97 -10.65 0.28
CA ASN D 163 43.56 -10.66 1.62
C ASN D 163 42.42 -10.49 2.60
N ILE D 164 42.57 -11.08 3.75
CA ILE D 164 41.59 -10.96 4.83
C ILE D 164 42.26 -10.16 5.91
N PRO D 165 41.79 -8.94 6.13
CA PRO D 165 42.32 -8.13 7.20
C PRO D 165 42.03 -8.88 8.49
N ASP D 166 42.87 -8.64 9.46
CA ASP D 166 42.57 -9.14 10.81
C ASP D 166 41.59 -8.17 11.45
N PHE D 167 40.31 -8.35 11.17
CA PHE D 167 39.29 -7.37 11.50
C PHE D 167 39.36 -6.98 12.95
N GLU D 168 39.41 -7.97 13.85
CA GLU D 168 39.26 -7.68 15.29
C GLU D 168 40.47 -6.89 15.72
N ALA D 169 41.62 -7.22 15.17
CA ALA D 169 42.87 -6.54 15.54
C ALA D 169 42.80 -5.14 14.95
N ILE D 170 42.27 -5.00 13.74
CA ILE D 170 42.17 -3.63 13.15
C ILE D 170 41.13 -2.84 13.91
N ALA D 171 40.04 -3.49 14.25
CA ALA D 171 38.94 -2.83 14.95
C ALA D 171 39.52 -2.28 16.25
N GLU D 172 40.33 -3.08 16.91
CA GLU D 172 40.89 -2.67 18.20
C GLU D 172 41.73 -1.41 18.02
N ILE D 173 42.46 -1.36 16.92
CA ILE D 173 43.27 -0.15 16.65
C ILE D 173 42.30 0.99 16.46
N ALA D 174 41.32 0.82 15.59
CA ALA D 174 40.36 1.92 15.34
C ALA D 174 39.78 2.32 16.69
N HIS D 175 39.34 1.36 17.48
CA HIS D 175 38.56 1.67 18.70
C HIS D 175 39.45 2.32 19.74
N LYS D 176 40.70 1.89 19.80
CA LYS D 176 41.72 2.49 20.66
C LYS D 176 41.68 3.99 20.36
N HIS D 177 41.62 4.32 19.08
CA HIS D 177 41.71 5.72 18.62
C HIS D 177 40.35 6.36 18.63
N GLY D 178 39.31 5.64 19.04
CA GLY D 178 37.95 6.19 19.11
C GLY D 178 37.43 6.54 17.74
N ILE D 179 37.77 5.71 16.78
CA ILE D 179 37.26 5.86 15.42
C ILE D 179 36.68 4.53 15.01
N PRO D 180 35.71 4.61 14.11
CA PRO D 180 35.08 3.41 13.62
C PRO D 180 35.93 2.70 12.59
N PHE D 181 35.62 1.44 12.55
CA PHE D 181 36.16 0.46 11.62
C PHE D 181 35.08 0.16 10.61
N ILE D 182 35.40 0.53 9.40
CA ILE D 182 34.46 0.38 8.28
C ILE D 182 34.96 -0.79 7.47
N VAL D 183 34.11 -1.73 7.29
CA VAL D 183 34.47 -2.89 6.48
C VAL D 183 33.58 -2.86 5.28
N ASP D 184 34.24 -2.99 4.16
CA ASP D 184 33.54 -3.22 2.89
C ASP D 184 33.45 -4.71 2.73
N ASN D 185 32.23 -5.20 2.88
CA ASN D 185 31.98 -6.62 3.03
C ASN D 185 31.43 -7.15 1.72
N THR D 186 31.60 -6.39 0.65
CA THR D 186 31.08 -6.71 -0.69
C THR D 186 31.37 -8.16 -1.06
N PHE D 187 32.59 -8.60 -0.86
CA PHE D 187 33.07 -9.90 -1.39
C PHE D 187 32.50 -11.04 -0.57
N ALA D 188 32.03 -10.78 0.64
CA ALA D 188 31.67 -11.82 1.61
C ALA D 188 30.17 -11.87 1.70
N THR D 189 29.55 -10.73 1.87
CA THR D 189 28.14 -10.59 2.25
C THR D 189 28.03 -11.09 3.67
N PRO D 190 26.91 -10.74 4.30
CA PRO D 190 26.68 -11.15 5.67
C PRO D 190 26.61 -12.66 5.81
N TYR D 191 26.42 -13.38 4.72
CA TYR D 191 26.38 -14.83 4.83
C TYR D 191 27.76 -15.37 5.19
N LEU D 192 28.79 -14.81 4.59
CA LEU D 192 30.14 -15.36 4.79
C LEU D 192 30.82 -14.62 5.90
N PHE D 193 30.39 -13.39 6.17
CA PHE D 193 31.12 -12.60 7.15
C PHE D 193 30.22 -11.49 7.59
N ARG D 194 30.11 -11.38 8.89
CA ARG D 194 29.36 -10.26 9.45
C ARG D 194 30.35 -9.42 10.19
N PRO D 195 30.85 -8.41 9.52
CA PRO D 195 31.98 -7.67 10.06
C PRO D 195 31.66 -7.05 11.40
N ILE D 196 30.39 -6.81 11.64
CA ILE D 196 29.96 -6.19 12.91
C ILE D 196 30.27 -7.15 14.07
N GLU D 197 30.32 -8.45 13.79
CA GLU D 197 30.63 -9.44 14.83
C GLU D 197 32.14 -9.47 15.06
N HIS D 198 32.91 -8.77 14.26
CA HIS D 198 34.37 -8.86 14.29
C HIS D 198 34.97 -7.47 14.32
N GLY D 199 34.25 -6.52 14.91
CA GLY D 199 34.79 -5.21 15.28
C GLY D 199 34.41 -4.12 14.29
N ALA D 200 33.75 -4.44 13.18
CA ALA D 200 33.28 -3.39 12.27
C ALA D 200 32.20 -2.59 12.97
N ASP D 201 32.25 -1.29 12.76
CA ASP D 201 31.22 -0.35 13.24
C ASP D 201 30.26 -0.08 12.11
N ILE D 202 30.80 -0.16 10.92
CA ILE D 202 30.10 0.22 9.68
C ILE D 202 30.49 -0.78 8.65
N VAL D 203 29.49 -1.25 7.95
CA VAL D 203 29.73 -2.20 6.87
C VAL D 203 29.19 -1.55 5.64
N VAL D 204 29.95 -1.64 4.60
CA VAL D 204 29.43 -1.13 3.34
C VAL D 204 29.48 -2.31 2.41
N TYR D 205 28.59 -2.26 1.46
CA TYR D 205 28.60 -3.23 0.39
C TYR D 205 28.36 -2.49 -0.88
N SER D 206 29.02 -2.99 -1.88
CA SER D 206 28.47 -3.01 -3.21
C SER D 206 27.44 -4.13 -3.23
N MET D 207 26.19 -3.76 -3.19
CA MET D 207 25.12 -4.73 -3.36
C MET D 207 25.05 -5.14 -4.82
N THR D 208 25.73 -4.41 -5.66
CA THR D 208 25.86 -4.73 -7.07
C THR D 208 26.32 -6.15 -7.19
N1 LLP D 209 33.95 -2.31 -3.14
C2 LLP D 209 34.17 -3.52 -3.67
C2' LLP D 209 34.98 -4.50 -2.89
C3 LLP D 209 33.69 -3.83 -4.94
O3 LLP D 209 33.81 -5.06 -5.46
C4 LLP D 209 32.87 -2.92 -5.57
C4' LLP D 209 32.22 -3.32 -6.78
C5 LLP D 209 32.75 -1.64 -5.06
C6 LLP D 209 33.29 -1.39 -3.84
C5' LLP D 209 32.04 -0.54 -5.80
OP4 LLP D 209 30.64 -0.80 -5.84
P LLP D 209 29.73 -0.34 -7.08
OP1 LLP D 209 28.42 -0.89 -6.70
OP2 LLP D 209 29.81 1.15 -7.05
OP3 LLP D 209 30.35 -0.92 -8.32
N LLP D 209 27.22 -6.51 -6.28
CA LLP D 209 27.94 -7.74 -6.39
CB LLP D 209 29.30 -7.54 -5.73
CG LLP D 209 30.03 -6.29 -6.11
CD LLP D 209 30.31 -6.17 -7.57
CE LLP D 209 30.88 -4.81 -7.89
NZ LLP D 209 32.02 -4.51 -7.07
C LLP D 209 27.10 -8.84 -5.78
O LLP D 209 25.97 -9.05 -6.18
N PHE D 210 27.67 -9.57 -4.84
CA PHE D 210 27.03 -10.80 -4.42
C PHE D 210 25.71 -10.56 -3.76
N LEU D 211 25.53 -9.44 -3.06
CA LEU D 211 24.22 -9.26 -2.41
C LEU D 211 23.13 -9.29 -3.45
N GLY D 212 23.25 -8.48 -4.49
CA GLY D 212 22.23 -8.47 -5.54
C GLY D 212 22.35 -9.77 -6.27
N GLY D 213 23.58 -10.13 -6.59
CA GLY D 213 23.89 -11.50 -6.98
C GLY D 213 23.66 -11.80 -8.45
N HIS D 214 22.95 -10.98 -9.18
CA HIS D 214 22.50 -11.37 -10.52
C HIS D 214 23.05 -10.43 -11.56
N GLY D 215 23.91 -9.50 -11.15
CA GLY D 215 24.55 -8.61 -12.12
C GLY D 215 23.55 -7.69 -12.77
N THR D 216 22.46 -7.35 -12.10
CA THR D 216 21.44 -6.52 -12.74
C THR D 216 21.57 -5.08 -12.31
N SER D 217 21.98 -4.89 -11.06
CA SER D 217 21.66 -3.65 -10.34
C SER D 217 22.87 -3.17 -9.64
N ILE D 218 23.23 -1.96 -9.99
CA ILE D 218 24.25 -1.26 -9.21
C ILE D 218 23.54 -0.82 -7.94
N ALA D 219 24.20 -1.00 -6.84
CA ALA D 219 23.59 -0.66 -5.56
C ALA D 219 24.67 -0.73 -4.53
N GLY D 220 24.55 0.14 -3.57
CA GLY D 220 25.44 0.04 -2.43
C GLY D 220 24.59 0.11 -1.22
N ILE D 221 25.22 -0.14 -0.11
CA ILE D 221 24.51 0.09 1.14
C ILE D 221 25.57 0.33 2.18
N VAL D 222 25.14 1.07 3.14
CA VAL D 222 25.93 1.35 4.33
C VAL D 222 25.12 0.78 5.47
N VAL D 223 25.77 -0.07 6.22
CA VAL D 223 25.17 -0.67 7.39
C VAL D 223 25.90 -0.08 8.58
N ASP D 224 25.12 0.48 9.47
CA ASP D 224 25.61 0.99 10.75
C ASP D 224 25.39 -0.12 11.78
N SER D 225 26.46 -0.53 12.41
CA SER D 225 26.36 -1.48 13.53
C SER D 225 25.48 -0.88 14.62
N GLY D 226 25.49 0.44 14.76
CA GLY D 226 24.91 1.06 15.95
C GLY D 226 25.84 0.96 17.13
N LYS D 227 26.98 0.31 16.98
CA LYS D 227 27.79 -0.11 18.15
C LYS D 227 28.73 1.04 18.48
N PHE D 228 29.05 1.89 17.52
CA PHE D 228 30.18 2.78 17.71
C PHE D 228 29.69 3.99 18.46
N GLU D 229 30.41 4.32 19.49
CA GLU D 229 30.01 5.43 20.34
C GLU D 229 30.65 6.69 19.79
N TRP D 230 29.87 7.40 19.02
CA TRP D 230 30.31 8.66 18.39
C TRP D 230 30.86 9.54 19.48
N ASN D 231 31.99 10.15 19.17
CA ASN D 231 32.73 10.91 20.16
C ASN D 231 33.18 12.21 19.49
N GLU D 232 34.08 12.91 20.13
CA GLU D 232 34.44 14.27 19.70
C GLU D 232 35.15 14.20 18.36
N LYS D 233 35.61 13.03 17.95
CA LYS D 233 36.20 12.97 16.59
C LYS D 233 35.11 13.03 15.55
N PHE D 234 33.86 12.96 15.98
CA PHE D 234 32.72 12.92 15.06
C PHE D 234 31.72 13.97 15.51
N PRO D 235 32.16 15.23 15.54
CA PRO D 235 31.36 16.30 16.10
C PRO D 235 29.97 16.29 15.46
N ASP D 236 29.88 15.93 14.19
CA ASP D 236 28.61 16.12 13.45
C ASP D 236 27.63 15.06 13.91
N LEU D 237 28.10 14.02 14.58
CA LEU D 237 27.18 12.96 15.06
C LEU D 237 26.70 13.29 16.46
N ILE D 238 27.41 14.17 17.16
CA ILE D 238 27.12 14.37 18.60
C ILE D 238 26.83 15.82 18.85
N GLN D 239 27.00 16.66 17.85
CA GLN D 239 26.73 18.09 18.01
C GLN D 239 25.58 18.47 17.10
N PRO D 240 24.88 19.54 17.51
CA PRO D 240 23.70 19.99 16.79
C PRO D 240 23.99 20.14 15.29
N ASP D 241 23.12 19.56 14.49
CA ASP D 241 23.24 19.64 13.04
C ASP D 241 22.44 20.86 12.63
N PRO D 242 23.10 21.93 12.16
CA PRO D 242 22.37 23.15 11.84
C PRO D 242 21.43 22.89 10.66
N SER D 243 21.65 21.83 9.88
CA SER D 243 20.77 21.61 8.70
C SER D 243 19.48 20.96 9.20
N TYR D 244 19.46 20.54 10.45
CA TYR D 244 18.25 19.98 11.08
C TYR D 244 17.96 20.68 12.39
N HIS D 245 18.20 21.98 12.41
CA HIS D 245 17.75 22.85 13.51
C HIS D 245 18.26 22.24 14.81
N GLY D 246 19.51 21.80 14.81
CA GLY D 246 20.21 21.45 16.07
C GLY D 246 19.87 20.03 16.47
N LEU D 247 19.32 19.25 15.55
CA LEU D 247 19.25 17.80 15.72
C LEU D 247 20.62 17.30 16.15
N ILE D 248 20.64 16.45 17.15
CA ILE D 248 21.89 15.74 17.47
C ILE D 248 21.61 14.29 17.22
N TYR D 249 22.36 13.71 16.33
CA TYR D 249 22.03 12.39 15.77
C TYR D 249 22.02 11.41 16.92
N THR D 250 23.03 11.46 17.79
CA THR D 250 23.14 10.43 18.84
C THR D 250 21.98 10.62 19.79
N LYS D 251 21.51 11.85 19.95
CA LYS D 251 20.41 12.14 20.88
C LYS D 251 19.14 11.65 20.22
N GLU D 252 18.92 11.96 18.95
CA GLU D 252 17.61 11.71 18.33
C GLU D 252 17.54 10.24 17.93
N PHE D 253 18.64 9.66 17.51
CA PHE D 253 18.57 8.34 16.84
C PHE D 253 19.31 7.32 17.64
N GLY D 254 19.98 7.74 18.72
CA GLY D 254 20.67 6.82 19.61
C GLY D 254 21.74 6.07 18.86
N ASN D 255 21.60 4.77 18.82
CA ASN D 255 22.57 3.84 18.23
C ASN D 255 22.62 4.07 16.72
N ALA D 256 21.57 4.60 16.14
CA ALA D 256 21.47 4.74 14.68
C ALA D 256 21.91 6.13 14.27
N ALA D 257 22.59 6.84 15.15
CA ALA D 257 23.03 8.21 14.84
C ALA D 257 23.66 8.22 13.47
N TYR D 258 24.63 7.37 13.25
CA TYR D 258 25.47 7.49 12.05
C TYR D 258 24.59 7.27 10.83
N ILE D 259 23.82 6.20 10.88
CA ILE D 259 23.07 5.80 9.69
C ILE D 259 21.94 6.78 9.50
N ALA D 260 21.43 7.34 10.57
CA ALA D 260 20.37 8.36 10.44
C ALA D 260 21.01 9.57 9.79
N LYS D 261 22.17 9.97 10.29
CA LYS D 261 22.82 11.15 9.73
C LYS D 261 23.10 10.89 8.27
N LEU D 262 23.57 9.69 7.96
CA LEU D 262 24.01 9.39 6.60
C LEU D 262 22.82 9.59 5.67
N ARG D 263 21.69 9.15 6.10
CA ARG D 263 20.49 9.33 5.30
C ARG D 263 20.13 10.80 5.23
N LEU D 264 20.11 11.44 6.38
CA LEU D 264 19.51 12.77 6.48
C LEU D 264 20.44 13.82 5.90
N THR D 265 21.72 13.51 5.78
CA THR D 265 22.68 14.52 5.29
C THR D 265 23.15 14.08 3.91
N LEU D 266 23.85 12.98 3.83
CA LEU D 266 24.54 12.65 2.58
C LEU D 266 23.56 12.11 1.58
N LEU D 267 22.68 11.25 2.01
CA LEU D 267 21.75 10.66 1.07
C LEU D 267 20.85 11.76 0.61
N ARG D 268 20.35 12.51 1.53
CA ARG D 268 19.44 13.58 1.17
C ARG D 268 20.16 14.63 0.32
N ASP D 269 21.37 15.03 0.70
CA ASP D 269 22.01 16.18 0.04
C ASP D 269 22.73 15.77 -1.23
N ILE D 270 23.48 14.69 -1.21
CA ILE D 270 24.19 14.28 -2.44
C ILE D 270 23.29 13.37 -3.26
N GLY D 271 22.41 12.64 -2.63
CA GLY D 271 21.33 12.01 -3.37
C GLY D 271 21.87 10.89 -4.22
N ALA D 272 22.80 10.13 -3.67
CA ALA D 272 23.26 8.89 -4.30
C ALA D 272 22.29 7.82 -3.86
N CYS D 273 21.06 7.99 -4.25
CA CYS D 273 19.99 7.13 -3.78
C CYS D 273 19.79 6.01 -4.77
N LEU D 274 19.31 4.92 -4.22
CA LEU D 274 19.09 3.71 -4.98
C LEU D 274 17.69 3.77 -5.56
N SER D 275 17.56 3.29 -6.77
CA SER D 275 16.25 3.16 -7.39
C SER D 275 15.49 2.11 -6.58
N PRO D 276 14.22 2.33 -6.33
CA PRO D 276 13.37 1.31 -5.72
C PRO D 276 13.40 0.06 -6.55
N PHE D 277 13.50 0.21 -7.85
CA PHE D 277 13.50 -0.95 -8.73
C PHE D 277 14.78 -1.74 -8.49
N ASN D 278 15.88 -1.05 -8.36
CA ASN D 278 17.15 -1.70 -8.03
C ASN D 278 17.02 -2.38 -6.69
N SER D 279 16.40 -1.72 -5.74
CA SER D 279 16.25 -2.27 -4.39
C SER D 279 15.47 -3.56 -4.53
N PHE D 280 14.44 -3.50 -5.32
CA PHE D 280 13.59 -4.66 -5.56
C PHE D 280 14.47 -5.78 -6.10
N LEU D 281 15.24 -5.48 -7.13
CA LEU D 281 16.02 -6.54 -7.76
C LEU D 281 17.07 -7.04 -6.78
N VAL D 282 17.68 -6.14 -6.05
CA VAL D 282 18.69 -6.61 -5.10
C VAL D 282 18.03 -7.47 -4.05
N LEU D 283 16.82 -7.13 -3.66
CA LEU D 283 16.11 -7.94 -2.68
C LEU D 283 15.93 -9.34 -3.23
N LEU D 284 15.58 -9.44 -4.49
CA LEU D 284 15.39 -10.75 -5.11
C LEU D 284 16.68 -11.54 -4.99
N GLY D 285 17.80 -10.86 -5.08
CA GLY D 285 19.09 -11.54 -4.92
C GLY D 285 19.28 -11.90 -3.47
N VAL D 286 18.95 -10.97 -2.60
CA VAL D 286 19.18 -11.21 -1.18
C VAL D 286 18.35 -12.37 -0.72
N GLU D 287 17.17 -12.55 -1.30
CA GLU D 287 16.29 -13.65 -0.89
C GLU D 287 17.04 -14.97 -1.03
N THR D 288 18.01 -15.07 -1.90
CA THR D 288 18.72 -16.34 -2.11
C THR D 288 20.14 -16.25 -1.63
N LEU D 289 20.44 -15.18 -0.94
CA LEU D 289 21.85 -14.85 -0.65
C LEU D 289 22.57 -16.08 -0.12
N SER D 290 22.11 -16.67 0.98
CA SER D 290 22.85 -17.76 1.62
C SER D 290 23.00 -18.89 0.62
N LEU D 291 21.97 -19.16 -0.18
CA LEU D 291 22.03 -20.28 -1.11
C LEU D 291 23.10 -19.94 -2.13
N ARG D 292 23.04 -18.71 -2.62
CA ARG D 292 23.95 -18.38 -3.72
C ARG D 292 25.35 -18.40 -3.13
N MET D 293 25.51 -17.77 -1.98
CA MET D 293 26.86 -17.56 -1.43
C MET D 293 27.42 -18.92 -1.11
N GLN D 294 26.58 -19.81 -0.63
CA GLN D 294 27.08 -21.15 -0.28
C GLN D 294 27.57 -21.83 -1.56
N LYS D 295 26.85 -21.68 -2.65
CA LYS D 295 27.25 -22.35 -3.88
C LYS D 295 28.49 -21.63 -4.40
N HIS D 296 28.48 -20.32 -4.33
CA HIS D 296 29.63 -19.51 -4.76
C HIS D 296 30.87 -20.05 -4.07
N VAL D 297 30.84 -20.13 -2.75
CA VAL D 297 32.06 -20.49 -2.01
C VAL D 297 32.35 -21.96 -2.28
N ASP D 298 31.32 -22.81 -2.31
CA ASP D 298 31.56 -24.23 -2.62
C ASP D 298 32.26 -24.29 -3.98
N ASN D 299 31.74 -23.55 -4.96
CA ASN D 299 32.33 -23.59 -6.31
C ASN D 299 33.74 -22.99 -6.30
N ALA D 300 33.92 -21.91 -5.57
CA ALA D 300 35.18 -21.13 -5.57
C ALA D 300 36.26 -22.04 -5.03
N MET D 301 35.95 -22.70 -3.93
CA MET D 301 36.86 -23.63 -3.23
C MET D 301 37.26 -24.72 -4.23
N LYS D 302 36.31 -25.22 -5.00
CA LYS D 302 36.61 -26.32 -5.93
C LYS D 302 37.41 -25.79 -7.10
N LEU D 303 37.08 -24.60 -7.59
CA LEU D 303 37.77 -24.07 -8.77
C LEU D 303 39.18 -23.67 -8.33
N ALA D 304 39.29 -23.09 -7.14
CA ALA D 304 40.56 -22.62 -6.58
C ALA D 304 41.43 -23.85 -6.43
N LYS D 305 40.89 -24.93 -5.87
CA LYS D 305 41.67 -26.16 -5.59
C LYS D 305 42.05 -26.75 -6.94
N PHE D 306 41.15 -26.74 -7.91
CA PHE D 306 41.46 -27.18 -9.27
C PHE D 306 42.63 -26.39 -9.86
N LEU D 307 42.56 -25.08 -9.79
CA LEU D 307 43.58 -24.23 -10.43
C LEU D 307 44.84 -24.37 -9.62
N ASN D 308 44.70 -24.61 -8.33
CA ASN D 308 45.85 -24.62 -7.42
C ASN D 308 46.67 -25.88 -7.66
N ASP D 309 46.07 -26.90 -8.27
CA ASP D 309 46.73 -28.19 -8.59
C ASP D 309 47.05 -28.23 -10.09
N HIS D 310 46.73 -27.18 -10.85
CA HIS D 310 46.83 -27.19 -12.32
C HIS D 310 48.27 -26.87 -12.72
N PRO D 311 48.87 -27.71 -13.59
CA PRO D 311 50.25 -27.48 -14.01
C PRO D 311 50.35 -26.25 -14.91
N LYS D 312 49.25 -25.71 -15.42
CA LYS D 312 49.31 -24.52 -16.29
C LYS D 312 49.11 -23.27 -15.43
N VAL D 313 48.98 -23.45 -14.13
CA VAL D 313 48.75 -22.30 -13.21
C VAL D 313 49.97 -22.14 -12.33
N GLU D 314 50.50 -20.92 -12.33
CA GLU D 314 51.67 -20.57 -11.50
C GLU D 314 51.16 -20.53 -10.06
N TRP D 315 50.07 -19.81 -9.85
CA TRP D 315 49.66 -19.58 -8.46
C TRP D 315 48.18 -19.32 -8.46
N VAL D 316 47.62 -19.59 -7.32
CA VAL D 316 46.21 -19.30 -7.06
C VAL D 316 46.19 -18.65 -5.71
N ASN D 317 45.56 -17.49 -5.67
CA ASN D 317 45.44 -16.73 -4.42
C ASN D 317 44.00 -16.90 -3.97
N TYR D 318 43.81 -17.70 -2.95
CA TYR D 318 42.50 -17.87 -2.34
C TYR D 318 42.76 -18.31 -0.92
N PRO D 319 42.22 -17.57 0.06
CA PRO D 319 42.60 -17.77 1.44
C PRO D 319 42.32 -19.18 1.93
N ALA D 320 41.39 -19.91 1.33
CA ALA D 320 41.07 -21.26 1.84
C ALA D 320 42.05 -22.27 1.22
N LEU D 321 42.93 -21.88 0.31
CA LEU D 321 43.93 -22.83 -0.21
C LEU D 321 44.97 -23.01 0.88
N GLU D 322 45.41 -24.24 1.09
CA GLU D 322 46.50 -24.55 2.04
C GLU D 322 47.64 -23.60 1.67
N GLY D 323 48.30 -23.03 2.68
CA GLY D 323 49.55 -22.27 2.51
C GLY D 323 49.24 -20.86 2.10
N ASN D 324 47.99 -20.54 1.79
CA ASN D 324 47.68 -19.11 1.61
C ASN D 324 48.02 -18.37 2.92
N LYS D 325 48.54 -17.17 2.76
CA LYS D 325 48.93 -16.31 3.90
C LYS D 325 47.69 -16.07 4.77
N TYR D 326 46.52 -16.04 4.18
CA TYR D 326 45.30 -15.59 4.86
C TYR D 326 44.49 -16.78 5.32
N TYR D 327 45.08 -17.96 5.25
CA TYR D 327 44.35 -19.20 5.53
C TYR D 327 43.78 -19.11 6.94
N GLU D 328 44.60 -18.75 7.92
CA GLU D 328 44.16 -18.80 9.33
C GLU D 328 43.11 -17.71 9.50
N LEU D 329 43.29 -16.60 8.81
CA LEU D 329 42.30 -15.51 8.91
C LEU D 329 40.99 -15.93 8.27
N TYR D 330 41.09 -16.70 7.20
CA TYR D 330 39.92 -17.29 6.54
C TYR D 330 39.22 -18.19 7.56
N LYS D 331 39.99 -19.06 8.20
CA LYS D 331 39.43 -20.02 9.15
C LYS D 331 38.78 -19.23 10.28
N LYS D 332 39.38 -18.11 10.65
CA LYS D 332 38.92 -17.37 11.83
C LYS D 332 37.69 -16.61 11.41
N TYR D 333 37.77 -15.96 10.25
CA TYR D 333 36.78 -14.92 9.95
C TYR D 333 35.75 -15.39 8.94
N LEU D 334 36.17 -16.17 7.96
CA LEU D 334 35.28 -16.54 6.86
C LEU D 334 35.22 -18.04 6.77
N PRO D 335 34.88 -18.72 7.88
CA PRO D 335 34.98 -20.17 7.96
C PRO D 335 34.08 -20.83 6.92
N LYS D 336 33.06 -20.14 6.41
CA LYS D 336 32.19 -20.77 5.40
C LYS D 336 32.86 -20.69 4.04
N GLY D 337 33.94 -19.95 3.97
CA GLY D 337 34.68 -19.83 2.71
C GLY D 337 34.94 -18.36 2.46
N PRO D 338 36.17 -18.05 2.04
CA PRO D 338 36.58 -16.65 1.97
C PRO D 338 36.09 -16.07 0.65
N GLY D 339 34.77 -15.96 0.50
CA GLY D 339 34.21 -15.44 -0.72
C GLY D 339 34.48 -16.35 -1.89
N ALA D 340 34.08 -15.91 -3.05
CA ALA D 340 34.03 -16.76 -4.25
C ALA D 340 34.77 -16.02 -5.32
N ILE D 341 35.66 -15.15 -4.88
CA ILE D 341 36.48 -14.36 -5.79
C ILE D 341 37.90 -14.73 -5.43
N PHE D 342 38.65 -15.12 -6.40
CA PHE D 342 40.06 -15.39 -6.15
C PHE D 342 40.78 -15.11 -7.43
N THR D 343 42.07 -15.14 -7.32
CA THR D 343 42.90 -14.78 -8.46
C THR D 343 43.83 -15.93 -8.69
N PHE D 344 44.33 -15.98 -9.89
CA PHE D 344 45.38 -16.94 -10.16
C PHE D 344 46.22 -16.32 -11.23
N GLY D 345 47.42 -16.85 -11.30
CA GLY D 345 48.40 -16.47 -12.32
C GLY D 345 48.71 -17.71 -13.12
N PRO D 346 48.37 -17.69 -14.42
CA PRO D 346 48.67 -18.81 -15.28
C PRO D 346 50.19 -18.77 -15.47
N LYS D 347 50.79 -19.93 -15.68
CA LYS D 347 52.11 -20.02 -16.33
C LYS D 347 52.00 -19.30 -17.69
N GLY D 348 52.99 -18.52 -18.05
CA GLY D 348 53.03 -17.75 -19.30
C GLY D 348 52.71 -16.27 -19.01
N GLY D 349 52.39 -15.99 -17.74
CA GLY D 349 52.17 -14.63 -17.21
C GLY D 349 51.00 -13.93 -17.89
N TYR D 350 51.11 -12.61 -18.03
CA TYR D 350 50.11 -11.71 -18.67
C TYR D 350 49.65 -12.35 -19.97
N ASP D 351 50.56 -12.78 -20.85
CA ASP D 351 50.15 -13.27 -22.20
C ASP D 351 49.25 -14.49 -22.06
N ALA D 352 49.59 -15.43 -21.19
CA ALA D 352 48.73 -16.61 -20.91
C ALA D 352 47.40 -16.11 -20.34
N ALA D 353 47.47 -15.17 -19.41
CA ALA D 353 46.26 -14.64 -18.74
C ALA D 353 45.34 -14.12 -19.85
N LYS D 354 45.90 -13.39 -20.82
CA LYS D 354 45.09 -12.81 -21.89
C LYS D 354 44.48 -13.95 -22.72
N LYS D 355 45.25 -14.98 -23.03
CA LYS D 355 44.76 -16.16 -23.78
C LYS D 355 43.61 -16.77 -22.98
N ILE D 356 43.81 -16.94 -21.69
CA ILE D 356 42.80 -17.61 -20.85
C ILE D 356 41.55 -16.77 -20.88
N ILE D 357 41.68 -15.48 -20.58
CA ILE D 357 40.51 -14.59 -20.51
C ILE D 357 39.82 -14.66 -21.86
N ASN D 358 40.59 -14.71 -22.94
CA ASN D 358 40.02 -14.71 -24.29
C ASN D 358 39.41 -16.08 -24.60
N ASN D 359 39.78 -17.13 -23.87
CA ASN D 359 39.41 -18.50 -24.30
C ASN D 359 38.32 -19.14 -23.44
N VAL D 360 38.04 -18.59 -22.27
CA VAL D 360 36.90 -19.09 -21.47
C VAL D 360 35.64 -18.79 -22.26
N LYS D 361 34.69 -19.71 -22.19
CA LYS D 361 33.43 -19.61 -22.95
C LYS D 361 32.30 -19.48 -21.94
N LEU D 362 32.53 -19.91 -20.72
CA LEU D 362 31.42 -19.92 -19.76
C LEU D 362 31.64 -18.79 -18.78
N PHE D 363 32.84 -18.66 -18.27
CA PHE D 363 33.23 -17.41 -17.58
C PHE D 363 32.93 -16.23 -18.50
N SER D 364 32.35 -15.22 -17.90
CA SER D 364 32.01 -13.96 -18.57
C SER D 364 33.12 -12.98 -18.28
N HIS D 365 33.70 -12.48 -19.33
CA HIS D 365 34.76 -11.47 -19.23
C HIS D 365 34.09 -10.13 -19.11
N LEU D 366 34.02 -9.65 -17.90
CA LEU D 366 33.30 -8.41 -17.64
C LEU D 366 33.74 -7.89 -16.28
N ALA D 367 33.40 -6.63 -16.06
CA ALA D 367 33.80 -5.89 -14.86
C ALA D 367 32.64 -6.03 -13.88
N ASN D 368 32.78 -6.99 -13.03
CA ASN D 368 31.82 -7.20 -11.95
C ASN D 368 32.42 -8.32 -11.15
N VAL D 369 31.95 -8.46 -9.94
CA VAL D 369 32.10 -9.74 -9.24
C VAL D 369 30.74 -10.02 -8.68
N GLY D 370 30.58 -11.22 -8.18
CA GLY D 370 29.49 -11.54 -7.30
C GLY D 370 28.23 -11.63 -8.12
N ASP D 371 28.38 -11.86 -9.41
CA ASP D 371 27.22 -12.29 -10.22
C ASP D 371 27.03 -13.77 -9.91
N ALA D 372 25.86 -14.30 -10.15
CA ALA D 372 25.67 -15.75 -10.10
C ALA D 372 26.55 -16.35 -11.18
N LYS D 373 26.72 -15.61 -12.26
CA LYS D 373 27.56 -16.06 -13.35
C LYS D 373 29.00 -15.88 -12.96
N SER D 374 29.78 -16.80 -13.43
CA SER D 374 31.23 -16.81 -13.22
C SER D 374 31.81 -15.73 -14.11
N LEU D 375 32.74 -15.00 -13.55
CA LEU D 375 33.29 -13.82 -14.21
C LEU D 375 34.78 -13.92 -14.13
N ILE D 376 35.37 -13.29 -15.09
CA ILE D 376 36.82 -13.34 -15.21
C ILE D 376 37.20 -11.95 -15.69
N ILE D 377 38.38 -11.54 -15.29
CA ILE D 377 38.91 -10.27 -15.78
C ILE D 377 40.35 -10.28 -15.34
N HIS D 378 41.05 -9.36 -15.95
CA HIS D 378 42.47 -9.10 -15.67
C HIS D 378 42.53 -7.78 -14.92
N PRO D 379 42.56 -7.79 -13.57
CA PRO D 379 42.41 -6.54 -12.83
C PRO D 379 43.39 -5.45 -13.20
N ALA D 380 44.63 -5.80 -13.54
CA ALA D 380 45.67 -4.78 -13.78
C ALA D 380 45.25 -3.85 -14.93
N SER D 381 44.51 -4.37 -15.91
CA SER D 381 44.19 -3.61 -17.15
C SER D 381 42.73 -3.13 -17.08
N THR D 382 42.02 -3.46 -16.01
CA THR D 382 40.58 -3.16 -15.90
C THR D 382 40.28 -2.53 -14.55
N THR D 383 39.94 -3.36 -13.59
CA THR D 383 39.31 -2.96 -12.31
C THR D 383 40.27 -2.01 -11.61
N HIS D 384 41.56 -2.25 -11.77
CA HIS D 384 42.60 -1.50 -11.02
C HIS D 384 43.46 -0.69 -12.00
N GLN D 385 43.00 -0.56 -13.25
CA GLN D 385 43.81 0.09 -14.29
C GLN D 385 44.11 1.53 -13.87
N GLN D 386 43.27 2.17 -13.06
CA GLN D 386 43.46 3.61 -12.77
C GLN D 386 44.65 3.76 -11.85
N LEU D 387 44.97 2.68 -11.15
CA LEU D 387 46.01 2.73 -10.11
C LEU D 387 47.35 2.73 -10.83
N THR D 388 48.32 3.37 -10.21
CA THR D 388 49.72 3.32 -10.65
C THR D 388 50.19 1.88 -10.48
N GLU D 389 51.33 1.55 -11.04
CA GLU D 389 51.92 0.21 -10.86
C GLU D 389 52.02 0.01 -9.34
N GLU D 390 52.45 1.03 -8.61
CA GLU D 390 52.76 0.84 -7.17
C GLU D 390 51.43 0.59 -6.44
N GLU D 391 50.43 1.42 -6.72
CA GLU D 391 49.10 1.30 -6.10
C GLU D 391 48.54 -0.07 -6.46
N GLN D 392 48.71 -0.51 -7.70
CA GLN D 392 48.23 -1.85 -8.12
C GLN D 392 48.98 -2.88 -7.31
N ARG D 393 50.30 -2.76 -7.24
CA ARG D 393 51.09 -3.71 -6.43
C ARG D 393 50.51 -3.74 -5.02
N ALA D 394 50.32 -2.58 -4.40
CA ALA D 394 49.94 -2.49 -2.97
C ALA D 394 48.52 -3.05 -2.83
N ALA D 395 47.75 -3.05 -3.91
CA ALA D 395 46.37 -3.56 -3.90
C ALA D 395 46.42 -5.08 -4.12
N GLY D 396 47.59 -5.65 -4.37
CA GLY D 396 47.73 -7.09 -4.62
C GLY D 396 47.49 -7.46 -6.08
N VAL D 397 47.35 -6.43 -6.91
CA VAL D 397 47.23 -6.62 -8.39
C VAL D 397 48.59 -7.02 -8.94
N LEU D 398 48.57 -7.97 -9.85
CA LEU D 398 49.79 -8.52 -10.50
C LEU D 398 49.48 -8.56 -11.97
N PRO D 399 50.49 -8.41 -12.83
CA PRO D 399 50.25 -8.33 -14.27
C PRO D 399 49.64 -9.63 -14.82
N GLU D 400 49.97 -10.79 -14.25
CA GLU D 400 49.53 -12.11 -14.81
C GLU D 400 48.22 -12.49 -14.16
N MET D 401 47.75 -11.68 -13.23
CA MET D 401 46.67 -12.03 -12.30
C MET D 401 45.37 -12.02 -13.11
N ILE D 402 44.71 -13.15 -13.06
CA ILE D 402 43.32 -13.29 -13.51
C ILE D 402 42.48 -13.34 -12.27
N ARG D 403 41.45 -12.52 -12.24
CA ARG D 403 40.50 -12.57 -11.12
C ARG D 403 39.28 -13.34 -11.61
N LEU D 404 38.91 -14.33 -10.82
CA LEU D 404 37.69 -15.09 -11.04
C LEU D 404 36.71 -14.69 -9.97
N SER D 405 35.51 -14.44 -10.42
CA SER D 405 34.36 -14.38 -9.54
C SER D 405 33.60 -15.64 -9.84
N VAL D 406 33.64 -16.55 -8.90
CA VAL D 406 33.18 -17.91 -9.20
C VAL D 406 31.69 -17.90 -8.97
N GLY D 407 30.98 -18.15 -10.04
CA GLY D 407 29.54 -18.16 -10.03
C GLY D 407 29.04 -19.49 -9.54
N ILE D 408 27.77 -19.66 -9.75
CA ILE D 408 27.02 -20.79 -9.15
C ILE D 408 26.68 -21.76 -10.27
N GLU D 409 27.38 -21.64 -11.38
CA GLU D 409 27.30 -22.66 -12.45
C GLU D 409 27.72 -23.99 -11.87
N ASP D 410 27.45 -25.05 -12.62
CA ASP D 410 28.01 -26.37 -12.30
C ASP D 410 29.52 -26.20 -12.31
N ILE D 411 30.12 -26.53 -11.19
CA ILE D 411 31.58 -26.45 -11.01
C ILE D 411 32.24 -27.23 -12.13
N GLU D 412 31.67 -28.33 -12.57
CA GLU D 412 32.30 -29.15 -13.64
C GLU D 412 32.41 -28.28 -14.89
N ASP D 413 31.42 -27.43 -15.12
CA ASP D 413 31.44 -26.59 -16.35
C ASP D 413 32.50 -25.50 -16.17
N LEU D 414 32.61 -24.97 -14.95
CA LEU D 414 33.56 -23.88 -14.67
C LEU D 414 34.95 -24.47 -14.83
N ILE D 415 35.17 -25.59 -14.17
CA ILE D 415 36.48 -26.27 -14.26
C ILE D 415 36.72 -26.56 -15.74
N TYR D 416 35.76 -27.14 -16.41
CA TYR D 416 35.92 -27.48 -17.83
C TYR D 416 36.24 -26.21 -18.59
N ASP D 417 35.58 -25.12 -18.26
CA ASP D 417 35.78 -23.85 -19.02
C ASP D 417 37.20 -23.37 -18.79
N ILE D 418 37.63 -23.33 -17.55
CA ILE D 418 38.95 -22.73 -17.23
C ILE D 418 40.00 -23.72 -17.73
N GLU D 419 39.76 -25.02 -17.55
CA GLU D 419 40.71 -26.05 -18.05
C GLU D 419 40.87 -25.89 -19.56
N SER D 420 39.78 -25.77 -20.31
CA SER D 420 39.85 -25.62 -21.77
C SER D 420 40.66 -24.38 -22.05
N ALA D 421 40.43 -23.30 -21.30
CA ALA D 421 41.10 -22.02 -21.56
C ALA D 421 42.61 -22.20 -21.31
N LEU D 422 42.96 -22.88 -20.20
CA LEU D 422 44.36 -23.16 -19.81
C LEU D 422 45.04 -23.98 -20.89
N ASN D 423 44.37 -25.00 -21.41
CA ASN D 423 44.94 -25.97 -22.38
C ASN D 423 44.98 -25.33 -23.76
N LYS D 424 44.40 -24.14 -23.92
CA LYS D 424 44.56 -23.28 -25.13
C LYS D 424 45.54 -22.12 -24.85
N GLU E 3 -62.17 -26.27 -28.74
CA GLU E 3 -62.23 -26.84 -27.38
C GLU E 3 -63.54 -26.40 -26.71
N ARG E 4 -64.41 -27.36 -26.37
CA ARG E 4 -65.63 -27.12 -25.53
C ARG E 4 -65.17 -27.03 -24.06
N LYS E 5 -65.73 -26.08 -23.29
CA LYS E 5 -65.65 -26.04 -21.80
C LYS E 5 -66.69 -26.99 -21.19
N TYR E 6 -66.29 -28.20 -20.91
CA TYR E 6 -67.18 -29.21 -20.30
C TYR E 6 -67.41 -28.88 -18.84
N GLY E 7 -68.55 -29.31 -18.34
CA GLY E 7 -68.89 -29.17 -16.93
C GLY E 7 -68.07 -30.14 -16.13
N PHE E 8 -68.02 -29.87 -14.84
CA PHE E 8 -67.33 -30.70 -13.85
C PHE E 8 -67.71 -32.16 -14.03
N ASP E 9 -69.00 -32.42 -14.09
CA ASP E 9 -69.45 -33.81 -14.16
C ASP E 9 -68.96 -34.47 -15.43
N THR E 10 -68.81 -33.72 -16.48
CA THR E 10 -68.30 -34.30 -17.72
C THR E 10 -66.82 -34.58 -17.52
N LEU E 11 -66.13 -33.63 -16.93
CA LEU E 11 -64.68 -33.75 -16.79
C LEU E 11 -64.32 -34.91 -15.90
N GLN E 12 -65.10 -35.13 -14.85
CA GLN E 12 -64.73 -36.15 -13.87
C GLN E 12 -64.86 -37.50 -14.55
N LEU E 13 -65.58 -37.55 -15.66
CA LEU E 13 -65.75 -38.79 -16.43
C LEU E 13 -64.77 -38.88 -17.56
N HIS E 14 -64.48 -37.75 -18.18
CA HIS E 14 -63.86 -37.78 -19.52
C HIS E 14 -62.49 -37.12 -19.48
N ALA E 15 -62.26 -36.20 -18.55
CA ALA E 15 -61.08 -35.34 -18.67
C ALA E 15 -59.87 -36.27 -18.63
N GLY E 16 -58.97 -36.06 -19.55
CA GLY E 16 -57.68 -36.75 -19.56
C GLY E 16 -57.76 -38.10 -20.23
N GLN E 17 -58.96 -38.54 -20.56
CA GLN E 17 -59.14 -39.90 -21.06
C GLN E 17 -59.34 -39.78 -22.55
N PHE E 18 -58.46 -40.39 -23.27
CA PHE E 18 -58.58 -40.43 -24.73
C PHE E 18 -58.80 -41.88 -25.07
N VAL E 19 -59.34 -42.09 -26.23
CA VAL E 19 -59.57 -43.45 -26.70
C VAL E 19 -58.24 -43.92 -27.25
N ASP E 20 -57.70 -44.96 -26.71
CA ASP E 20 -56.41 -45.43 -27.22
C ASP E 20 -56.61 -45.88 -28.67
N ARG E 21 -55.64 -45.54 -29.48
CA ARG E 21 -55.74 -45.74 -30.94
C ARG E 21 -55.56 -47.21 -31.24
N GLU E 22 -55.04 -47.99 -30.30
CA GLU E 22 -54.81 -49.42 -30.57
C GLU E 22 -56.15 -50.16 -30.47
N THR E 23 -56.81 -50.04 -29.35
CA THR E 23 -57.94 -50.92 -29.04
C THR E 23 -59.25 -50.15 -29.16
N LYS E 24 -59.19 -48.85 -28.98
CA LYS E 24 -60.37 -47.99 -28.88
C LYS E 24 -61.16 -48.32 -27.62
N SER E 25 -60.52 -48.99 -26.66
N SER E 25 -60.50 -48.88 -26.61
CA SER E 25 -61.13 -49.21 -25.34
CA SER E 25 -61.16 -49.24 -25.34
C SER E 25 -61.80 -47.92 -24.91
C SER E 25 -61.74 -47.98 -24.72
N ARG E 26 -63.05 -48.03 -24.45
CA ARG E 26 -63.71 -46.91 -23.80
C ARG E 26 -63.12 -46.75 -22.42
N ALA E 27 -62.92 -47.84 -21.72
CA ALA E 27 -62.45 -47.71 -20.35
C ALA E 27 -60.98 -47.35 -20.49
N VAL E 28 -60.50 -46.71 -19.49
CA VAL E 28 -59.06 -46.47 -19.38
C VAL E 28 -58.42 -47.81 -19.13
N PRO E 29 -57.57 -48.24 -20.05
CA PRO E 29 -56.86 -49.46 -19.82
C PRO E 29 -56.06 -49.30 -18.56
N ILE E 30 -55.82 -50.44 -17.95
CA ILE E 30 -54.84 -50.50 -16.87
C ILE E 30 -53.55 -50.85 -17.54
N TYR E 31 -52.72 -49.86 -17.69
CA TYR E 31 -51.42 -50.07 -18.33
C TYR E 31 -50.46 -50.47 -17.26
N GLN E 32 -50.70 -51.67 -16.78
CA GLN E 32 -49.93 -52.26 -15.71
C GLN E 32 -48.64 -52.73 -16.34
N THR E 33 -47.83 -51.76 -16.67
CA THR E 33 -46.57 -51.98 -17.36
C THR E 33 -45.55 -51.14 -16.64
N THR E 34 -44.33 -51.60 -16.66
CA THR E 34 -43.22 -50.81 -16.15
C THR E 34 -42.78 -49.90 -17.28
N SER E 35 -42.83 -50.43 -18.48
CA SER E 35 -42.01 -49.90 -19.56
C SER E 35 -42.82 -49.84 -20.83
N TYR E 36 -42.17 -49.20 -21.77
CA TYR E 36 -42.78 -48.76 -23.01
C TYR E 36 -41.71 -48.84 -24.05
N ILE E 37 -42.10 -49.40 -25.16
CA ILE E 37 -41.20 -49.57 -26.28
C ILE E 37 -40.80 -48.21 -26.79
N PHE E 38 -39.53 -48.11 -27.04
CA PHE E 38 -38.99 -47.01 -27.84
C PHE E 38 -38.81 -47.51 -29.23
N GLU E 39 -39.29 -46.73 -30.17
CA GLU E 39 -39.33 -47.17 -31.57
C GLU E 39 -37.90 -47.31 -32.04
N THR E 40 -37.05 -46.39 -31.64
CA THR E 40 -35.68 -46.24 -32.15
C THR E 40 -34.86 -45.72 -31.00
N PRO E 41 -33.55 -45.97 -31.07
CA PRO E 41 -32.63 -45.38 -30.12
C PRO E 41 -32.83 -43.88 -30.05
N GLU E 42 -33.08 -43.26 -31.19
CA GLU E 42 -33.27 -41.80 -31.26
C GLU E 42 -34.50 -41.45 -30.45
N GLU E 43 -35.56 -42.21 -30.61
CA GLU E 43 -36.78 -41.89 -29.87
C GLU E 43 -36.50 -42.09 -28.38
N ALA E 44 -35.80 -43.15 -28.00
CA ALA E 44 -35.48 -43.40 -26.59
C ALA E 44 -34.68 -42.20 -26.09
N ALA E 45 -33.68 -41.81 -26.87
CA ALA E 45 -32.79 -40.71 -26.49
C ALA E 45 -33.63 -39.44 -26.32
N ASP E 46 -34.52 -39.21 -27.28
CA ASP E 46 -35.34 -37.99 -27.29
C ASP E 46 -36.25 -38.01 -26.06
N LEU E 47 -36.86 -39.15 -25.77
CA LEU E 47 -37.73 -39.21 -24.59
C LEU E 47 -36.93 -38.87 -23.35
N PHE E 48 -35.79 -39.50 -23.17
CA PHE E 48 -34.99 -39.27 -21.96
C PHE E 48 -34.48 -37.86 -21.94
N ALA E 49 -34.26 -37.29 -23.11
CA ALA E 49 -33.72 -35.93 -23.25
C ALA E 49 -34.88 -34.95 -23.14
N LEU E 50 -36.11 -35.46 -23.00
CA LEU E 50 -37.34 -34.63 -22.91
C LEU E 50 -37.52 -33.85 -24.20
N LYS E 51 -37.05 -34.37 -25.33
CA LYS E 51 -37.21 -33.68 -26.63
C LYS E 51 -38.59 -34.03 -27.16
N LYS E 52 -39.15 -35.11 -26.66
CA LYS E 52 -40.42 -35.68 -27.17
C LYS E 52 -41.17 -36.16 -25.94
N ALA E 53 -42.48 -36.03 -25.96
CA ALA E 53 -43.38 -36.62 -24.96
C ALA E 53 -43.53 -38.09 -25.34
N GLY E 54 -43.68 -38.91 -24.32
CA GLY E 54 -43.95 -40.31 -24.56
C GLY E 54 -43.78 -41.01 -23.25
N ASN E 55 -44.07 -42.28 -23.28
CA ASN E 55 -44.00 -43.09 -22.08
C ASN E 55 -42.59 -43.61 -22.04
N ILE E 56 -42.03 -43.57 -20.86
CA ILE E 56 -40.66 -44.01 -20.66
C ILE E 56 -40.69 -45.13 -19.66
N TYR E 57 -41.37 -44.88 -18.58
CA TYR E 57 -41.26 -45.75 -17.42
C TYR E 57 -42.30 -45.33 -16.45
N THR E 58 -43.00 -46.35 -15.97
CA THR E 58 -44.18 -46.10 -15.15
C THR E 58 -43.81 -45.29 -13.93
N ARG E 59 -42.63 -45.47 -13.38
CA ARG E 59 -42.25 -44.66 -12.21
C ARG E 59 -42.39 -43.20 -12.56
N ILE E 60 -42.11 -42.85 -13.78
CA ILE E 60 -42.08 -41.46 -14.25
C ILE E 60 -43.44 -41.06 -14.72
N GLY E 61 -44.13 -41.98 -15.40
CA GLY E 61 -45.41 -41.61 -15.97
C GLY E 61 -46.03 -42.83 -16.58
N ASN E 62 -47.32 -42.85 -16.58
CA ASN E 62 -48.02 -44.06 -17.00
C ASN E 62 -49.33 -43.58 -17.58
N PRO E 63 -49.75 -44.15 -18.68
CA PRO E 63 -50.89 -43.60 -19.40
C PRO E 63 -52.19 -43.74 -18.64
N THR E 64 -52.29 -44.73 -17.78
CA THR E 64 -53.50 -44.85 -16.95
C THR E 64 -53.47 -43.70 -15.99
N THR E 65 -52.35 -43.58 -15.31
CA THR E 65 -52.18 -42.56 -14.28
C THR E 65 -52.31 -41.20 -14.93
N ASP E 66 -51.83 -41.09 -16.15
CA ASP E 66 -51.87 -39.82 -16.85
C ASP E 66 -53.31 -39.36 -16.96
N VAL E 67 -54.22 -40.29 -17.22
CA VAL E 67 -55.61 -39.88 -17.31
C VAL E 67 -56.01 -39.25 -16.00
N LEU E 68 -55.67 -39.91 -14.91
CA LEU E 68 -56.13 -39.45 -13.61
C LEU E 68 -55.45 -38.12 -13.32
N GLU E 69 -54.19 -38.00 -13.68
CA GLU E 69 -53.47 -36.75 -13.44
C GLU E 69 -54.15 -35.65 -14.23
N LYS E 70 -54.44 -35.89 -15.49
CA LYS E 70 -55.06 -34.88 -16.31
C LYS E 70 -56.43 -34.58 -15.78
N ARG E 71 -57.11 -35.62 -15.36
CA ARG E 71 -58.50 -35.42 -14.93
C ARG E 71 -58.47 -34.56 -13.68
N ILE E 72 -57.62 -34.89 -12.71
CA ILE E 72 -57.65 -34.10 -11.46
C ILE E 72 -57.18 -32.69 -11.79
N ALA E 73 -56.19 -32.57 -12.67
CA ALA E 73 -55.71 -31.23 -13.06
C ALA E 73 -56.91 -30.51 -13.68
N ALA E 74 -57.70 -31.21 -14.46
CA ALA E 74 -58.78 -30.53 -15.19
C ALA E 74 -59.84 -30.14 -14.16
N LEU E 75 -60.09 -31.00 -13.20
CA LEU E 75 -61.16 -30.72 -12.23
C LEU E 75 -60.71 -29.56 -11.37
N ASP E 76 -59.42 -29.49 -11.08
CA ASP E 76 -58.90 -28.41 -10.23
C ASP E 76 -58.61 -27.18 -11.05
N GLY E 77 -58.55 -27.30 -12.38
CA GLY E 77 -58.20 -26.20 -13.29
C GLY E 77 -56.71 -25.96 -13.18
N GLY E 78 -55.97 -27.02 -12.88
CA GLY E 78 -54.51 -26.92 -12.90
C GLY E 78 -53.94 -27.20 -14.28
N VAL E 79 -52.64 -27.02 -14.44
CA VAL E 79 -52.00 -27.23 -15.74
C VAL E 79 -51.56 -28.67 -15.78
N GLY E 80 -51.45 -29.31 -14.65
CA GLY E 80 -50.97 -30.68 -14.70
C GLY E 80 -50.86 -31.19 -13.32
N ALA E 81 -50.74 -32.48 -13.23
CA ALA E 81 -50.74 -33.13 -11.94
C ALA E 81 -49.82 -34.30 -12.05
N VAL E 82 -49.33 -34.68 -10.90
CA VAL E 82 -48.51 -35.88 -10.79
C VAL E 82 -49.14 -36.67 -9.69
N ALA E 83 -49.51 -37.87 -10.03
CA ALA E 83 -50.01 -38.85 -9.08
C ALA E 83 -48.85 -39.47 -8.36
N THR E 84 -49.11 -39.72 -7.12
CA THR E 84 -48.12 -40.35 -6.25
C THR E 84 -48.77 -41.53 -5.61
N SER E 85 -47.94 -42.28 -4.97
CA SER E 85 -48.30 -43.52 -4.29
C SER E 85 -49.24 -43.20 -3.14
N SER E 86 -49.28 -41.98 -2.64
CA SER E 86 -50.10 -41.67 -1.47
C SER E 86 -50.25 -40.17 -1.38
N GLY E 87 -51.24 -39.73 -0.62
CA GLY E 87 -51.34 -38.32 -0.30
C GLY E 87 -50.07 -37.88 0.39
N GLN E 88 -49.53 -38.71 1.28
CA GLN E 88 -48.31 -38.35 2.00
C GLN E 88 -47.27 -38.06 0.94
N ALA E 89 -47.14 -38.95 -0.02
CA ALA E 89 -46.07 -38.78 -1.02
C ALA E 89 -46.35 -37.49 -1.79
N ALA E 90 -47.59 -37.24 -2.11
CA ALA E 90 -47.97 -36.06 -2.88
C ALA E 90 -47.51 -34.86 -2.04
N ILE E 91 -47.81 -34.88 -0.76
CA ILE E 91 -47.45 -33.74 0.09
C ILE E 91 -45.93 -33.65 0.15
N THR E 92 -45.29 -34.78 0.32
CA THR E 92 -43.84 -34.83 0.39
C THR E 92 -43.31 -34.16 -0.88
N TYR E 93 -43.81 -34.62 -2.00
CA TYR E 93 -43.29 -34.14 -3.29
C TYR E 93 -43.63 -32.69 -3.49
N ALA E 94 -44.82 -32.28 -3.11
CA ALA E 94 -45.23 -30.90 -3.34
C ALA E 94 -44.24 -29.98 -2.64
N ILE E 95 -43.83 -30.39 -1.47
CA ILE E 95 -42.89 -29.62 -0.63
C ILE E 95 -41.50 -29.77 -1.21
N LEU E 96 -41.06 -31.00 -1.38
CA LEU E 96 -39.68 -31.29 -1.78
C LEU E 96 -39.40 -30.76 -3.16
N ASN E 97 -40.43 -30.53 -3.93
CA ASN E 97 -40.24 -29.96 -5.25
C ASN E 97 -39.68 -28.55 -5.17
N ILE E 98 -39.89 -27.87 -4.05
CA ILE E 98 -39.61 -26.42 -3.93
C ILE E 98 -38.87 -26.11 -2.64
N ALA E 99 -38.60 -27.10 -1.82
CA ALA E 99 -37.93 -26.89 -0.53
C ALA E 99 -36.85 -27.94 -0.47
N ARG E 100 -35.67 -27.51 -0.13
CA ARG E 100 -34.57 -28.42 0.16
C ARG E 100 -34.11 -28.17 1.59
N SER E 101 -33.22 -29.02 2.05
CA SER E 101 -32.56 -28.88 3.35
C SER E 101 -32.19 -27.41 3.52
N GLY E 102 -32.58 -26.84 4.66
CA GLY E 102 -32.26 -25.44 4.97
C GLY E 102 -33.48 -24.58 4.71
N ASP E 103 -34.44 -25.10 3.97
CA ASP E 103 -35.63 -24.29 3.65
C ASP E 103 -36.67 -24.44 4.76
N GLU E 104 -37.69 -23.63 4.62
CA GLU E 104 -38.80 -23.73 5.55
C GLU E 104 -40.09 -23.78 4.79
N VAL E 105 -41.08 -24.23 5.50
CA VAL E 105 -42.45 -24.23 4.98
C VAL E 105 -43.30 -23.77 6.11
N VAL E 106 -44.25 -22.93 5.79
CA VAL E 106 -45.21 -22.53 6.81
C VAL E 106 -46.41 -23.43 6.55
N ALA E 107 -46.84 -24.10 7.60
CA ALA E 107 -48.02 -24.96 7.50
C ALA E 107 -48.97 -24.57 8.60
N ALA E 108 -50.24 -24.63 8.29
CA ALA E 108 -51.28 -24.66 9.33
C ALA E 108 -50.93 -25.81 10.26
N SER E 109 -51.21 -25.65 11.55
CA SER E 109 -51.07 -26.71 12.56
CA SER E 109 -51.08 -26.72 12.55
C SER E 109 -52.19 -27.73 12.37
N THR E 110 -53.26 -27.29 11.73
CA THR E 110 -54.50 -28.06 11.54
C THR E 110 -54.35 -28.97 10.34
N LEU E 111 -53.63 -30.03 10.61
CA LEU E 111 -53.15 -30.96 9.59
C LEU E 111 -53.53 -32.34 10.02
N TYR E 112 -53.80 -33.12 9.02
CA TYR E 112 -53.73 -34.58 9.15
C TYR E 112 -52.46 -34.91 9.94
N GLY E 113 -52.59 -35.79 10.91
CA GLY E 113 -51.49 -36.26 11.77
C GLY E 113 -50.33 -36.66 10.92
N GLY E 114 -50.58 -37.31 9.79
CA GLY E 114 -49.47 -37.86 8.99
C GLY E 114 -48.69 -36.74 8.36
N THR E 115 -49.40 -35.70 7.93
CA THR E 115 -48.78 -34.54 7.31
C THR E 115 -47.99 -33.83 8.39
N TYR E 116 -48.61 -33.73 9.56
CA TYR E 116 -47.95 -33.09 10.69
C TYR E 116 -46.63 -33.78 10.89
N THR E 117 -46.66 -35.09 11.05
CA THR E 117 -45.48 -35.91 11.36
C THR E 117 -44.50 -35.80 10.20
N LEU E 118 -45.02 -35.84 8.99
CA LEU E 118 -44.13 -35.69 7.83
C LEU E 118 -43.40 -34.36 7.99
N PHE E 119 -44.15 -33.31 8.29
CA PHE E 119 -43.59 -31.94 8.33
C PHE E 119 -42.65 -31.84 9.50
N ALA E 120 -43.09 -32.30 10.66
CA ALA E 120 -42.47 -31.95 11.95
C ALA E 120 -41.26 -32.85 12.15
N HIS E 121 -41.26 -34.01 11.52
CA HIS E 121 -40.26 -35.06 11.79
C HIS E 121 -39.52 -35.39 10.50
N THR E 122 -40.19 -36.00 9.54
CA THR E 122 -39.47 -36.54 8.40
C THR E 122 -38.85 -35.37 7.65
N LEU E 123 -39.59 -34.32 7.36
CA LEU E 123 -39.02 -33.21 6.57
C LEU E 123 -37.98 -32.54 7.43
N ARG E 124 -38.25 -32.48 8.72
CA ARG E 124 -37.32 -31.83 9.64
C ARG E 124 -35.98 -32.51 9.44
N LYS E 125 -36.00 -33.82 9.47
CA LYS E 125 -34.75 -34.59 9.38
C LYS E 125 -34.10 -34.35 8.03
N LEU E 126 -34.87 -33.93 7.02
CA LEU E 126 -34.30 -33.59 5.71
C LEU E 126 -34.03 -32.11 5.63
N GLY E 127 -34.00 -31.47 6.80
CA GLY E 127 -33.49 -30.11 6.93
C GLY E 127 -34.54 -29.13 6.48
N ILE E 128 -35.78 -29.59 6.36
CA ILE E 128 -36.86 -28.64 6.00
C ILE E 128 -37.63 -28.37 7.28
N THR E 129 -37.68 -27.11 7.61
CA THR E 129 -38.26 -26.70 8.87
C THR E 129 -39.65 -26.23 8.55
N VAL E 130 -40.58 -27.00 9.03
CA VAL E 130 -41.97 -26.57 8.85
C VAL E 130 -42.35 -25.81 10.10
N LYS E 131 -42.77 -24.58 9.87
CA LYS E 131 -43.26 -23.71 10.93
C LYS E 131 -44.77 -23.85 10.91
N PHE E 132 -45.29 -24.32 12.00
CA PHE E 132 -46.73 -24.52 12.14
C PHE E 132 -47.33 -23.26 12.68
N VAL E 133 -48.42 -22.86 12.08
CA VAL E 133 -49.10 -21.64 12.51
C VAL E 133 -50.54 -22.02 12.75
N ASN E 134 -51.13 -21.24 13.61
CA ASN E 134 -52.59 -21.33 13.84
C ASN E 134 -53.21 -20.69 12.61
N PRO E 135 -53.93 -21.45 11.76
CA PRO E 135 -54.43 -20.88 10.51
C PRO E 135 -55.60 -19.94 10.76
N ASP E 136 -56.11 -19.89 12.00
CA ASP E 136 -57.17 -18.93 12.40
C ASP E 136 -56.59 -17.51 12.35
N TYR E 137 -55.28 -17.39 12.45
CA TYR E 137 -54.63 -16.07 12.61
C TYR E 137 -53.79 -15.87 11.37
N LEU E 138 -54.31 -15.11 10.42
CA LEU E 138 -53.58 -14.83 9.17
C LEU E 138 -52.20 -14.27 9.53
N GLU E 139 -52.15 -13.44 10.57
CA GLU E 139 -50.89 -12.77 11.00
C GLU E 139 -49.84 -13.86 11.25
N GLU E 140 -50.24 -15.03 11.74
CA GLU E 140 -49.28 -16.08 12.15
C GLU E 140 -48.57 -16.61 10.88
N PHE E 141 -49.29 -16.63 9.77
CA PHE E 141 -48.70 -17.05 8.48
C PHE E 141 -47.62 -16.05 8.13
N GLU E 142 -48.01 -14.77 8.14
CA GLU E 142 -47.12 -13.63 7.84
C GLU E 142 -45.88 -13.74 8.73
N LYS E 143 -46.05 -13.90 10.04
CA LYS E 143 -44.91 -13.85 10.99
C LYS E 143 -44.03 -15.08 10.81
N ALA E 144 -44.56 -16.20 10.37
CA ALA E 144 -43.81 -17.47 10.33
C ALA E 144 -42.98 -17.47 9.04
N ILE E 145 -43.34 -16.63 8.09
CA ILE E 145 -42.58 -16.55 6.83
C ILE E 145 -41.21 -15.89 7.09
N THR E 146 -40.18 -16.55 6.62
CA THR E 146 -38.81 -16.07 6.65
C THR E 146 -38.33 -16.09 5.21
N ASP E 147 -37.10 -15.69 5.02
CA ASP E 147 -36.50 -15.67 3.68
C ASP E 147 -36.36 -17.11 3.20
N LYS E 148 -36.50 -18.06 4.11
CA LYS E 148 -36.29 -19.47 3.81
C LYS E 148 -37.59 -20.15 3.47
N THR E 149 -38.69 -19.47 3.67
CA THR E 149 -39.99 -20.08 3.49
C THR E 149 -40.19 -20.34 2.01
N LYS E 150 -40.66 -21.53 1.68
CA LYS E 150 -40.84 -21.91 0.28
C LYS E 150 -42.30 -22.10 -0.05
N ALA E 151 -43.11 -22.29 0.96
CA ALA E 151 -44.53 -22.49 0.69
C ALA E 151 -45.28 -22.16 1.95
N ILE E 152 -46.55 -21.95 1.74
CA ILE E 152 -47.54 -22.09 2.80
C ILE E 152 -48.38 -23.28 2.42
N PHE E 153 -48.58 -24.13 3.40
CA PHE E 153 -49.34 -25.36 3.23
C PHE E 153 -50.50 -25.32 4.20
N VAL E 154 -51.68 -25.53 3.66
CA VAL E 154 -52.85 -25.74 4.51
C VAL E 154 -53.69 -26.84 3.88
N GLU E 155 -54.52 -27.42 4.71
CA GLU E 155 -55.61 -28.27 4.24
C GLU E 155 -56.83 -27.40 4.06
N THR E 156 -57.65 -27.80 3.11
CA THR E 156 -58.90 -27.12 2.82
C THR E 156 -59.77 -27.15 4.06
N LEU E 157 -59.80 -28.30 4.70
CA LEU E 157 -60.60 -28.58 5.89
C LEU E 157 -59.70 -29.37 6.77
N GLY E 158 -59.28 -28.76 7.85
CA GLY E 158 -58.27 -29.39 8.71
C GLY E 158 -58.75 -30.77 9.05
N ASN E 159 -57.89 -31.74 8.85
CA ASN E 159 -58.09 -33.08 9.38
C ASN E 159 -57.48 -33.11 10.77
N PRO E 160 -58.25 -33.12 11.87
CA PRO E 160 -59.69 -33.20 11.88
C PRO E 160 -60.35 -31.94 12.46
N ASN E 161 -59.61 -30.84 12.46
CA ASN E 161 -60.14 -29.57 13.01
C ASN E 161 -61.36 -29.16 12.18
N ILE E 162 -61.43 -29.54 10.91
CA ILE E 162 -62.49 -29.08 9.96
C ILE E 162 -62.52 -27.57 10.02
N ASN E 163 -61.36 -26.98 10.15
CA ASN E 163 -61.23 -25.53 9.98
C ASN E 163 -61.05 -25.29 8.49
N ILE E 164 -61.52 -24.15 8.06
CA ILE E 164 -61.37 -23.67 6.68
C ILE E 164 -60.45 -22.47 6.78
N PRO E 165 -59.23 -22.66 6.31
CA PRO E 165 -58.30 -21.56 6.18
C PRO E 165 -58.91 -20.53 5.24
N ASP E 166 -58.60 -19.28 5.49
CA ASP E 166 -59.04 -18.20 4.59
C ASP E 166 -58.07 -18.21 3.41
N PHE E 167 -58.40 -18.96 2.39
CA PHE E 167 -57.46 -19.35 1.33
C PHE E 167 -56.94 -18.10 0.67
N GLU E 168 -57.82 -17.20 0.27
CA GLU E 168 -57.38 -16.07 -0.55
C GLU E 168 -56.46 -15.22 0.31
N ALA E 169 -56.75 -15.11 1.61
CA ALA E 169 -55.94 -14.26 2.49
C ALA E 169 -54.58 -14.92 2.67
N ILE E 170 -54.55 -16.23 2.84
CA ILE E 170 -53.27 -16.93 3.03
C ILE E 170 -52.51 -16.93 1.70
N ALA E 171 -53.21 -17.11 0.61
CA ALA E 171 -52.62 -17.02 -0.72
C ALA E 171 -51.93 -15.67 -0.84
N GLU E 172 -52.63 -14.60 -0.49
CA GLU E 172 -52.12 -13.22 -0.61
C GLU E 172 -50.82 -13.16 0.19
N ILE E 173 -50.81 -13.73 1.37
CA ILE E 173 -49.59 -13.68 2.22
C ILE E 173 -48.49 -14.43 1.49
N ALA E 174 -48.78 -15.64 1.02
CA ALA E 174 -47.78 -16.46 0.33
C ALA E 174 -47.28 -15.61 -0.84
N HIS E 175 -48.20 -15.09 -1.64
CA HIS E 175 -47.83 -14.46 -2.94
C HIS E 175 -47.05 -13.20 -2.67
N LYS E 176 -47.44 -12.41 -1.66
CA LYS E 176 -46.71 -11.19 -1.24
C LYS E 176 -45.26 -11.61 -0.99
N HIS E 177 -45.05 -12.77 -0.43
CA HIS E 177 -43.71 -13.26 -0.05
C HIS E 177 -43.11 -14.07 -1.19
N GLY E 178 -43.74 -14.08 -2.35
CA GLY E 178 -43.24 -14.77 -3.55
C GLY E 178 -43.15 -16.26 -3.32
N ILE E 179 -44.05 -16.81 -2.51
CA ILE E 179 -44.05 -18.27 -2.24
C ILE E 179 -45.40 -18.82 -2.55
N PRO E 180 -45.41 -20.07 -2.99
CA PRO E 180 -46.66 -20.67 -3.37
C PRO E 180 -47.42 -21.08 -2.12
N PHE E 181 -48.68 -21.17 -2.41
CA PHE E 181 -49.71 -21.60 -1.48
C PHE E 181 -50.15 -22.98 -1.92
N ILE E 182 -49.87 -23.92 -1.06
CA ILE E 182 -50.21 -25.33 -1.29
C ILE E 182 -51.42 -25.62 -0.45
N VAL E 183 -52.41 -26.15 -1.12
CA VAL E 183 -53.61 -26.55 -0.41
C VAL E 183 -53.80 -28.04 -0.60
N ASP E 184 -53.88 -28.69 0.54
CA ASP E 184 -54.28 -30.09 0.62
C ASP E 184 -55.79 -30.07 0.59
N ASN E 185 -56.31 -30.51 -0.52
CA ASN E 185 -57.74 -30.34 -0.81
C ASN E 185 -58.41 -31.70 -0.63
N THR E 186 -57.73 -32.61 0.04
CA THR E 186 -58.19 -34.00 0.23
C THR E 186 -59.64 -34.03 0.66
N PHE E 187 -59.98 -33.21 1.63
CA PHE E 187 -61.27 -33.30 2.33
C PHE E 187 -62.36 -32.79 1.42
N ALA E 188 -62.00 -31.97 0.45
CA ALA E 188 -63.04 -31.25 -0.30
C ALA E 188 -63.23 -31.89 -1.64
N THR E 189 -62.13 -32.17 -2.30
CA THR E 189 -62.06 -32.51 -3.71
C THR E 189 -62.43 -31.26 -4.50
N PRO E 190 -62.09 -31.28 -5.80
CA PRO E 190 -62.37 -30.18 -6.68
C PRO E 190 -63.85 -29.93 -6.79
N TYR E 191 -64.67 -30.91 -6.43
CA TYR E 191 -66.11 -30.69 -6.53
C TYR E 191 -66.54 -29.64 -5.52
N LEU E 192 -66.00 -29.71 -4.31
CA LEU E 192 -66.42 -28.82 -3.22
C LEU E 192 -65.57 -27.57 -3.21
N PHE E 193 -64.35 -27.69 -3.63
CA PHE E 193 -63.43 -26.56 -3.51
C PHE E 193 -62.34 -26.76 -4.52
N ARG E 194 -62.07 -25.68 -5.24
CA ARG E 194 -60.99 -25.69 -6.22
C ARG E 194 -60.03 -24.64 -5.73
N PRO E 195 -59.05 -25.06 -4.93
CA PRO E 195 -58.17 -24.12 -4.25
C PRO E 195 -57.49 -23.17 -5.23
N ILE E 196 -57.29 -23.66 -6.44
CA ILE E 196 -56.63 -22.83 -7.46
C ILE E 196 -57.47 -21.57 -7.72
N GLU E 197 -58.77 -21.66 -7.54
CA GLU E 197 -59.65 -20.50 -7.81
C GLU E 197 -59.60 -19.53 -6.63
N HIS E 198 -58.90 -19.91 -5.58
CA HIS E 198 -58.86 -19.15 -4.32
C HIS E 198 -57.43 -19.00 -3.84
N GLY E 199 -56.50 -19.00 -4.80
CA GLY E 199 -55.13 -18.53 -4.59
C GLY E 199 -54.18 -19.68 -4.42
N ALA E 200 -54.65 -20.91 -4.39
CA ALA E 200 -53.72 -22.04 -4.25
C ALA E 200 -52.92 -22.10 -5.54
N ASP E 201 -51.64 -22.34 -5.39
CA ASP E 201 -50.78 -22.51 -6.57
C ASP E 201 -50.64 -23.99 -6.84
N ILE E 202 -50.70 -24.75 -5.78
CA ILE E 202 -50.48 -26.20 -5.83
C ILE E 202 -51.55 -26.80 -4.97
N VAL E 203 -52.16 -27.84 -5.47
CA VAL E 203 -53.16 -28.56 -4.71
C VAL E 203 -52.68 -29.98 -4.61
N VAL E 204 -52.70 -30.49 -3.40
CA VAL E 204 -52.36 -31.89 -3.20
C VAL E 204 -53.63 -32.55 -2.74
N TYR E 205 -53.68 -33.81 -3.02
CA TYR E 205 -54.73 -34.66 -2.53
C TYR E 205 -54.07 -35.89 -2.05
N SER E 206 -54.69 -36.40 -1.01
CA SER E 206 -54.83 -37.83 -0.84
C SER E 206 -56.00 -38.25 -1.71
N MET E 207 -55.71 -38.85 -2.83
CA MET E 207 -56.77 -39.42 -3.67
C MET E 207 -57.28 -40.68 -2.99
N THR E 208 -56.58 -41.14 -1.98
CA THR E 208 -57.02 -42.27 -1.14
C THR E 208 -58.44 -42.01 -0.66
N1 LLP E 209 -53.84 -35.17 3.88
C2 LLP E 209 -55.07 -35.40 4.32
C2' LLP E 209 -55.90 -34.20 4.62
C3 LLP E 209 -55.52 -36.70 4.54
O3 LLP E 209 -56.76 -36.89 4.98
C4 LLP E 209 -54.72 -37.78 4.20
C4' LLP E 209 -55.26 -39.13 4.20
C5 LLP E 209 -53.44 -37.52 3.78
C6 LLP E 209 -53.03 -36.23 3.67
C5' LLP E 209 -52.45 -38.62 3.53
OP4 LLP E 209 -52.75 -39.31 2.30
P LLP E 209 -52.44 -40.85 2.13
OP1 LLP E 209 -53.02 -41.08 0.80
OP2 LLP E 209 -53.04 -41.59 3.28
OP3 LLP E 209 -50.93 -40.89 2.18
N LLP E 209 -58.70 -40.75 -0.39
CA LLP E 209 -59.88 -40.37 0.34
CB LLP E 209 -59.56 -39.10 1.13
CG LLP E 209 -58.28 -39.18 1.95
CD LLP E 209 -58.24 -40.42 2.80
CE LLP E 209 -56.95 -40.59 3.55
NZ LLP E 209 -56.51 -39.37 4.21
C LLP E 209 -60.97 -40.18 -0.66
O LLP E 209 -61.23 -41.07 -1.44
N PHE E 210 -61.58 -39.00 -0.66
CA PHE E 210 -62.79 -38.78 -1.41
C PHE E 210 -62.56 -38.94 -2.91
N LEU E 211 -61.44 -38.50 -3.44
CA LEU E 211 -61.27 -38.60 -4.89
C LEU E 211 -61.41 -40.05 -5.31
N GLY E 212 -60.71 -40.98 -4.68
CA GLY E 212 -60.84 -42.39 -5.00
C GLY E 212 -62.18 -42.87 -4.50
N GLY E 213 -62.52 -42.51 -3.29
CA GLY E 213 -63.93 -42.54 -2.86
C GLY E 213 -64.37 -43.90 -2.38
N HIS E 214 -63.61 -44.95 -2.61
CA HIS E 214 -64.08 -46.31 -2.30
C HIS E 214 -63.18 -47.03 -1.34
N GLY E 215 -62.21 -46.34 -0.75
CA GLY E 215 -61.38 -46.97 0.26
C GLY E 215 -60.63 -48.13 -0.34
N THR E 216 -60.31 -48.06 -1.62
CA THR E 216 -59.59 -49.18 -2.23
C THR E 216 -58.12 -48.87 -2.37
N SER E 217 -57.76 -47.62 -2.57
CA SER E 217 -56.51 -47.31 -3.24
C SER E 217 -55.86 -46.13 -2.57
N ILE E 218 -54.70 -46.40 -2.08
CA ILE E 218 -53.90 -45.28 -1.60
C ILE E 218 -53.38 -44.60 -2.83
N ALA E 219 -53.42 -43.29 -2.81
CA ALA E 219 -53.00 -42.50 -3.96
C ALA E 219 -52.91 -41.09 -3.48
N GLY E 220 -51.98 -40.38 -4.09
CA GLY E 220 -51.94 -38.96 -3.91
C GLY E 220 -51.83 -38.32 -5.25
N ILE E 221 -51.95 -37.02 -5.22
CA ILE E 221 -51.67 -36.30 -6.45
C ILE E 221 -51.27 -34.92 -6.04
N VAL E 222 -50.45 -34.37 -6.89
CA VAL E 222 -50.09 -32.98 -6.77
C VAL E 222 -50.57 -32.32 -8.04
N VAL E 223 -51.27 -31.25 -7.85
CA VAL E 223 -51.82 -30.47 -8.96
C VAL E 223 -51.13 -29.15 -8.92
N ASP E 224 -50.63 -28.79 -10.05
CA ASP E 224 -49.95 -27.51 -10.24
C ASP E 224 -50.94 -26.62 -10.95
N SER E 225 -51.19 -25.49 -10.37
CA SER E 225 -52.10 -24.48 -10.99
C SER E 225 -51.43 -23.95 -12.25
N GLY E 226 -50.11 -23.94 -12.29
CA GLY E 226 -49.39 -23.28 -13.36
C GLY E 226 -49.40 -21.78 -13.20
N LYS E 227 -49.91 -21.27 -12.08
CA LYS E 227 -50.21 -19.82 -11.94
C LYS E 227 -49.03 -19.18 -11.24
N PHE E 228 -48.22 -19.96 -10.56
CA PHE E 228 -47.20 -19.40 -9.67
C PHE E 228 -46.00 -19.03 -10.51
N GLU E 229 -45.57 -17.80 -10.37
CA GLU E 229 -44.37 -17.34 -11.10
C GLU E 229 -43.15 -17.73 -10.28
N TRP E 230 -42.51 -18.79 -10.68
CA TRP E 230 -41.34 -19.29 -9.94
C TRP E 230 -40.29 -18.22 -10.00
N ASN E 231 -39.71 -17.95 -8.87
CA ASN E 231 -38.83 -16.79 -8.70
C ASN E 231 -37.58 -17.35 -8.06
N GLU E 232 -36.75 -16.45 -7.57
CA GLU E 232 -35.39 -16.72 -7.08
C GLU E 232 -35.48 -17.56 -5.81
N LYS E 233 -36.65 -17.64 -5.18
CA LYS E 233 -36.83 -18.52 -4.02
C LYS E 233 -36.97 -19.97 -4.46
N PHE E 234 -37.15 -20.17 -5.75
CA PHE E 234 -37.31 -21.51 -6.32
C PHE E 234 -36.27 -21.69 -7.41
N PRO E 235 -35.00 -21.60 -7.03
CA PRO E 235 -33.94 -21.53 -8.03
C PRO E 235 -34.08 -22.73 -8.97
N ASP E 236 -34.47 -23.87 -8.41
CA ASP E 236 -34.35 -25.15 -9.13
C ASP E 236 -35.44 -25.20 -10.20
N LEU E 237 -36.39 -24.28 -10.12
CA LEU E 237 -37.44 -24.24 -11.17
C LEU E 237 -37.06 -23.29 -12.28
N ILE E 238 -36.07 -22.44 -12.07
CA ILE E 238 -35.84 -21.32 -13.00
C ILE E 238 -34.40 -21.34 -13.42
N GLN E 239 -33.65 -22.29 -12.94
CA GLN E 239 -32.22 -22.35 -13.22
C GLN E 239 -31.90 -23.72 -13.77
N PRO E 240 -30.86 -23.79 -14.60
CA PRO E 240 -30.47 -25.03 -15.22
C PRO E 240 -30.39 -26.10 -14.16
N ASP E 241 -31.07 -27.19 -14.45
CA ASP E 241 -31.09 -28.38 -13.59
C ASP E 241 -29.97 -29.27 -14.11
N PRO E 242 -28.90 -29.47 -13.31
CA PRO E 242 -27.77 -30.24 -13.79
C PRO E 242 -28.13 -31.73 -13.93
N SER E 243 -29.25 -32.17 -13.37
CA SER E 243 -29.69 -33.59 -13.49
C SER E 243 -30.39 -33.76 -14.83
N TYR E 244 -30.67 -32.65 -15.53
CA TYR E 244 -31.27 -32.75 -16.85
C TYR E 244 -30.51 -31.88 -17.81
N HIS E 245 -29.20 -31.85 -17.63
CA HIS E 245 -28.28 -31.15 -18.56
C HIS E 245 -28.74 -29.70 -18.78
N GLY E 246 -29.17 -29.05 -17.73
CA GLY E 246 -29.35 -27.60 -17.77
C GLY E 246 -30.74 -27.22 -18.18
N LEU E 247 -31.65 -28.18 -18.21
CA LEU E 247 -33.08 -27.93 -18.35
C LEU E 247 -33.47 -26.85 -17.34
N ILE E 248 -34.18 -25.86 -17.81
CA ILE E 248 -34.85 -24.90 -16.94
C ILE E 248 -36.31 -25.24 -17.03
N TYR E 249 -36.90 -25.56 -15.89
CA TYR E 249 -38.27 -26.08 -15.90
C TYR E 249 -39.17 -25.00 -16.43
N THR E 250 -38.96 -23.75 -16.01
CA THR E 250 -39.90 -22.69 -16.44
C THR E 250 -39.69 -22.45 -17.93
N LYS E 251 -38.51 -22.71 -18.45
CA LYS E 251 -38.28 -22.46 -19.87
C LYS E 251 -38.94 -23.59 -20.63
N GLU E 252 -38.66 -24.82 -20.24
CA GLU E 252 -39.09 -25.98 -21.03
C GLU E 252 -40.60 -26.17 -20.84
N PHE E 253 -41.11 -25.95 -19.64
CA PHE E 253 -42.46 -26.42 -19.30
C PHE E 253 -43.38 -25.25 -19.01
N GLY E 254 -42.83 -24.05 -19.09
CA GLY E 254 -43.58 -22.81 -18.92
C GLY E 254 -44.31 -22.86 -17.60
N ASN E 255 -45.61 -22.69 -17.67
CA ASN E 255 -46.45 -22.66 -16.46
C ASN E 255 -46.48 -24.04 -15.78
N ALA E 256 -46.01 -25.12 -16.40
CA ALA E 256 -46.09 -26.46 -15.79
C ALA E 256 -44.76 -26.78 -15.16
N ALA E 257 -43.89 -25.79 -14.99
CA ALA E 257 -42.51 -26.04 -14.54
C ALA E 257 -42.56 -26.88 -13.28
N TYR E 258 -43.36 -26.46 -12.34
CA TYR E 258 -43.37 -27.08 -11.02
C TYR E 258 -43.73 -28.53 -11.18
N ILE E 259 -44.81 -28.76 -11.89
CA ILE E 259 -45.34 -30.13 -11.95
C ILE E 259 -44.43 -30.96 -12.85
N ALA E 260 -43.82 -30.34 -13.85
CA ALA E 260 -42.85 -31.03 -14.70
C ALA E 260 -41.68 -31.41 -13.81
N LYS E 261 -41.19 -30.45 -13.06
CA LYS E 261 -40.05 -30.75 -12.21
C LYS E 261 -40.43 -31.86 -11.25
N LEU E 262 -41.62 -31.79 -10.71
CA LEU E 262 -41.97 -32.71 -9.64
C LEU E 262 -41.89 -34.13 -10.22
N ARG E 263 -42.36 -34.27 -11.43
CA ARG E 263 -42.35 -35.57 -12.08
C ARG E 263 -40.91 -35.94 -12.34
N LEU E 264 -40.18 -35.00 -12.90
CA LEU E 264 -38.89 -35.34 -13.49
C LEU E 264 -37.83 -35.50 -12.42
N THR E 265 -38.03 -34.93 -11.26
CA THR E 265 -37.02 -35.01 -10.19
C THR E 265 -37.59 -35.95 -9.15
N LEU E 266 -38.63 -35.56 -8.50
CA LEU E 266 -39.02 -36.28 -7.27
C LEU E 266 -39.69 -37.58 -7.62
N LEU E 267 -40.61 -37.56 -8.58
CA LEU E 267 -41.30 -38.81 -8.88
C LEU E 267 -40.27 -39.74 -9.48
N ARG E 268 -39.43 -39.19 -10.33
CA ARG E 268 -38.45 -40.05 -10.95
C ARG E 268 -37.47 -40.57 -9.92
N ASP E 269 -36.98 -39.72 -9.03
CA ASP E 269 -35.83 -40.10 -8.19
C ASP E 269 -36.31 -40.85 -6.96
N ILE E 270 -37.39 -40.38 -6.36
CA ILE E 270 -37.84 -41.03 -5.10
C ILE E 270 -38.85 -42.10 -5.46
N GLY E 271 -39.60 -41.88 -6.51
CA GLY E 271 -40.34 -43.00 -7.09
C GLY E 271 -41.55 -43.35 -6.24
N ALA E 272 -42.19 -42.38 -5.63
CA ALA E 272 -43.48 -42.54 -4.91
C ALA E 272 -44.56 -42.54 -5.96
N CYS E 273 -44.42 -43.46 -6.88
CA CYS E 273 -45.33 -43.51 -8.03
C CYS E 273 -46.54 -44.37 -7.67
N LEU E 274 -47.62 -44.01 -8.30
CA LEU E 274 -48.88 -44.66 -8.17
C LEU E 274 -48.94 -45.82 -9.13
N SER E 275 -49.50 -46.90 -8.65
CA SER E 275 -49.78 -48.05 -9.50
C SER E 275 -50.81 -47.58 -10.51
N PRO E 276 -50.67 -48.00 -11.75
CA PRO E 276 -51.68 -47.79 -12.77
C PRO E 276 -52.99 -48.36 -12.29
N PHE E 277 -52.91 -49.48 -11.60
CA PHE E 277 -54.13 -50.13 -11.11
C PHE E 277 -54.85 -49.21 -10.13
N ASN E 278 -54.07 -48.63 -9.25
CA ASN E 278 -54.63 -47.67 -8.30
C ASN E 278 -55.17 -46.46 -9.06
N SER E 279 -54.47 -46.05 -10.10
CA SER E 279 -54.95 -44.88 -10.86
C SER E 279 -56.31 -45.26 -11.42
N PHE E 280 -56.36 -46.45 -11.96
CA PHE E 280 -57.57 -46.96 -12.59
C PHE E 280 -58.70 -46.93 -11.56
N LEU E 281 -58.45 -47.42 -10.38
CA LEU E 281 -59.48 -47.47 -9.33
C LEU E 281 -59.84 -46.10 -8.87
N VAL E 282 -58.87 -45.25 -8.78
CA VAL E 282 -59.18 -43.88 -8.36
C VAL E 282 -60.00 -43.25 -9.44
N LEU E 283 -59.65 -43.51 -10.68
CA LEU E 283 -60.44 -42.98 -11.80
C LEU E 283 -61.89 -43.39 -11.67
N LEU E 284 -62.14 -44.63 -11.33
CA LEU E 284 -63.52 -45.09 -11.19
C LEU E 284 -64.20 -44.29 -10.10
N GLY E 285 -63.46 -43.91 -9.06
CA GLY E 285 -63.99 -43.04 -8.03
C GLY E 285 -64.24 -41.68 -8.60
N VAL E 286 -63.25 -41.16 -9.29
CA VAL E 286 -63.39 -39.78 -9.79
C VAL E 286 -64.57 -39.71 -10.73
N GLU E 287 -64.85 -40.80 -11.43
CA GLU E 287 -65.95 -40.75 -12.42
C GLU E 287 -67.26 -40.36 -11.74
N THR E 288 -67.39 -40.63 -10.47
CA THR E 288 -68.63 -40.32 -9.75
C THR E 288 -68.38 -39.22 -8.75
N LEU E 289 -67.23 -38.61 -8.78
CA LEU E 289 -66.84 -37.68 -7.73
C LEU E 289 -68.01 -36.80 -7.34
N SER E 290 -68.50 -36.02 -8.27
CA SER E 290 -69.46 -34.96 -7.89
C SER E 290 -70.67 -35.63 -7.26
N LEU E 291 -71.09 -36.77 -7.79
CA LEU E 291 -72.28 -37.47 -7.27
C LEU E 291 -71.98 -37.86 -5.83
N ARG E 292 -70.84 -38.48 -5.62
CA ARG E 292 -70.50 -39.00 -4.29
C ARG E 292 -70.34 -37.83 -3.35
N MET E 293 -69.63 -36.83 -3.81
CA MET E 293 -69.33 -35.69 -2.93
C MET E 293 -70.65 -35.03 -2.61
N GLN E 294 -71.54 -34.91 -3.56
CA GLN E 294 -72.81 -34.22 -3.28
C GLN E 294 -73.57 -35.01 -2.23
N LYS E 295 -73.55 -36.34 -2.34
CA LYS E 295 -74.25 -37.17 -1.36
C LYS E 295 -73.53 -37.07 -0.02
N HIS E 296 -72.23 -37.16 -0.06
CA HIS E 296 -71.38 -37.00 1.13
C HIS E 296 -71.78 -35.75 1.88
N VAL E 297 -71.80 -34.62 1.19
CA VAL E 297 -72.05 -33.33 1.87
C VAL E 297 -73.49 -33.31 2.33
N ASP E 298 -74.39 -33.80 1.48
CA ASP E 298 -75.81 -33.81 1.83
C ASP E 298 -75.95 -34.60 3.13
N ASN E 299 -75.32 -35.76 3.17
CA ASN E 299 -75.35 -36.63 4.35
C ASN E 299 -74.67 -35.95 5.52
N ALA E 300 -73.51 -35.36 5.26
CA ALA E 300 -72.71 -34.81 6.35
C ALA E 300 -73.55 -33.73 6.99
N MET E 301 -74.11 -32.86 6.17
CA MET E 301 -74.87 -31.73 6.69
C MET E 301 -75.94 -32.30 7.61
N LYS E 302 -76.68 -33.29 7.13
CA LYS E 302 -77.80 -33.82 7.90
C LYS E 302 -77.27 -34.45 9.17
N LEU E 303 -76.21 -35.21 9.07
CA LEU E 303 -75.67 -35.87 10.26
C LEU E 303 -75.11 -34.83 11.21
N ALA E 304 -74.43 -33.81 10.69
CA ALA E 304 -73.87 -32.75 11.53
C ALA E 304 -75.04 -32.06 12.21
N LYS E 305 -76.10 -31.78 11.47
CA LYS E 305 -77.27 -31.05 12.00
C LYS E 305 -77.88 -31.94 13.08
N PHE E 306 -77.97 -33.23 12.81
CA PHE E 306 -78.51 -34.20 13.78
C PHE E 306 -77.69 -34.15 15.06
N LEU E 307 -76.39 -34.29 14.93
CA LEU E 307 -75.52 -34.35 16.11
C LEU E 307 -75.52 -33.00 16.79
N ASN E 308 -75.68 -31.94 16.01
CA ASN E 308 -75.54 -30.57 16.50
C ASN E 308 -76.70 -30.31 17.46
N ASP E 309 -77.80 -31.02 17.28
CA ASP E 309 -79.05 -30.80 18.03
C ASP E 309 -79.21 -31.91 19.07
N HIS E 310 -78.20 -32.76 19.22
CA HIS E 310 -78.29 -34.00 20.01
C HIS E 310 -77.91 -33.75 21.45
N PRO E 311 -78.79 -34.10 22.39
CA PRO E 311 -78.55 -33.82 23.81
C PRO E 311 -77.38 -34.60 24.40
N LYS E 312 -76.87 -35.59 23.70
CA LYS E 312 -75.73 -36.40 24.22
C LYS E 312 -74.43 -35.96 23.56
N VAL E 313 -74.50 -34.93 22.74
CA VAL E 313 -73.34 -34.40 22.00
C VAL E 313 -73.00 -33.02 22.52
N GLU E 314 -71.77 -32.87 22.98
CA GLU E 314 -71.35 -31.61 23.60
C GLU E 314 -71.20 -30.60 22.48
N TRP E 315 -70.52 -31.03 21.43
CA TRP E 315 -70.19 -30.11 20.34
C TRP E 315 -70.09 -30.91 19.07
N VAL E 316 -70.34 -30.20 18.01
CA VAL E 316 -70.11 -30.70 16.65
C VAL E 316 -69.33 -29.63 15.96
N ASN E 317 -68.31 -30.10 15.28
CA ASN E 317 -67.46 -29.17 14.56
C ASN E 317 -67.66 -29.41 13.09
N TYR E 318 -68.45 -28.58 12.48
CA TYR E 318 -68.69 -28.67 11.05
C TYR E 318 -69.02 -27.28 10.61
N PRO E 319 -68.28 -26.79 9.62
CA PRO E 319 -68.34 -25.40 9.28
C PRO E 319 -69.72 -24.97 8.81
N ALA E 320 -70.55 -25.89 8.34
CA ALA E 320 -71.87 -25.53 7.79
C ALA E 320 -72.85 -25.42 8.94
N LEU E 321 -72.46 -25.79 10.15
CA LEU E 321 -73.37 -25.62 11.30
C LEU E 321 -73.37 -24.14 11.71
N GLU E 322 -74.57 -23.62 11.93
CA GLU E 322 -74.78 -22.31 12.57
C GLU E 322 -73.75 -22.12 13.67
N GLY E 323 -73.14 -20.95 13.71
CA GLY E 323 -72.26 -20.59 14.83
C GLY E 323 -70.90 -21.23 14.70
N ASN E 324 -70.67 -22.08 13.71
CA ASN E 324 -69.33 -22.65 13.57
C ASN E 324 -68.40 -21.47 13.25
N LYS E 325 -67.21 -21.40 13.85
CA LYS E 325 -66.27 -20.30 13.60
C LYS E 325 -66.01 -20.19 12.09
N TYR E 326 -66.08 -21.30 11.36
CA TYR E 326 -65.68 -21.31 9.93
C TYR E 326 -66.87 -21.18 9.01
N TYR E 327 -68.03 -20.91 9.59
CA TYR E 327 -69.27 -20.89 8.81
C TYR E 327 -69.12 -19.97 7.61
N GLU E 328 -68.70 -18.73 7.82
CA GLU E 328 -68.64 -17.73 6.72
C GLU E 328 -67.60 -18.21 5.72
N LEU E 329 -66.50 -18.79 6.20
CA LEU E 329 -65.45 -19.38 5.33
C LEU E 329 -66.04 -20.55 4.57
N TYR E 330 -66.93 -21.30 5.19
CA TYR E 330 -67.61 -22.37 4.46
C TYR E 330 -68.48 -21.73 3.38
N LYS E 331 -69.20 -20.67 3.70
CA LYS E 331 -70.11 -20.06 2.71
C LYS E 331 -69.28 -19.51 1.57
N LYS E 332 -68.14 -18.93 1.91
CA LYS E 332 -67.34 -18.23 0.89
C LYS E 332 -66.66 -19.30 0.04
N TYR E 333 -66.06 -20.29 0.68
CA TYR E 333 -65.11 -21.17 -0.04
C TYR E 333 -65.70 -22.52 -0.35
N LEU E 334 -66.60 -23.03 0.48
CA LEU E 334 -67.12 -24.39 0.27
C LEU E 334 -68.61 -24.34 0.27
N PRO E 335 -69.22 -23.49 -0.58
CA PRO E 335 -70.65 -23.23 -0.51
C PRO E 335 -71.45 -24.52 -0.73
N LYS E 336 -70.88 -25.51 -1.42
CA LYS E 336 -71.63 -26.77 -1.67
C LYS E 336 -71.63 -27.62 -0.41
N GLY E 337 -70.79 -27.28 0.52
CA GLY E 337 -70.68 -27.99 1.79
C GLY E 337 -69.21 -28.12 2.14
N PRO E 338 -68.89 -28.01 3.43
CA PRO E 338 -67.50 -28.02 3.85
C PRO E 338 -67.10 -29.46 4.08
N GLY E 339 -67.11 -30.21 2.99
CA GLY E 339 -66.74 -31.62 2.99
C GLY E 339 -67.73 -32.42 3.79
N ALA E 340 -67.35 -33.62 4.07
CA ALA E 340 -68.29 -34.59 4.60
C ALA E 340 -67.68 -35.15 5.84
N ILE E 341 -66.64 -34.48 6.33
CA ILE E 341 -65.92 -35.00 7.49
C ILE E 341 -66.11 -33.98 8.58
N PHE E 342 -66.51 -34.46 9.72
CA PHE E 342 -66.68 -33.52 10.83
C PHE E 342 -66.49 -34.31 12.08
N THR E 343 -66.38 -33.52 13.11
CA THR E 343 -66.07 -34.08 14.41
C THR E 343 -67.18 -33.68 15.31
N PHE E 344 -67.29 -34.44 16.35
CA PHE E 344 -68.21 -34.06 17.42
C PHE E 344 -67.63 -34.67 18.67
N GLY E 345 -67.95 -34.02 19.76
CA GLY E 345 -67.54 -34.49 21.08
C GLY E 345 -68.81 -34.86 21.81
N PRO E 346 -68.96 -36.15 22.14
CA PRO E 346 -70.07 -36.56 22.96
C PRO E 346 -69.89 -35.95 24.32
N LYS E 347 -71.02 -35.70 24.98
CA LYS E 347 -70.97 -35.53 26.44
C LYS E 347 -70.46 -36.86 26.99
N GLY E 348 -69.65 -36.79 28.01
CA GLY E 348 -69.06 -37.98 28.65
C GLY E 348 -67.66 -38.13 28.11
N GLY E 349 -67.28 -37.20 27.22
CA GLY E 349 -65.90 -37.03 26.77
C GLY E 349 -65.36 -38.29 26.13
N TYR E 350 -64.06 -38.52 26.28
CA TYR E 350 -63.32 -39.66 25.69
C TYR E 350 -64.09 -40.96 25.92
N ASP E 351 -64.54 -41.19 27.14
CA ASP E 351 -65.18 -42.49 27.52
C ASP E 351 -66.43 -42.68 26.68
N ALA E 352 -67.18 -41.62 26.49
CA ALA E 352 -68.41 -41.63 25.66
C ALA E 352 -67.99 -41.85 24.20
N ALA E 353 -66.96 -41.15 23.77
CA ALA E 353 -66.44 -41.28 22.40
C ALA E 353 -66.13 -42.75 22.14
N LYS E 354 -65.40 -43.41 23.03
CA LYS E 354 -65.03 -44.81 22.81
C LYS E 354 -66.29 -45.66 22.72
N LYS E 355 -67.25 -45.39 23.58
CA LYS E 355 -68.51 -46.16 23.63
C LYS E 355 -69.19 -45.97 22.28
N ILE E 356 -69.23 -44.74 21.80
CA ILE E 356 -69.90 -44.43 20.53
C ILE E 356 -69.21 -45.22 19.45
N ILE E 357 -67.89 -45.14 19.45
CA ILE E 357 -67.10 -45.74 18.35
C ILE E 357 -67.28 -47.24 18.43
N ASN E 358 -67.37 -47.81 19.61
CA ASN E 358 -67.52 -49.27 19.80
C ASN E 358 -68.93 -49.71 19.42
N ASN E 359 -69.89 -48.80 19.48
CA ASN E 359 -71.32 -49.16 19.35
C ASN E 359 -71.84 -48.94 17.96
N VAL E 360 -71.20 -48.12 17.16
CA VAL E 360 -71.74 -47.88 15.80
C VAL E 360 -71.61 -49.21 15.07
N LYS E 361 -72.56 -49.46 14.20
CA LYS E 361 -72.61 -50.74 13.48
C LYS E 361 -72.41 -50.48 12.02
N LEU E 362 -72.79 -49.30 11.58
CA LEU E 362 -72.79 -49.00 10.15
C LEU E 362 -71.57 -48.19 9.81
N PHE E 363 -71.34 -47.14 10.58
CA PHE E 363 -70.04 -46.46 10.55
C PHE E 363 -68.98 -47.51 10.71
N SER E 364 -67.94 -47.39 9.90
CA SER E 364 -66.79 -48.29 9.94
C SER E 364 -65.74 -47.57 10.77
N HIS E 365 -65.30 -48.25 11.77
CA HIS E 365 -64.21 -47.80 12.65
C HIS E 365 -62.94 -48.18 11.96
N LEU E 366 -62.33 -47.21 11.33
CA LEU E 366 -61.10 -47.47 10.57
C LEU E 366 -60.44 -46.14 10.31
N ALA E 367 -59.23 -46.24 9.82
CA ALA E 367 -58.39 -45.07 9.56
C ALA E 367 -58.51 -44.77 8.08
N ASN E 368 -59.41 -43.88 7.80
CA ASN E 368 -59.55 -43.35 6.45
C ASN E 368 -60.57 -42.26 6.63
N VAL E 369 -60.70 -41.47 5.62
CA VAL E 369 -61.86 -40.61 5.37
C VAL E 369 -62.14 -40.70 3.89
N GLY E 370 -63.33 -40.25 3.54
CA GLY E 370 -63.68 -40.07 2.13
C GLY E 370 -63.86 -41.39 1.45
N ASP E 371 -64.20 -42.42 2.22
CA ASP E 371 -64.81 -43.62 1.65
C ASP E 371 -66.27 -43.26 1.37
N ALA E 372 -66.86 -43.99 0.45
CA ALA E 372 -68.30 -43.95 0.25
C ALA E 372 -68.92 -44.41 1.55
N LYS E 373 -68.23 -45.32 2.24
CA LYS E 373 -68.71 -45.83 3.53
C LYS E 373 -68.45 -44.79 4.58
N SER E 374 -69.38 -44.68 5.48
CA SER E 374 -69.23 -43.84 6.66
C SER E 374 -68.20 -44.41 7.61
N LEU E 375 -67.37 -43.52 8.06
CA LEU E 375 -66.21 -43.90 8.87
C LEU E 375 -66.22 -43.11 10.15
N ILE E 376 -65.61 -43.72 11.12
CA ILE E 376 -65.55 -43.14 12.45
C ILE E 376 -64.20 -43.51 12.99
N ILE E 377 -63.67 -42.56 13.74
CA ILE E 377 -62.44 -42.83 14.48
C ILE E 377 -62.32 -41.77 15.54
N HIS E 378 -61.49 -42.07 16.49
CA HIS E 378 -61.06 -41.16 17.57
C HIS E 378 -59.69 -40.61 17.21
N PRO E 379 -59.60 -39.43 16.56
CA PRO E 379 -58.31 -38.93 16.07
C PRO E 379 -57.22 -38.99 17.12
N ALA E 380 -57.51 -38.61 18.37
CA ALA E 380 -56.45 -38.36 19.36
C ALA E 380 -55.67 -39.63 19.59
N SER E 381 -56.30 -40.79 19.44
CA SER E 381 -55.67 -42.10 19.75
C SER E 381 -55.29 -42.82 18.45
N THR E 382 -55.51 -42.20 17.31
CA THR E 382 -55.30 -42.88 16.03
C THR E 382 -54.61 -41.95 15.05
N THR E 383 -55.40 -41.21 14.29
CA THR E 383 -54.95 -40.44 13.13
C THR E 383 -53.90 -39.45 13.61
N HIS E 384 -54.04 -38.97 14.83
CA HIS E 384 -53.17 -37.88 15.34
C HIS E 384 -52.42 -38.33 16.56
N GLN E 385 -52.33 -39.64 16.73
CA GLN E 385 -51.76 -40.25 17.93
C GLN E 385 -50.27 -39.92 17.97
N GLN E 386 -49.64 -39.72 16.82
CA GLN E 386 -48.20 -39.42 16.82
C GLN E 386 -47.95 -38.03 17.38
N LEU E 387 -48.93 -37.16 17.36
CA LEU E 387 -48.70 -35.77 17.77
C LEU E 387 -48.61 -35.77 19.29
N THR E 388 -47.82 -34.85 19.81
CA THR E 388 -47.84 -34.46 21.23
C THR E 388 -49.21 -33.91 21.57
N GLU E 389 -49.56 -33.87 22.86
CA GLU E 389 -50.84 -33.29 23.29
C GLU E 389 -50.94 -31.87 22.68
N GLU E 390 -49.85 -31.11 22.68
CA GLU E 390 -49.88 -29.69 22.27
C GLU E 390 -50.05 -29.60 20.74
N GLU E 391 -49.38 -30.48 20.02
CA GLU E 391 -49.57 -30.57 18.56
C GLU E 391 -51.01 -31.01 18.29
N GLN E 392 -51.50 -32.01 19.03
CA GLN E 392 -52.90 -32.50 18.83
C GLN E 392 -53.84 -31.32 19.05
N ARG E 393 -53.63 -30.60 20.15
CA ARG E 393 -54.45 -29.40 20.50
CA ARG E 393 -54.47 -29.42 20.49
C ARG E 393 -54.41 -28.46 19.30
N ALA E 394 -53.21 -28.14 18.83
CA ALA E 394 -53.07 -27.13 17.77
C ALA E 394 -53.69 -27.69 16.48
N ALA E 395 -53.77 -29.00 16.34
CA ALA E 395 -54.34 -29.63 15.16
C ALA E 395 -55.86 -29.68 15.33
N GLY E 396 -56.38 -29.24 16.48
CA GLY E 396 -57.82 -29.23 16.73
C GLY E 396 -58.28 -30.58 17.20
N VAL E 397 -57.35 -31.46 17.52
CA VAL E 397 -57.67 -32.80 18.09
C VAL E 397 -58.07 -32.59 19.54
N LEU E 398 -59.18 -33.18 19.93
CA LEU E 398 -59.61 -33.13 21.33
C LEU E 398 -59.78 -34.57 21.80
N PRO E 399 -59.66 -34.81 23.11
CA PRO E 399 -59.74 -36.18 23.61
C PRO E 399 -61.12 -36.80 23.33
N GLU E 400 -62.18 -36.00 23.34
CA GLU E 400 -63.55 -36.53 23.24
C GLU E 400 -63.95 -36.57 21.77
N MET E 401 -63.07 -36.10 20.92
CA MET E 401 -63.42 -35.87 19.52
C MET E 401 -63.56 -37.22 18.85
N ILE E 402 -64.68 -37.35 18.22
CA ILE E 402 -64.91 -38.39 17.21
C ILE E 402 -64.87 -37.71 15.87
N ARG E 403 -64.21 -38.35 14.94
CA ARG E 403 -64.24 -37.86 13.57
C ARG E 403 -65.17 -38.77 12.81
N LEU E 404 -66.06 -38.18 12.06
CA LEU E 404 -66.95 -38.92 11.18
C LEU E 404 -66.57 -38.51 9.79
N SER E 405 -66.36 -39.52 8.96
CA SER E 405 -66.34 -39.34 7.50
C SER E 405 -67.67 -39.85 7.04
N VAL E 406 -68.54 -38.92 6.71
CA VAL E 406 -69.92 -39.28 6.40
C VAL E 406 -69.96 -39.78 4.98
N GLY E 407 -70.42 -41.00 4.85
CA GLY E 407 -70.45 -41.69 3.58
C GLY E 407 -71.72 -41.41 2.88
N ILE E 408 -72.03 -42.25 1.94
CA ILE E 408 -73.14 -41.94 1.02
C ILE E 408 -74.21 -42.98 1.31
N GLU E 409 -74.12 -43.62 2.46
CA GLU E 409 -75.18 -44.50 2.92
C GLU E 409 -76.43 -43.64 3.04
N ASP E 410 -77.55 -44.32 3.13
CA ASP E 410 -78.80 -43.64 3.49
C ASP E 410 -78.60 -42.89 4.79
N ILE E 411 -78.86 -41.61 4.77
CA ILE E 411 -78.60 -40.76 5.96
C ILE E 411 -79.44 -41.34 7.09
N GLU E 412 -80.63 -41.85 6.80
CA GLU E 412 -81.50 -42.34 7.90
C GLU E 412 -80.72 -43.44 8.61
N ASP E 413 -79.92 -44.22 7.90
CA ASP E 413 -79.20 -45.35 8.50
C ASP E 413 -78.05 -44.79 9.29
N LEU E 414 -77.46 -43.72 8.80
CA LEU E 414 -76.29 -43.16 9.48
C LEU E 414 -76.75 -42.47 10.74
N ILE E 415 -77.86 -41.78 10.65
CA ILE E 415 -78.42 -41.10 11.82
C ILE E 415 -78.78 -42.21 12.79
N TYR E 416 -79.43 -43.24 12.31
CA TYR E 416 -79.87 -44.30 13.22
C TYR E 416 -78.67 -44.83 13.96
N ASP E 417 -77.65 -45.10 13.19
CA ASP E 417 -76.46 -45.79 13.69
C ASP E 417 -75.84 -44.92 14.79
N ILE E 418 -75.72 -43.63 14.52
CA ILE E 418 -75.01 -42.75 15.47
C ILE E 418 -75.96 -42.52 16.63
N GLU E 419 -77.24 -42.37 16.33
CA GLU E 419 -78.24 -42.21 17.37
C GLU E 419 -78.19 -43.45 18.27
N SER E 420 -78.20 -44.63 17.68
CA SER E 420 -78.22 -45.87 18.48
C SER E 420 -76.96 -45.85 19.37
N ALA E 421 -75.83 -45.49 18.79
CA ALA E 421 -74.57 -45.47 19.53
C ALA E 421 -74.68 -44.45 20.68
N LEU E 422 -75.19 -43.26 20.38
CA LEU E 422 -75.37 -42.20 21.39
C LEU E 422 -76.29 -42.67 22.48
N ASN E 423 -77.36 -43.35 22.10
CA ASN E 423 -78.40 -43.74 23.08
CA ASN E 423 -78.41 -43.85 23.01
C ASN E 423 -77.75 -44.68 24.11
N LYS E 424 -76.70 -45.40 23.74
CA LYS E 424 -76.00 -46.35 24.64
C LYS E 424 -75.01 -45.64 25.55
N VAL E 425 -74.81 -44.36 25.35
CA VAL E 425 -73.86 -43.60 26.23
C VAL E 425 -74.67 -43.11 27.41
N LEU E 426 -74.54 -43.74 28.57
CA LEU E 426 -75.27 -43.27 29.78
C LEU E 426 -74.81 -41.83 30.03
N GLU E 427 -75.75 -40.88 30.12
CA GLU E 427 -75.56 -39.49 30.65
C GLU E 427 -75.05 -39.57 32.10
N GLU F 2 47.43 26.38 49.78
CA GLU F 2 46.57 26.43 51.01
C GLU F 2 46.08 27.88 51.23
N GLU F 3 45.31 28.43 50.28
CA GLU F 3 44.86 29.87 50.22
C GLU F 3 44.15 30.23 51.53
N ARG F 4 44.13 31.51 51.91
CA ARG F 4 43.55 31.95 53.21
C ARG F 4 42.05 32.18 53.05
N LYS F 5 41.22 31.71 53.99
CA LYS F 5 39.77 32.06 54.05
C LYS F 5 39.64 33.38 54.82
N TYR F 6 39.57 34.51 54.11
CA TYR F 6 39.44 35.83 54.77
C TYR F 6 38.02 36.04 55.24
N GLY F 7 37.88 36.80 56.31
CA GLY F 7 36.57 37.24 56.80
C GLY F 7 35.91 38.23 55.86
N PHE F 8 34.62 38.37 56.07
CA PHE F 8 33.76 39.30 55.32
C PHE F 8 34.43 40.68 55.24
N ASP F 9 34.91 41.18 56.37
CA ASP F 9 35.37 42.58 56.47
C ASP F 9 36.65 42.72 55.67
N THR F 10 37.44 41.66 55.62
CA THR F 10 38.64 41.64 54.77
C THR F 10 38.19 41.59 53.33
N LEU F 11 37.26 40.69 53.03
CA LEU F 11 36.84 40.54 51.63
C LEU F 11 36.24 41.86 51.12
N GLN F 12 35.46 42.56 51.93
CA GLN F 12 34.72 43.71 51.40
C GLN F 12 35.75 44.75 51.01
N LEU F 13 36.96 44.63 51.56
CA LEU F 13 38.02 45.60 51.32
C LEU F 13 38.95 45.11 50.23
N HIS F 14 39.19 43.81 50.17
CA HIS F 14 40.34 43.27 49.40
C HIS F 14 39.87 42.46 48.21
N ALA F 15 38.76 41.73 48.37
CA ALA F 15 38.41 40.67 47.41
C ALA F 15 38.33 41.28 46.02
N GLY F 16 38.94 40.58 45.06
CA GLY F 16 38.85 40.94 43.65
C GLY F 16 39.85 42.02 43.35
N GLN F 17 40.55 42.50 44.37
CA GLN F 17 41.42 43.67 44.17
C GLN F 17 42.85 43.15 44.18
N PHE F 18 43.53 43.34 43.07
CA PHE F 18 44.93 42.93 42.89
C PHE F 18 45.66 44.21 42.60
N VAL F 19 46.88 44.23 43.03
CA VAL F 19 47.71 45.43 42.81
C VAL F 19 48.15 45.38 41.36
N ASP F 20 47.82 46.38 40.58
CA ASP F 20 48.16 46.31 39.15
C ASP F 20 49.68 46.32 39.04
N ARG F 21 50.18 45.50 38.14
CA ARG F 21 51.61 45.27 37.89
C ARG F 21 52.25 46.59 37.40
N GLU F 22 51.48 47.46 36.80
CA GLU F 22 52.07 48.65 36.16
C GLU F 22 52.48 49.62 37.26
N THR F 23 51.50 50.07 38.04
CA THR F 23 51.65 51.24 38.92
C THR F 23 51.75 50.84 40.39
N LYS F 24 51.27 49.64 40.71
CA LYS F 24 51.21 49.10 42.08
C LYS F 24 50.22 49.92 42.88
N SER F 25 49.33 50.64 42.21
CA SER F 25 48.34 51.49 42.89
C SER F 25 47.67 50.61 43.91
N ARG F 26 47.52 51.13 45.09
CA ARG F 26 46.79 50.41 46.13
C ARG F 26 45.30 50.56 45.90
N ALA F 27 44.88 51.76 45.53
CA ALA F 27 43.46 51.97 45.25
C ALA F 27 43.19 51.28 43.91
N VAL F 28 41.97 50.86 43.74
CA VAL F 28 41.55 50.28 42.46
C VAL F 28 41.56 51.44 41.50
N PRO F 29 42.40 51.37 40.46
CA PRO F 29 42.38 52.42 39.46
C PRO F 29 40.97 52.50 38.90
N ILE F 30 40.60 53.68 38.48
CA ILE F 30 39.39 53.87 37.67
C ILE F 30 39.84 53.70 36.24
N TYR F 31 39.58 52.52 35.72
CA TYR F 31 39.95 52.20 34.34
C TYR F 31 38.84 52.69 33.43
N GLN F 32 38.81 54.00 33.35
CA GLN F 32 37.78 54.72 32.59
C GLN F 32 38.21 54.74 31.14
N THR F 33 38.12 53.56 30.60
CA THR F 33 38.62 53.20 29.28
C THR F 33 37.50 52.43 28.62
N THR F 34 37.43 52.58 27.34
CA THR F 34 36.52 51.75 26.54
C THR F 34 37.25 50.46 26.21
N SER F 35 38.54 50.59 26.01
CA SER F 35 39.28 49.65 25.17
C SER F 35 40.61 49.37 25.79
N TYR F 36 41.19 48.34 25.24
CA TYR F 36 42.41 47.74 25.80
C TYR F 36 43.19 47.28 24.61
N ILE F 37 44.47 47.47 24.74
CA ILE F 37 45.39 47.10 23.68
C ILE F 37 45.40 45.58 23.60
N PHE F 38 45.41 45.14 22.38
CA PHE F 38 45.69 43.76 21.98
C PHE F 38 47.12 43.75 21.48
N GLU F 39 47.94 42.91 22.08
CA GLU F 39 49.39 42.95 21.82
C GLU F 39 49.58 42.53 20.37
N THR F 40 48.73 41.63 19.90
CA THR F 40 48.88 41.00 18.57
C THR F 40 47.51 40.67 18.02
N PRO F 41 47.40 40.56 16.69
CA PRO F 41 46.18 40.09 16.05
C PRO F 41 45.76 38.78 16.72
N GLU F 42 46.72 37.89 16.98
CA GLU F 42 46.39 36.55 17.54
C GLU F 42 45.79 36.79 18.92
N GLU F 43 46.39 37.66 19.71
CA GLU F 43 45.86 37.87 21.06
C GLU F 43 44.45 38.44 20.90
N ALA F 44 44.26 39.43 20.05
CA ALA F 44 42.92 40.00 19.84
C ALA F 44 41.96 38.86 19.46
N ALA F 45 42.33 38.04 18.48
CA ALA F 45 41.48 36.93 17.97
C ALA F 45 41.20 36.01 19.17
N ASP F 46 42.23 35.72 19.95
CA ASP F 46 42.10 34.82 21.10
C ASP F 46 41.13 35.42 22.11
N LEU F 47 41.27 36.71 22.42
CA LEU F 47 40.37 37.35 23.39
C LEU F 47 38.94 37.22 22.89
N PHE F 48 38.71 37.51 21.63
CA PHE F 48 37.32 37.52 21.14
C PHE F 48 36.81 36.10 21.06
N ALA F 49 37.69 35.15 20.76
CA ALA F 49 37.33 33.74 20.64
C ALA F 49 37.19 33.16 22.05
N LEU F 50 37.53 33.92 23.09
CA LEU F 50 37.43 33.47 24.50
C LEU F 50 38.50 32.42 24.78
N LYS F 51 39.58 32.39 24.00
CA LYS F 51 40.67 31.41 24.14
C LYS F 51 41.64 31.91 25.20
N LYS F 52 41.54 33.18 25.54
CA LYS F 52 42.44 33.89 26.48
C LYS F 52 41.54 34.83 27.28
N ALA F 53 41.77 34.94 28.57
CA ALA F 53 41.13 35.96 29.40
C ALA F 53 41.89 37.27 29.16
N GLY F 54 41.19 38.36 29.27
CA GLY F 54 41.84 39.65 29.11
C GLY F 54 40.79 40.68 28.87
N ASN F 55 41.23 41.91 28.82
CA ASN F 55 40.31 43.03 28.63
C ASN F 55 40.08 43.17 27.14
N ILE F 56 38.84 43.39 26.81
CA ILE F 56 38.50 43.53 25.37
C ILE F 56 37.87 44.88 25.20
N TYR F 57 36.90 45.13 26.02
CA TYR F 57 36.07 46.31 25.82
C TYR F 57 35.20 46.44 27.04
N THR F 58 35.10 47.66 27.51
CA THR F 58 34.56 47.89 28.84
C THR F 58 33.09 47.47 28.88
N ARG F 59 32.42 47.54 27.76
CA ARG F 59 31.03 47.08 27.75
C ARG F 59 30.96 45.64 28.21
N ILE F 60 31.97 44.85 27.89
CA ILE F 60 32.00 43.41 28.22
C ILE F 60 32.61 43.22 29.61
N GLY F 61 33.60 44.01 29.93
CA GLY F 61 34.43 43.73 31.10
C GLY F 61 35.38 44.88 31.29
N ASN F 62 35.60 45.20 32.52
CA ASN F 62 36.46 46.33 32.84
C ASN F 62 37.17 46.00 34.13
N PRO F 63 38.46 46.33 34.22
CA PRO F 63 39.23 45.86 35.37
C PRO F 63 38.83 46.57 36.66
N THR F 64 38.24 47.74 36.60
CA THR F 64 37.74 48.36 37.83
C THR F 64 36.51 47.55 38.26
N THR F 65 35.62 47.37 37.32
CA THR F 65 34.34 46.74 37.60
C THR F 65 34.58 45.29 38.00
N ASP F 66 35.59 44.69 37.41
CA ASP F 66 35.99 43.31 37.70
C ASP F 66 36.25 43.18 39.20
N VAL F 67 36.94 44.13 39.79
CA VAL F 67 37.20 44.09 41.23
C VAL F 67 35.85 43.99 41.91
N LEU F 68 34.94 44.86 41.53
CA LEU F 68 33.67 44.95 42.23
C LEU F 68 32.91 43.65 42.03
N GLU F 69 32.96 43.13 40.82
CA GLU F 69 32.27 41.85 40.49
C GLU F 69 32.84 40.76 41.39
N LYS F 70 34.15 40.65 41.40
CA LYS F 70 34.81 39.58 42.14
C LYS F 70 34.50 39.82 43.61
N ARG F 71 34.41 41.07 44.01
CA ARG F 71 34.30 41.37 45.44
C ARG F 71 32.91 40.93 45.89
N ILE F 72 31.92 41.31 45.12
CA ILE F 72 30.53 40.96 45.50
C ILE F 72 30.38 39.44 45.39
N ALA F 73 30.97 38.83 44.37
CA ALA F 73 30.89 37.37 44.20
C ALA F 73 31.53 36.78 45.46
N ALA F 74 32.66 37.33 45.88
CA ALA F 74 33.38 36.79 47.06
C ALA F 74 32.51 37.00 48.30
N LEU F 75 31.86 38.15 48.44
CA LEU F 75 31.03 38.39 49.64
C LEU F 75 29.84 37.47 49.63
N ASP F 76 29.22 37.28 48.49
CA ASP F 76 28.02 36.42 48.40
C ASP F 76 28.42 34.95 48.42
N GLY F 77 29.67 34.64 48.11
CA GLY F 77 30.14 33.26 47.94
C GLY F 77 29.70 32.73 46.61
N GLY F 78 29.63 33.59 45.61
CA GLY F 78 29.36 33.19 44.21
C GLY F 78 30.62 32.87 43.44
N VAL F 79 30.47 32.28 42.27
N VAL F 79 30.44 32.37 42.22
CA VAL F 79 31.65 31.98 41.40
CA VAL F 79 31.55 31.93 41.34
C VAL F 79 32.02 33.25 40.67
C VAL F 79 31.87 33.06 40.36
N GLY F 80 31.03 34.09 40.38
CA GLY F 80 31.27 35.26 39.55
C GLY F 80 30.09 36.19 39.64
N ALA F 81 30.34 37.38 39.19
CA ALA F 81 29.30 38.40 39.13
C ALA F 81 29.57 39.23 37.89
N VAL F 82 28.48 39.82 37.47
CA VAL F 82 28.54 40.80 36.38
C VAL F 82 27.80 42.01 36.87
N ALA F 83 28.54 43.08 36.86
CA ALA F 83 28.00 44.38 37.25
C ALA F 83 27.22 44.86 36.05
N THR F 84 26.23 45.64 36.36
CA THR F 84 25.37 46.25 35.35
C THR F 84 25.22 47.69 35.71
N SER F 85 24.62 48.39 34.78
CA SER F 85 24.37 49.83 34.90
C SER F 85 23.43 50.09 36.07
N SER F 86 22.65 49.11 36.47
CA SER F 86 21.62 49.35 37.50
C SER F 86 21.15 48.02 38.05
N GLY F 87 20.59 48.09 39.24
CA GLY F 87 19.81 46.97 39.79
C GLY F 87 18.83 46.47 38.76
N GLN F 88 18.12 47.37 38.10
CA GLN F 88 17.08 46.95 37.13
C GLN F 88 17.78 46.16 36.04
N ALA F 89 18.97 46.57 35.63
CA ALA F 89 19.64 45.90 34.51
C ALA F 89 20.13 44.55 35.01
N ALA F 90 20.54 44.47 36.27
CA ALA F 90 20.98 43.22 36.89
C ALA F 90 19.80 42.27 36.83
N ILE F 91 18.65 42.77 37.26
CA ILE F 91 17.46 41.92 37.33
C ILE F 91 17.10 41.50 35.91
N THR F 92 17.09 42.47 35.00
CA THR F 92 16.75 42.19 33.62
C THR F 92 17.66 41.11 33.13
N TYR F 93 18.94 41.31 33.36
CA TYR F 93 19.93 40.38 32.81
C TYR F 93 19.77 39.03 33.48
N ALA F 94 19.56 39.03 34.79
CA ALA F 94 19.49 37.78 35.57
C ALA F 94 18.40 36.91 34.95
N ILE F 95 17.31 37.54 34.57
CA ILE F 95 16.15 36.86 33.98
C ILE F 95 16.45 36.54 32.52
N LEU F 96 16.83 37.54 31.74
CA LEU F 96 16.98 37.36 30.28
C LEU F 96 18.08 36.36 30.03
N ASN F 97 18.95 36.16 31.00
CA ASN F 97 20.06 35.21 30.79
C ASN F 97 19.51 33.79 30.70
N ILE F 98 18.31 33.56 31.23
CA ILE F 98 17.76 32.19 31.36
C ILE F 98 16.31 32.17 30.90
N ALA F 99 15.80 33.28 30.42
CA ALA F 99 14.38 33.36 30.04
C ALA F 99 14.34 34.11 28.73
N ARG F 100 13.68 33.53 27.78
CA ARG F 100 13.50 34.16 26.47
C ARG F 100 12.00 34.29 26.30
N SER F 101 11.62 35.00 25.27
CA SER F 101 10.21 35.14 24.88
C SER F 101 9.57 33.76 24.92
N GLY F 102 8.43 33.66 25.57
CA GLY F 102 7.68 32.40 25.72
C GLY F 102 7.91 31.81 27.09
N ASP F 103 8.93 32.29 27.79
CA ASP F 103 9.30 31.69 29.09
C ASP F 103 8.58 32.45 30.20
N GLU F 104 8.60 31.84 31.36
CA GLU F 104 7.89 32.39 32.52
C GLU F 104 8.92 32.47 33.62
N VAL F 105 8.61 33.34 34.54
CA VAL F 105 9.38 33.48 35.77
C VAL F 105 8.33 33.59 36.83
N VAL F 106 8.63 32.99 37.96
CA VAL F 106 7.77 33.18 39.12
C VAL F 106 8.47 34.16 40.01
N ALA F 107 7.73 35.17 40.42
CA ALA F 107 8.29 36.24 41.24
C ALA F 107 7.33 36.46 42.37
N ALA F 108 7.87 36.72 43.56
CA ALA F 108 7.11 37.33 44.65
C ALA F 108 6.46 38.59 44.09
N SER F 109 5.24 38.85 44.50
CA SER F 109 4.53 40.10 44.20
C SER F 109 5.19 41.21 45.03
N THR F 110 5.96 40.83 46.05
CA THR F 110 6.53 41.79 47.04
C THR F 110 7.84 42.28 46.44
N LEU F 111 7.71 43.11 45.43
CA LEU F 111 8.89 43.57 44.71
C LEU F 111 8.93 45.09 44.77
N TYR F 112 10.14 45.54 44.62
CA TYR F 112 10.38 46.93 44.24
C TYR F 112 9.46 47.24 43.06
N GLY F 113 8.80 48.39 43.07
CA GLY F 113 7.90 48.76 41.97
C GLY F 113 8.63 48.61 40.64
N GLY F 114 9.89 49.01 40.56
CA GLY F 114 10.62 49.00 39.29
C GLY F 114 10.77 47.57 38.77
N THR F 115 11.03 46.61 39.66
CA THR F 115 11.19 45.21 39.25
C THR F 115 9.83 44.71 38.82
N TYR F 116 8.84 45.08 39.59
CA TYR F 116 7.45 44.67 39.35
C TYR F 116 7.09 45.10 37.94
N THR F 117 7.33 46.37 37.66
CA THR F 117 7.10 46.95 36.32
C THR F 117 7.96 46.24 35.28
N LEU F 118 9.25 46.08 35.54
CA LEU F 118 10.10 45.33 34.60
C LEU F 118 9.40 44.01 34.29
N PHE F 119 9.04 43.29 35.34
CA PHE F 119 8.45 41.94 35.26
C PHE F 119 7.11 42.00 34.55
N ALA F 120 6.27 42.91 34.99
CA ALA F 120 4.84 42.93 34.64
C ALA F 120 4.72 43.47 33.22
N HIS F 121 5.64 44.32 32.80
CA HIS F 121 5.44 45.15 31.59
C HIS F 121 6.55 44.90 30.61
N THR F 122 7.74 45.29 30.98
CA THR F 122 8.85 45.29 30.02
C THR F 122 9.12 43.87 29.62
N LEU F 123 9.20 42.98 30.60
CA LEU F 123 9.53 41.59 30.26
C LEU F 123 8.35 40.95 29.57
N ARG F 124 7.16 41.29 30.01
CA ARG F 124 5.93 40.81 29.37
C ARG F 124 6.02 41.11 27.87
N LYS F 125 6.38 42.33 27.53
CA LYS F 125 6.44 42.74 26.11
C LYS F 125 7.53 41.95 25.42
N LEU F 126 8.50 41.42 26.14
CA LEU F 126 9.53 40.57 25.51
C LEU F 126 9.14 39.11 25.63
N GLY F 127 7.88 38.83 25.94
CA GLY F 127 7.27 37.49 25.88
C GLY F 127 7.64 36.70 27.10
N ILE F 128 8.16 37.36 28.13
CA ILE F 128 8.49 36.69 29.41
C ILE F 128 7.37 37.02 30.35
N THR F 129 6.63 35.98 30.70
CA THR F 129 5.45 36.18 31.55
C THR F 129 5.92 35.90 32.96
N VAL F 130 5.91 36.95 33.75
CA VAL F 130 6.25 36.80 35.17
C VAL F 130 4.95 36.55 35.89
N LYS F 131 4.91 35.43 36.58
CA LYS F 131 3.74 35.05 37.40
C LYS F 131 4.08 35.52 38.80
N PHE F 132 3.28 36.44 39.34
CA PHE F 132 3.47 37.00 40.69
C PHE F 132 2.75 36.13 41.69
N VAL F 133 3.47 35.78 42.73
CA VAL F 133 2.90 34.94 43.82
C VAL F 133 3.03 35.73 45.09
N ASN F 134 2.09 35.52 45.98
CA ASN F 134 2.25 35.94 47.38
C ASN F 134 3.33 35.07 48.00
N PRO F 135 4.50 35.65 48.29
CA PRO F 135 5.63 34.88 48.79
C PRO F 135 5.41 34.29 50.20
N ASP F 136 4.42 34.82 50.92
CA ASP F 136 4.00 34.24 52.22
C ASP F 136 3.48 32.82 52.03
N TYR F 137 3.15 32.42 50.80
CA TYR F 137 2.44 31.14 50.52
C TYR F 137 3.33 30.31 49.60
N LEU F 138 4.16 29.49 50.23
CA LEU F 138 5.11 28.63 49.48
C LEU F 138 4.36 27.86 48.41
N GLU F 139 3.14 27.40 48.68
CA GLU F 139 2.32 26.64 47.69
C GLU F 139 2.12 27.51 46.45
N GLU F 140 2.03 28.83 46.59
CA GLU F 140 1.82 29.73 45.43
C GLU F 140 3.03 29.68 44.49
N PHE F 141 4.25 29.62 44.99
CA PHE F 141 5.43 29.40 44.12
C PHE F 141 5.19 28.13 43.32
N GLU F 142 4.87 27.08 44.07
CA GLU F 142 4.67 25.72 43.54
C GLU F 142 3.61 25.81 42.44
N LYS F 143 2.47 26.48 42.71
CA LYS F 143 1.27 26.51 41.81
C LYS F 143 1.65 27.25 40.52
N ALA F 144 2.44 28.30 40.65
CA ALA F 144 2.73 29.25 39.58
C ALA F 144 3.77 28.65 38.65
N ILE F 145 4.51 27.65 39.09
CA ILE F 145 5.58 27.09 38.23
C ILE F 145 4.91 26.25 37.16
N THR F 146 5.32 26.42 35.92
CA THR F 146 4.87 25.61 34.78
C THR F 146 6.14 25.10 34.11
N ASP F 147 5.96 24.33 33.04
CA ASP F 147 7.04 23.83 32.18
C ASP F 147 7.86 25.02 31.68
N LYS F 148 7.25 26.19 31.64
CA LYS F 148 7.87 27.38 30.99
C LYS F 148 8.66 28.19 32.00
N THR F 149 8.54 27.88 33.29
CA THR F 149 9.13 28.74 34.34
C THR F 149 10.62 28.55 34.32
N LYS F 150 11.34 29.64 34.38
CA LYS F 150 12.81 29.59 34.26
C LYS F 150 13.47 29.93 35.57
N ALA F 151 12.72 30.55 36.46
CA ALA F 151 13.31 31.08 37.69
C ALA F 151 12.19 31.40 38.64
N ILE F 152 12.55 31.39 39.90
CA ILE F 152 11.78 32.10 40.92
C ILE F 152 12.62 33.26 41.31
N PHE F 153 11.95 34.37 41.48
CA PHE F 153 12.64 35.60 41.80
C PHE F 153 11.97 36.18 43.02
N VAL F 154 12.76 36.42 44.06
CA VAL F 154 12.25 37.15 45.24
C VAL F 154 13.31 38.13 45.67
N GLU F 155 12.84 39.13 46.38
CA GLU F 155 13.69 40.04 47.16
C GLU F 155 13.90 39.45 48.54
N THR F 156 15.10 39.66 49.06
CA THR F 156 15.42 39.20 50.41
C THR F 156 14.41 39.80 51.37
N LEU F 157 14.19 41.08 51.20
CA LEU F 157 13.29 41.90 52.02
C LEU F 157 12.46 42.72 51.05
N GLY F 158 11.20 42.37 50.94
CA GLY F 158 10.28 43.04 50.02
C GLY F 158 10.47 44.53 50.06
N ASN F 159 10.83 45.11 48.93
CA ASN F 159 10.72 46.58 48.77
C ASN F 159 9.27 46.86 48.45
N PRO F 160 8.44 47.44 49.35
CA PRO F 160 8.81 47.80 50.71
C PRO F 160 8.04 47.02 51.78
N ASN F 161 7.55 45.85 51.39
CA ASN F 161 6.79 44.96 52.29
C ASN F 161 7.68 44.56 53.46
N ILE F 162 8.99 44.53 53.24
CA ILE F 162 10.00 44.02 54.21
C ILE F 162 9.57 42.63 54.69
N ASN F 163 9.01 41.87 53.78
CA ASN F 163 8.74 40.45 53.98
C ASN F 163 10.06 39.74 53.70
N ILE F 164 10.27 38.66 54.42
CA ILE F 164 11.41 37.78 54.21
C ILE F 164 10.81 36.53 53.60
N PRO F 165 11.09 36.23 52.33
CA PRO F 165 10.68 34.95 51.78
C PRO F 165 11.39 33.88 52.59
N ASP F 166 10.75 32.73 52.69
CA ASP F 166 11.42 31.55 53.22
C ASP F 166 12.34 31.00 52.14
N PHE F 167 13.56 31.54 52.06
CA PHE F 167 14.47 31.30 50.92
C PHE F 167 14.65 29.80 50.69
N GLU F 168 14.98 29.06 51.74
CA GLU F 168 15.39 27.65 51.57
C GLU F 168 14.19 26.85 51.07
N ALA F 169 13.00 27.19 51.55
CA ALA F 169 11.74 26.54 51.13
C ALA F 169 11.47 26.91 49.67
N ILE F 170 11.64 28.19 49.33
CA ILE F 170 11.40 28.62 47.92
C ILE F 170 12.50 28.00 47.06
N ALA F 171 13.73 27.98 47.56
CA ALA F 171 14.86 27.36 46.82
C ALA F 171 14.48 25.91 46.50
N GLU F 172 13.97 25.18 47.50
CA GLU F 172 13.60 23.76 47.38
C GLU F 172 12.59 23.68 46.24
N ILE F 173 11.61 24.57 46.24
CA ILE F 173 10.55 24.54 45.21
C ILE F 173 11.24 24.76 43.87
N ALA F 174 12.05 25.79 43.75
CA ALA F 174 12.75 26.13 42.50
C ALA F 174 13.53 24.88 42.08
N HIS F 175 14.33 24.34 42.98
CA HIS F 175 15.28 23.27 42.60
C HIS F 175 14.51 22.00 42.27
N LYS F 176 13.38 21.80 42.92
CA LYS F 176 12.53 20.61 42.69
C LYS F 176 12.09 20.69 41.23
N HIS F 177 11.88 21.90 40.71
CA HIS F 177 11.37 22.10 39.33
C HIS F 177 12.55 22.33 38.38
N GLY F 178 13.77 22.19 38.86
CA GLY F 178 14.99 22.35 38.06
C GLY F 178 15.09 23.75 37.52
N ILE F 179 14.69 24.72 38.31
CA ILE F 179 14.87 26.16 37.96
C ILE F 179 15.59 26.85 39.09
N PRO F 180 16.33 27.90 38.73
CA PRO F 180 17.20 28.58 39.67
C PRO F 180 16.28 29.47 40.49
N PHE F 181 16.79 29.76 41.66
CA PHE F 181 16.19 30.71 42.59
C PHE F 181 17.07 31.93 42.54
N ILE F 182 16.43 33.03 42.20
CA ILE F 182 17.10 34.32 42.07
C ILE F 182 16.62 35.15 43.23
N VAL F 183 17.58 35.65 43.96
CA VAL F 183 17.26 36.49 45.11
C VAL F 183 17.85 37.85 44.82
N ASP F 184 16.97 38.83 44.89
CA ASP F 184 17.34 40.25 44.87
C ASP F 184 17.68 40.59 46.30
N ASN F 185 18.96 40.71 46.55
CA ASN F 185 19.45 40.86 47.93
C ASN F 185 19.79 42.30 48.22
N THR F 186 19.24 43.19 47.43
CA THR F 186 19.56 44.62 47.50
C THR F 186 19.42 45.11 48.93
N PHE F 187 18.36 44.71 49.62
CA PHE F 187 18.00 45.33 50.92
C PHE F 187 18.94 44.83 52.02
N ALA F 188 19.62 43.72 51.78
CA ALA F 188 20.35 43.03 52.85
C ALA F 188 21.82 43.28 52.64
N THR F 189 22.26 43.07 51.41
CA THR F 189 23.68 42.89 51.06
C THR F 189 24.16 41.59 51.66
N PRO F 190 25.31 41.11 51.16
CA PRO F 190 25.93 39.87 51.64
C PRO F 190 26.20 39.96 53.13
N TYR F 191 26.26 41.17 53.67
CA TYR F 191 26.62 41.33 55.09
C TYR F 191 25.47 40.79 55.93
N LEU F 192 24.24 41.10 55.54
CA LEU F 192 23.05 40.68 56.30
C LEU F 192 22.56 39.34 55.82
N PHE F 193 22.81 39.00 54.57
CA PHE F 193 22.17 37.81 54.02
C PHE F 193 22.95 37.38 52.80
N ARG F 194 23.37 36.13 52.80
CA ARG F 194 24.05 35.55 51.63
C ARG F 194 23.09 34.52 51.07
N PRO F 195 22.23 34.94 50.14
CA PRO F 195 21.16 34.10 49.64
C PRO F 195 21.74 32.78 49.12
N ILE F 196 22.98 32.80 48.64
CA ILE F 196 23.58 31.57 48.06
C ILE F 196 23.65 30.50 49.15
N GLU F 197 23.76 30.90 50.41
CA GLU F 197 23.87 29.97 51.55
C GLU F 197 22.51 29.40 51.89
N HIS F 198 21.48 29.93 51.26
CA HIS F 198 20.07 29.69 51.62
C HIS F 198 19.28 29.39 50.36
N GLY F 199 19.97 28.84 49.36
CA GLY F 199 19.37 28.17 48.21
C GLY F 199 19.35 29.03 46.98
N ALA F 200 19.74 30.32 47.07
CA ALA F 200 19.72 31.20 45.89
C ALA F 200 20.78 30.68 44.94
N ASP F 201 20.43 30.53 43.69
CA ASP F 201 21.40 30.18 42.63
C ASP F 201 22.03 31.47 42.10
N ILE F 202 21.24 32.51 42.09
CA ILE F 202 21.65 33.78 41.46
C ILE F 202 21.22 34.83 42.43
N VAL F 203 22.12 35.74 42.69
CA VAL F 203 21.78 36.89 43.53
C VAL F 203 21.93 38.10 42.66
N VAL F 204 21.00 39.00 42.79
CA VAL F 204 21.12 40.30 42.14
C VAL F 204 21.05 41.35 43.22
N TYR F 205 21.63 42.46 42.87
CA TYR F 205 21.58 43.63 43.74
C TYR F 205 21.43 44.81 42.85
N SER F 206 20.63 45.72 43.34
CA SER F 206 20.86 47.13 43.10
C SER F 206 22.06 47.49 43.98
N MET F 207 23.24 47.63 43.39
CA MET F 207 24.40 48.13 44.16
C MET F 207 24.21 49.61 44.41
N THR F 208 23.28 50.20 43.71
CA THR F 208 22.83 51.56 43.94
C THR F 208 22.61 51.79 45.43
N1 LLP F 209 15.63 45.85 43.50
C2 LLP F 209 15.48 46.47 44.66
C2' LLP F 209 15.07 45.69 45.86
C3 LLP F 209 15.71 47.84 44.73
O3 LLP F 209 15.60 48.45 45.91
C4 LLP F 209 16.14 48.55 43.62
C4' LLP F 209 16.48 49.95 43.80
C5 LLP F 209 16.23 47.86 42.40
C6 LLP F 209 15.93 46.54 42.39
C5' LLP F 209 16.59 48.52 41.10
OP4 LLP F 209 17.96 48.96 41.22
P LLP F 209 18.43 50.24 40.39
OP1 LLP F 209 17.69 51.35 41.03
OP2 LLP F 209 18.08 49.99 38.97
OP3 LLP F 209 19.89 50.16 40.68
N LLP F 209 22.07 50.80 46.09
CA LLP F 209 21.52 50.95 47.41
CB LLP F 209 20.31 50.05 47.54
CG LLP F 209 19.37 50.08 46.34
CD LLP F 209 18.68 51.42 46.20
CE LLP F 209 17.83 51.50 44.94
NZ LLP F 209 16.88 50.39 44.92
C LLP F 209 22.64 50.69 48.39
O LLP F 209 23.71 51.29 48.29
N PHE F 210 22.42 49.73 49.27
CA PHE F 210 23.32 49.57 50.38
C PHE F 210 24.72 49.22 49.91
N LEU F 211 24.88 48.38 48.90
CA LEU F 211 26.25 47.98 48.58
C LEU F 211 27.07 49.22 48.29
N GLY F 212 26.60 50.06 47.37
CA GLY F 212 27.23 51.34 47.08
C GLY F 212 27.20 52.21 48.32
N GLY F 213 26.03 52.32 48.92
CA GLY F 213 25.92 52.84 50.27
C GLY F 213 25.91 54.35 50.34
N HIS F 214 26.29 55.09 49.30
CA HIS F 214 26.46 56.56 49.46
C HIS F 214 25.52 57.35 48.54
N GLY F 215 24.61 56.67 47.86
CA GLY F 215 23.63 57.35 47.01
C GLY F 215 24.30 58.02 45.85
N THR F 216 25.47 57.55 45.43
CA THR F 216 26.20 58.24 44.35
C THR F 216 25.95 57.58 43.03
N SER F 217 25.78 56.26 43.03
CA SER F 217 26.03 55.50 41.80
C SER F 217 24.93 54.48 41.61
N ILE F 218 24.30 54.60 40.47
CA ILE F 218 23.38 53.53 40.01
C ILE F 218 24.27 52.37 39.61
N ALA F 219 23.92 51.18 40.01
CA ALA F 219 24.72 50.03 39.64
C ALA F 219 23.94 48.81 40.05
N GLY F 220 24.15 47.75 39.30
CA GLY F 220 23.54 46.49 39.64
C GLY F 220 24.59 45.47 39.51
N ILE F 221 24.27 44.31 40.04
CA ILE F 221 25.18 43.19 39.81
C ILE F 221 24.33 41.95 39.88
N VAL F 222 24.81 41.00 39.15
CA VAL F 222 24.27 39.66 39.19
C VAL F 222 25.39 38.80 39.69
N VAL F 223 25.08 38.00 40.70
CA VAL F 223 26.05 37.05 41.25
C VAL F 223 25.51 35.67 40.95
N ASP F 224 26.35 34.89 40.32
CA ASP F 224 26.04 33.48 40.04
C ASP F 224 26.63 32.69 41.22
N SER F 225 25.80 31.92 41.92
CA SER F 225 26.27 30.94 42.94
C SER F 225 27.24 29.97 42.26
N GLY F 226 26.95 29.66 41.01
CA GLY F 226 27.63 28.56 40.30
C GLY F 226 27.10 27.22 40.75
N LYS F 227 26.03 27.23 41.56
CA LYS F 227 25.54 26.03 42.27
C LYS F 227 24.53 25.36 41.37
N PHE F 228 23.93 26.10 40.43
CA PHE F 228 22.74 25.57 39.75
C PHE F 228 23.17 24.72 38.56
N GLU F 229 22.63 23.52 38.49
CA GLU F 229 22.90 22.61 37.36
C GLU F 229 21.98 23.01 36.23
N TRP F 230 22.53 23.75 35.27
CA TRP F 230 21.79 24.15 34.06
C TRP F 230 21.34 22.90 33.33
N ASN F 231 20.06 22.84 33.06
CA ASN F 231 19.41 21.61 32.56
C ASN F 231 18.71 22.02 31.26
N GLU F 232 17.89 21.11 30.73
CA GLU F 232 17.23 21.29 29.41
C GLU F 232 16.24 22.46 29.48
N LYS F 233 15.92 22.98 30.66
CA LYS F 233 15.07 24.20 30.76
C LYS F 233 15.86 25.45 30.42
N PHE F 234 17.17 25.33 30.29
CA PHE F 234 18.10 26.45 30.02
C PHE F 234 18.99 26.04 28.88
N PRO F 235 18.35 25.80 27.73
CA PRO F 235 19.05 25.29 26.55
C PRO F 235 20.25 26.20 26.27
N ASP F 236 20.10 27.49 26.47
CA ASP F 236 21.13 28.44 26.00
C ASP F 236 22.34 28.32 26.93
N LEU F 237 22.19 27.72 28.10
CA LEU F 237 23.36 27.51 28.98
C LEU F 237 24.08 26.22 28.63
N ILE F 238 23.41 25.28 27.95
CA ILE F 238 23.94 23.90 27.85
C ILE F 238 24.03 23.51 26.39
N GLN F 239 23.67 24.39 25.47
CA GLN F 239 23.73 24.13 24.03
C GLN F 239 24.63 25.14 23.36
N PRO F 240 25.21 24.78 22.20
CA PRO F 240 26.12 25.67 21.49
C PRO F 240 25.44 27.02 21.28
N ASP F 241 26.12 28.04 21.72
CA ASP F 241 25.71 29.43 21.48
C ASP F 241 26.25 29.82 20.12
N PRO F 242 25.35 30.01 19.14
CA PRO F 242 25.76 30.30 17.77
C PRO F 242 26.50 31.65 17.69
N SER F 243 26.32 32.53 18.67
CA SER F 243 26.98 33.85 18.65
C SER F 243 28.43 33.68 19.10
N TYR F 244 28.79 32.50 19.61
CA TYR F 244 30.18 32.20 20.01
C TYR F 244 30.62 30.89 19.40
N HIS F 245 30.23 30.68 18.15
CA HIS F 245 30.74 29.57 17.32
C HIS F 245 30.57 28.28 18.11
N GLY F 246 29.45 28.17 18.81
CA GLY F 246 29.04 26.88 19.38
C GLY F 246 29.63 26.66 20.75
N LEU F 247 30.18 27.71 21.35
CA LEU F 247 30.51 27.74 22.79
C LEU F 247 29.34 27.17 23.59
N ILE F 248 29.61 26.27 24.48
CA ILE F 248 28.58 25.81 25.44
C ILE F 248 28.99 26.34 26.79
N TYR F 249 28.15 27.14 27.41
CA TYR F 249 28.57 27.87 28.62
C TYR F 249 28.96 26.87 29.69
N THR F 250 28.16 25.86 29.92
CA THR F 250 28.47 24.90 31.01
C THR F 250 29.76 24.16 30.69
N LYS F 251 30.01 23.89 29.42
CA LYS F 251 31.23 23.19 28.97
C LYS F 251 32.42 24.12 29.20
N GLU F 252 32.34 25.36 28.72
CA GLU F 252 33.52 26.26 28.72
C GLU F 252 33.74 26.82 30.12
N PHE F 253 32.66 27.10 30.81
CA PHE F 253 32.76 27.92 32.04
C PHE F 253 32.40 27.11 33.26
N GLY F 254 31.97 25.86 33.05
CA GLY F 254 31.64 24.97 34.17
C GLY F 254 30.56 25.63 35.00
N ASN F 255 30.80 25.76 36.29
CA ASN F 255 29.77 26.25 37.22
C ASN F 255 29.53 27.75 36.99
N ALA F 256 30.36 28.43 36.21
CA ALA F 256 30.23 29.88 35.96
C ALA F 256 29.42 30.11 34.69
N ALA F 257 28.89 29.05 34.11
CA ALA F 257 28.16 29.11 32.83
C ALA F 257 27.25 30.34 32.82
N TYR F 258 26.38 30.45 33.80
CA TYR F 258 25.29 31.42 33.77
C TYR F 258 25.92 32.80 33.75
N ILE F 259 26.87 33.03 34.63
CA ILE F 259 27.43 34.39 34.76
C ILE F 259 28.29 34.69 33.53
N ALA F 260 29.01 33.69 33.02
CA ALA F 260 29.78 33.84 31.78
C ALA F 260 28.82 34.21 30.66
N LYS F 261 27.73 33.46 30.53
CA LYS F 261 26.78 33.74 29.46
C LYS F 261 26.25 35.15 29.65
N LEU F 262 25.95 35.51 30.88
CA LEU F 262 25.28 36.78 31.13
C LEU F 262 26.20 37.87 30.60
N ARG F 263 27.50 37.75 30.84
CA ARG F 263 28.45 38.76 30.38
C ARG F 263 28.52 38.67 28.88
N LEU F 264 28.66 37.48 28.36
CA LEU F 264 29.05 37.30 26.96
C LEU F 264 27.87 37.58 26.04
N THR F 265 26.65 37.47 26.55
CA THR F 265 25.45 37.57 25.71
C THR F 265 24.80 38.88 26.09
N LEU F 266 24.33 38.98 27.31
CA LEU F 266 23.46 40.12 27.65
C LEU F 266 24.28 41.36 27.90
N LEU F 267 25.34 41.23 28.65
CA LEU F 267 26.09 42.46 28.89
C LEU F 267 26.63 42.96 27.57
N ARG F 268 27.22 42.08 26.82
CA ARG F 268 27.86 42.42 25.56
C ARG F 268 26.81 42.96 24.59
N ASP F 269 25.66 42.31 24.50
CA ASP F 269 24.71 42.59 23.41
C ASP F 269 23.84 43.76 23.81
N ILE F 270 23.36 43.78 25.05
CA ILE F 270 22.44 44.85 25.45
C ILE F 270 23.26 45.98 26.10
N GLY F 271 24.35 45.64 26.74
CA GLY F 271 25.34 46.65 27.11
C GLY F 271 24.84 47.53 28.23
N ALA F 272 24.12 46.94 29.18
CA ALA F 272 23.76 47.60 30.45
C ALA F 272 24.98 47.47 31.36
N CYS F 273 26.07 48.02 30.89
CA CYS F 273 27.33 47.94 31.59
C CYS F 273 27.43 49.10 32.57
N LEU F 274 28.30 48.87 33.52
CA LEU F 274 28.47 49.79 34.61
C LEU F 274 29.68 50.61 34.21
N SER F 275 29.60 51.86 34.55
CA SER F 275 30.76 52.72 34.44
C SER F 275 31.84 52.22 35.38
N PRO F 276 33.09 52.17 34.94
CA PRO F 276 34.20 51.89 35.83
C PRO F 276 34.21 52.91 36.98
N PHE F 277 33.83 54.13 36.69
CA PHE F 277 33.74 55.11 37.76
C PHE F 277 32.74 54.67 38.80
N ASN F 278 31.58 54.23 38.37
CA ASN F 278 30.54 53.77 39.28
C ASN F 278 31.09 52.59 40.07
N SER F 279 31.78 51.71 39.38
CA SER F 279 32.37 50.52 39.98
C SER F 279 33.25 50.99 41.11
N PHE F 280 34.07 51.97 40.81
CA PHE F 280 35.02 52.53 41.77
C PHE F 280 34.26 53.08 42.96
N LEU F 281 33.21 53.83 42.70
CA LEU F 281 32.47 54.46 43.81
C LEU F 281 31.76 53.38 44.59
N VAL F 282 31.25 52.38 43.92
CA VAL F 282 30.52 51.31 44.63
C VAL F 282 31.53 50.54 45.43
N LEU F 283 32.71 50.34 44.90
CA LEU F 283 33.79 49.68 45.65
C LEU F 283 34.09 50.48 46.93
N LEU F 284 34.05 51.78 46.86
CA LEU F 284 34.38 52.56 48.05
C LEU F 284 33.29 52.29 49.06
N GLY F 285 32.05 52.12 48.60
CA GLY F 285 30.95 51.76 49.52
C GLY F 285 31.16 50.37 50.07
N VAL F 286 31.55 49.44 49.22
CA VAL F 286 31.63 48.03 49.60
C VAL F 286 32.70 47.92 50.66
N GLU F 287 33.73 48.76 50.55
CA GLU F 287 34.87 48.70 51.48
C GLU F 287 34.37 48.84 52.92
N THR F 288 33.27 49.56 53.17
CA THR F 288 32.75 49.79 54.54
C THR F 288 31.43 49.06 54.71
N LEU F 289 31.12 48.16 53.80
CA LEU F 289 29.78 47.57 53.72
C LEU F 289 29.39 47.05 55.10
N SER F 290 30.16 46.15 55.67
CA SER F 290 29.83 45.53 56.97
C SER F 290 29.62 46.64 57.99
N LEU F 291 30.47 47.65 57.97
CA LEU F 291 30.40 48.69 59.01
C LEU F 291 29.10 49.43 58.79
N ARG F 292 28.85 49.79 57.54
CA ARG F 292 27.65 50.56 57.27
C ARG F 292 26.48 49.71 57.68
N MET F 293 26.45 48.50 57.17
CA MET F 293 25.24 47.67 57.23
C MET F 293 24.97 47.43 58.71
N GLN F 294 26.03 47.26 59.50
CA GLN F 294 25.88 47.00 60.94
C GLN F 294 25.25 48.24 61.56
N LYS F 295 25.75 49.41 61.22
CA LYS F 295 25.17 50.67 61.76
C LYS F 295 23.73 50.80 61.26
N HIS F 296 23.53 50.49 59.99
CA HIS F 296 22.19 50.65 59.39
C HIS F 296 21.23 49.82 60.18
N VAL F 297 21.56 48.55 60.36
CA VAL F 297 20.61 47.62 61.03
C VAL F 297 20.51 48.02 62.50
N ASP F 298 21.62 48.44 63.14
CA ASP F 298 21.57 48.86 64.55
C ASP F 298 20.59 50.04 64.61
N ASN F 299 20.68 50.97 63.67
CA ASN F 299 19.83 52.18 63.70
C ASN F 299 18.41 51.76 63.34
N ALA F 300 18.26 50.91 62.32
CA ALA F 300 16.92 50.54 61.84
C ALA F 300 16.18 49.90 63.03
N MET F 301 16.85 49.01 63.73
CA MET F 301 16.23 48.32 64.89
C MET F 301 15.72 49.41 65.83
N LYS F 302 16.59 50.33 66.23
CA LYS F 302 16.27 51.32 67.27
C LYS F 302 15.19 52.23 66.73
N LEU F 303 15.27 52.60 65.46
CA LEU F 303 14.23 53.50 64.95
C LEU F 303 12.93 52.73 64.88
N ALA F 304 12.99 51.46 64.43
CA ALA F 304 11.75 50.66 64.26
C ALA F 304 11.14 50.48 65.65
N LYS F 305 11.96 50.14 66.65
CA LYS F 305 11.52 49.94 68.07
C LYS F 305 10.91 51.27 68.55
N PHE F 306 11.56 52.38 68.24
CA PHE F 306 11.05 53.70 68.65
C PHE F 306 9.69 53.93 68.02
N LEU F 307 9.57 53.67 66.72
CA LEU F 307 8.32 54.00 66.02
C LEU F 307 7.24 53.01 66.49
N ASN F 308 7.66 51.79 66.76
CA ASN F 308 6.79 50.67 67.13
C ASN F 308 6.10 50.97 68.46
N ASP F 309 6.71 51.79 69.33
CA ASP F 309 6.19 52.16 70.67
C ASP F 309 5.60 53.57 70.61
N HIS F 310 5.61 54.21 69.46
CA HIS F 310 5.24 55.65 69.41
C HIS F 310 3.72 55.77 69.27
N PRO F 311 3.07 56.63 70.07
CA PRO F 311 1.61 56.70 70.08
C PRO F 311 1.02 57.38 68.83
N LYS F 312 1.83 57.96 67.95
CA LYS F 312 1.30 58.61 66.71
C LYS F 312 1.57 57.68 65.52
N VAL F 313 2.09 56.49 65.79
CA VAL F 313 2.37 55.46 64.76
C VAL F 313 1.37 54.32 64.95
N GLU F 314 0.58 54.01 63.92
CA GLU F 314 -0.36 52.86 63.89
C GLU F 314 0.46 51.57 63.91
N TRP F 315 1.40 51.46 62.99
CA TRP F 315 2.11 50.20 62.77
C TRP F 315 3.49 50.50 62.24
N VAL F 316 4.34 49.53 62.48
CA VAL F 316 5.71 49.55 61.96
C VAL F 316 5.91 48.15 61.43
N ASN F 317 6.32 48.09 60.18
CA ASN F 317 6.60 46.80 59.53
C ASN F 317 8.11 46.68 59.53
N TYR F 318 8.64 45.94 60.49
CA TYR F 318 10.07 45.60 60.47
C TYR F 318 10.17 44.18 61.01
N PRO F 319 10.72 43.23 60.24
CA PRO F 319 10.76 41.85 60.69
C PRO F 319 11.32 41.69 62.11
N ALA F 320 12.22 42.56 62.57
CA ALA F 320 12.92 42.34 63.85
C ALA F 320 12.04 42.79 65.02
N LEU F 321 10.95 43.49 64.75
CA LEU F 321 9.98 43.87 65.80
C LEU F 321 9.22 42.63 66.24
N GLU F 322 9.14 42.40 67.54
CA GLU F 322 8.36 41.31 68.16
C GLU F 322 7.00 41.32 67.48
N GLY F 323 6.52 40.13 67.07
CA GLY F 323 5.17 39.93 66.53
C GLY F 323 5.11 40.21 65.05
N ASN F 324 6.19 40.68 64.45
CA ASN F 324 6.21 40.81 62.98
C ASN F 324 6.10 39.39 62.39
N LYS F 325 5.26 39.23 61.38
CA LYS F 325 5.05 37.94 60.66
C LYS F 325 6.41 37.32 60.30
N TYR F 326 7.41 38.13 59.98
CA TYR F 326 8.68 37.63 59.38
C TYR F 326 9.74 37.51 60.47
N TYR F 327 9.33 37.63 61.73
CA TYR F 327 10.29 37.71 62.84
C TYR F 327 11.18 36.46 62.81
N GLU F 328 10.56 35.30 62.71
CA GLU F 328 11.28 34.00 62.78
C GLU F 328 12.08 33.82 61.49
N LEU F 329 11.57 34.35 60.38
CA LEU F 329 12.33 34.36 59.12
C LEU F 329 13.52 35.30 59.25
N TYR F 330 13.31 36.43 59.90
CA TYR F 330 14.39 37.37 60.25
C TYR F 330 15.42 36.64 61.11
N LYS F 331 14.99 35.99 62.19
CA LYS F 331 15.93 35.25 63.07
C LYS F 331 16.65 34.17 62.26
N LYS F 332 15.95 33.49 61.36
CA LYS F 332 16.56 32.35 60.62
C LYS F 332 17.56 32.91 59.61
N TYR F 333 17.16 33.92 58.85
CA TYR F 333 17.83 34.27 57.59
C TYR F 333 18.65 35.55 57.75
N LEU F 334 18.15 36.51 58.52
CA LEU F 334 18.80 37.84 58.63
C LEU F 334 19.07 38.13 60.09
N PRO F 335 19.82 37.25 60.78
CA PRO F 335 19.92 37.36 62.23
C PRO F 335 20.62 38.66 62.62
N LYS F 336 21.44 39.25 61.72
CA LYS F 336 22.18 40.51 62.05
C LYS F 336 21.20 41.67 61.99
N GLY F 337 20.03 41.42 61.41
CA GLY F 337 18.97 42.42 61.36
C GLY F 337 18.41 42.42 59.95
N PRO F 338 17.09 42.54 59.81
CA PRO F 338 16.43 42.33 58.54
C PRO F 338 16.54 43.63 57.74
N GLY F 339 17.78 44.00 57.39
CA GLY F 339 18.06 45.22 56.63
C GLY F 339 17.75 46.42 57.48
N ALA F 340 17.78 47.59 56.86
CA ALA F 340 17.64 48.86 57.57
C ALA F 340 16.54 49.65 56.90
N ILE F 341 15.69 48.93 56.20
CA ILE F 341 14.53 49.56 55.53
C ILE F 341 13.31 48.95 56.17
N PHE F 342 12.40 49.81 56.52
CA PHE F 342 11.16 49.34 57.15
C PHE F 342 10.16 50.45 56.94
N THR F 343 8.93 50.08 57.18
CA THR F 343 7.80 50.95 56.86
C THR F 343 7.08 51.17 58.15
N PHE F 344 6.34 52.25 58.18
CA PHE F 344 5.46 52.53 59.31
C PHE F 344 4.31 53.33 58.76
N GLY F 345 3.17 53.08 59.39
CA GLY F 345 1.95 53.83 59.14
C GLY F 345 1.69 54.71 60.34
N PRO F 346 1.73 56.03 60.15
CA PRO F 346 1.36 56.96 61.22
C PRO F 346 -0.12 56.78 61.45
N LYS F 347 -0.56 57.12 62.65
CA LYS F 347 -1.97 57.50 62.89
C LYS F 347 -2.22 58.77 62.09
N GLY F 348 -3.41 58.88 61.51
CA GLY F 348 -3.80 59.96 60.59
C GLY F 348 -3.62 59.51 59.15
N GLY F 349 -3.03 58.33 58.95
CA GLY F 349 -3.01 57.66 57.63
C GLY F 349 -2.18 58.45 56.61
N TYR F 350 -2.60 58.42 55.35
CA TYR F 350 -1.93 59.09 54.21
C TYR F 350 -1.61 60.52 54.62
N ASP F 351 -2.59 61.23 55.18
CA ASP F 351 -2.44 62.68 55.51
C ASP F 351 -1.31 62.87 56.53
N ALA F 352 -1.29 62.05 57.58
CA ALA F 352 -0.21 62.09 58.60
C ALA F 352 1.13 61.73 57.92
N ALA F 353 1.12 60.75 57.01
CA ALA F 353 2.32 60.27 56.32
C ALA F 353 2.93 61.43 55.54
N LYS F 354 2.09 62.11 54.75
CA LYS F 354 2.45 63.31 53.96
C LYS F 354 3.08 64.32 54.93
N LYS F 355 2.43 64.57 56.06
CA LYS F 355 2.87 65.59 57.05
C LYS F 355 4.23 65.15 57.58
N ILE F 356 4.39 63.87 57.92
CA ILE F 356 5.67 63.36 58.46
C ILE F 356 6.75 63.57 57.42
N ILE F 357 6.49 63.11 56.20
CA ILE F 357 7.50 63.14 55.12
C ILE F 357 7.84 64.59 54.92
N ASN F 358 6.86 65.47 54.99
CA ASN F 358 7.09 66.90 54.76
C ASN F 358 7.86 67.53 55.92
N ASN F 359 7.88 66.92 57.12
CA ASN F 359 8.41 67.67 58.29
C ASN F 359 9.69 67.04 58.80
N VAL F 360 10.10 65.88 58.27
CA VAL F 360 11.46 65.36 58.59
C VAL F 360 12.45 66.34 57.99
N LYS F 361 13.51 66.59 58.73
CA LYS F 361 14.53 67.58 58.30
C LYS F 361 15.83 66.83 58.11
N LEU F 362 15.96 65.63 58.67
CA LEU F 362 17.23 64.90 58.58
C LEU F 362 17.09 63.75 57.61
N PHE F 363 16.00 62.99 57.73
CA PHE F 363 15.58 62.05 56.68
C PHE F 363 15.53 62.82 55.37
N SER F 364 16.02 62.20 54.32
CA SER F 364 16.00 62.77 52.97
C SER F 364 14.80 62.18 52.26
N HIS F 365 13.93 63.05 51.83
CA HIS F 365 12.75 62.60 51.06
C HIS F 365 13.23 62.38 49.63
N LEU F 366 13.56 61.16 49.28
CA LEU F 366 14.05 60.90 47.92
C LEU F 366 13.81 59.45 47.64
N ALA F 367 13.90 59.12 46.37
CA ALA F 367 13.69 57.80 45.81
C ALA F 367 15.04 57.10 45.88
N ASN F 368 15.27 56.40 46.96
CA ASN F 368 16.45 55.55 47.06
C ASN F 368 16.28 54.85 48.38
N VAL F 369 17.02 53.79 48.56
CA VAL F 369 17.20 53.19 49.88
C VAL F 369 18.67 52.85 49.93
N GLY F 370 19.20 52.66 51.11
CA GLY F 370 20.50 52.02 51.26
C GLY F 370 21.57 53.07 51.06
N ASP F 371 21.17 54.33 51.13
CA ASP F 371 22.13 55.43 51.31
C ASP F 371 22.60 55.39 52.76
N ALA F 372 23.82 55.86 53.01
CA ALA F 372 24.28 56.08 54.38
C ALA F 372 23.31 57.05 55.05
N LYS F 373 22.75 57.96 54.27
CA LYS F 373 21.77 58.94 54.76
C LYS F 373 20.44 58.25 54.91
N SER F 374 19.73 58.69 55.92
CA SER F 374 18.37 58.20 56.21
C SER F 374 17.45 58.77 55.17
N LEU F 375 16.61 57.89 54.66
CA LEU F 375 15.71 58.24 53.55
C LEU F 375 14.30 57.91 53.98
N ILE F 376 13.41 58.69 53.43
CA ILE F 376 11.97 58.58 53.69
C ILE F 376 11.29 58.72 52.35
N ILE F 377 10.17 58.03 52.19
CA ILE F 377 9.33 58.22 51.00
C ILE F 377 8.04 57.50 51.32
N HIS F 378 7.04 57.86 50.56
CA HIS F 378 5.71 57.25 50.56
C HIS F 378 5.64 56.33 49.36
N PRO F 379 5.87 55.01 49.51
CA PRO F 379 5.99 54.17 48.32
C PRO F 379 4.77 54.29 47.41
N ALA F 380 3.58 54.44 47.96
CA ALA F 380 2.35 54.29 47.17
C ALA F 380 2.39 55.32 46.05
N SER F 381 3.00 56.47 46.29
CA SER F 381 2.88 57.63 45.38
C SER F 381 4.19 57.77 44.61
N THR F 382 5.17 56.94 44.93
CA THR F 382 6.54 57.13 44.43
C THR F 382 7.02 55.78 43.89
N THR F 383 7.67 55.02 44.74
CA THR F 383 8.50 53.87 44.33
C THR F 383 7.61 52.84 43.65
N HIS F 384 6.36 52.78 44.09
CA HIS F 384 5.38 51.79 43.61
C HIS F 384 4.21 52.49 42.93
N GLN F 385 4.37 53.76 42.57
CA GLN F 385 3.29 54.56 41.95
C GLN F 385 2.82 53.85 40.65
N GLN F 386 3.71 53.14 39.95
CA GLN F 386 3.36 52.52 38.64
C GLN F 386 2.40 51.35 38.86
N LEU F 387 2.43 50.79 40.05
CA LEU F 387 1.64 49.57 40.31
C LEU F 387 0.20 50.01 40.47
N THR F 388 -0.71 49.20 39.95
CA THR F 388 -2.16 49.30 40.23
C THR F 388 -2.37 49.15 41.74
N GLU F 389 -3.52 49.60 42.24
CA GLU F 389 -3.83 49.48 43.69
C GLU F 389 -3.60 48.03 44.12
N GLU F 390 -4.05 47.07 43.32
CA GLU F 390 -4.01 45.60 43.61
C GLU F 390 -2.52 45.19 43.66
N GLU F 391 -1.73 45.67 42.71
CA GLU F 391 -0.30 45.26 42.62
C GLU F 391 0.43 45.87 43.81
N GLN F 392 0.09 47.10 44.16
CA GLN F 392 0.66 47.79 45.33
C GLN F 392 0.33 46.97 46.57
N ARG F 393 -0.96 46.69 46.74
CA ARG F 393 -1.49 45.91 47.89
C ARG F 393 -0.62 44.63 48.00
N ALA F 394 -0.41 43.94 46.89
CA ALA F 394 0.27 42.62 46.83
C ALA F 394 1.77 42.82 47.11
N ALA F 395 2.30 44.00 46.77
CA ALA F 395 3.70 44.37 47.02
C ALA F 395 3.83 44.81 48.47
N GLY F 396 2.73 44.84 49.23
CA GLY F 396 2.76 45.25 50.65
C GLY F 396 2.72 46.76 50.77
N VAL F 397 2.43 47.45 49.68
CA VAL F 397 2.31 48.94 49.74
C VAL F 397 0.96 49.28 50.34
N LEU F 398 0.93 50.33 51.14
CA LEU F 398 -0.28 50.83 51.81
C LEU F 398 -0.30 52.33 51.66
N PRO F 399 -1.50 52.94 51.61
CA PRO F 399 -1.60 54.38 51.38
C PRO F 399 -0.90 55.17 52.49
N GLU F 400 -0.95 54.69 53.74
CA GLU F 400 -0.41 55.45 54.90
C GLU F 400 1.08 55.11 55.07
N MET F 401 1.59 54.16 54.30
CA MET F 401 2.94 53.61 54.48
C MET F 401 3.99 54.68 54.19
N ILE F 402 4.85 54.86 55.17
CA ILE F 402 6.11 55.60 55.01
C ILE F 402 7.20 54.54 55.00
N ARG F 403 8.06 54.60 54.01
CA ARG F 403 9.22 53.72 53.99
C ARG F 403 10.40 54.56 54.47
N LEU F 404 11.14 53.97 55.38
CA LEU F 404 12.37 54.58 55.91
C LEU F 404 13.50 53.67 55.50
N SER F 405 14.51 54.27 54.90
CA SER F 405 15.83 53.64 54.75
C SER F 405 16.66 54.28 55.84
N VAL F 406 16.92 53.48 56.86
CA VAL F 406 17.53 54.07 58.06
C VAL F 406 19.01 54.10 57.78
N GLY F 407 19.52 55.31 57.81
CA GLY F 407 20.91 55.56 57.52
C GLY F 407 21.74 55.34 58.75
N ILE F 408 22.95 55.83 58.67
CA ILE F 408 23.99 55.56 59.68
C ILE F 408 24.19 56.85 60.46
N GLU F 409 23.27 57.81 60.33
CA GLU F 409 23.27 59.00 61.20
C GLU F 409 23.21 58.50 62.64
N ASP F 410 23.46 59.42 63.54
CA ASP F 410 23.25 59.24 64.99
C ASP F 410 21.79 58.87 65.17
N ILE F 411 21.52 57.67 65.65
CA ILE F 411 20.12 57.22 65.88
C ILE F 411 19.35 58.31 66.64
N GLU F 412 19.96 58.96 67.62
CA GLU F 412 19.26 59.99 68.42
C GLU F 412 18.72 61.06 67.47
N ASP F 413 19.48 61.39 66.44
CA ASP F 413 19.06 62.44 65.48
C ASP F 413 17.91 61.90 64.64
N LEU F 414 17.99 60.64 64.28
CA LEU F 414 16.96 60.03 63.40
C LEU F 414 15.65 60.01 64.18
N ILE F 415 15.77 59.61 65.42
CA ILE F 415 14.61 59.47 66.33
C ILE F 415 14.09 60.87 66.48
N TYR F 416 14.97 61.82 66.76
CA TYR F 416 14.55 63.20 67.06
C TYR F 416 13.80 63.69 65.83
N ASP F 417 14.37 63.40 64.66
CA ASP F 417 13.83 63.92 63.40
C ASP F 417 12.44 63.34 63.22
N ILE F 418 12.34 62.02 63.36
CA ILE F 418 11.06 61.34 63.06
C ILE F 418 10.07 61.74 64.18
N GLU F 419 10.56 61.83 65.42
CA GLU F 419 9.71 62.23 66.56
C GLU F 419 9.15 63.63 66.29
N SER F 420 9.98 64.56 65.85
CA SER F 420 9.57 65.97 65.69
C SER F 420 8.52 66.02 64.59
N ALA F 421 8.72 65.19 63.57
CA ALA F 421 7.83 65.12 62.39
C ALA F 421 6.49 64.56 62.87
N LEU F 422 6.55 63.49 63.66
CA LEU F 422 5.33 62.82 64.23
C LEU F 422 4.56 63.83 65.08
N ASN F 423 5.24 64.68 65.86
CA ASN F 423 4.59 65.63 66.82
C ASN F 423 4.05 66.84 66.06
N LYS F 424 4.35 66.93 64.77
CA LYS F 424 3.66 67.79 63.77
C LYS F 424 2.73 66.91 62.93
N GLU G 3 24.04 20.39 -40.73
CA GLU G 3 23.06 19.30 -40.99
C GLU G 3 21.70 19.66 -40.37
N ARG G 4 20.64 19.08 -40.94
CA ARG G 4 19.22 19.26 -40.54
C ARG G 4 18.94 18.76 -39.10
N LYS G 5 18.44 19.68 -38.27
CA LYS G 5 18.05 19.38 -36.88
C LYS G 5 16.62 18.84 -36.87
N TYR G 6 16.40 17.77 -36.15
CA TYR G 6 15.04 17.38 -35.73
C TYR G 6 14.53 18.41 -34.75
N GLY G 7 13.24 18.61 -34.74
CA GLY G 7 12.58 19.50 -33.79
C GLY G 7 12.59 18.87 -32.42
N PHE G 8 12.29 19.70 -31.46
CA PHE G 8 12.29 19.35 -30.04
C PHE G 8 11.46 18.09 -29.86
N ASP G 9 10.24 18.10 -30.40
CA ASP G 9 9.29 17.01 -30.14
C ASP G 9 9.83 15.72 -30.72
N THR G 10 10.58 15.84 -31.79
CA THR G 10 11.21 14.65 -32.35
C THR G 10 12.30 14.19 -31.44
N LEU G 11 13.10 15.15 -31.01
CA LEU G 11 14.28 14.80 -30.22
C LEU G 11 13.80 14.21 -28.89
N GLN G 12 12.71 14.72 -28.32
CA GLN G 12 12.36 14.24 -26.98
C GLN G 12 11.92 12.78 -27.09
N LEU G 13 11.59 12.33 -28.29
CA LEU G 13 11.17 10.96 -28.57
C LEU G 13 12.32 10.11 -29.03
N HIS G 14 13.22 10.69 -29.78
CA HIS G 14 14.17 9.89 -30.59
C HIS G 14 15.60 10.11 -30.17
N ALA G 15 15.92 11.30 -29.72
CA ALA G 15 17.35 11.65 -29.60
C ALA G 15 17.97 10.59 -28.71
N GLY G 16 19.15 10.14 -29.07
CA GLY G 16 19.92 9.27 -28.19
C GLY G 16 19.54 7.85 -28.36
N GLN G 17 18.44 7.64 -29.07
CA GLN G 17 17.81 6.34 -29.09
C GLN G 17 18.12 5.73 -30.44
N PHE G 18 18.78 4.62 -30.36
CA PHE G 18 19.17 3.87 -31.54
C PHE G 18 18.50 2.53 -31.40
N VAL G 19 18.26 1.95 -32.52
CA VAL G 19 17.71 0.59 -32.56
C VAL G 19 18.85 -0.36 -32.26
N ASP G 20 18.76 -1.13 -31.20
CA ASP G 20 19.87 -2.03 -30.85
C ASP G 20 19.94 -3.07 -31.95
N ARG G 21 21.15 -3.40 -32.34
CA ARG G 21 21.41 -4.24 -33.51
C ARG G 21 21.05 -5.66 -33.14
N GLU G 22 20.92 -5.97 -31.86
CA GLU G 22 20.63 -7.37 -31.48
C GLU G 22 19.14 -7.67 -31.74
N THR G 23 18.27 -6.87 -31.15
CA THR G 23 16.85 -7.23 -31.10
C THR G 23 16.04 -6.32 -31.99
N LYS G 24 16.57 -5.12 -32.28
CA LYS G 24 15.85 -4.11 -33.08
C LYS G 24 14.68 -3.57 -32.28
N SER G 25 14.74 -3.69 -30.95
N SER G 25 14.71 -3.80 -30.96
CA SER G 25 13.65 -3.24 -30.07
CA SER G 25 13.73 -3.20 -30.05
C SER G 25 13.44 -1.74 -30.27
C SER G 25 13.49 -1.76 -30.50
N ARG G 26 12.22 -1.39 -30.64
CA ARG G 26 11.89 0.03 -30.83
C ARG G 26 12.03 0.73 -29.49
N ALA G 27 11.55 0.14 -28.42
CA ALA G 27 11.63 0.78 -27.10
C ALA G 27 13.06 0.69 -26.67
N VAL G 28 13.43 1.64 -25.87
CA VAL G 28 14.76 1.59 -25.27
C VAL G 28 14.72 0.42 -24.31
N PRO G 29 15.58 -0.57 -24.47
CA PRO G 29 15.61 -1.67 -23.56
C PRO G 29 15.99 -1.07 -22.23
N ILE G 30 15.54 -1.79 -21.22
CA ILE G 30 16.03 -1.55 -19.88
C ILE G 30 17.23 -2.46 -19.69
N TYR G 31 18.37 -1.87 -19.81
CA TYR G 31 19.62 -2.62 -19.67
C TYR G 31 19.98 -2.60 -18.20
N GLN G 32 19.19 -3.37 -17.50
CA GLN G 32 19.32 -3.57 -16.07
C GLN G 32 20.42 -4.58 -15.85
N THR G 33 21.60 -4.10 -16.11
CA THR G 33 22.80 -4.91 -16.03
C THR G 33 23.79 -4.07 -15.25
N THR G 34 24.71 -4.74 -14.61
CA THR G 34 25.82 -4.01 -13.99
C THR G 34 26.89 -3.87 -15.02
N SER G 35 26.98 -4.89 -15.85
CA SER G 35 28.23 -5.24 -16.53
C SER G 35 27.94 -5.61 -17.96
N TYR G 36 29.02 -5.66 -18.69
CA TYR G 36 29.02 -5.82 -20.14
C TYR G 36 30.24 -6.63 -20.47
N ILE G 37 30.02 -7.52 -21.40
CA ILE G 37 31.07 -8.44 -21.83
C ILE G 37 32.09 -7.59 -22.58
N PHE G 38 33.33 -7.87 -22.24
CA PHE G 38 34.51 -7.48 -23.03
C PHE G 38 34.86 -8.67 -23.90
N GLU G 39 34.98 -8.38 -25.18
CA GLU G 39 35.13 -9.42 -26.21
C GLU G 39 36.48 -10.05 -25.95
N THR G 40 37.44 -9.25 -25.53
CA THR G 40 38.84 -9.70 -25.40
C THR G 40 39.44 -8.94 -24.25
N PRO G 41 40.56 -9.43 -23.68
CA PRO G 41 41.32 -8.66 -22.71
C PRO G 41 41.72 -7.28 -23.26
N GLU G 42 42.03 -7.23 -24.55
CA GLU G 42 42.51 -6.02 -25.24
C GLU G 42 41.32 -5.05 -25.25
N GLU G 43 40.13 -5.54 -25.56
CA GLU G 43 38.99 -4.61 -25.59
C GLU G 43 38.72 -4.11 -24.16
N ALA G 44 38.81 -4.99 -23.17
CA ALA G 44 38.56 -4.60 -21.78
C ALA G 44 39.58 -3.52 -21.44
N ALA G 45 40.84 -3.81 -21.76
CA ALA G 45 41.96 -2.89 -21.50
C ALA G 45 41.61 -1.57 -22.18
N ASP G 46 41.23 -1.64 -23.44
CA ASP G 46 41.03 -0.45 -24.28
C ASP G 46 39.88 0.35 -23.67
N LEU G 47 38.85 -0.33 -23.20
CA LEU G 47 37.70 0.38 -22.63
C LEU G 47 38.17 1.11 -21.39
N PHE G 48 38.84 0.43 -20.48
CA PHE G 48 39.25 1.06 -19.21
C PHE G 48 40.29 2.13 -19.46
N ALA G 49 41.09 1.94 -20.51
CA ALA G 49 42.13 2.91 -20.89
C ALA G 49 41.47 4.04 -21.68
N LEU G 50 40.16 3.97 -21.91
CA LEU G 50 39.40 5.00 -22.67
C LEU G 50 39.96 5.08 -24.09
N LYS G 51 40.54 4.01 -24.60
CA LYS G 51 41.01 3.96 -26.00
C LYS G 51 39.81 3.73 -26.92
N LYS G 52 38.71 3.23 -26.35
CA LYS G 52 37.59 2.67 -27.12
C LYS G 52 36.33 3.07 -26.35
N ALA G 53 35.27 3.40 -27.06
CA ALA G 53 33.97 3.65 -26.46
C ALA G 53 33.31 2.28 -26.24
N GLY G 54 32.49 2.19 -25.22
CA GLY G 54 31.64 1.03 -25.07
C GLY G 54 31.30 0.91 -23.64
N ASN G 55 30.57 -0.12 -23.31
CA ASN G 55 30.00 -0.24 -21.99
C ASN G 55 30.98 -0.98 -21.13
N ILE G 56 31.17 -0.46 -19.96
CA ILE G 56 32.09 -1.08 -19.01
C ILE G 56 31.30 -1.53 -17.81
N TYR G 57 30.53 -0.63 -17.29
CA TYR G 57 29.93 -0.86 -15.97
C TYR G 57 28.88 0.18 -15.77
N THR G 58 27.72 -0.27 -15.32
CA THR G 58 26.57 0.62 -15.24
C THR G 58 26.84 1.80 -14.34
N ARG G 59 27.68 1.66 -13.34
CA ARG G 59 27.95 2.82 -12.51
C ARG G 59 28.52 3.94 -13.39
N ILE G 60 29.24 3.58 -14.42
CA ILE G 60 29.99 4.54 -15.25
C ILE G 60 29.11 4.94 -16.41
N GLY G 61 28.30 4.02 -16.88
CA GLY G 61 27.56 4.27 -18.12
C GLY G 61 26.73 3.08 -18.45
N ASN G 62 25.60 3.37 -19.00
CA ASN G 62 24.61 2.31 -19.27
C ASN G 62 23.87 2.73 -20.49
N PRO G 63 23.60 1.76 -21.35
CA PRO G 63 23.02 2.06 -22.66
C PRO G 63 21.60 2.59 -22.56
N THR G 64 20.87 2.25 -21.52
CA THR G 64 19.54 2.86 -21.34
C THR G 64 19.76 4.31 -20.95
N THR G 65 20.58 4.49 -19.95
CA THR G 65 20.81 5.80 -19.37
C THR G 65 21.47 6.70 -20.42
N ASP G 66 22.25 6.09 -21.28
CA ASP G 66 22.95 6.79 -22.37
C ASP G 66 21.91 7.48 -23.24
N VAL G 67 20.82 6.79 -23.53
CA VAL G 67 19.80 7.35 -24.41
C VAL G 67 19.31 8.61 -23.73
N LEU G 68 19.02 8.50 -22.46
CA LEU G 68 18.45 9.64 -21.73
C LEU G 68 19.50 10.75 -21.68
N GLU G 69 20.73 10.39 -21.42
CA GLU G 69 21.80 11.41 -21.39
C GLU G 69 21.82 12.12 -22.73
N LYS G 70 21.90 11.33 -23.79
CA LYS G 70 22.03 11.93 -25.12
C LYS G 70 20.79 12.72 -25.39
N ARG G 71 19.65 12.22 -24.94
CA ARG G 71 18.40 12.90 -25.27
C ARG G 71 18.36 14.25 -24.56
N ILE G 72 18.65 14.29 -23.29
CA ILE G 72 18.60 15.57 -22.58
C ILE G 72 19.66 16.48 -23.17
N ALA G 73 20.84 15.95 -23.47
CA ALA G 73 21.92 16.75 -24.05
C ALA G 73 21.38 17.32 -25.36
N ALA G 74 20.63 16.52 -26.09
CA ALA G 74 20.14 16.93 -27.40
C ALA G 74 19.12 18.02 -27.14
N LEU G 75 18.24 17.81 -26.18
CA LEU G 75 17.17 18.79 -25.96
C LEU G 75 17.77 20.10 -25.48
N ASP G 76 18.81 20.01 -24.69
CA ASP G 76 19.45 21.23 -24.17
C ASP G 76 20.45 21.81 -25.15
N GLY G 77 20.88 21.04 -26.16
CA GLY G 77 21.88 21.44 -27.13
C GLY G 77 23.23 21.38 -26.45
N GLY G 78 23.38 20.44 -25.56
CA GLY G 78 24.64 20.17 -24.88
C GLY G 78 25.46 19.19 -25.66
N VAL G 79 26.70 19.04 -25.25
CA VAL G 79 27.62 18.12 -25.89
C VAL G 79 27.43 16.75 -25.27
N GLY G 80 26.91 16.71 -24.07
CA GLY G 80 26.71 15.41 -23.47
C GLY G 80 26.22 15.64 -22.09
N ALA G 81 25.83 14.58 -21.49
CA ALA G 81 25.16 14.66 -20.21
C ALA G 81 25.53 13.40 -19.48
N VAL G 82 25.41 13.50 -18.19
CA VAL G 82 25.63 12.37 -17.30
C VAL G 82 24.47 12.34 -16.36
N ALA G 83 23.76 11.24 -16.42
CA ALA G 83 22.62 11.05 -15.53
C ALA G 83 23.17 10.65 -14.19
N THR G 84 22.42 11.00 -13.21
CA THR G 84 22.79 10.71 -11.85
C THR G 84 21.56 10.19 -11.16
N SER G 85 21.82 9.68 -9.99
CA SER G 85 20.81 9.01 -9.17
C SER G 85 19.76 10.05 -8.78
N SER G 86 20.10 11.34 -8.80
CA SER G 86 19.13 12.35 -8.37
C SER G 86 19.57 13.69 -8.85
N GLY G 87 18.64 14.61 -8.78
CA GLY G 87 19.01 15.99 -9.06
C GLY G 87 20.10 16.42 -8.10
N GLN G 88 19.97 16.07 -6.84
CA GLN G 88 20.97 16.49 -5.84
C GLN G 88 22.32 15.97 -6.29
N ALA G 89 22.35 14.75 -6.79
CA ALA G 89 23.62 14.15 -7.19
C ALA G 89 24.12 14.86 -8.43
N ALA G 90 23.22 15.28 -9.33
CA ALA G 90 23.62 16.00 -10.53
C ALA G 90 24.27 17.30 -10.08
N ILE G 91 23.62 17.98 -9.17
CA ILE G 91 24.15 19.27 -8.68
C ILE G 91 25.48 19.00 -8.03
N THR G 92 25.48 18.01 -7.14
CA THR G 92 26.72 17.69 -6.46
C THR G 92 27.81 17.49 -7.48
N TYR G 93 27.55 16.62 -8.41
CA TYR G 93 28.56 16.30 -9.42
C TYR G 93 28.93 17.50 -10.26
N ALA G 94 27.95 18.33 -10.58
CA ALA G 94 28.19 19.47 -11.48
C ALA G 94 29.23 20.35 -10.80
N ILE G 95 29.09 20.50 -9.51
CA ILE G 95 29.99 21.33 -8.71
C ILE G 95 31.26 20.58 -8.46
N LEU G 96 31.17 19.37 -7.95
CA LEU G 96 32.37 18.67 -7.52
C LEU G 96 33.24 18.39 -8.73
N ASN G 97 32.67 18.38 -9.92
CA ASN G 97 33.49 18.14 -11.11
C ASN G 97 34.48 19.28 -11.29
N ILE G 98 34.19 20.45 -10.74
CA ILE G 98 35.03 21.64 -11.00
C ILE G 98 35.43 22.35 -9.74
N ALA G 99 35.00 21.85 -8.60
CA ALA G 99 35.28 22.51 -7.32
C ALA G 99 35.79 21.41 -6.43
N ARG G 100 36.87 21.71 -5.78
CA ARG G 100 37.38 20.82 -4.74
C ARG G 100 37.43 21.60 -3.45
N SER G 101 37.89 20.94 -2.42
CA SER G 101 38.01 21.55 -1.10
C SER G 101 38.84 22.80 -1.31
N GLY G 102 38.41 23.92 -0.77
CA GLY G 102 39.12 25.21 -0.84
C GLY G 102 38.48 26.09 -1.88
N ASP G 103 37.60 25.52 -2.69
CA ASP G 103 36.99 26.26 -3.79
C ASP G 103 35.69 26.86 -3.31
N GLU G 104 35.18 27.72 -4.15
CA GLU G 104 33.96 28.43 -3.84
C GLU G 104 33.08 28.33 -5.06
N VAL G 105 31.84 28.50 -4.77
CA VAL G 105 30.80 28.50 -5.77
C VAL G 105 29.93 29.63 -5.36
N VAL G 106 29.53 30.38 -6.35
CA VAL G 106 28.55 31.43 -6.11
C VAL G 106 27.25 30.83 -6.55
N ALA G 107 26.29 30.90 -5.67
CA ALA G 107 24.98 30.35 -6.01
C ALA G 107 23.97 31.42 -5.68
N ALA G 108 22.88 31.42 -6.41
CA ALA G 108 21.72 32.19 -5.99
C ALA G 108 21.24 31.60 -4.67
N SER G 109 20.70 32.46 -3.83
CA SER G 109 20.10 32.08 -2.55
CA SER G 109 20.09 32.08 -2.55
C SER G 109 18.78 31.35 -2.85
N THR G 110 18.26 31.62 -4.04
CA THR G 110 16.91 31.17 -4.44
C THR G 110 17.06 29.78 -5.01
N LEU G 111 17.20 28.85 -4.10
CA LEU G 111 17.43 27.45 -4.44
C LEU G 111 16.40 26.63 -3.75
N TYR G 112 16.18 25.53 -4.38
CA TYR G 112 15.61 24.36 -3.74
C TYR G 112 16.37 24.18 -2.42
N GLY G 113 15.63 23.93 -1.34
CA GLY G 113 16.21 23.80 -0.02
C GLY G 113 17.26 22.71 -0.02
N GLY G 114 17.03 21.63 -0.77
CA GLY G 114 18.00 20.52 -0.77
C GLY G 114 19.29 20.97 -1.38
N THR G 115 19.19 21.84 -2.37
CA THR G 115 20.38 22.35 -3.04
C THR G 115 21.09 23.32 -2.10
N TYR G 116 20.28 24.13 -1.47
CA TYR G 116 20.77 25.09 -0.50
C TYR G 116 21.58 24.32 0.55
N THR G 117 20.96 23.30 1.09
CA THR G 117 21.55 22.51 2.17
C THR G 117 22.79 21.82 1.65
N LEU G 118 22.69 21.24 0.48
CA LEU G 118 23.87 20.62 -0.12
C LEU G 118 24.98 21.67 -0.11
N PHE G 119 24.69 22.83 -0.65
CA PHE G 119 25.70 23.88 -0.84
C PHE G 119 26.23 24.33 0.51
N ALA G 120 25.31 24.61 1.41
CA ALA G 120 25.60 25.31 2.66
C ALA G 120 26.23 24.35 3.63
N HIS G 121 25.94 23.08 3.53
CA HIS G 121 26.31 22.12 4.58
C HIS G 121 27.20 21.06 3.97
N THR G 122 26.65 20.25 3.10
CA THR G 122 27.39 19.07 2.67
C THR G 122 28.65 19.53 1.93
N LEU G 123 28.52 20.48 1.00
CA LEU G 123 29.67 20.93 0.22
C LEU G 123 30.64 21.65 1.14
N ARG G 124 30.11 22.38 2.11
CA ARG G 124 30.94 23.13 3.06
C ARG G 124 31.85 22.13 3.76
N LYS G 125 31.31 20.98 4.14
CA LYS G 125 32.09 19.97 4.87
C LYS G 125 33.14 19.39 3.93
N LEU G 126 32.92 19.48 2.64
CA LEU G 126 33.91 19.04 1.63
C LEU G 126 34.83 20.20 1.27
N GLY G 127 34.76 21.28 2.03
CA GLY G 127 35.67 22.42 1.89
C GLY G 127 35.26 23.34 0.75
N ILE G 128 34.09 23.12 0.20
CA ILE G 128 33.56 24.01 -0.84
C ILE G 128 32.66 25.02 -0.18
N THR G 129 33.03 26.27 -0.35
CA THR G 129 32.27 27.36 0.23
C THR G 129 31.39 27.87 -0.86
N VAL G 130 30.11 27.65 -0.66
CA VAL G 130 29.12 28.25 -1.55
C VAL G 130 28.73 29.57 -0.95
N LYS G 131 28.93 30.59 -1.76
CA LYS G 131 28.52 31.94 -1.40
C LYS G 131 27.21 32.15 -2.12
N PHE G 132 26.22 32.41 -1.33
CA PHE G 132 24.88 32.66 -1.84
C PHE G 132 24.79 34.14 -2.06
N VAL G 133 24.19 34.43 -3.17
CA VAL G 133 23.96 35.81 -3.56
C VAL G 133 22.49 35.97 -3.85
N ASN G 134 22.06 37.18 -3.69
CA ASN G 134 20.72 37.56 -4.08
C ASN G 134 20.74 37.69 -5.60
N PRO G 135 20.07 36.77 -6.30
CA PRO G 135 20.14 36.73 -7.75
C PRO G 135 19.40 37.89 -8.39
N ASP G 136 18.63 38.63 -7.59
CA ASP G 136 17.94 39.82 -8.12
C ASP G 136 18.97 40.87 -8.50
N TYR G 137 20.18 40.78 -8.00
CA TYR G 137 21.12 41.90 -8.15
C TYR G 137 22.39 41.34 -8.76
N LEU G 138 22.57 41.62 -10.03
CA LEU G 138 23.74 41.08 -10.77
C LEU G 138 25.02 41.40 -10.04
N GLU G 139 25.09 42.57 -9.41
CA GLU G 139 26.34 43.03 -8.76
C GLU G 139 26.69 42.00 -7.68
N GLU G 140 25.68 41.32 -7.15
CA GLU G 140 25.91 40.39 -6.04
C GLU G 140 26.66 39.19 -6.54
N PHE G 141 26.40 38.79 -7.77
CA PHE G 141 27.15 37.66 -8.35
C PHE G 141 28.60 38.09 -8.46
N GLU G 142 28.78 39.25 -9.04
CA GLU G 142 30.14 39.79 -9.28
C GLU G 142 30.81 39.89 -7.91
N LYS G 143 30.12 40.47 -6.95
CA LYS G 143 30.74 40.78 -5.66
C LYS G 143 31.23 39.48 -5.01
N ALA G 144 30.52 38.38 -5.17
CA ALA G 144 30.79 37.13 -4.43
C ALA G 144 31.95 36.39 -5.10
N ILE G 145 32.25 36.73 -6.33
CA ILE G 145 33.28 35.98 -7.05
C ILE G 145 34.61 36.30 -6.40
N THR G 146 35.37 35.26 -6.19
CA THR G 146 36.76 35.38 -5.76
C THR G 146 37.58 34.55 -6.72
N ASP G 147 38.87 34.50 -6.48
CA ASP G 147 39.77 33.71 -7.33
C ASP G 147 39.50 32.25 -7.00
N LYS G 148 38.68 31.98 -6.00
CA LYS G 148 38.37 30.57 -5.65
C LYS G 148 37.04 30.14 -6.26
N THR G 149 36.28 31.05 -6.81
CA THR G 149 34.97 30.73 -7.33
C THR G 149 35.13 29.87 -8.57
N LYS G 150 34.41 28.75 -8.57
CA LYS G 150 34.50 27.76 -9.65
C LYS G 150 33.29 27.81 -10.53
N ALA G 151 32.23 28.40 -10.06
CA ALA G 151 31.01 28.39 -10.87
C ALA G 151 30.07 29.40 -10.29
N ILE G 152 29.11 29.78 -11.11
CA ILE G 152 27.91 30.43 -10.62
C ILE G 152 26.82 29.43 -10.88
N PHE G 153 26.01 29.26 -9.88
CA PHE G 153 24.91 28.28 -9.93
C PHE G 153 23.65 29.06 -9.66
N VAL G 154 22.69 28.87 -10.53
CA VAL G 154 21.33 29.37 -10.32
C VAL G 154 20.38 28.29 -10.81
N GLU G 155 19.18 28.46 -10.35
CA GLU G 155 18.00 27.78 -10.87
C GLU G 155 17.38 28.69 -11.86
N THR G 156 16.82 28.04 -12.85
CA THR G 156 16.08 28.75 -13.88
C THR G 156 14.94 29.50 -13.21
N LEU G 157 14.23 28.79 -12.36
CA LEU G 157 13.09 29.39 -11.66
C LEU G 157 13.29 28.96 -10.24
N GLY G 158 13.59 29.88 -9.34
CA GLY G 158 13.95 29.47 -7.99
C GLY G 158 12.89 28.59 -7.39
N ASN G 159 13.32 27.49 -6.82
CA ASN G 159 12.46 26.65 -6.01
C ASN G 159 12.52 27.20 -4.60
N PRO G 160 11.52 27.92 -4.09
CA PRO G 160 10.23 28.14 -4.72
C PRO G 160 10.01 29.62 -5.02
N ASN G 161 11.10 30.39 -5.07
CA ASN G 161 10.97 31.84 -5.29
C ASN G 161 10.38 32.09 -6.67
N ILE G 162 10.54 31.18 -7.59
CA ILE G 162 10.11 31.31 -8.99
C ILE G 162 10.71 32.58 -9.58
N ASN G 163 11.87 32.96 -9.07
CA ASN G 163 12.59 34.06 -9.69
C ASN G 163 13.29 33.49 -10.91
N ILE G 164 13.48 34.35 -11.86
CA ILE G 164 14.20 34.02 -13.09
C ILE G 164 15.44 34.86 -12.99
N PRO G 165 16.58 34.21 -12.84
CA PRO G 165 17.83 34.91 -12.88
C PRO G 165 17.99 35.43 -14.30
N ASP G 166 18.72 36.50 -14.37
CA ASP G 166 19.06 37.08 -15.67
C ASP G 166 20.23 36.30 -16.21
N PHE G 167 19.93 35.21 -16.88
CA PHE G 167 20.93 34.18 -17.19
C PHE G 167 22.07 34.81 -17.95
N GLU G 168 21.75 35.60 -18.96
CA GLU G 168 22.79 36.02 -19.90
C GLU G 168 23.70 36.96 -19.14
N ALA G 169 23.12 37.75 -18.25
CA ALA G 169 23.87 38.74 -17.50
C ALA G 169 24.74 37.98 -16.50
N ILE G 170 24.18 36.97 -15.90
CA ILE G 170 24.95 36.18 -14.93
C ILE G 170 26.03 35.41 -15.67
N ALA G 171 25.70 34.85 -16.82
CA ALA G 171 26.70 34.10 -17.60
C ALA G 171 27.86 35.03 -17.90
N GLU G 172 27.57 36.26 -18.23
CA GLU G 172 28.63 37.22 -18.59
C GLU G 172 29.52 37.41 -17.38
N ILE G 173 28.93 37.52 -16.21
CA ILE G 173 29.70 37.69 -14.97
C ILE G 173 30.56 36.44 -14.79
N ALA G 174 29.98 35.26 -14.92
CA ALA G 174 30.73 34.01 -14.75
C ALA G 174 31.89 34.06 -15.75
N HIS G 175 31.54 34.35 -16.98
CA HIS G 175 32.51 34.21 -18.08
C HIS G 175 33.59 35.26 -17.94
N LYS G 176 33.23 36.43 -17.45
CA LYS G 176 34.20 37.52 -17.23
C LYS G 176 35.30 36.94 -16.33
N HIS G 177 34.90 36.09 -15.38
CA HIS G 177 35.81 35.50 -14.38
C HIS G 177 36.33 34.15 -14.83
N GLY G 178 35.99 33.71 -16.02
CA GLY G 178 36.52 32.45 -16.56
C GLY G 178 35.97 31.30 -15.76
N ILE G 179 34.74 31.43 -15.31
CA ILE G 179 34.09 30.32 -14.62
C ILE G 179 32.77 30.04 -15.28
N PRO G 180 32.35 28.80 -15.15
CA PRO G 180 31.15 28.39 -15.84
C PRO G 180 29.95 28.83 -15.04
N PHE G 181 28.89 28.89 -15.80
CA PHE G 181 27.57 29.21 -15.31
C PHE G 181 26.78 27.93 -15.38
N ILE G 182 26.31 27.54 -14.24
CA ILE G 182 25.53 26.29 -14.08
C ILE G 182 24.11 26.68 -13.76
N VAL G 183 23.22 26.14 -14.54
CA VAL G 183 21.81 26.46 -14.39
C VAL G 183 21.16 25.14 -14.09
N ASP G 184 20.49 25.17 -12.99
CA ASP G 184 19.55 24.10 -12.62
C ASP G 184 18.24 24.43 -13.29
N ASN G 185 17.96 23.67 -14.32
CA ASN G 185 16.85 23.99 -15.22
C ASN G 185 15.66 23.09 -14.89
N THR G 186 15.71 22.49 -13.73
CA THR G 186 14.72 21.50 -13.30
C THR G 186 13.31 21.99 -13.54
N PHE G 187 13.04 23.22 -13.17
CA PHE G 187 11.69 23.77 -13.18
C PHE G 187 11.24 24.07 -14.58
N ALA G 188 12.14 24.17 -15.52
CA ALA G 188 11.76 24.66 -16.86
C ALA G 188 11.80 23.50 -17.82
N THR G 189 12.80 22.66 -17.73
CA THR G 189 13.15 21.66 -18.73
C THR G 189 13.56 22.39 -20.01
N PRO G 190 14.19 21.66 -20.90
CA PRO G 190 14.63 22.25 -22.15
C PRO G 190 13.46 22.75 -22.98
N TYR G 191 12.27 22.24 -22.72
CA TYR G 191 11.13 22.72 -23.48
C TYR G 191 10.94 24.21 -23.20
N LEU G 192 11.05 24.60 -21.96
CA LEU G 192 10.69 25.99 -21.63
C LEU G 192 11.93 26.84 -21.69
N PHE G 193 13.03 26.22 -21.45
CA PHE G 193 14.25 27.03 -21.33
C PHE G 193 15.44 26.15 -21.60
N ARG G 194 16.28 26.63 -22.46
CA ARG G 194 17.53 25.92 -22.78
C ARG G 194 18.65 26.84 -22.37
N PRO G 195 19.02 26.68 -21.11
CA PRO G 195 19.94 27.64 -20.52
C PRO G 195 21.23 27.77 -21.33
N ILE G 196 21.58 26.73 -22.04
CA ILE G 196 22.83 26.79 -22.84
C ILE G 196 22.70 27.88 -23.89
N GLU G 197 21.48 28.20 -24.29
CA GLU G 197 21.24 29.25 -25.28
C GLU G 197 21.30 30.61 -24.61
N HIS G 198 21.45 30.63 -23.31
CA HIS G 198 21.37 31.89 -22.55
C HIS G 198 22.53 31.97 -21.57
N GLY G 199 23.62 31.33 -21.93
CA GLY G 199 24.93 31.52 -21.31
C GLY G 199 25.28 30.41 -20.37
N ALA G 200 24.39 29.46 -20.11
CA ALA G 200 24.75 28.39 -19.17
C ALA G 200 25.79 27.54 -19.84
N ASP G 201 26.78 27.15 -19.08
CA ASP G 201 27.79 26.22 -19.56
C ASP G 201 27.39 24.82 -19.22
N ILE G 202 26.72 24.71 -18.10
CA ILE G 202 26.33 23.40 -17.55
C ILE G 202 24.90 23.56 -17.11
N VAL G 203 24.14 22.56 -17.41
CA VAL G 203 22.74 22.55 -17.00
C VAL G 203 22.59 21.32 -16.15
N VAL G 204 21.90 21.48 -15.08
CA VAL G 204 21.57 20.31 -14.25
C VAL G 204 20.08 20.30 -14.17
N TYR G 205 19.62 19.10 -14.00
CA TYR G 205 18.21 18.87 -13.76
C TYR G 205 18.13 17.88 -12.67
N SER G 206 17.10 18.10 -11.91
CA SER G 206 16.42 16.97 -11.29
C SER G 206 15.49 16.48 -12.38
N MET G 207 15.78 15.32 -12.92
CA MET G 207 14.88 14.72 -13.89
C MET G 207 13.72 14.08 -13.13
N THR G 208 13.84 14.03 -11.83
CA THR G 208 12.77 13.56 -10.96
C THR G 208 11.51 14.32 -11.26
N1 LLP G 209 16.88 21.28 -7.94
C2 LLP G 209 15.60 21.62 -7.98
C2' LLP G 209 15.23 22.95 -8.53
C3 LLP G 209 14.65 20.70 -7.60
O3 LLP G 209 13.35 21.04 -7.66
C4 LLP G 209 15.02 19.44 -7.18
C4' LLP G 209 14.04 18.46 -6.92
C5 LLP G 209 16.37 19.18 -7.00
C6 LLP G 209 17.26 20.14 -7.38
C5' LLP G 209 16.84 17.92 -6.36
OP4 LLP G 209 16.60 16.83 -7.25
P LLP G 209 16.37 15.35 -6.70
OP1 LLP G 209 15.16 15.48 -5.83
OP2 LLP G 209 17.64 14.98 -6.01
OP3 LLP G 209 16.12 14.66 -7.96
N LLP G 209 11.73 15.60 -11.57
CA LLP G 209 10.66 16.56 -11.67
CB LLP G 209 11.21 17.91 -11.26
CG LLP G 209 12.03 17.91 -10.00
CD LLP G 209 11.27 17.45 -8.82
CE LLP G 209 12.16 17.30 -7.60
NZ LLP G 209 12.84 18.55 -7.31
C LLP G 209 10.09 16.50 -13.07
O LLP G 209 9.70 15.45 -13.53
N PHE G 210 10.01 17.64 -13.72
CA PHE G 210 9.27 17.66 -14.95
C PHE G 210 9.85 16.75 -15.99
N LEU G 211 11.17 16.62 -16.07
CA LEU G 211 11.68 15.78 -17.18
C LEU G 211 11.08 14.40 -17.08
N GLY G 212 11.22 13.73 -15.94
CA GLY G 212 10.60 12.41 -15.74
C GLY G 212 9.13 12.60 -15.84
N GLY G 213 8.61 13.54 -15.10
CA GLY G 213 7.25 14.01 -15.33
C GLY G 213 6.17 13.23 -14.62
N HIS G 214 6.43 12.06 -14.09
CA HIS G 214 5.36 11.17 -13.60
C HIS G 214 5.57 10.87 -12.14
N GLY G 215 6.54 11.49 -11.51
CA GLY G 215 6.70 11.28 -10.08
C GLY G 215 7.14 9.87 -9.77
N THR G 216 7.82 9.18 -10.69
CA THR G 216 8.14 7.78 -10.46
C THR G 216 9.57 7.61 -10.04
N SER G 217 10.42 8.51 -10.49
CA SER G 217 11.83 8.16 -10.56
C SER G 217 12.64 9.37 -10.17
N ILE G 218 13.43 9.13 -9.15
CA ILE G 218 14.47 10.08 -8.78
C ILE G 218 15.52 9.99 -9.85
N ALA G 219 15.96 11.14 -10.30
CA ALA G 219 17.00 11.09 -11.32
C ALA G 219 17.54 12.48 -11.45
N GLY G 220 18.80 12.53 -11.79
CA GLY G 220 19.41 13.82 -12.06
C GLY G 220 20.07 13.74 -13.37
N ILE G 221 20.48 14.88 -13.85
CA ILE G 221 21.39 14.84 -14.98
C ILE G 221 22.18 16.12 -14.98
N VAL G 222 23.36 15.99 -15.50
CA VAL G 222 24.24 17.12 -15.78
C VAL G 222 24.44 17.16 -17.26
N VAL G 223 24.17 18.31 -17.80
CA VAL G 223 24.36 18.55 -19.21
C VAL G 223 25.48 19.56 -19.35
N ASP G 224 26.45 19.16 -20.14
CA ASP G 224 27.60 20.02 -20.44
C ASP G 224 27.29 20.65 -21.78
N SER G 225 27.35 21.97 -21.84
CA SER G 225 27.18 22.71 -23.09
C SER G 225 28.35 22.38 -24.01
N GLY G 226 29.50 22.07 -23.43
CA GLY G 226 30.71 21.89 -24.21
C GLY G 226 31.28 23.27 -24.57
N LYS G 227 30.66 24.35 -24.12
CA LYS G 227 30.95 25.70 -24.65
C LYS G 227 32.08 26.24 -23.81
N PHE G 228 32.20 25.76 -22.58
CA PHE G 228 33.03 26.50 -21.65
C PHE G 228 34.48 26.12 -21.87
N GLU G 229 35.32 27.12 -21.98
CA GLU G 229 36.73 26.88 -22.22
C GLU G 229 37.43 26.72 -20.86
N TRP G 230 37.62 25.48 -20.46
CA TRP G 230 38.26 25.15 -19.18
C TRP G 230 39.63 25.77 -19.19
N ASN G 231 39.91 26.38 -18.06
CA ASN G 231 41.11 27.22 -17.92
C ASN G 231 41.75 26.79 -16.60
N GLU G 232 42.70 27.57 -16.15
CA GLU G 232 43.55 27.24 -14.99
C GLU G 232 42.70 27.25 -13.72
N LYS G 233 41.49 27.79 -13.74
CA LYS G 233 40.60 27.68 -12.56
C LYS G 233 40.05 26.26 -12.47
N PHE G 234 40.27 25.46 -13.50
CA PHE G 234 39.78 24.08 -13.57
C PHE G 234 40.93 23.17 -13.94
N PRO G 235 41.94 23.07 -13.06
CA PRO G 235 43.15 22.36 -13.42
C PRO G 235 42.79 20.92 -13.76
N ASP G 236 41.82 20.37 -13.05
CA ASP G 236 41.50 18.93 -13.17
C ASP G 236 40.89 18.66 -14.55
N LEU G 237 40.49 19.71 -15.27
CA LEU G 237 39.99 19.56 -16.66
C LEU G 237 41.08 19.74 -17.69
N ILE G 238 42.20 20.35 -17.33
CA ILE G 238 43.16 20.76 -18.39
C ILE G 238 44.54 20.23 -18.03
N GLN G 239 44.65 19.57 -16.88
CA GLN G 239 45.93 19.02 -16.43
C GLN G 239 45.78 17.53 -16.36
N PRO G 240 46.92 16.81 -16.41
CA PRO G 240 46.89 15.36 -16.41
C PRO G 240 46.09 14.86 -15.20
N ASP G 241 45.18 13.98 -15.45
CA ASP G 241 44.44 13.33 -14.36
C ASP G 241 45.20 12.09 -13.94
N PRO G 242 45.80 12.07 -12.73
CA PRO G 242 46.65 10.96 -12.31
C PRO G 242 45.81 9.68 -12.11
N SER G 243 44.47 9.77 -12.09
CA SER G 243 43.60 8.58 -11.91
C SER G 243 43.37 7.95 -13.29
N TYR G 244 43.80 8.60 -14.36
CA TYR G 244 43.65 8.09 -15.75
C TYR G 244 44.96 8.23 -16.51
N HIS G 245 46.05 8.03 -15.79
CA HIS G 245 47.42 7.96 -16.33
C HIS G 245 47.68 9.21 -17.16
N GLY G 246 47.29 10.36 -16.64
CA GLY G 246 47.72 11.65 -17.18
C GLY G 246 46.78 12.14 -18.26
N LEU G 247 45.63 11.48 -18.37
CA LEU G 247 44.56 11.93 -19.25
C LEU G 247 44.31 13.41 -19.00
N ILE G 248 44.23 14.17 -20.07
CA ILE G 248 43.76 15.57 -19.93
C ILE G 248 42.39 15.66 -20.61
N TYR G 249 41.40 16.01 -19.84
CA TYR G 249 40.00 15.90 -20.31
C TYR G 249 39.81 16.77 -21.53
N THR G 250 40.34 18.00 -21.53
CA THR G 250 40.18 18.90 -22.68
C THR G 250 40.85 18.28 -23.90
N LYS G 251 42.01 17.63 -23.70
CA LYS G 251 42.78 17.10 -24.82
C LYS G 251 42.01 15.90 -25.34
N GLU G 252 41.53 15.05 -24.45
CA GLU G 252 40.97 13.76 -24.88
C GLU G 252 39.54 13.99 -25.36
N PHE G 253 38.79 14.83 -24.70
CA PHE G 253 37.32 14.88 -24.94
C PHE G 253 36.93 16.20 -25.53
N GLY G 254 37.88 17.11 -25.68
CA GLY G 254 37.63 18.41 -26.33
C GLY G 254 36.55 19.12 -25.55
N ASN G 255 35.47 19.44 -26.23
N ASN G 255 35.48 19.43 -26.26
CA ASN G 255 34.42 20.31 -25.66
CA ASN G 255 34.35 20.24 -25.75
C ASN G 255 33.61 19.50 -24.63
C ASN G 255 33.72 19.51 -24.56
N ALA G 256 33.79 18.18 -24.56
CA ALA G 256 33.05 17.30 -23.64
C ALA G 256 33.92 17.03 -22.41
N ALA G 257 35.01 17.75 -22.25
CA ALA G 257 35.95 17.52 -21.15
C ALA G 257 35.18 17.41 -19.85
N TYR G 258 34.36 18.39 -19.56
CA TYR G 258 33.71 18.50 -18.25
C TYR G 258 32.85 17.27 -18.04
N ILE G 259 32.01 16.99 -19.01
CA ILE G 259 31.04 15.90 -18.86
C ILE G 259 31.79 14.57 -18.88
N ALA G 260 32.83 14.46 -19.69
CA ALA G 260 33.65 13.25 -19.70
C ALA G 260 34.21 13.10 -18.29
N LYS G 261 34.83 14.15 -17.80
CA LYS G 261 35.46 14.06 -16.50
C LYS G 261 34.41 13.67 -15.47
N LEU G 262 33.26 14.28 -15.54
CA LEU G 262 32.22 14.08 -14.55
C LEU G 262 31.89 12.61 -14.50
N ARG G 263 31.74 12.01 -15.66
CA ARG G 263 31.44 10.59 -15.73
C ARG G 263 32.63 9.81 -15.21
N LEU G 264 33.84 10.15 -15.67
CA LEU G 264 35.01 9.30 -15.42
C LEU G 264 35.55 9.45 -14.00
N THR G 265 35.22 10.54 -13.33
CA THR G 265 35.74 10.80 -11.97
C THR G 265 34.57 10.68 -11.02
N LEU G 266 33.63 11.57 -11.07
CA LEU G 266 32.61 11.62 -10.01
C LEU G 266 31.63 10.47 -10.15
N LEU G 267 31.11 10.23 -11.32
CA LEU G 267 30.12 9.16 -11.46
C LEU G 267 30.84 7.86 -11.15
N ARG G 268 32.02 7.71 -11.67
CA ARG G 268 32.75 6.48 -11.41
C ARG G 268 33.07 6.35 -9.91
N ASP G 269 33.60 7.40 -9.29
CA ASP G 269 34.17 7.30 -7.93
C ASP G 269 33.09 7.40 -6.88
N ILE G 270 32.16 8.32 -7.03
CA ILE G 270 31.13 8.48 -5.99
C ILE G 270 29.93 7.62 -6.36
N GLY G 271 29.69 7.44 -7.66
CA GLY G 271 28.80 6.39 -8.08
C GLY G 271 27.36 6.75 -7.77
N ALA G 272 27.01 7.99 -7.96
CA ALA G 272 25.61 8.47 -7.87
C ALA G 272 24.98 8.23 -9.22
N CYS G 273 24.93 6.97 -9.59
CA CYS G 273 24.52 6.59 -10.91
C CYS G 273 23.01 6.32 -10.87
N LEU G 274 22.44 6.52 -12.02
CA LEU G 274 21.01 6.35 -12.20
C LEU G 274 20.78 4.90 -12.54
N SER G 275 19.68 4.38 -12.05
CA SER G 275 19.25 3.05 -12.44
C SER G 275 18.83 3.15 -13.90
N PRO G 276 19.18 2.17 -14.69
CA PRO G 276 18.69 2.05 -16.06
C PRO G 276 17.17 2.05 -16.06
N PHE G 277 16.60 1.49 -15.03
CA PHE G 277 15.14 1.45 -14.98
C PHE G 277 14.61 2.85 -14.84
N ASN G 278 15.27 3.60 -13.98
CA ASN G 278 14.88 4.99 -13.76
C ASN G 278 15.07 5.72 -15.07
N SER G 279 16.17 5.46 -15.74
CA SER G 279 16.46 6.12 -17.01
C SER G 279 15.32 5.83 -17.96
N PHE G 280 14.90 4.58 -17.95
CA PHE G 280 13.83 4.14 -18.85
C PHE G 280 12.58 4.92 -18.50
N LEU G 281 12.27 4.98 -17.20
CA LEU G 281 11.04 5.68 -16.84
C LEU G 281 11.17 7.15 -17.18
N VAL G 282 12.32 7.70 -16.93
CA VAL G 282 12.45 9.13 -17.21
C VAL G 282 12.32 9.33 -18.70
N LEU G 283 12.84 8.40 -19.46
CA LEU G 283 12.72 8.50 -20.92
C LEU G 283 11.28 8.56 -21.31
N LEU G 284 10.46 7.75 -20.67
CA LEU G 284 9.05 7.69 -21.04
C LEU G 284 8.44 9.05 -20.74
N GLY G 285 8.91 9.71 -19.68
CA GLY G 285 8.51 11.07 -19.41
C GLY G 285 9.00 11.99 -20.51
N VAL G 286 10.27 11.91 -20.81
CA VAL G 286 10.86 12.84 -21.78
C VAL G 286 10.16 12.72 -23.13
N GLU G 287 9.69 11.53 -23.45
CA GLU G 287 8.98 11.28 -24.68
C GLU G 287 7.79 12.22 -24.82
N THR G 288 7.27 12.72 -23.74
CA THR G 288 6.10 13.60 -23.82
C THR G 288 6.42 14.96 -23.26
N LEU G 289 7.71 15.23 -23.08
CA LEU G 289 8.11 16.42 -22.34
C LEU G 289 7.36 17.64 -22.82
N SER G 290 7.45 17.94 -24.09
CA SER G 290 6.90 19.21 -24.62
C SER G 290 5.40 19.18 -24.42
N LEU G 291 4.80 18.02 -24.57
CA LEU G 291 3.34 17.95 -24.47
C LEU G 291 2.99 18.24 -23.03
N ARG G 292 3.71 17.62 -22.14
CA ARG G 292 3.43 17.81 -20.70
C ARG G 292 3.73 19.22 -20.32
N MET G 293 4.90 19.67 -20.68
CA MET G 293 5.29 21.00 -20.22
C MET G 293 4.35 22.03 -20.78
N GLN G 294 3.87 21.84 -22.00
CA GLN G 294 2.99 22.84 -22.61
C GLN G 294 1.72 22.85 -21.79
N LYS G 295 1.25 21.68 -21.43
CA LYS G 295 0.01 21.61 -20.65
C LYS G 295 0.29 22.17 -19.25
N HIS G 296 1.41 21.81 -18.67
CA HIS G 296 1.78 22.32 -17.33
C HIS G 296 1.71 23.84 -17.39
N VAL G 297 2.38 24.44 -18.38
CA VAL G 297 2.48 25.90 -18.39
C VAL G 297 1.13 26.49 -18.71
N ASP G 298 0.38 25.84 -19.57
CA ASP G 298 -0.96 26.35 -19.93
C ASP G 298 -1.78 26.38 -18.65
N ASN G 299 -1.73 25.27 -17.93
CA ASN G 299 -2.48 25.09 -16.68
C ASN G 299 -1.97 26.09 -15.67
N ALA G 300 -0.66 26.17 -15.53
CA ALA G 300 -0.08 26.99 -14.47
C ALA G 300 -0.50 28.43 -14.70
N MET G 301 -0.47 28.87 -15.95
CA MET G 301 -0.85 30.26 -16.23
C MET G 301 -2.28 30.46 -15.76
N LYS G 302 -3.13 29.50 -16.06
CA LYS G 302 -4.56 29.66 -15.82
C LYS G 302 -4.76 29.64 -14.33
N LEU G 303 -4.04 28.76 -13.66
CA LEU G 303 -4.25 28.62 -12.21
C LEU G 303 -3.67 29.85 -11.56
N ALA G 304 -2.50 30.26 -12.02
CA ALA G 304 -1.85 31.45 -11.45
C ALA G 304 -2.77 32.66 -11.64
N LYS G 305 -3.39 32.82 -12.81
CA LYS G 305 -4.29 33.97 -13.06
C LYS G 305 -5.51 33.80 -12.18
N PHE G 306 -6.02 32.58 -12.07
CA PHE G 306 -7.20 32.35 -11.25
C PHE G 306 -6.87 32.80 -9.81
N LEU G 307 -5.74 32.35 -9.30
CA LEU G 307 -5.41 32.65 -7.89
C LEU G 307 -5.10 34.12 -7.76
N ASN G 308 -4.52 34.67 -8.81
CA ASN G 308 -4.08 36.07 -8.82
C ASN G 308 -5.29 36.99 -8.71
N ASP G 309 -6.45 36.51 -9.13
CA ASP G 309 -7.69 37.32 -9.16
C ASP G 309 -8.50 36.96 -7.93
N HIS G 310 -8.02 36.04 -7.12
CA HIS G 310 -8.91 35.38 -6.14
C HIS G 310 -8.94 36.22 -4.88
N PRO G 311 -10.12 36.59 -4.35
CA PRO G 311 -10.17 37.47 -3.19
C PRO G 311 -9.64 36.78 -1.92
N LYS G 312 -9.45 35.46 -1.93
CA LYS G 312 -8.95 34.77 -0.73
C LYS G 312 -7.45 34.58 -0.84
N VAL G 313 -6.87 35.12 -1.89
CA VAL G 313 -5.43 35.00 -2.14
C VAL G 313 -4.80 36.36 -2.01
N GLU G 314 -3.76 36.42 -1.19
CA GLU G 314 -3.07 37.68 -0.91
C GLU G 314 -2.18 37.92 -2.10
N TRP G 315 -1.44 36.92 -2.49
CA TRP G 315 -0.41 37.14 -3.51
C TRP G 315 -0.18 35.83 -4.21
N VAL G 316 0.26 35.99 -5.42
CA VAL G 316 0.61 34.87 -6.28
C VAL G 316 1.91 35.29 -6.90
N ASN G 317 2.82 34.37 -6.84
CA ASN G 317 4.17 34.60 -7.35
C ASN G 317 4.33 33.68 -8.53
N TYR G 318 4.21 34.25 -9.70
CA TYR G 318 4.45 33.53 -10.94
C TYR G 318 4.87 34.56 -11.94
N PRO G 319 6.02 34.35 -12.58
CA PRO G 319 6.61 35.41 -13.40
C PRO G 319 5.71 35.89 -14.54
N ALA G 320 4.76 35.06 -14.97
CA ALA G 320 3.93 35.41 -16.12
C ALA G 320 2.75 36.23 -15.65
N LEU G 321 2.57 36.41 -14.35
CA LEU G 321 1.52 37.34 -13.89
C LEU G 321 1.97 38.76 -14.07
N GLU G 322 1.12 39.57 -14.65
CA GLU G 322 1.38 40.99 -14.82
C GLU G 322 1.91 41.51 -13.48
N GLY G 323 2.96 42.32 -13.53
CA GLY G 323 3.46 43.04 -12.35
C GLY G 323 4.45 42.18 -11.61
N ASN G 324 4.56 40.92 -11.97
CA ASN G 324 5.56 40.06 -11.33
C ASN G 324 6.94 40.65 -11.62
N LYS G 325 7.79 40.73 -10.60
CA LYS G 325 9.16 41.29 -10.71
C LYS G 325 9.84 40.63 -11.92
N TYR G 326 9.57 39.35 -12.17
CA TYR G 326 10.36 38.60 -13.16
C TYR G 326 9.64 38.50 -14.47
N TYR G 327 8.62 39.30 -14.63
CA TYR G 327 7.77 39.19 -15.82
C TYR G 327 8.64 39.39 -17.08
N GLU G 328 9.44 40.45 -17.15
CA GLU G 328 10.20 40.72 -18.38
C GLU G 328 11.21 39.58 -18.56
N LEU G 329 11.71 39.04 -17.46
CA LEU G 329 12.71 37.96 -17.56
C LEU G 329 11.99 36.72 -18.02
N TYR G 330 10.74 36.60 -17.65
CA TYR G 330 9.95 35.48 -18.16
C TYR G 330 9.79 35.67 -19.67
N LYS G 331 9.41 36.86 -20.08
CA LYS G 331 9.19 37.15 -21.51
C LYS G 331 10.48 36.84 -22.24
N LYS G 332 11.59 37.24 -21.65
CA LYS G 332 12.89 37.12 -22.32
C LYS G 332 13.29 35.66 -22.38
N TYR G 333 13.23 34.96 -21.26
CA TYR G 333 13.91 33.67 -21.17
C TYR G 333 12.93 32.54 -21.26
N LEU G 334 11.71 32.73 -20.77
CA LEU G 334 10.79 31.58 -20.67
C LEU G 334 9.48 31.94 -21.33
N PRO G 335 9.56 32.37 -22.59
CA PRO G 335 8.42 32.95 -23.28
C PRO G 335 7.27 31.95 -23.37
N LYS G 336 7.58 30.66 -23.27
CA LYS G 336 6.53 29.62 -23.36
C LYS G 336 5.84 29.52 -22.01
N GLY G 337 6.41 30.12 -20.99
CA GLY G 337 5.77 30.13 -19.68
C GLY G 337 6.84 29.78 -18.66
N PRO G 338 6.85 30.50 -17.54
CA PRO G 338 7.94 30.38 -16.60
C PRO G 338 7.61 29.18 -15.73
N GLY G 339 7.64 28.03 -16.37
CA GLY G 339 7.41 26.78 -15.69
C GLY G 339 5.98 26.72 -15.19
N ALA G 340 5.73 25.76 -14.34
CA ALA G 340 4.34 25.42 -13.97
C ALA G 340 4.32 25.30 -12.47
N ILE G 341 5.32 25.90 -11.86
CA ILE G 341 5.39 25.95 -10.40
C ILE G 341 5.27 27.39 -10.00
N PHE G 342 4.41 27.64 -9.06
CA PHE G 342 4.34 28.98 -8.54
C PHE G 342 3.85 28.89 -7.13
N THR G 343 3.82 30.03 -6.52
CA THR G 343 3.49 30.11 -5.10
C THR G 343 2.37 31.09 -5.00
N PHE G 344 1.71 30.98 -3.90
CA PHE G 344 0.71 31.97 -3.58
C PHE G 344 0.58 31.91 -2.09
N GLY G 345 0.17 33.04 -1.61
CA GLY G 345 -0.02 33.26 -0.20
C GLY G 345 -1.47 33.56 -0.03
N PRO G 346 -2.21 32.66 0.60
CA PRO G 346 -3.61 32.95 0.87
C PRO G 346 -3.71 34.09 1.86
N LYS G 347 -4.86 34.77 1.80
CA LYS G 347 -5.33 35.61 2.91
C LYS G 347 -5.53 34.67 4.08
N GLY G 348 -5.02 35.06 5.23
CA GLY G 348 -5.10 34.27 6.47
C GLY G 348 -3.76 33.62 6.69
N GLY G 349 -2.81 33.88 5.81
CA GLY G 349 -1.39 33.57 6.07
C GLY G 349 -1.19 32.07 6.23
N TYR G 350 -0.25 31.68 7.07
CA TYR G 350 0.18 30.29 7.26
C TYR G 350 -1.03 29.44 7.62
N ASP G 351 -1.88 29.92 8.52
CA ASP G 351 -3.00 29.10 9.04
C ASP G 351 -3.91 28.78 7.85
N ALA G 352 -4.16 29.76 7.00
CA ALA G 352 -4.98 29.59 5.80
C ALA G 352 -4.25 28.64 4.88
N ALA G 353 -2.94 28.76 4.77
CA ALA G 353 -2.14 27.94 3.84
C ALA G 353 -2.36 26.50 4.27
N LYS G 354 -2.29 26.25 5.56
CA LYS G 354 -2.41 24.89 6.06
C LYS G 354 -3.81 24.39 5.72
N LYS G 355 -4.80 25.22 5.90
CA LYS G 355 -6.19 24.78 5.69
C LYS G 355 -6.29 24.45 4.20
N ILE G 356 -5.70 25.26 3.36
CA ILE G 356 -5.79 25.07 1.89
C ILE G 356 -5.14 23.74 1.56
N ILE G 357 -3.94 23.54 2.08
CA ILE G 357 -3.19 22.33 1.74
C ILE G 357 -3.99 21.14 2.25
N ASN G 358 -4.59 21.25 3.41
CA ASN G 358 -5.37 20.17 4.03
C ASN G 358 -6.65 19.94 3.24
N ASN G 359 -7.13 20.92 2.50
CA ASN G 359 -8.50 20.84 1.94
C ASN G 359 -8.47 20.56 0.46
N VAL G 360 -7.35 20.66 -0.19
CA VAL G 360 -7.33 20.24 -1.62
C VAL G 360 -7.50 18.72 -1.69
N LYS G 361 -8.14 18.28 -2.75
CA LYS G 361 -8.53 16.88 -2.93
C LYS G 361 -7.83 16.36 -4.17
N LEU G 362 -7.50 17.25 -5.05
CA LEU G 362 -6.96 16.82 -6.33
C LEU G 362 -5.49 17.11 -6.33
N PHE G 363 -5.13 18.30 -5.94
CA PHE G 363 -3.71 18.55 -5.68
C PHE G 363 -3.25 17.52 -4.70
N SER G 364 -2.06 17.04 -4.95
CA SER G 364 -1.40 16.09 -4.07
C SER G 364 -0.47 16.87 -3.17
N HIS G 365 -0.67 16.67 -1.91
CA HIS G 365 0.19 17.22 -0.87
C HIS G 365 1.39 16.30 -0.73
N LEU G 366 2.47 16.69 -1.37
CA LEU G 366 3.66 15.82 -1.33
C LEU G 366 4.84 16.68 -1.73
N ALA G 367 6.01 16.12 -1.49
CA ALA G 367 7.29 16.79 -1.73
C ALA G 367 7.75 16.35 -3.11
N ASN G 368 7.42 17.15 -4.07
CA ASN G 368 7.90 16.93 -5.44
C ASN G 368 7.40 18.15 -6.16
N VAL G 369 7.90 18.33 -7.34
CA VAL G 369 7.26 19.23 -8.30
C VAL G 369 7.38 18.50 -9.61
N GLY G 370 6.66 18.97 -10.60
CA GLY G 370 6.94 18.51 -11.95
C GLY G 370 6.44 17.11 -12.13
N ASP G 371 5.49 16.70 -11.31
CA ASP G 371 4.69 15.52 -11.63
C ASP G 371 3.67 15.98 -12.68
N ALA G 372 3.13 15.06 -13.42
CA ALA G 372 1.94 15.32 -14.23
C ALA G 372 0.82 15.70 -13.28
N LYS G 373 0.85 15.11 -12.10
CA LYS G 373 -0.13 15.43 -11.07
C LYS G 373 0.21 16.76 -10.44
N SER G 374 -0.81 17.48 -10.12
CA SER G 374 -0.70 18.79 -9.47
C SER G 374 -0.35 18.54 -8.01
N LEU G 375 0.60 19.31 -7.56
CA LEU G 375 1.19 19.11 -6.25
C LEU G 375 1.10 20.42 -5.50
N ILE G 376 1.09 20.24 -4.22
CA ILE G 376 0.98 21.37 -3.32
C ILE G 376 1.87 21.04 -2.16
N ILE G 377 2.42 22.09 -1.62
CA ILE G 377 3.14 21.93 -0.36
C ILE G 377 3.32 23.33 0.18
N HIS G 378 3.72 23.34 1.43
CA HIS G 378 4.14 24.54 2.15
C HIS G 378 5.64 24.49 2.28
N PRO G 379 6.40 25.17 1.42
CA PRO G 379 7.84 25.00 1.41
C PRO G 379 8.49 25.25 2.76
N ALA G 380 8.00 26.24 3.52
CA ALA G 380 8.69 26.72 4.74
C ALA G 380 8.82 25.54 5.72
N SER G 381 7.83 24.66 5.74
CA SER G 381 7.77 23.57 6.73
C SER G 381 8.22 22.28 6.06
N THR G 382 8.59 22.33 4.78
CA THR G 382 8.85 21.07 4.10
C THR G 382 10.11 21.14 3.29
N THR G 383 9.94 21.61 2.08
CA THR G 383 10.98 21.59 1.05
C THR G 383 12.14 22.42 1.58
N HIS G 384 11.84 23.49 2.29
CA HIS G 384 12.91 24.42 2.71
C HIS G 384 13.04 24.41 4.22
N GLN G 385 12.53 23.39 4.87
CA GLN G 385 12.44 23.38 6.34
C GLN G 385 13.83 23.32 6.94
N GLN G 386 14.81 22.77 6.23
CA GLN G 386 16.19 22.70 6.76
C GLN G 386 16.82 24.07 6.82
N LEU G 387 16.31 25.01 6.08
CA LEU G 387 16.94 26.32 6.02
C LEU G 387 16.53 27.08 7.27
N THR G 388 17.39 27.96 7.72
CA THR G 388 17.04 28.95 8.76
C THR G 388 15.96 29.86 8.20
N GLU G 389 15.25 30.56 9.07
CA GLU G 389 14.30 31.61 8.65
C GLU G 389 15.01 32.51 7.62
N GLU G 390 16.27 32.84 7.85
CA GLU G 390 16.97 33.83 7.02
C GLU G 390 17.18 33.16 5.67
N GLU G 391 17.60 31.90 5.68
CA GLU G 391 17.94 31.22 4.43
C GLU G 391 16.64 31.07 3.67
N GLN G 392 15.58 30.79 4.41
CA GLN G 392 14.28 30.56 3.76
C GLN G 392 13.87 31.86 3.09
N ARG G 393 14.03 32.96 3.82
CA ARG G 393 13.63 34.28 3.29
C ARG G 393 14.48 34.58 2.07
N ALA G 394 15.77 34.33 2.13
CA ALA G 394 16.68 34.58 0.99
C ALA G 394 16.28 33.65 -0.15
N ALA G 395 15.77 32.47 0.14
CA ALA G 395 15.33 31.51 -0.89
C ALA G 395 13.94 31.89 -1.40
N GLY G 396 13.33 32.89 -0.81
CA GLY G 396 12.03 33.40 -1.27
C GLY G 396 10.92 32.59 -0.66
N VAL G 397 11.25 31.82 0.36
CA VAL G 397 10.23 31.02 1.07
C VAL G 397 9.54 31.99 2.03
N LEU G 398 8.24 31.93 2.07
CA LEU G 398 7.48 32.77 3.01
C LEU G 398 6.64 31.86 3.88
N PRO G 399 6.26 32.32 5.08
CA PRO G 399 5.51 31.48 6.00
C PRO G 399 4.18 31.06 5.39
N GLU G 400 3.55 31.94 4.62
CA GLU G 400 2.13 31.70 4.19
C GLU G 400 2.17 31.03 2.82
N MET G 401 3.38 30.82 2.31
CA MET G 401 3.59 30.44 0.91
C MET G 401 3.11 29.01 0.74
N ILE G 402 2.26 28.87 -0.22
CA ILE G 402 1.94 27.55 -0.80
C ILE G 402 2.63 27.47 -2.14
N ARG G 403 3.31 26.38 -2.35
CA ARG G 403 3.87 26.12 -3.66
C ARG G 403 2.96 25.16 -4.37
N LEU G 404 2.58 25.54 -5.56
CA LEU G 404 1.87 24.63 -6.44
C LEU G 404 2.79 24.20 -7.55
N SER G 405 2.76 22.91 -7.79
CA SER G 405 3.30 22.35 -9.03
C SER G 405 2.08 21.97 -9.83
N VAL G 406 1.87 22.74 -10.85
CA VAL G 406 0.59 22.65 -11.56
C VAL G 406 0.77 21.55 -12.57
N GLY G 407 -0.07 20.56 -12.41
CA GLY G 407 -0.03 19.37 -13.24
C GLY G 407 -0.82 19.59 -14.50
N ILE G 408 -1.11 18.50 -15.14
CA ILE G 408 -1.71 18.47 -16.49
C ILE G 408 -3.13 17.98 -16.38
N GLU G 409 -3.64 18.01 -15.19
CA GLU G 409 -5.06 17.74 -14.95
C GLU G 409 -5.85 18.78 -15.70
N ASP G 410 -7.13 18.51 -15.87
CA ASP G 410 -8.03 19.55 -16.38
C ASP G 410 -7.89 20.76 -15.49
N ILE G 411 -7.64 21.89 -16.10
CA ILE G 411 -7.45 23.15 -15.33
C ILE G 411 -8.72 23.39 -14.53
N GLU G 412 -9.89 23.04 -15.07
CA GLU G 412 -11.17 23.35 -14.37
C GLU G 412 -11.18 22.57 -13.06
N ASP G 413 -10.60 21.39 -13.05
CA ASP G 413 -10.57 20.56 -11.82
C ASP G 413 -9.56 21.16 -10.84
N LEU G 414 -8.44 21.66 -11.33
CA LEU G 414 -7.44 22.25 -10.44
C LEU G 414 -8.02 23.50 -9.81
N ILE G 415 -8.65 24.31 -10.63
CA ILE G 415 -9.24 25.56 -10.15
C ILE G 415 -10.31 25.20 -9.15
N TYR G 416 -11.11 24.22 -9.52
CA TYR G 416 -12.20 23.79 -8.64
C TYR G 416 -11.59 23.36 -7.31
N ASP G 417 -10.52 22.61 -7.39
CA ASP G 417 -9.95 22.03 -6.18
C ASP G 417 -9.44 23.18 -5.31
N ILE G 418 -8.67 24.07 -5.89
CA ILE G 418 -8.02 25.11 -5.09
C ILE G 418 -9.10 26.08 -4.63
N GLU G 419 -10.08 26.36 -5.49
CA GLU G 419 -11.20 27.27 -5.14
C GLU G 419 -11.93 26.62 -3.97
N SER G 420 -12.26 25.34 -4.04
CA SER G 420 -12.98 24.65 -2.93
C SER G 420 -12.13 24.74 -1.66
N ALA G 421 -10.82 24.55 -1.76
CA ALA G 421 -9.91 24.64 -0.60
C ALA G 421 -9.89 26.08 -0.11
N LEU G 422 -9.84 27.05 -1.02
CA LEU G 422 -9.86 28.47 -0.61
C LEU G 422 -11.17 28.77 0.09
N ASN G 423 -12.28 28.26 -0.44
CA ASN G 423 -13.64 28.59 0.05
C ASN G 423 -13.82 27.92 1.41
N LYS G 424 -13.10 26.83 1.68
CA LYS G 424 -13.28 26.02 2.90
C LYS G 424 -12.81 26.86 4.09
N VAL G 425 -11.61 27.48 3.97
CA VAL G 425 -11.23 28.71 4.72
C VAL G 425 -12.10 29.84 4.17
N GLU H 3 -18.28 12.86 -5.24
CA GLU H 3 -19.27 13.75 -5.93
C GLU H 3 -18.59 14.53 -7.06
N ARG H 4 -17.25 14.66 -7.09
CA ARG H 4 -16.55 15.51 -8.10
C ARG H 4 -16.45 14.78 -9.44
N LYS H 5 -17.03 15.34 -10.51
CA LYS H 5 -16.91 14.91 -11.95
C LYS H 5 -15.66 15.53 -12.58
N TYR H 6 -14.57 14.81 -12.53
CA TYR H 6 -13.30 15.31 -13.05
C TYR H 6 -13.31 15.23 -14.57
N GLY H 7 -12.58 16.13 -15.17
CA GLY H 7 -12.35 16.06 -16.61
C GLY H 7 -11.45 14.91 -16.98
N PHE H 8 -11.42 14.68 -18.27
CA PHE H 8 -10.69 13.57 -18.87
C PHE H 8 -9.24 13.64 -18.44
N ASP H 9 -8.67 14.82 -18.51
CA ASP H 9 -7.23 14.98 -18.27
C ASP H 9 -6.94 14.64 -16.83
N THR H 10 -7.82 15.05 -15.96
CA THR H 10 -7.68 14.67 -14.57
C THR H 10 -7.77 13.15 -14.47
N LEU H 11 -8.81 12.59 -15.04
CA LEU H 11 -9.04 11.16 -14.88
C LEU H 11 -7.87 10.39 -15.40
N GLN H 12 -7.28 10.80 -16.51
CA GLN H 12 -6.23 9.98 -17.12
C GLN H 12 -5.03 9.95 -16.20
N LEU H 13 -4.96 10.88 -15.28
CA LEU H 13 -3.85 11.00 -14.34
C LEU H 13 -4.25 10.34 -13.03
N HIS H 14 -5.50 10.46 -12.64
CA HIS H 14 -5.87 10.17 -11.26
C HIS H 14 -6.78 8.97 -11.17
N ALA H 15 -7.63 8.77 -12.15
CA ALA H 15 -8.74 7.82 -11.94
C ALA H 15 -8.15 6.47 -11.57
N GLY H 16 -8.74 5.85 -10.57
CA GLY H 16 -8.39 4.49 -10.18
C GLY H 16 -7.25 4.49 -9.23
N GLN H 17 -6.62 5.63 -9.08
CA GLN H 17 -5.36 5.69 -8.36
C GLN H 17 -5.67 6.27 -7.01
N PHE H 18 -5.34 5.50 -6.01
CA PHE H 18 -5.51 5.88 -4.61
C PHE H 18 -4.14 5.82 -4.02
N VAL H 19 -4.01 6.55 -2.96
CA VAL H 19 -2.75 6.62 -2.22
C VAL H 19 -2.78 5.45 -1.29
N ASP H 20 -1.82 4.57 -1.46
CA ASP H 20 -1.81 3.37 -0.64
C ASP H 20 -1.58 3.81 0.78
N ARG H 21 -2.26 3.16 1.70
CA ARG H 21 -2.27 3.60 3.09
C ARG H 21 -0.97 3.20 3.73
N GLU H 22 -0.23 2.33 3.11
CA GLU H 22 1.00 1.85 3.75
C GLU H 22 2.04 2.93 3.60
N THR H 23 2.29 3.31 2.37
CA THR H 23 3.50 4.11 2.06
C THR H 23 3.12 5.52 1.66
N LYS H 24 1.88 5.73 1.25
CA LYS H 24 1.40 7.00 0.72
C LYS H 24 2.11 7.37 -0.59
N SER H 25 2.74 6.39 -1.22
N SER H 25 2.70 6.39 -1.25
CA SER H 25 3.30 6.55 -2.58
CA SER H 25 3.37 6.61 -2.55
C SER H 25 2.31 7.37 -3.42
C SER H 25 2.40 7.27 -3.50
N ARG H 26 2.83 8.40 -4.04
CA ARG H 26 2.05 9.12 -5.01
C ARG H 26 1.99 8.31 -6.29
N ALA H 27 3.08 7.74 -6.73
CA ALA H 27 3.08 6.93 -7.94
C ALA H 27 2.33 5.66 -7.63
N VAL H 28 1.78 5.09 -8.64
CA VAL H 28 1.18 3.77 -8.48
C VAL H 28 2.30 2.80 -8.28
N PRO H 29 2.36 2.13 -7.15
CA PRO H 29 3.39 1.13 -6.94
C PRO H 29 3.24 0.07 -7.99
N ILE H 30 4.36 -0.52 -8.27
CA ILE H 30 4.39 -1.72 -9.09
C ILE H 30 4.31 -2.85 -8.13
N TYR H 31 3.10 -3.35 -8.06
CA TYR H 31 2.80 -4.47 -7.17
C TYR H 31 3.09 -5.74 -7.90
N GLN H 32 4.37 -5.89 -8.13
CA GLN H 32 4.93 -7.01 -8.85
C GLN H 32 4.97 -8.15 -7.86
N THR H 33 3.80 -8.68 -7.64
CA THR H 33 3.57 -9.74 -6.70
C THR H 33 2.64 -10.68 -7.39
N THR H 34 2.71 -11.90 -6.98
CA THR H 34 1.74 -12.90 -7.40
C THR H 34 0.59 -12.88 -6.45
N SER H 35 0.90 -12.66 -5.19
CA SER H 35 0.04 -13.08 -4.10
C SER H 35 -0.07 -11.97 -3.09
N TYR H 36 -1.01 -12.18 -2.22
CA TYR H 36 -1.45 -11.19 -1.27
C TYR H 36 -1.83 -11.95 -0.03
N ILE H 37 -1.34 -11.45 1.05
CA ILE H 37 -1.61 -12.03 2.35
C ILE H 37 -3.09 -11.99 2.60
N PHE H 38 -3.59 -13.10 3.03
CA PHE H 38 -4.92 -13.16 3.65
C PHE H 38 -4.73 -13.07 5.15
N GLU H 39 -5.50 -12.20 5.74
CA GLU H 39 -5.35 -11.91 7.18
C GLU H 39 -5.66 -13.18 7.94
N THR H 40 -6.70 -13.88 7.52
CA THR H 40 -7.25 -14.99 8.29
C THR H 40 -7.76 -15.95 7.25
N PRO H 41 -7.93 -17.21 7.66
CA PRO H 41 -8.53 -18.21 6.80
C PRO H 41 -9.90 -17.70 6.38
N GLU H 42 -10.62 -17.04 7.26
CA GLU H 42 -11.98 -16.59 6.91
C GLU H 42 -11.86 -15.56 5.81
N GLU H 43 -10.86 -14.70 5.90
CA GLU H 43 -10.71 -13.69 4.88
C GLU H 43 -10.35 -14.37 3.58
N ALA H 44 -9.47 -15.34 3.62
CA ALA H 44 -9.06 -16.06 2.41
C ALA H 44 -10.32 -16.69 1.82
N ALA H 45 -11.10 -17.36 2.66
CA ALA H 45 -12.33 -18.07 2.22
C ALA H 45 -13.24 -17.03 1.59
N ASP H 46 -13.38 -15.91 2.25
CA ASP H 46 -14.34 -14.89 1.83
C ASP H 46 -13.89 -14.33 0.50
N LEU H 47 -12.59 -14.15 0.33
CA LEU H 47 -12.08 -13.58 -0.92
C LEU H 47 -12.44 -14.57 -2.01
N PHE H 48 -12.09 -15.81 -1.81
CA PHE H 48 -12.30 -16.84 -2.83
C PHE H 48 -13.76 -17.04 -3.08
N ALA H 49 -14.57 -16.80 -2.05
CA ALA H 49 -16.01 -17.03 -2.17
C ALA H 49 -16.61 -15.76 -2.74
N LEU H 50 -15.82 -14.73 -2.97
CA LEU H 50 -16.30 -13.45 -3.55
C LEU H 50 -17.26 -12.79 -2.57
N LYS H 51 -17.04 -13.01 -1.29
CA LYS H 51 -17.86 -12.40 -0.23
C LYS H 51 -17.29 -11.02 0.05
N LYS H 52 -16.04 -10.79 -0.35
CA LYS H 52 -15.22 -9.63 0.10
C LYS H 52 -14.41 -9.31 -1.14
N ALA H 53 -14.20 -8.05 -1.44
CA ALA H 53 -13.24 -7.62 -2.45
C ALA H 53 -11.87 -7.68 -1.76
N GLY H 54 -10.88 -8.00 -2.53
CA GLY H 54 -9.52 -7.91 -2.00
C GLY H 54 -8.63 -8.53 -3.03
N ASN H 55 -7.37 -8.52 -2.76
CA ASN H 55 -6.41 -9.10 -3.69
C ASN H 55 -6.27 -10.55 -3.30
N ILE H 56 -6.23 -11.35 -4.31
CA ILE H 56 -6.10 -12.79 -4.15
C ILE H 56 -4.85 -13.20 -4.84
N TYR H 57 -4.75 -12.84 -6.09
CA TYR H 57 -3.72 -13.44 -6.93
C TYR H 57 -3.70 -12.62 -8.17
N THR H 58 -2.51 -12.32 -8.60
CA THR H 58 -2.32 -11.28 -9.61
C THR H 58 -2.90 -11.75 -10.94
N ARG H 59 -2.98 -13.05 -11.16
CA ARG H 59 -3.64 -13.56 -12.35
C ARG H 59 -5.07 -13.03 -12.38
N ILE H 60 -5.68 -12.90 -11.24
CA ILE H 60 -7.09 -12.53 -11.09
C ILE H 60 -7.17 -11.03 -11.00
N GLY H 61 -6.23 -10.40 -10.33
CA GLY H 61 -6.38 -8.98 -10.02
C GLY H 61 -5.11 -8.54 -9.37
N ASN H 62 -4.78 -7.32 -9.61
CA ASN H 62 -3.56 -6.75 -9.02
C ASN H 62 -3.79 -5.28 -8.87
N PRO H 63 -3.31 -4.71 -7.77
CA PRO H 63 -3.65 -3.35 -7.40
C PRO H 63 -2.99 -2.34 -8.34
N THR H 64 -1.90 -2.71 -8.99
CA THR H 64 -1.37 -1.79 -10.02
C THR H 64 -2.33 -1.80 -11.20
N THR H 65 -2.59 -2.98 -11.65
CA THR H 65 -3.42 -3.20 -12.82
C THR H 65 -4.81 -2.65 -12.54
N ASP H 66 -5.21 -2.76 -11.30
CA ASP H 66 -6.53 -2.26 -10.90
C ASP H 66 -6.62 -0.77 -11.18
N VAL H 67 -5.56 -0.04 -10.93
CA VAL H 67 -5.60 1.40 -11.20
C VAL H 67 -5.88 1.59 -12.67
N LEU H 68 -5.20 0.85 -13.49
CA LEU H 68 -5.29 1.01 -14.93
C LEU H 68 -6.68 0.62 -15.38
N GLU H 69 -7.18 -0.45 -14.81
CA GLU H 69 -8.50 -0.94 -15.19
C GLU H 69 -9.49 0.13 -14.84
N LYS H 70 -9.38 0.62 -13.63
CA LYS H 70 -10.34 1.63 -13.18
C LYS H 70 -10.16 2.87 -14.02
N ARG H 71 -8.93 3.17 -14.36
CA ARG H 71 -8.68 4.41 -15.08
C ARG H 71 -9.28 4.30 -16.47
N ILE H 72 -9.03 3.21 -17.15
CA ILE H 72 -9.59 3.09 -18.51
C ILE H 72 -11.11 3.07 -18.38
N ALA H 73 -11.62 2.34 -17.40
CA ALA H 73 -13.07 2.26 -17.22
C ALA H 73 -13.57 3.68 -17.05
N ALA H 74 -12.88 4.47 -16.23
CA ALA H 74 -13.26 5.85 -15.92
C ALA H 74 -13.19 6.66 -17.21
N LEU H 75 -12.18 6.46 -18.02
CA LEU H 75 -12.05 7.30 -19.22
C LEU H 75 -13.15 6.93 -20.18
N ASP H 76 -13.45 5.65 -20.25
CA ASP H 76 -14.49 5.18 -21.19
C ASP H 76 -15.87 5.38 -20.60
N GLY H 77 -15.98 5.62 -19.30
CA GLY H 77 -17.30 5.74 -18.66
C GLY H 77 -17.89 4.34 -18.52
N GLY H 78 -17.07 3.33 -18.42
CA GLY H 78 -17.52 1.97 -18.10
C GLY H 78 -17.62 1.72 -16.61
N VAL H 79 -18.16 0.58 -16.26
CA VAL H 79 -18.37 0.22 -14.84
C VAL H 79 -17.12 -0.46 -14.41
N GLY H 80 -16.35 -1.00 -15.33
CA GLY H 80 -15.15 -1.69 -14.90
C GLY H 80 -14.45 -2.24 -16.07
N ALA H 81 -13.25 -2.70 -15.80
CA ALA H 81 -12.40 -3.13 -16.88
C ALA H 81 -11.56 -4.24 -16.31
N VAL H 82 -11.13 -5.05 -17.23
CA VAL H 82 -10.16 -6.09 -16.92
C VAL H 82 -9.06 -5.93 -17.92
N ALA H 83 -7.88 -5.75 -17.37
CA ALA H 83 -6.68 -5.70 -18.17
C ALA H 83 -6.28 -7.11 -18.49
N THR H 84 -5.64 -7.23 -19.63
CA THR H 84 -5.22 -8.51 -20.14
C THR H 84 -3.81 -8.35 -20.65
N SER H 85 -3.21 -9.45 -20.93
CA SER H 85 -1.81 -9.52 -21.36
C SER H 85 -1.67 -8.82 -22.71
N SER H 86 -2.74 -8.65 -23.47
CA SER H 86 -2.63 -8.10 -24.83
C SER H 86 -4.00 -7.69 -25.29
N GLY H 87 -4.01 -6.86 -26.28
CA GLY H 87 -5.27 -6.50 -26.93
C GLY H 87 -5.91 -7.75 -27.47
N GLN H 88 -5.13 -8.64 -28.02
CA GLN H 88 -5.69 -9.90 -28.53
C GLN H 88 -6.42 -10.60 -27.38
N ALA H 89 -5.80 -10.67 -26.21
CA ALA H 89 -6.39 -11.39 -25.07
C ALA H 89 -7.64 -10.65 -24.68
N ALA H 90 -7.58 -9.32 -24.73
CA ALA H 90 -8.75 -8.51 -24.38
C ALA H 90 -9.87 -8.89 -25.33
N ILE H 91 -9.56 -8.96 -26.60
CA ILE H 91 -10.62 -9.27 -27.57
C ILE H 91 -11.10 -10.68 -27.30
N THR H 92 -10.16 -11.59 -27.13
CA THR H 92 -10.48 -12.98 -26.94
C THR H 92 -11.46 -13.04 -25.77
N TYR H 93 -11.07 -12.40 -24.71
CA TYR H 93 -11.83 -12.48 -23.47
C TYR H 93 -13.15 -11.81 -23.67
N ALA H 94 -13.17 -10.71 -24.39
CA ALA H 94 -14.40 -9.94 -24.57
C ALA H 94 -15.41 -10.84 -25.23
N ILE H 95 -14.93 -11.66 -26.14
CA ILE H 95 -15.79 -12.54 -26.90
C ILE H 95 -16.08 -13.77 -26.07
N LEU H 96 -15.04 -14.41 -25.57
CA LEU H 96 -15.23 -15.70 -24.89
C LEU H 96 -16.05 -15.49 -23.65
N ASN H 97 -16.16 -14.26 -23.20
CA ASN H 97 -16.93 -14.03 -21.98
C ASN H 97 -18.40 -14.27 -22.26
N ILE H 98 -18.80 -14.14 -23.50
CA ILE H 98 -20.22 -14.18 -23.86
C ILE H 98 -20.47 -15.15 -25.00
N ALA H 99 -19.45 -15.80 -25.48
CA ALA H 99 -19.59 -16.70 -26.62
C ALA H 99 -18.85 -17.95 -26.26
N ARG H 100 -19.47 -19.04 -26.57
CA ARG H 100 -18.88 -20.34 -26.31
C ARG H 100 -18.95 -21.07 -27.64
N SER H 101 -18.39 -22.26 -27.66
CA SER H 101 -18.44 -23.12 -28.83
C SER H 101 -19.89 -23.22 -29.28
N GLY H 102 -20.14 -23.00 -30.56
CA GLY H 102 -21.45 -23.11 -31.22
C GLY H 102 -22.06 -21.73 -31.34
N ASP H 103 -21.44 -20.75 -30.75
CA ASP H 103 -21.95 -19.37 -30.83
C ASP H 103 -21.31 -18.63 -31.98
N GLU H 104 -21.89 -17.51 -32.27
CA GLU H 104 -21.42 -16.69 -33.38
C GLU H 104 -21.17 -15.30 -32.90
N VAL H 105 -20.35 -14.63 -33.67
CA VAL H 105 -20.07 -13.22 -33.43
C VAL H 105 -20.12 -12.59 -34.78
N VAL H 106 -20.67 -11.39 -34.84
CA VAL H 106 -20.65 -10.62 -36.08
C VAL H 106 -19.54 -9.60 -35.90
N ALA H 107 -18.63 -9.61 -36.83
CA ALA H 107 -17.49 -8.70 -36.76
C ALA H 107 -17.40 -7.99 -38.10
N ALA H 108 -17.02 -6.73 -38.04
CA ALA H 108 -16.61 -6.00 -39.24
C ALA H 108 -15.46 -6.80 -39.81
N SER H 109 -15.33 -6.79 -41.10
CA SER H 109 -14.18 -7.41 -41.81
CA SER H 109 -14.17 -7.40 -41.81
C SER H 109 -12.95 -6.52 -41.61
N THR H 110 -13.21 -5.28 -41.24
CA THR H 110 -12.20 -4.20 -41.20
C THR H 110 -11.54 -4.25 -39.84
N LEU H 111 -10.72 -5.25 -39.67
CA LEU H 111 -10.10 -5.62 -38.41
C LEU H 111 -8.62 -5.63 -38.61
N TYR H 112 -7.98 -5.34 -37.53
CA TYR H 112 -6.60 -5.72 -37.33
C TYR H 112 -6.45 -7.17 -37.73
N GLY H 113 -5.42 -7.48 -38.48
CA GLY H 113 -5.24 -8.84 -38.99
C GLY H 113 -5.29 -9.79 -37.82
N GLY H 114 -4.68 -9.44 -36.71
CA GLY H 114 -4.59 -10.37 -35.57
C GLY H 114 -5.98 -10.67 -35.07
N THR H 115 -6.85 -9.69 -35.08
CA THR H 115 -8.22 -9.89 -34.61
C THR H 115 -8.91 -10.76 -35.62
N TYR H 116 -8.68 -10.45 -36.86
CA TYR H 116 -9.30 -11.22 -37.94
C TYR H 116 -8.93 -12.67 -37.77
N THR H 117 -7.65 -12.94 -37.61
CA THR H 117 -7.13 -14.30 -37.47
C THR H 117 -7.66 -14.96 -36.20
N LEU H 118 -7.67 -14.23 -35.10
CA LEU H 118 -8.27 -14.74 -33.87
C LEU H 118 -9.68 -15.18 -34.20
N PHE H 119 -10.41 -14.29 -34.84
CA PHE H 119 -11.83 -14.54 -35.09
C PHE H 119 -11.98 -15.70 -36.06
N ALA H 120 -11.27 -15.63 -37.16
CA ALA H 120 -11.51 -16.51 -38.32
C ALA H 120 -10.94 -17.89 -38.02
N HIS H 121 -9.94 -17.98 -37.18
CA HIS H 121 -9.19 -19.25 -37.02
C HIS H 121 -9.24 -19.67 -35.58
N THR H 122 -8.64 -18.93 -34.67
CA THR H 122 -8.52 -19.41 -33.29
C THR H 122 -9.92 -19.59 -32.70
N LEU H 123 -10.79 -18.60 -32.81
CA LEU H 123 -12.14 -18.73 -32.24
C LEU H 123 -12.94 -19.73 -33.05
N ARG H 124 -12.71 -19.79 -34.35
CA ARG H 124 -13.33 -20.80 -35.20
C ARG H 124 -13.06 -22.15 -34.59
N LYS H 125 -11.84 -22.41 -34.17
CA LYS H 125 -11.47 -23.74 -33.70
C LYS H 125 -12.11 -24.01 -32.35
N LEU H 126 -12.48 -22.96 -31.63
CA LEU H 126 -13.15 -23.09 -30.35
C LEU H 126 -14.64 -23.03 -30.57
N GLY H 127 -15.07 -23.17 -31.81
CA GLY H 127 -16.48 -23.38 -32.18
C GLY H 127 -17.19 -22.08 -32.19
N ILE H 128 -16.44 -20.98 -32.14
CA ILE H 128 -17.09 -19.67 -32.27
C ILE H 128 -16.91 -19.22 -33.69
N THR H 129 -18.02 -19.05 -34.35
CA THR H 129 -18.06 -18.68 -35.77
C THR H 129 -18.21 -17.18 -35.81
N VAL H 130 -17.16 -16.54 -36.29
CA VAL H 130 -17.27 -15.10 -36.53
C VAL H 130 -17.68 -14.86 -37.96
N LYS H 131 -18.78 -14.16 -38.10
CA LYS H 131 -19.33 -13.75 -39.39
C LYS H 131 -18.80 -12.35 -39.63
N PHE H 132 -18.03 -12.22 -40.69
CA PHE H 132 -17.45 -10.93 -41.05
C PHE H 132 -18.39 -10.24 -41.98
N VAL H 133 -18.63 -8.99 -41.69
CA VAL H 133 -19.50 -8.16 -42.50
C VAL H 133 -18.73 -6.95 -42.96
N ASN H 134 -19.16 -6.45 -44.09
CA ASN H 134 -18.70 -5.13 -44.56
C ASN H 134 -19.34 -4.10 -43.67
N PRO H 135 -18.59 -3.43 -42.77
CA PRO H 135 -19.21 -2.51 -41.82
C PRO H 135 -19.79 -1.28 -42.52
N ASP H 136 -19.44 -1.08 -43.77
CA ASP H 136 -20.03 0.05 -44.52
C ASP H 136 -21.50 -0.24 -44.74
N TYR H 137 -21.92 -1.48 -44.52
CA TYR H 137 -23.30 -1.92 -44.87
C TYR H 137 -24.00 -2.36 -43.61
N LEU H 138 -24.74 -1.44 -43.00
CA LEU H 138 -25.44 -1.72 -41.74
C LEU H 138 -26.29 -2.97 -41.90
N GLU H 139 -26.92 -3.12 -43.06
CA GLU H 139 -27.81 -4.26 -43.34
C GLU H 139 -26.95 -5.54 -43.23
N GLU H 140 -25.64 -5.45 -43.46
CA GLU H 140 -24.83 -6.68 -43.41
C GLU H 140 -24.71 -7.16 -41.96
N PHE H 141 -24.63 -6.23 -41.02
CA PHE H 141 -24.64 -6.58 -39.59
C PHE H 141 -25.95 -7.31 -39.31
N GLU H 142 -27.02 -6.66 -39.68
CA GLU H 142 -28.38 -7.17 -39.47
C GLU H 142 -28.44 -8.58 -40.04
N LYS H 143 -28.01 -8.77 -41.27
CA LYS H 143 -28.23 -10.02 -42.03
C LYS H 143 -27.35 -11.12 -41.42
N ALA H 144 -26.20 -10.77 -40.85
CA ALA H 144 -25.25 -11.79 -40.36
C ALA H 144 -25.68 -12.28 -38.98
N ILE H 145 -26.53 -11.51 -38.30
CA ILE H 145 -26.99 -11.88 -36.96
C ILE H 145 -27.87 -13.08 -37.09
N THR H 146 -27.58 -14.09 -36.28
CA THR H 146 -28.46 -15.24 -36.15
C THR H 146 -28.79 -15.39 -34.69
N ASP H 147 -29.54 -16.43 -34.38
CA ASP H 147 -29.91 -16.74 -32.99
C ASP H 147 -28.66 -17.11 -32.24
N LYS H 148 -27.58 -17.45 -32.92
CA LYS H 148 -26.33 -17.86 -32.24
C LYS H 148 -25.43 -16.65 -31.99
N THR H 149 -25.74 -15.51 -32.57
CA THR H 149 -24.86 -14.34 -32.49
C THR H 149 -24.83 -13.84 -31.06
N LYS H 150 -23.64 -13.54 -30.59
CA LYS H 150 -23.47 -13.14 -29.19
C LYS H 150 -22.97 -11.73 -29.11
N ALA H 151 -22.51 -11.21 -30.23
CA ALA H 151 -21.95 -9.86 -30.16
C ALA H 151 -21.75 -9.39 -31.58
N ILE H 152 -21.70 -8.09 -31.68
CA ILE H 152 -21.13 -7.43 -32.85
C ILE H 152 -19.84 -6.81 -32.37
N PHE H 153 -18.83 -7.01 -33.16
CA PHE H 153 -17.50 -6.51 -32.86
C PHE H 153 -17.10 -5.61 -33.99
N VAL H 154 -16.63 -4.43 -33.65
CA VAL H 154 -16.02 -3.56 -34.67
C VAL H 154 -14.89 -2.83 -33.99
N GLU H 155 -14.01 -2.35 -34.81
CA GLU H 155 -12.99 -1.40 -34.40
C GLU H 155 -13.55 -0.02 -34.63
N THR H 156 -13.09 0.88 -33.82
CA THR H 156 -13.49 2.29 -33.99
C THR H 156 -13.02 2.75 -35.34
N LEU H 157 -11.76 2.47 -35.60
CA LEU H 157 -11.07 2.87 -36.82
C LEU H 157 -10.38 1.62 -37.29
N GLY H 158 -10.84 1.13 -38.40
CA GLY H 158 -10.42 -0.19 -38.86
C GLY H 158 -8.93 -0.19 -39.00
N ASN H 159 -8.28 -1.21 -38.49
CA ASN H 159 -6.85 -1.39 -38.69
C ASN H 159 -6.71 -2.29 -39.90
N PRO H 160 -6.32 -1.80 -41.10
CA PRO H 160 -5.92 -0.41 -41.32
C PRO H 160 -6.81 0.37 -42.29
N ASN H 161 -8.04 -0.08 -42.42
CA ASN H 161 -8.99 0.55 -43.34
C ASN H 161 -9.28 1.97 -42.88
N ILE H 162 -9.15 2.24 -41.59
CA ILE H 162 -9.46 3.54 -40.98
C ILE H 162 -10.89 3.91 -41.36
N ASN H 163 -11.75 2.89 -41.38
CA ASN H 163 -13.18 3.08 -41.55
C ASN H 163 -13.74 3.35 -40.16
N ILE H 164 -14.77 4.16 -40.13
CA ILE H 164 -15.47 4.45 -38.87
C ILE H 164 -16.81 3.80 -39.03
N PRO H 165 -17.04 2.71 -38.29
CA PRO H 165 -18.34 2.09 -38.27
C PRO H 165 -19.31 3.14 -37.78
N ASP H 166 -20.55 3.00 -38.19
CA ASP H 166 -21.59 3.87 -37.65
C ASP H 166 -22.03 3.24 -36.34
N PHE H 167 -21.32 3.59 -35.29
CA PHE H 167 -21.44 2.91 -33.99
C PHE H 167 -22.89 2.85 -33.57
N GLU H 168 -23.57 3.98 -33.60
CA GLU H 168 -24.89 4.03 -32.95
C GLU H 168 -25.84 3.15 -33.76
N ALA H 169 -25.66 3.14 -35.07
CA ALA H 169 -26.50 2.33 -35.98
C ALA H 169 -26.18 0.88 -35.70
N ILE H 170 -24.91 0.55 -35.52
CA ILE H 170 -24.55 -0.87 -35.34
C ILE H 170 -25.02 -1.28 -33.96
N ALA H 171 -24.86 -0.39 -33.00
CA ALA H 171 -25.28 -0.65 -31.62
C ALA H 171 -26.77 -0.95 -31.63
N GLU H 172 -27.55 -0.16 -32.36
CA GLU H 172 -29.01 -0.34 -32.44
C GLU H 172 -29.28 -1.74 -33.00
N ILE H 173 -28.51 -2.15 -34.00
CA ILE H 173 -28.71 -3.49 -34.59
C ILE H 173 -28.40 -4.51 -33.51
N ALA H 174 -27.28 -4.35 -32.84
CA ALA H 174 -26.90 -5.33 -31.79
C ALA H 174 -28.01 -5.37 -30.75
N HIS H 175 -28.39 -4.21 -30.24
CA HIS H 175 -29.35 -4.09 -29.11
C HIS H 175 -30.69 -4.62 -29.54
N LYS H 176 -31.05 -4.43 -30.80
CA LYS H 176 -32.36 -4.89 -31.30
C LYS H 176 -32.36 -6.42 -31.19
N HIS H 177 -31.21 -7.03 -31.37
CA HIS H 177 -31.03 -8.49 -31.35
C HIS H 177 -30.62 -8.97 -29.98
N GLY H 178 -30.62 -8.05 -29.03
CA GLY H 178 -30.32 -8.36 -27.63
C GLY H 178 -28.91 -8.90 -27.54
N ILE H 179 -28.00 -8.33 -28.31
CA ILE H 179 -26.58 -8.70 -28.17
C ILE H 179 -25.79 -7.44 -27.99
N PRO H 180 -24.65 -7.58 -27.34
CA PRO H 180 -23.85 -6.41 -27.08
C PRO H 180 -23.00 -6.07 -28.29
N PHE H 181 -22.62 -4.83 -28.26
CA PHE H 181 -21.79 -4.22 -29.27
C PHE H 181 -20.45 -3.98 -28.60
N ILE H 182 -19.48 -4.64 -29.16
CA ILE H 182 -18.10 -4.57 -28.72
C ILE H 182 -17.39 -3.69 -29.70
N VAL H 183 -16.72 -2.71 -29.15
CA VAL H 183 -15.92 -1.80 -29.96
C VAL H 183 -14.50 -1.92 -29.48
N ASP H 184 -13.66 -2.23 -30.43
CA ASP H 184 -12.20 -2.19 -30.25
C ASP H 184 -11.75 -0.77 -30.53
N ASN H 185 -11.52 -0.05 -29.45
CA ASN H 185 -11.30 1.39 -29.52
C ASN H 185 -9.80 1.69 -29.51
N THR H 186 -9.00 0.70 -29.82
CA THR H 186 -7.55 0.79 -29.77
C THR H 186 -7.08 2.06 -30.45
N PHE H 187 -7.65 2.34 -31.59
CA PHE H 187 -7.08 3.34 -32.51
C PHE H 187 -7.43 4.71 -32.03
N ALA H 188 -8.44 4.81 -31.19
CA ALA H 188 -9.00 6.13 -30.87
C ALA H 188 -8.58 6.49 -29.46
N THR H 189 -8.75 5.53 -28.56
CA THR H 189 -8.68 5.70 -27.12
C THR H 189 -9.88 6.52 -26.72
N PRO H 190 -10.15 6.50 -25.42
CA PRO H 190 -11.27 7.24 -24.90
C PRO H 190 -11.13 8.73 -25.12
N TYR H 191 -9.93 9.19 -25.35
CA TYR H 191 -9.76 10.61 -25.63
C TYR H 191 -10.49 10.99 -26.91
N LEU H 192 -10.40 10.15 -27.91
CA LEU H 192 -10.94 10.51 -29.25
C LEU H 192 -12.32 9.94 -29.40
N PHE H 193 -12.58 8.89 -28.68
CA PHE H 193 -13.86 8.21 -28.87
C PHE H 193 -14.16 7.39 -27.65
N ARG H 194 -15.36 7.58 -27.13
CA ARG H 194 -15.84 6.75 -26.01
C ARG H 194 -17.01 5.96 -26.52
N PRO H 195 -16.71 4.76 -26.99
CA PRO H 195 -17.69 3.96 -27.71
C PRO H 195 -18.92 3.77 -26.86
N ILE H 196 -18.75 3.78 -25.55
CA ILE H 196 -19.90 3.54 -24.66
C ILE H 196 -20.88 4.68 -24.82
N GLU H 197 -20.42 5.85 -25.23
CA GLU H 197 -21.34 6.99 -25.42
C GLU H 197 -22.05 6.88 -26.75
N HIS H 198 -21.71 5.87 -27.53
CA HIS H 198 -22.20 5.69 -28.90
C HIS H 198 -22.66 4.25 -29.12
N GLY H 199 -23.08 3.59 -28.05
CA GLY H 199 -23.82 2.34 -28.14
C GLY H 199 -23.00 1.14 -27.82
N ALA H 200 -21.70 1.28 -27.63
CA ALA H 200 -20.86 0.13 -27.32
C ALA H 200 -21.26 -0.34 -25.93
N ASP H 201 -21.30 -1.63 -25.75
CA ASP H 201 -21.56 -2.21 -24.42
C ASP H 201 -20.24 -2.53 -23.78
N ILE H 202 -19.35 -2.93 -24.63
CA ILE H 202 -18.03 -3.43 -24.27
C ILE H 202 -17.05 -2.73 -25.17
N VAL H 203 -15.97 -2.31 -24.57
CA VAL H 203 -14.90 -1.66 -25.33
C VAL H 203 -13.67 -2.44 -25.03
N VAL H 204 -12.96 -2.75 -26.07
CA VAL H 204 -11.67 -3.40 -25.85
C VAL H 204 -10.65 -2.45 -26.38
N TYR H 205 -9.48 -2.64 -25.85
CA TYR H 205 -8.30 -1.93 -26.33
C TYR H 205 -7.17 -2.92 -26.32
N SER H 206 -6.38 -2.76 -27.34
CA SER H 206 -4.95 -3.01 -27.23
C SER H 206 -4.40 -1.77 -26.57
N MET H 207 -4.11 -1.90 -25.31
CA MET H 207 -3.45 -0.78 -24.61
C MET H 207 -2.01 -0.68 -25.10
N THR H 208 -1.52 -1.71 -25.74
CA THR H 208 -0.20 -1.75 -26.34
C THR H 208 0.00 -0.49 -27.15
N1 LLP H 209 -6.88 -4.53 -32.15
C2 LLP H 209 -6.31 -3.55 -32.80
C2' LLP H 209 -7.18 -2.58 -33.54
C3 LLP H 209 -4.93 -3.40 -32.76
O3 LLP H 209 -4.43 -2.37 -33.44
C4 LLP H 209 -4.18 -4.27 -31.99
C4' LLP H 209 -2.79 -4.04 -31.78
C5 LLP H 209 -4.80 -5.40 -31.46
C6 LLP H 209 -6.16 -5.43 -31.49
C5' LLP H 209 -4.10 -6.47 -30.72
OP4 LLP H 209 -3.53 -5.93 -29.51
P LLP H 209 -2.20 -6.56 -28.94
OP1 LLP H 209 -2.04 -5.75 -27.72
OP2 LLP H 209 -1.17 -6.34 -29.99
OP3 LLP H 209 -2.54 -8.01 -28.68
N LLP H 209 -1.08 -0.04 -27.77
CA LLP H 209 -1.03 0.97 -28.78
CB LLP H 209 -2.16 0.68 -29.74
CG LLP H 209 -2.25 -0.74 -30.26
CD LLP H 209 -0.95 -1.23 -30.78
CE LLP H 209 -0.99 -2.66 -31.31
NZ LLP H 209 -2.23 -2.93 -32.02
C LLP H 209 -1.11 2.33 -28.11
O LLP H 209 -0.37 2.60 -27.19
N PHE H 210 -2.07 3.14 -28.48
CA PHE H 210 -2.07 4.51 -28.05
C PHE H 210 -2.25 4.62 -26.55
N LEU H 211 -3.05 3.77 -25.92
CA LEU H 211 -3.26 3.99 -24.49
C LEU H 211 -1.93 3.94 -23.78
N GLY H 212 -1.15 2.91 -23.99
CA GLY H 212 0.18 2.83 -23.41
C GLY H 212 1.09 3.85 -24.03
N GLY H 213 1.12 3.92 -25.35
CA GLY H 213 1.53 5.15 -26.02
C GLY H 213 3.01 5.21 -26.25
N HIS H 214 3.75 4.28 -25.70
CA HIS H 214 5.21 4.37 -25.73
C HIS H 214 5.85 3.14 -26.33
N GLY H 215 5.08 2.19 -26.79
CA GLY H 215 5.64 1.02 -27.49
C GLY H 215 6.38 0.14 -26.53
N THR H 216 6.07 0.21 -25.26
CA THR H 216 6.83 -0.56 -24.27
C THR H 216 6.14 -1.86 -23.90
N SER H 217 4.82 -1.88 -23.90
CA SER H 217 4.10 -2.87 -23.11
C SER H 217 2.94 -3.39 -23.92
N ILE H 218 2.94 -4.65 -24.09
CA ILE H 218 1.76 -5.31 -24.66
C ILE H 218 0.76 -5.27 -23.55
N ALA H 219 -0.48 -4.98 -23.90
CA ALA H 219 -1.51 -4.94 -22.86
C ALA H 219 -2.81 -4.80 -23.58
N GLY H 220 -3.79 -5.42 -22.97
CA GLY H 220 -5.16 -5.23 -23.44
C GLY H 220 -6.02 -4.82 -22.30
N ILE H 221 -7.21 -4.49 -22.66
CA ILE H 221 -8.18 -4.24 -21.62
C ILE H 221 -9.53 -4.42 -22.25
N VAL H 222 -10.39 -4.86 -21.40
CA VAL H 222 -11.82 -4.95 -21.70
C VAL H 222 -12.53 -4.05 -20.73
N VAL H 223 -13.38 -3.21 -21.27
CA VAL H 223 -14.13 -2.25 -20.47
C VAL H 223 -15.57 -2.63 -20.70
N ASP H 224 -16.25 -2.83 -19.60
CA ASP H 224 -17.66 -3.12 -19.60
C ASP H 224 -18.36 -1.79 -19.38
N SER H 225 -19.27 -1.44 -20.26
CA SER H 225 -20.13 -0.25 -20.08
C SER H 225 -20.99 -0.47 -18.84
N GLY H 226 -21.34 -1.70 -18.59
CA GLY H 226 -22.32 -2.07 -17.58
C GLY H 226 -23.70 -1.77 -18.10
N LYS H 227 -23.83 -1.41 -19.36
CA LYS H 227 -25.10 -0.89 -19.86
C LYS H 227 -25.92 -2.06 -20.34
N PHE H 228 -25.29 -3.17 -20.64
CA PHE H 228 -25.98 -4.17 -21.45
C PHE H 228 -26.80 -5.04 -20.51
N GLU H 229 -28.04 -5.26 -20.88
CA GLU H 229 -28.88 -6.11 -20.05
C GLU H 229 -28.71 -7.55 -20.51
N TRP H 230 -27.87 -8.27 -19.80
CA TRP H 230 -27.59 -9.66 -20.16
C TRP H 230 -28.90 -10.44 -20.12
N ASN H 231 -29.09 -11.19 -21.18
CA ASN H 231 -30.38 -11.80 -21.44
C ASN H 231 -30.10 -13.28 -21.65
N GLU H 232 -31.09 -14.01 -22.09
CA GLU H 232 -31.06 -15.48 -22.25
C GLU H 232 -30.07 -15.84 -23.34
N LYS H 233 -29.61 -14.92 -24.17
CA LYS H 233 -28.48 -15.20 -25.09
C LYS H 233 -27.15 -15.26 -24.38
N PHE H 234 -27.14 -14.88 -23.12
CA PHE H 234 -25.94 -14.88 -22.31
C PHE H 234 -26.20 -15.64 -21.03
N PRO H 235 -26.56 -16.93 -21.16
CA PRO H 235 -27.00 -17.72 -20.02
C PRO H 235 -25.94 -17.68 -18.94
N ASP H 236 -24.66 -17.65 -19.33
CA ASP H 236 -23.60 -17.76 -18.30
C ASP H 236 -23.45 -16.49 -17.48
N LEU H 237 -24.08 -15.41 -17.90
CA LEU H 237 -24.08 -14.17 -17.10
C LEU H 237 -25.27 -14.15 -16.16
N ILE H 238 -26.29 -14.93 -16.44
CA ILE H 238 -27.57 -14.78 -15.71
C ILE H 238 -27.94 -16.09 -15.05
N GLN H 239 -27.16 -17.12 -15.28
CA GLN H 239 -27.46 -18.43 -14.67
C GLN H 239 -26.34 -18.83 -13.74
N PRO H 240 -26.65 -19.67 -12.76
CA PRO H 240 -25.65 -20.05 -11.79
C PRO H 240 -24.43 -20.54 -12.52
N ASP H 241 -23.31 -20.01 -12.09
CA ASP H 241 -22.01 -20.45 -12.62
C ASP H 241 -21.54 -21.59 -11.72
N PRO H 242 -21.46 -22.83 -12.21
CA PRO H 242 -21.11 -23.96 -11.34
C PRO H 242 -19.64 -23.87 -10.90
N SER H 243 -18.83 -23.05 -11.60
CA SER H 243 -17.42 -22.84 -11.24
C SER H 243 -17.34 -21.92 -10.03
N TYR H 244 -18.45 -21.28 -9.67
CA TYR H 244 -18.49 -20.40 -8.50
C TYR H 244 -19.71 -20.69 -7.67
N HIS H 245 -20.03 -21.97 -7.60
CA HIS H 245 -21.04 -22.47 -6.62
C HIS H 245 -22.34 -21.74 -6.92
N GLY H 246 -22.60 -21.49 -8.18
CA GLY H 246 -23.94 -21.07 -8.60
C GLY H 246 -24.06 -19.57 -8.55
N LEU H 247 -22.92 -18.91 -8.46
CA LEU H 247 -22.87 -17.46 -8.60
C LEU H 247 -23.60 -17.09 -9.87
N ILE H 248 -24.43 -16.09 -9.76
CA ILE H 248 -25.04 -15.51 -10.94
C ILE H 248 -24.43 -14.14 -11.08
N TYR H 249 -23.80 -13.91 -12.19
CA TYR H 249 -23.03 -12.68 -12.37
C TYR H 249 -23.92 -11.46 -12.30
N THR H 250 -25.08 -11.51 -12.93
CA THR H 250 -25.90 -10.30 -12.93
C THR H 250 -26.42 -10.11 -11.53
N LYS H 251 -26.61 -11.19 -10.80
CA LYS H 251 -27.18 -11.06 -9.45
C LYS H 251 -26.10 -10.44 -8.57
N GLU H 252 -24.91 -10.99 -8.60
CA GLU H 252 -23.89 -10.64 -7.61
C GLU H 252 -23.26 -9.31 -8.03
N PHE H 253 -23.13 -9.07 -9.31
CA PHE H 253 -22.31 -7.94 -9.75
C PHE H 253 -23.12 -6.90 -10.49
N GLY H 254 -24.41 -7.13 -10.63
CA GLY H 254 -25.31 -6.15 -11.22
C GLY H 254 -24.76 -5.79 -12.58
N ASN H 255 -24.54 -4.52 -12.79
CA ASN H 255 -24.26 -3.97 -14.12
C ASN H 255 -22.83 -4.36 -14.50
N ALA H 256 -22.06 -4.91 -13.56
CA ALA H 256 -20.65 -5.27 -13.77
C ALA H 256 -20.58 -6.75 -14.01
N ALA H 257 -21.72 -7.40 -14.25
CA ALA H 257 -21.75 -8.86 -14.43
C ALA H 257 -20.72 -9.32 -15.46
N TYR H 258 -20.73 -8.68 -16.61
CA TYR H 258 -19.89 -9.12 -17.72
C TYR H 258 -18.43 -9.02 -17.28
N ILE H 259 -18.08 -7.86 -16.79
CA ILE H 259 -16.67 -7.63 -16.47
C ILE H 259 -16.27 -8.45 -15.25
N ALA H 260 -17.20 -8.67 -14.32
CA ALA H 260 -16.91 -9.54 -13.17
C ALA H 260 -16.67 -10.93 -13.71
N LYS H 261 -17.59 -11.41 -14.55
CA LYS H 261 -17.43 -12.73 -15.10
C LYS H 261 -16.12 -12.83 -15.83
N LEU H 262 -15.80 -11.81 -16.60
CA LEU H 262 -14.62 -11.91 -17.45
C LEU H 262 -13.40 -12.12 -16.58
N ARG H 263 -13.33 -11.43 -15.47
CA ARG H 263 -12.20 -11.58 -14.55
C ARG H 263 -12.27 -12.96 -13.92
N LEU H 264 -13.45 -13.32 -13.47
CA LEU H 264 -13.59 -14.47 -12.60
C LEU H 264 -13.50 -15.75 -13.39
N THR H 265 -13.78 -15.71 -14.68
CA THR H 265 -13.81 -16.94 -15.46
C THR H 265 -12.60 -16.90 -16.35
N LEU H 266 -12.58 -15.98 -17.27
CA LEU H 266 -11.56 -16.05 -18.32
C LEU H 266 -10.21 -15.61 -17.82
N LEU H 267 -10.18 -14.47 -17.16
CA LEU H 267 -8.88 -14.00 -16.69
C LEU H 267 -8.37 -15.04 -15.73
N ARG H 268 -9.20 -15.49 -14.82
CA ARG H 268 -8.74 -16.46 -13.85
C ARG H 268 -8.35 -17.77 -14.53
N ASP H 269 -9.13 -18.27 -15.47
CA ASP H 269 -8.95 -19.63 -15.99
C ASP H 269 -7.90 -19.66 -17.08
N ILE H 270 -7.96 -18.72 -18.00
CA ILE H 270 -7.01 -18.70 -19.12
C ILE H 270 -5.80 -17.89 -18.69
N GLY H 271 -5.99 -16.88 -17.88
CA GLY H 271 -4.83 -16.24 -17.26
C GLY H 271 -4.05 -15.42 -18.24
N ALA H 272 -4.70 -14.71 -19.12
CA ALA H 272 -4.06 -13.73 -20.02
C ALA H 272 -4.04 -12.45 -19.23
N CYS H 273 -3.30 -12.48 -18.15
CA CYS H 273 -3.24 -11.38 -17.23
C CYS H 273 -2.06 -10.51 -17.61
N LEU H 274 -2.22 -9.29 -17.22
CA LEU H 274 -1.26 -8.25 -17.54
C LEU H 274 -0.28 -8.20 -16.38
N SER H 275 0.98 -8.03 -16.72
CA SER H 275 2.01 -7.78 -15.74
C SER H 275 1.63 -6.48 -15.04
N PRO H 276 1.76 -6.43 -13.72
CA PRO H 276 1.67 -5.17 -13.01
C PRO H 276 2.65 -4.13 -13.54
N PHE H 277 3.79 -4.60 -13.98
CA PHE H 277 4.81 -3.73 -14.52
C PHE H 277 4.30 -3.11 -15.80
N ASN H 278 3.64 -3.94 -16.61
CA ASN H 278 3.08 -3.42 -17.85
C ASN H 278 1.98 -2.47 -17.50
N SER H 279 1.19 -2.80 -16.47
CA SER H 279 0.10 -1.91 -16.07
C SER H 279 0.72 -0.57 -15.75
N PHE H 280 1.77 -0.62 -15.01
CA PHE H 280 2.41 0.59 -14.53
C PHE H 280 2.86 1.40 -15.74
N LEU H 281 3.51 0.75 -16.68
CA LEU H 281 4.01 1.46 -17.87
C LEU H 281 2.84 1.98 -18.65
N VAL H 282 1.80 1.19 -18.76
CA VAL H 282 0.66 1.69 -19.51
C VAL H 282 0.08 2.88 -18.79
N LEU H 283 0.00 2.83 -17.46
CA LEU H 283 -0.52 3.97 -16.71
C LEU H 283 0.27 5.20 -17.05
N LEU H 284 1.57 5.07 -17.12
CA LEU H 284 2.40 6.23 -17.41
C LEU H 284 2.01 6.79 -18.76
N GLY H 285 1.68 5.94 -19.71
CA GLY H 285 1.20 6.41 -21.00
C GLY H 285 -0.17 7.03 -20.86
N VAL H 286 -1.02 6.41 -20.06
CA VAL H 286 -2.40 6.92 -19.92
C VAL H 286 -2.36 8.28 -19.26
N GLU H 287 -1.40 8.52 -18.38
CA GLU H 287 -1.31 9.80 -17.68
C GLU H 287 -1.22 10.92 -18.69
N THR H 288 -0.73 10.66 -19.87
CA THR H 288 -0.61 11.73 -20.86
C THR H 288 -1.49 11.51 -22.06
N LEU H 289 -2.43 10.61 -21.93
CA LEU H 289 -3.15 10.12 -23.09
C LEU H 289 -3.65 11.29 -23.90
N SER H 290 -4.42 12.17 -23.28
CA SER H 290 -5.08 13.25 -24.04
C SER H 290 -3.99 14.08 -24.72
N LEU H 291 -2.86 14.30 -24.05
CA LEU H 291 -1.86 15.20 -24.59
C LEU H 291 -1.30 14.49 -25.81
N ARG H 292 -0.99 13.23 -25.63
CA ARG H 292 -0.42 12.45 -26.73
C ARG H 292 -1.42 12.40 -27.86
N MET H 293 -2.63 12.03 -27.55
CA MET H 293 -3.58 11.74 -28.61
C MET H 293 -3.82 13.04 -29.35
N GLN H 294 -3.89 14.15 -28.63
CA GLN H 294 -4.15 15.44 -29.28
C GLN H 294 -3.02 15.71 -30.24
N LYS H 295 -1.80 15.45 -29.82
CA LYS H 295 -0.67 15.69 -30.70
C LYS H 295 -0.69 14.70 -31.84
N HIS H 296 -1.00 13.46 -31.55
CA HIS H 296 -1.08 12.40 -32.56
C HIS H 296 -2.07 12.85 -33.63
N VAL H 297 -3.23 13.29 -33.22
CA VAL H 297 -4.26 13.61 -34.20
C VAL H 297 -3.83 14.86 -34.92
N ASP H 298 -3.27 15.82 -34.22
CA ASP H 298 -2.85 17.08 -34.83
C ASP H 298 -1.86 16.74 -35.94
N ASN H 299 -0.86 15.94 -35.60
CA ASN H 299 0.17 15.46 -36.53
C ASN H 299 -0.48 14.67 -37.65
N ALA H 300 -1.33 13.72 -37.32
CA ALA H 300 -1.96 12.84 -38.31
C ALA H 300 -2.64 13.73 -39.32
N MET H 301 -3.42 14.69 -38.85
CA MET H 301 -4.21 15.54 -39.76
C MET H 301 -3.20 16.23 -40.69
N LYS H 302 -2.13 16.78 -40.13
CA LYS H 302 -1.23 17.55 -40.97
C LYS H 302 -0.54 16.61 -41.93
N LEU H 303 -0.17 15.45 -41.45
CA LEU H 303 0.58 14.53 -42.30
C LEU H 303 -0.34 14.04 -43.40
N ALA H 304 -1.57 13.75 -43.03
CA ALA H 304 -2.54 13.22 -43.98
C ALA H 304 -2.74 14.29 -45.06
N LYS H 305 -2.89 15.54 -44.64
CA LYS H 305 -3.16 16.70 -45.50
C LYS H 305 -1.98 16.82 -46.44
N PHE H 306 -0.79 16.65 -45.90
CA PHE H 306 0.45 16.76 -46.67
C PHE H 306 0.45 15.68 -47.75
N LEU H 307 0.21 14.46 -47.34
CA LEU H 307 0.25 13.32 -48.27
C LEU H 307 -0.93 13.43 -49.20
N ASN H 308 -2.01 14.02 -48.74
CA ASN H 308 -3.23 14.13 -49.54
C ASN H 308 -2.99 15.09 -50.70
N ASP H 309 -2.00 15.98 -50.59
CA ASP H 309 -1.78 17.04 -51.60
C ASP H 309 -0.53 16.66 -52.39
N HIS H 310 0.07 15.53 -52.09
CA HIS H 310 1.43 15.24 -52.55
C HIS H 310 1.37 14.58 -53.92
N PRO H 311 2.16 15.06 -54.87
CA PRO H 311 2.11 14.56 -56.24
C PRO H 311 2.62 13.12 -56.30
N LYS H 312 3.24 12.60 -55.25
CA LYS H 312 3.78 11.22 -55.32
C LYS H 312 2.79 10.29 -54.65
N VAL H 313 1.73 10.89 -54.15
CA VAL H 313 0.78 10.08 -53.37
C VAL H 313 -0.47 9.90 -54.23
N GLU H 314 -0.88 8.66 -54.38
CA GLU H 314 -2.07 8.30 -55.19
C GLU H 314 -3.27 8.60 -54.28
N TRP H 315 -3.27 8.03 -53.11
CA TRP H 315 -4.45 8.20 -52.25
C TRP H 315 -4.01 8.28 -50.81
N VAL H 316 -4.84 8.93 -50.04
CA VAL H 316 -4.63 8.98 -48.58
C VAL H 316 -5.97 8.63 -47.98
N ASN H 317 -5.92 7.68 -47.08
CA ASN H 317 -7.15 7.26 -46.42
C ASN H 317 -7.10 7.72 -44.99
N TYR H 318 -7.83 8.77 -44.73
CA TYR H 318 -7.93 9.27 -43.36
C TYR H 318 -9.25 9.99 -43.30
N PRO H 319 -10.11 9.60 -42.35
CA PRO H 319 -11.47 10.07 -42.36
C PRO H 319 -11.60 11.59 -42.33
N ALA H 320 -10.60 12.29 -41.81
CA ALA H 320 -10.70 13.75 -41.63
C ALA H 320 -10.33 14.47 -42.93
N LEU H 321 -9.83 13.76 -43.91
CA LEU H 321 -9.56 14.35 -45.24
C LEU H 321 -10.90 14.53 -45.93
N GLU H 322 -11.16 15.73 -46.36
CA GLU H 322 -12.28 16.03 -47.27
C GLU H 322 -12.44 14.86 -48.24
N GLY H 323 -13.66 14.42 -48.44
CA GLY H 323 -13.92 13.46 -49.52
C GLY H 323 -13.74 12.06 -48.98
N ASN H 324 -13.19 11.90 -47.79
CA ASN H 324 -13.05 10.53 -47.26
C ASN H 324 -14.46 10.00 -47.00
N LYS H 325 -14.71 8.75 -47.36
CA LYS H 325 -16.03 8.10 -47.20
C LYS H 325 -16.49 8.30 -45.74
N TYR H 326 -15.56 8.36 -44.79
CA TYR H 326 -15.87 8.29 -43.35
C TYR H 326 -15.83 9.67 -42.75
N TYR H 327 -15.72 10.67 -43.61
CA TYR H 327 -15.59 12.06 -43.13
C TYR H 327 -16.74 12.38 -42.17
N GLU H 328 -17.99 12.19 -42.61
CA GLU H 328 -19.13 12.57 -41.75
C GLU H 328 -19.12 11.71 -40.49
N LEU H 329 -18.68 10.48 -40.58
CA LEU H 329 -18.64 9.60 -39.40
C LEU H 329 -17.54 10.11 -38.49
N TYR H 330 -16.52 10.65 -39.12
CA TYR H 330 -15.43 11.21 -38.32
C TYR H 330 -16.00 12.40 -37.55
N LYS H 331 -16.70 13.26 -38.26
CA LYS H 331 -17.28 14.48 -37.67
C LYS H 331 -18.24 14.07 -36.59
N LYS H 332 -18.99 13.02 -36.81
CA LYS H 332 -20.00 12.64 -35.83
C LYS H 332 -19.33 11.99 -34.63
N TYR H 333 -18.43 11.06 -34.88
CA TYR H 333 -17.95 10.14 -33.82
C TYR H 333 -16.61 10.52 -33.31
N LEU H 334 -15.74 11.01 -34.16
CA LEU H 334 -14.36 11.29 -33.72
C LEU H 334 -14.02 12.73 -34.02
N PRO H 335 -14.80 13.68 -33.47
CA PRO H 335 -14.69 15.07 -33.91
C PRO H 335 -13.29 15.60 -33.56
N LYS H 336 -12.66 15.00 -32.59
CA LYS H 336 -11.30 15.44 -32.22
C LYS H 336 -10.25 14.91 -33.17
N GLY H 337 -10.64 14.03 -34.06
CA GLY H 337 -9.69 13.48 -35.02
C GLY H 337 -9.87 11.99 -35.04
N PRO H 338 -9.91 11.42 -36.23
CA PRO H 338 -10.23 10.02 -36.40
C PRO H 338 -8.91 9.27 -36.21
N GLY H 339 -8.39 9.42 -35.02
CA GLY H 339 -7.16 8.76 -34.62
C GLY H 339 -6.00 9.35 -35.35
N ALA H 340 -4.92 8.61 -35.37
CA ALA H 340 -3.65 9.16 -35.84
C ALA H 340 -2.99 8.12 -36.68
N ILE H 341 -3.80 7.19 -37.14
CA ILE H 341 -3.31 6.13 -38.03
C ILE H 341 -4.04 6.32 -39.33
N PHE H 342 -3.29 6.33 -40.38
CA PHE H 342 -3.95 6.38 -41.68
C PHE H 342 -3.04 5.70 -42.66
N THR H 343 -3.60 5.56 -43.83
CA THR H 343 -2.93 4.78 -44.85
C THR H 343 -2.82 5.70 -46.02
N PHE H 344 -1.86 5.41 -46.84
CA PHE H 344 -1.80 6.14 -48.09
C PHE H 344 -1.19 5.16 -49.06
N GLY H 345 -1.50 5.42 -50.30
CA GLY H 345 -0.98 4.64 -51.41
C GLY H 345 -0.14 5.57 -52.26
N PRO H 346 1.18 5.34 -52.29
CA PRO H 346 2.03 6.12 -53.13
C PRO H 346 1.67 5.76 -54.56
N LYS H 347 1.83 6.71 -55.45
CA LYS H 347 1.92 6.36 -56.88
C LYS H 347 3.09 5.40 -57.01
N GLY H 348 2.97 4.40 -57.86
CA GLY H 348 4.04 3.41 -58.06
C GLY H 348 3.70 2.15 -57.30
N GLY H 349 2.54 2.13 -56.65
CA GLY H 349 1.98 0.94 -56.04
C GLY H 349 2.91 0.35 -54.99
N TYR H 350 2.85 -0.98 -54.89
CA TYR H 350 3.58 -1.81 -53.90
C TYR H 350 5.05 -1.40 -53.95
N ASP H 351 5.63 -1.29 -55.14
CA ASP H 351 7.09 -1.05 -55.24
C ASP H 351 7.43 0.30 -54.60
N ALA H 352 6.61 1.32 -54.86
CA ALA H 352 6.77 2.66 -54.31
C ALA H 352 6.59 2.54 -52.80
N ALA H 353 5.61 1.78 -52.34
CA ALA H 353 5.35 1.65 -50.91
C ALA H 353 6.61 1.09 -50.26
N LYS H 354 7.16 0.04 -50.84
CA LYS H 354 8.36 -0.61 -50.27
C LYS H 354 9.47 0.42 -50.28
N LYS H 355 9.58 1.19 -51.34
CA LYS H 355 10.68 2.18 -51.46
C LYS H 355 10.49 3.18 -50.33
N ILE H 356 9.29 3.65 -50.13
CA ILE H 356 9.02 4.69 -49.11
C ILE H 356 9.34 4.10 -47.75
N ILE H 357 8.84 2.91 -47.49
CA ILE H 357 9.02 2.32 -46.15
C ILE H 357 10.49 2.11 -45.97
N ASN H 358 11.16 1.75 -47.03
CA ASN H 358 12.57 1.40 -46.94
C ASN H 358 13.37 2.67 -46.65
N ASN H 359 12.84 3.82 -46.98
CA ASN H 359 13.69 5.04 -47.02
C ASN H 359 13.34 6.01 -45.91
N VAL H 360 12.22 5.85 -45.24
CA VAL H 360 11.95 6.74 -44.09
C VAL H 360 13.06 6.52 -43.07
N LYS H 361 13.40 7.57 -42.38
CA LYS H 361 14.47 7.51 -41.37
C LYS H 361 13.92 7.78 -39.99
N LEU H 362 12.83 8.52 -39.93
CA LEU H 362 12.30 8.94 -38.63
C LEU H 362 11.14 8.03 -38.28
N PHE H 363 10.25 7.83 -39.23
CA PHE H 363 9.21 6.81 -39.07
C PHE H 363 9.91 5.51 -38.80
N SER H 364 9.36 4.77 -37.88
CA SER H 364 9.89 3.47 -37.50
C SER H 364 9.10 2.45 -38.24
N HIS H 365 9.80 1.63 -38.94
CA HIS H 365 9.23 0.50 -39.67
C HIS H 365 9.13 -0.65 -38.69
N LEU H 366 7.95 -0.84 -38.19
CA LEU H 366 7.75 -1.88 -37.16
C LEU H 366 6.27 -2.13 -37.10
N ALA H 367 5.94 -3.22 -36.44
CA ALA H 367 4.58 -3.72 -36.26
C ALA H 367 4.06 -3.14 -34.96
N ASN H 368 3.41 -2.02 -35.08
CA ASN H 368 2.72 -1.41 -33.92
C ASN H 368 1.99 -0.24 -34.52
N VAL H 369 1.16 0.31 -33.70
CA VAL H 369 0.61 1.64 -33.95
C VAL H 369 0.52 2.23 -32.58
N GLY H 370 0.32 3.51 -32.56
CA GLY H 370 -0.04 4.15 -31.30
C GLY H 370 1.15 4.24 -30.42
N ASP H 371 2.36 4.17 -31.00
CA ASP H 371 3.54 4.64 -30.27
C ASP H 371 3.56 6.16 -30.32
N ALA H 372 4.27 6.76 -29.42
CA ALA H 372 4.55 8.18 -29.52
C ALA H 372 5.37 8.38 -30.79
N LYS H 373 6.17 7.40 -31.10
CA LYS H 373 6.98 7.40 -32.32
C LYS H 373 6.11 7.06 -33.51
N SER H 374 6.43 7.74 -34.56
CA SER H 374 5.76 7.57 -35.87
C SER H 374 6.19 6.25 -36.44
N LEU H 375 5.22 5.53 -36.92
CA LEU H 375 5.46 4.15 -37.34
C LEU H 375 4.95 4.00 -38.74
N ILE H 376 5.49 3.02 -39.39
CA ILE H 376 5.12 2.83 -40.79
C ILE H 376 5.15 1.35 -40.99
N ILE H 377 4.28 0.89 -41.84
CA ILE H 377 4.40 -0.50 -42.25
C ILE H 377 3.51 -0.68 -43.45
N HIS H 378 3.76 -1.76 -44.12
CA HIS H 378 2.96 -2.23 -45.25
C HIS H 378 2.03 -3.30 -44.73
N PRO H 379 0.77 -2.99 -44.42
CA PRO H 379 -0.09 -3.97 -43.78
C PRO H 379 -0.19 -5.29 -44.56
N ALA H 380 -0.24 -5.22 -45.89
CA ALA H 380 -0.54 -6.41 -46.72
C ALA H 380 0.50 -7.47 -46.45
N SER H 381 1.74 -7.08 -46.19
CA SER H 381 2.84 -8.07 -46.04
C SER H 381 3.17 -8.28 -44.57
N THR H 382 2.45 -7.63 -43.68
CA THR H 382 2.85 -7.63 -42.25
C THR H 382 1.62 -7.85 -41.39
N THR H 383 0.99 -6.76 -40.99
CA THR H 383 -0.09 -6.74 -40.00
C THR H 383 -1.24 -7.60 -40.48
N HIS H 384 -1.44 -7.68 -41.77
CA HIS H 384 -2.59 -8.42 -42.31
C HIS H 384 -2.11 -9.53 -43.22
N GLN H 385 -0.86 -9.93 -43.06
CA GLN H 385 -0.23 -10.91 -43.96
C GLN H 385 -0.96 -12.24 -43.83
N GLN H 386 -1.48 -12.53 -42.65
CA GLN H 386 -2.07 -13.86 -42.42
C GLN H 386 -3.37 -13.96 -43.20
N LEU H 387 -3.95 -12.82 -43.58
CA LEU H 387 -5.27 -12.86 -44.23
C LEU H 387 -5.06 -13.26 -45.69
N THR H 388 -6.08 -13.82 -46.28
CA THR H 388 -6.09 -14.09 -47.73
C THR H 388 -6.20 -12.73 -48.42
N GLU H 389 -6.06 -12.72 -49.74
CA GLU H 389 -6.22 -11.50 -50.56
C GLU H 389 -7.61 -10.96 -50.23
N GLU H 390 -8.62 -11.82 -50.27
CA GLU H 390 -10.05 -11.40 -50.16
C GLU H 390 -10.26 -10.83 -48.76
N GLU H 391 -9.69 -11.50 -47.74
CA GLU H 391 -9.80 -11.03 -46.34
C GLU H 391 -9.08 -9.69 -46.23
N GLN H 392 -7.91 -9.59 -46.85
CA GLN H 392 -7.15 -8.32 -46.77
C GLN H 392 -8.01 -7.28 -47.46
N ARG H 393 -8.60 -7.64 -48.59
CA ARG H 393 -9.38 -6.66 -49.39
C ARG H 393 -10.53 -6.18 -48.52
N ALA H 394 -11.18 -7.12 -47.84
CA ALA H 394 -12.38 -6.87 -47.00
C ALA H 394 -11.92 -6.10 -45.75
N ALA H 395 -10.68 -6.24 -45.35
CA ALA H 395 -10.15 -5.48 -44.21
C ALA H 395 -9.72 -4.09 -44.67
N GLY H 396 -9.72 -3.84 -45.97
CA GLY H 396 -9.34 -2.52 -46.51
C GLY H 396 -7.85 -2.45 -46.76
N VAL H 397 -7.18 -3.59 -46.75
CA VAL H 397 -5.73 -3.68 -47.02
C VAL H 397 -5.54 -3.59 -48.51
N LEU H 398 -4.61 -2.78 -48.95
CA LEU H 398 -4.29 -2.70 -50.39
C LEU H 398 -2.81 -2.95 -50.54
N PRO H 399 -2.41 -3.52 -51.69
CA PRO H 399 -1.02 -3.86 -51.91
C PRO H 399 -0.15 -2.62 -51.78
N GLU H 400 -0.64 -1.47 -52.20
CA GLU H 400 0.21 -0.25 -52.24
C GLU H 400 0.10 0.50 -50.92
N MET H 401 -0.74 -0.01 -50.04
CA MET H 401 -1.07 0.70 -48.81
C MET H 401 0.15 0.73 -47.90
N ILE H 402 0.41 1.93 -47.47
CA ILE H 402 1.29 2.14 -46.32
C ILE H 402 0.41 2.60 -45.21
N ARG H 403 0.66 2.02 -44.08
CA ARG H 403 -0.01 2.50 -42.87
C ARG H 403 0.97 3.36 -42.12
N LEU H 404 0.48 4.50 -41.69
CA LEU H 404 1.28 5.35 -40.84
C LEU H 404 0.56 5.43 -39.53
N SER H 405 1.34 5.22 -38.49
CA SER H 405 0.88 5.60 -37.15
C SER H 405 1.64 6.86 -36.84
N VAL H 406 0.94 7.95 -36.88
CA VAL H 406 1.60 9.26 -36.77
C VAL H 406 1.83 9.56 -35.32
N GLY H 407 3.09 9.72 -35.03
CA GLY H 407 3.53 9.95 -33.68
C GLY H 407 3.47 11.40 -33.34
N ILE H 408 4.16 11.72 -32.28
CA ILE H 408 4.07 13.06 -31.69
C ILE H 408 5.36 13.79 -31.95
N GLU H 409 6.14 13.28 -32.88
CA GLU H 409 7.31 13.98 -33.35
C GLU H 409 6.85 15.33 -33.91
N ASP H 410 7.79 16.19 -34.11
CA ASP H 410 7.57 17.44 -34.83
C ASP H 410 7.02 17.08 -36.21
N ILE H 411 5.83 17.55 -36.49
CA ILE H 411 5.18 17.32 -37.80
C ILE H 411 6.13 17.68 -38.91
N GLU H 412 6.97 18.70 -38.73
CA GLU H 412 7.87 19.12 -39.82
C GLU H 412 8.75 17.92 -40.10
N ASP H 413 9.21 17.25 -39.05
CA ASP H 413 10.18 16.17 -39.25
C ASP H 413 9.48 15.00 -39.89
N LEU H 414 8.22 14.81 -39.56
CA LEU H 414 7.53 13.63 -40.09
C LEU H 414 7.29 13.88 -41.57
N ILE H 415 6.86 15.09 -41.86
CA ILE H 415 6.57 15.50 -43.23
C ILE H 415 7.87 15.38 -43.97
N TYR H 416 8.94 15.89 -43.38
CA TYR H 416 10.23 15.86 -44.06
C TYR H 416 10.59 14.42 -44.34
N ASP H 417 10.40 13.57 -43.37
CA ASP H 417 10.81 12.16 -43.47
C ASP H 417 10.02 11.52 -44.58
N ILE H 418 8.72 11.71 -44.57
CA ILE H 418 7.89 10.97 -45.53
C ILE H 418 8.16 11.54 -46.91
N GLU H 419 8.29 12.86 -47.00
CA GLU H 419 8.58 13.60 -48.24
C GLU H 419 9.88 13.05 -48.82
N SER H 420 10.93 13.00 -48.02
CA SER H 420 12.24 12.44 -48.40
C SER H 420 11.99 11.10 -49.05
N ALA H 421 11.31 10.22 -48.35
CA ALA H 421 11.04 8.85 -48.80
C ALA H 421 10.24 8.90 -50.11
N LEU H 422 9.21 9.72 -50.16
CA LEU H 422 8.30 9.81 -51.30
C LEU H 422 9.11 10.19 -52.52
N ASN H 423 10.03 11.14 -52.34
CA ASN H 423 10.72 11.75 -53.49
C ASN H 423 11.80 10.80 -53.97
N LYS H 424 12.01 9.68 -53.31
CA LYS H 424 12.90 8.62 -53.77
C LYS H 424 12.16 7.66 -54.70
N VAL H 425 10.85 7.78 -54.79
CA VAL H 425 10.08 6.99 -55.77
C VAL H 425 10.21 7.71 -57.11
N LEU H 426 10.72 7.03 -58.14
CA LEU H 426 10.69 7.54 -59.54
C LEU H 426 9.23 7.54 -60.01
N GLU H 427 8.75 8.67 -60.56
CA GLU H 427 7.39 8.87 -61.16
C GLU H 427 7.00 7.73 -62.12
O1 MES I . 33.67 43.77 21.68
C2 MES I . 33.05 44.96 22.08
C3 MES I . 33.60 46.09 21.28
N4 MES I . 33.39 45.84 19.82
C5 MES I . 33.81 44.47 19.42
C6 MES I . 33.25 43.46 20.36
C7 MES I . 34.16 46.82 19.03
C8 MES I . 33.42 48.11 18.86
S MES I . 34.11 48.85 17.44
O1S MES I . 33.73 50.23 17.48
O2S MES I . 33.56 48.16 16.32
O3S MES I . 35.51 48.64 17.58
NA NA J . 52.55 43.39 18.68
NA NA K . 9.22 70.09 52.46
O1 MES L . -6.78 -18.27 -7.18
C2 MES L . -5.70 -17.94 -8.03
C3 MES L . -4.39 -18.41 -7.45
N4 MES L . -4.46 -19.85 -7.05
C5 MES L . -5.64 -20.10 -6.20
C6 MES L . -6.85 -19.66 -6.97
C7 MES L . -3.24 -20.18 -6.28
C8 MES L . -2.29 -21.02 -7.04
S MES L . -1.54 -22.05 -5.85
O1S MES L . -2.36 -23.22 -5.82
O2S MES L . -1.59 -21.32 -4.62
O3S MES L . -0.21 -22.31 -6.33
NA NA M . -4.45 -13.72 11.14
NA NA N . 16.10 -0.03 -44.62
O1 MES O . -36.06 -43.91 -16.53
C2 MES O . -34.66 -44.02 -16.41
C3 MES O . -34.25 -45.42 -16.79
N4 MES O . -34.90 -46.38 -15.85
C5 MES O . -36.37 -46.16 -15.78
C6 MES O . -36.68 -44.71 -15.55
C7 MES O . -34.63 -47.74 -16.37
C8 MES O . -34.47 -48.74 -15.29
S MES O . -33.41 -49.96 -15.96
O1S MES O . -33.84 -50.05 -17.33
O2S MES O . -33.64 -51.12 -15.18
O3S MES O . -32.10 -49.41 -15.84
NA NA P . -37.31 -49.30 -34.62
NA NA Q . -66.48 -53.29 18.54
NA NA R . -38.42 -52.10 -34.94
NA NA S . -15.77 -59.90 -30.82
O1 MES T . 34.77 0.15 -13.58
C2 MES T . 33.64 -0.03 -12.74
C3 MES T . 33.52 -1.46 -12.33
N4 MES T . 34.77 -1.89 -11.62
C5 MES T . 35.99 -1.55 -12.42
C6 MES T . 35.94 -0.11 -12.84
C7 MES T . 34.75 -3.36 -11.40
C8 MES T . 34.03 -3.78 -10.15
S MES T . 34.57 -5.40 -9.74
O1S MES T . 33.63 -5.91 -8.79
O2S MES T . 34.57 -6.09 -11.00
O3S MES T . 35.88 -5.26 -9.19
C1 AE3 U . 12.47 9.99 14.58
C2 AE3 U . 11.86 9.87 13.20
O2 AE3 U . 12.82 10.24 12.22
C3 AE3 U . 12.92 9.30 11.14
C4 AE3 U . 13.66 9.90 9.94
O3 AE3 U . 15.08 9.78 10.06
C5 AE3 U . 15.67 8.62 9.44
C6 AE3 U . 16.18 7.68 10.52
O4 AE3 U . 17.28 6.95 9.99
NA NA V . -5.70 15.95 4.91
NA NA W . 37.07 -13.27 -27.12
O1 MES X . -52.32 -43.80 10.03
C2 MES X . -52.76 -42.52 10.47
C3 MES X . -54.15 -42.25 9.99
N4 MES X . -54.15 -42.25 8.51
C5 MES X . -53.58 -43.53 8.00
C6 MES X . -52.25 -43.81 8.62
C7 MES X . -55.54 -42.15 7.97
C8 MES X . -55.81 -40.89 7.21
S MES X . -57.38 -40.26 7.75
O1S MES X . -58.02 -41.37 8.40
O2S MES X . -58.02 -39.79 6.56
O3S MES X . -57.05 -39.21 8.66
OH2 ETE Y . -43.12 -23.78 -24.03
C12 ETE Y . -43.43 -24.11 -22.68
C22 ETE Y . -44.71 -24.95 -22.63
OH3 ETE Y . -45.60 -24.41 -21.65
C13 ETE Y . -47.47 -22.92 -21.07
C23 ETE Y . -46.58 -23.50 -22.18
OH4 ETE Y . -46.74 -22.01 -20.24
C14 ETE Y . -46.19 -19.71 -19.57
C24 ETE Y . -47.10 -20.62 -20.41
OH5 ETE Y . -46.63 -19.69 -18.21
C15 ETE Y . -46.74 -18.22 -16.29
C25 ETE Y . -45.81 -19.00 -17.23
OH6 ETE Y . -46.28 -18.22 -14.94
C26 ETE Y . -47.11 -17.36 -14.15
C1 AE3 Z . -42.23 -30.56 -23.26
C2 AE3 Z . -41.19 -31.68 -23.40
O2 AE3 Z . -41.77 -33.00 -23.18
C3 AE3 Z . -41.25 -33.71 -22.04
C4 AE3 Z . -42.36 -34.23 -21.14
O3 AE3 Z . -41.83 -34.48 -19.83
C5 AE3 Z . -42.83 -34.58 -18.78
C6 AE3 Z . -43.34 -33.21 -18.35
O4 AE3 Z . -44.27 -33.32 -17.27
O1 MES AA . 11.78 55.45 40.35
C2 MES AA . 11.07 54.49 41.11
C3 MES AA . 11.62 54.43 42.51
N4 MES AA . 13.06 54.06 42.46
C5 MES AA . 13.81 54.96 41.52
C6 MES AA . 13.12 55.03 40.19
C7 MES AA . 13.65 54.14 43.82
C8 MES AA . 14.28 52.86 44.25
S MES AA . 14.00 52.64 45.98
O1S MES AA . 13.78 53.96 46.51
O2S MES AA . 12.85 51.79 46.08
O3S MES AA . 15.21 52.01 46.44
O1 MES BA . 12.89 16.29 0.72
C2 MES BA . 13.10 17.68 0.82
C3 MES BA . 12.16 18.37 -0.09
N4 MES BA . 12.40 17.94 -1.50
C5 MES BA . 12.47 16.44 -1.63
C6 MES BA . 13.33 15.86 -0.55
C7 MES BA . 11.28 18.43 -2.32
C8 MES BA . 11.67 18.46 -3.76
S MES BA . 10.59 19.63 -4.49
O1S MES BA . 9.31 19.30 -3.94
O2S MES BA . 10.70 19.43 -5.91
O3S MES BA . 11.04 20.92 -4.07
NA NA CA . -6.38 38.48 -4.10
NA NA DA . -7.32 14.97 2.55
O1 MES EA . 1.96 -9.25 -35.72
C2 MES EA . 1.73 -8.91 -34.37
C3 MES EA . 1.64 -7.42 -34.20
N4 MES EA . 0.69 -6.81 -35.17
C5 MES EA . 0.91 -7.31 -36.55
C6 MES EA . 0.90 -8.80 -36.53
C7 MES EA . 0.89 -5.34 -35.16
C8 MES EA . -0.25 -4.62 -34.50
S MES EA . -0.51 -3.16 -35.43
O1S MES EA . -1.34 -3.53 -36.53
O2S MES EA . -1.15 -2.25 -34.53
O3S MES EA . 0.78 -2.73 -35.86
OH2 1PE FA . -25.61 -5.57 -5.70
C12 1PE FA . -24.96 -5.93 -6.93
C22 1PE FA . -23.89 -4.90 -7.29
OH3 1PE FA . -24.38 -4.06 -8.33
C13 1PE FA . -24.12 -2.07 -9.69
C23 1PE FA . -23.41 -3.15 -8.85
OH4 1PE FA . -25.17 -2.63 -10.50
C14 1PE FA . -27.30 -1.90 -11.42
C24 1PE FA . -26.41 -1.96 -10.20
OH5 1PE FA . -27.71 -3.23 -11.76
C15 1PE FA . -28.17 -4.68 -13.64
C25 1PE FA . -28.23 -3.26 -13.08
OH6 1PE FA . -27.97 -4.65 -15.07
C16 1PE FA . -28.40 -3.59 -17.18
C26 1PE FA . -28.07 -3.38 -15.71
OH7 1PE FA . -29.17 -2.45 -17.57
OH2 1PE GA . -15.71 -7.31 -10.42
C12 1PE GA . -14.57 -8.13 -10.27
C22 1PE GA . -14.96 -9.36 -9.50
OH3 1PE GA . -14.94 -9.00 -8.13
C13 1PE GA . -14.90 -9.71 -5.87
C23 1PE GA . -14.77 -10.15 -7.31
OH4 1PE GA . -16.27 -9.48 -5.55
C14 1PE GA . -17.73 -8.71 -3.79
C24 1PE GA . -16.35 -9.24 -4.14
OH5 1PE GA . -18.58 -8.87 -4.94
C15 1PE GA . -20.24 -7.25 -5.58
C25 1PE GA . -18.76 -7.62 -5.60
OH6 1PE GA . -20.43 -5.92 -6.08
C16 1PE GA . -20.17 -3.57 -5.41
C26 1PE GA . -19.54 -4.96 -5.47
OH7 1PE GA . -20.61 -3.31 -4.07
NA NA HA . -1.55 13.18 -54.69
#